data_5J3D
#
_entry.id   5J3D
#
_cell.length_a   235.130
_cell.length_b   235.130
_cell.length_c   220.142
_cell.angle_alpha   90.00
_cell.angle_beta   90.00
_cell.angle_gamma   90.00
#
_symmetry.space_group_name_H-M   'P 42 21 2'
#
loop_
_entity.id
_entity.type
_entity.pdbx_description
1 polymer '14N4 heavy chain'
2 polymer '14N4 light chain'
3 polymer 'Fusion glycoprotein F0'
4 polymer 'Fusion glycoprotein F0'
#
loop_
_entity_poly.entity_id
_entity_poly.type
_entity_poly.pdbx_seq_one_letter_code
_entity_poly.pdbx_strand_id
1 'polypeptide(L)'
;QVQLVESGGGLIQPGGSLRLSCAVSGFTVSSKYMTWVRQAPGKGLEWVSVIYGGGSTYYADSVVGRFTISRDNSKNTLYL
QMNSLRAEDTAVYYCASRLGVRATTGDLDYWGQGTLVTVSSASTKGPSVFPLAPSSKSTSGGTAALGCLVKDYFPEPVTV
SWNSGALTSGVHTFPAVLQSSGLYSLSSVVTVPSSSLGTQTYICNVNHKPSNTKVDKRVEPKSC
;
A,C,H
2 'polypeptide(L)'
;VHSDIQMTQSPSTLSASVGDRVTITCRASQSISSWLAWYQQKPGKAPKLLIYDASSLESGVPSRFSGSGSGTEFTLTISS
LQPDDFATYYCQQYNTYSWWTFGQGTKVDIKRTVAAPSVFIFPPSDEQLKSGTASVVCLLNNFYPREAKVQWKVDNALQS
GNSQESVTEQDSKDSTYSLSSTLTLSKADYEKHKVYACEVTHQGLSSPVTKSFNRGEC
;
B,D,L
3 'polypeptide(L)' QNITEEFYQSTCSAVSKGYLSALRTGWYTSVITIELSNIKENKCNGTDAKVKLIKQELDKYKNAVTELQLLMQ E,G,J
4 'polypeptide(L)'
;AIASGVAVSKVLHLEGEVNKIKSALLSTNKAVVSLSNGVSVLTSKVLDLKNYIDKQLLPIVNKQSCSISNIETVIEFQQK
NNRLLEITREFSVNAGVTTPVSTYMLTNSELLSLINDMPITNDQKKLMSNNVQIVRQQSYSIMSIIKEEVLAYVVQLPLY
GVIDTPCWKLHTSPLCTTNTKEGSNICLTRTDRGWYCDNAGSVSFFPQAETCKVQSNRVFCDTMNSLTLPSEVNLCNVDI
FNPKYDCKIMTSKTDVSSSVITSLGAIVSCYGKTKCTASNKNRGIIKTFSNGCDYVSNKGVDTVSVGNTLYYVNKQEGKS
LYVKGEPIINFYDPLVFPSDEFDASISQVNEKINQSLAFIRKSDELLGLEVLFQGPHHHHHHHHSAWSHPQFEK
;
F,I,K
#
# COMPACT_ATOMS: atom_id res chain seq x y z
N VAL A 5 27.12 -1.63 -38.22
CA VAL A 5 27.98 -1.82 -39.38
C VAL A 5 29.41 -2.22 -38.94
N GLU A 6 30.06 -3.12 -39.70
CA GLU A 6 31.28 -3.80 -39.26
C GLU A 6 32.55 -3.07 -39.71
N SER A 7 33.69 -3.73 -39.50
CA SER A 7 35.02 -3.39 -40.03
C SER A 7 35.96 -4.55 -39.71
N GLY A 8 37.26 -4.34 -39.89
CA GLY A 8 38.25 -5.24 -39.34
C GLY A 8 38.44 -6.59 -40.01
N GLY A 9 37.79 -6.85 -41.13
CA GLY A 9 38.01 -8.08 -41.87
C GLY A 9 39.34 -8.02 -42.61
N GLY A 10 39.44 -8.85 -43.64
CA GLY A 10 40.58 -8.85 -44.53
C GLY A 10 41.32 -10.17 -44.53
N LEU A 11 42.50 -10.14 -45.12
CA LEU A 11 43.30 -11.34 -45.32
C LEU A 11 44.23 -11.56 -44.15
N ILE A 12 44.39 -12.82 -43.74
CA ILE A 12 45.36 -13.18 -42.72
C ILE A 12 45.83 -14.60 -42.97
N GLN A 13 47.12 -14.85 -42.75
CA GLN A 13 47.68 -16.17 -42.97
C GLN A 13 47.05 -17.17 -42.00
N PRO A 14 46.96 -18.44 -42.39
CA PRO A 14 46.42 -19.46 -41.48
C PRO A 14 47.22 -19.51 -40.18
N GLY A 15 46.52 -19.78 -39.08
CA GLY A 15 47.12 -19.81 -37.77
C GLY A 15 47.19 -18.48 -37.06
N GLY A 16 47.15 -17.37 -37.79
CA GLY A 16 47.06 -16.06 -37.18
C GLY A 16 45.72 -15.82 -36.48
N SER A 17 45.53 -14.57 -36.06
CA SER A 17 44.30 -14.19 -35.38
C SER A 17 43.74 -12.91 -36.00
N LEU A 18 42.43 -12.74 -35.85
CA LEU A 18 41.73 -11.60 -36.41
C LEU A 18 40.61 -11.19 -35.47
N ARG A 19 40.27 -9.90 -35.53
CA ARG A 19 39.30 -9.30 -34.62
C ARG A 19 38.27 -8.54 -35.42
N LEU A 20 37.06 -9.06 -35.46
CA LEU A 20 35.98 -8.30 -36.05
C LEU A 20 35.41 -7.34 -35.01
N SER A 21 34.74 -6.30 -35.50
CA SER A 21 34.12 -5.30 -34.64
C SER A 21 32.85 -4.81 -35.32
N CYS A 22 31.74 -4.87 -34.59
CA CYS A 22 30.41 -4.57 -35.11
C CYS A 22 29.94 -3.24 -34.53
N ALA A 23 30.20 -2.15 -35.25
CA ALA A 23 29.72 -0.84 -34.82
C ALA A 23 28.21 -0.79 -35.00
N VAL A 24 27.48 -0.60 -33.89
CA VAL A 24 26.02 -0.62 -33.91
C VAL A 24 25.50 0.67 -33.30
N SER A 25 24.53 1.28 -33.97
CA SER A 25 23.87 2.50 -33.54
C SER A 25 22.35 2.31 -33.65
N GLY A 26 21.65 2.80 -32.62
CA GLY A 26 20.22 2.63 -32.52
C GLY A 26 19.76 2.04 -31.20
N PHE A 27 20.58 1.19 -30.56
CA PHE A 27 20.22 0.59 -29.29
C PHE A 27 21.48 0.22 -28.51
N THR A 28 21.31 -0.01 -27.22
CA THR A 28 22.42 -0.42 -26.37
C THR A 28 22.70 -1.90 -26.57
N VAL A 29 23.97 -2.27 -26.68
CA VAL A 29 24.31 -3.66 -26.97
C VAL A 29 24.04 -4.55 -25.77
N SER A 30 24.08 -4.01 -24.56
CA SER A 30 23.89 -4.84 -23.38
C SER A 30 22.42 -5.06 -23.05
N SER A 31 21.56 -5.29 -24.04
CA SER A 31 20.15 -5.35 -23.75
C SER A 31 19.39 -6.18 -24.77
N LYS A 32 20.11 -6.79 -25.70
CA LYS A 32 19.50 -7.72 -26.64
C LYS A 32 20.53 -8.78 -27.00
N TYR A 33 20.04 -9.94 -27.40
CA TYR A 33 20.95 -10.98 -27.82
C TYR A 33 21.52 -10.60 -29.19
N MET A 34 22.84 -10.75 -29.33
CA MET A 34 23.58 -10.40 -30.52
C MET A 34 24.26 -11.64 -31.07
N THR A 35 24.38 -11.70 -32.40
CA THR A 35 24.77 -12.94 -33.04
C THR A 35 25.79 -12.69 -34.13
N TRP A 36 26.40 -13.78 -34.60
CA TRP A 36 27.36 -13.76 -35.69
C TRP A 36 27.04 -14.93 -36.60
N VAL A 37 26.78 -14.66 -37.87
CA VAL A 37 26.52 -15.68 -38.87
C VAL A 37 27.56 -15.53 -39.98
N ARG A 38 28.17 -16.63 -40.39
CA ARG A 38 29.17 -16.58 -41.44
C ARG A 38 28.66 -17.28 -42.70
N GLN A 39 29.12 -16.81 -43.84
CA GLN A 39 28.69 -17.32 -45.14
C GLN A 39 29.90 -17.37 -46.05
N ALA A 40 30.29 -18.58 -46.44
CA ALA A 40 31.39 -18.71 -47.36
C ALA A 40 31.00 -18.11 -48.70
N PRO A 41 31.97 -17.79 -49.54
CA PRO A 41 31.62 -17.28 -50.88
C PRO A 41 30.71 -18.25 -51.62
N GLY A 42 29.47 -17.82 -51.84
CA GLY A 42 28.49 -18.61 -52.55
C GLY A 42 27.92 -19.78 -51.78
N LYS A 43 28.14 -19.85 -50.48
CA LYS A 43 27.53 -20.90 -49.68
C LYS A 43 26.33 -20.32 -48.93
N GLY A 44 25.81 -21.06 -47.97
CA GLY A 44 24.66 -20.65 -47.19
C GLY A 44 25.03 -19.91 -45.93
N LEU A 45 24.07 -19.87 -45.01
CA LEU A 45 24.22 -19.17 -43.73
C LEU A 45 24.56 -20.18 -42.63
N GLU A 46 25.58 -19.88 -41.83
CA GLU A 46 26.00 -20.74 -40.75
C GLU A 46 26.06 -19.91 -39.48
N TRP A 47 25.29 -20.31 -38.47
CA TRP A 47 25.41 -19.65 -37.18
C TRP A 47 26.78 -19.91 -36.59
N VAL A 48 27.34 -18.92 -35.92
CA VAL A 48 28.71 -18.98 -35.44
C VAL A 48 28.76 -18.82 -33.93
N SER A 49 28.16 -17.77 -33.40
CA SER A 49 28.24 -17.46 -31.99
C SER A 49 27.12 -16.47 -31.68
N VAL A 50 26.73 -16.46 -30.41
CA VAL A 50 25.65 -15.60 -29.98
C VAL A 50 25.91 -15.23 -28.54
N ILE A 51 25.61 -13.99 -28.18
CA ILE A 51 25.78 -13.53 -26.81
C ILE A 51 24.46 -12.93 -26.35
N TYR A 52 23.96 -13.42 -25.22
CA TYR A 52 22.71 -12.93 -24.69
C TYR A 52 22.95 -11.70 -23.85
N GLY A 53 21.85 -11.00 -23.52
CA GLY A 53 21.99 -9.76 -22.78
C GLY A 53 22.79 -9.90 -21.49
N GLY A 54 22.77 -11.10 -20.88
CA GLY A 54 23.40 -11.29 -19.60
C GLY A 54 24.75 -11.97 -19.62
N GLY A 55 25.38 -12.00 -20.79
CA GLY A 55 26.73 -12.51 -20.93
C GLY A 55 26.83 -13.96 -21.35
N SER A 56 25.73 -14.72 -21.36
CA SER A 56 25.77 -16.09 -21.85
C SER A 56 26.27 -16.13 -23.29
N THR A 57 27.27 -16.99 -23.55
CA THR A 57 27.86 -17.15 -24.86
C THR A 57 27.85 -18.62 -25.27
N TYR A 58 27.59 -18.86 -26.54
CA TYR A 58 27.59 -20.20 -27.10
C TYR A 58 28.14 -20.13 -28.52
N TYR A 59 28.90 -21.16 -28.88
CA TYR A 59 29.57 -21.23 -30.16
C TYR A 59 29.19 -22.55 -30.82
N ALA A 60 28.99 -22.53 -32.14
CA ALA A 60 28.71 -23.77 -32.83
C ALA A 60 29.92 -24.69 -32.80
N ASP A 61 29.68 -25.98 -33.02
CA ASP A 61 30.75 -26.97 -32.95
C ASP A 61 31.95 -26.54 -33.77
N SER A 62 31.71 -26.02 -34.98
CA SER A 62 32.79 -25.80 -35.94
C SER A 62 33.88 -24.89 -35.40
N VAL A 63 33.55 -23.98 -34.49
CA VAL A 63 34.47 -22.91 -34.10
C VAL A 63 34.74 -22.86 -32.61
N VAL A 64 34.02 -23.65 -31.81
CA VAL A 64 34.14 -23.56 -30.36
C VAL A 64 35.59 -23.67 -29.94
N GLY A 65 35.97 -22.85 -28.95
CA GLY A 65 37.34 -22.85 -28.46
C GLY A 65 38.26 -21.98 -29.28
N ARG A 66 37.99 -21.89 -30.58
CA ARG A 66 38.82 -21.07 -31.44
C ARG A 66 38.32 -19.64 -31.52
N PHE A 67 37.01 -19.43 -31.41
CA PHE A 67 36.47 -18.10 -31.39
C PHE A 67 36.26 -17.60 -29.96
N THR A 68 36.16 -16.28 -29.84
CA THR A 68 35.99 -15.62 -28.54
C THR A 68 35.17 -14.37 -28.81
N ILE A 69 33.92 -14.41 -28.43
CA ILE A 69 33.02 -13.28 -28.63
C ILE A 69 33.10 -12.37 -27.42
N SER A 70 33.11 -11.06 -27.66
CA SER A 70 33.19 -10.10 -26.57
C SER A 70 32.46 -8.83 -26.95
N ARG A 71 32.15 -8.02 -25.93
CA ARG A 71 31.49 -6.75 -26.11
C ARG A 71 32.05 -5.75 -25.09
N ASP A 72 31.93 -4.47 -25.42
CA ASP A 72 32.33 -3.39 -24.53
C ASP A 72 31.18 -2.40 -24.41
N ASN A 73 30.71 -2.19 -23.18
CA ASN A 73 29.58 -1.28 -22.96
C ASN A 73 29.95 0.14 -23.34
N SER A 74 31.20 0.52 -23.07
CA SER A 74 31.73 1.85 -23.34
C SER A 74 31.62 2.16 -24.83
N LYS A 75 32.43 1.49 -25.65
CA LYS A 75 32.45 1.76 -27.07
C LYS A 75 31.20 1.25 -27.81
N ASN A 76 30.27 0.59 -27.10
CA ASN A 76 29.02 0.08 -27.68
C ASN A 76 29.27 -0.67 -28.98
N THR A 77 30.16 -1.66 -28.90
CA THR A 77 30.56 -2.40 -30.07
C THR A 77 30.82 -3.84 -29.69
N LEU A 78 30.13 -4.75 -30.37
CA LEU A 78 30.37 -6.17 -30.23
C LEU A 78 31.53 -6.58 -31.12
N TYR A 79 32.42 -7.42 -30.58
CA TYR A 79 33.56 -7.93 -31.33
C TYR A 79 33.39 -9.41 -31.63
N LEU A 80 34.43 -9.99 -32.22
CA LEU A 80 34.48 -11.42 -32.48
C LEU A 80 35.95 -11.81 -32.64
N GLN A 81 36.57 -12.23 -31.54
CA GLN A 81 37.97 -12.64 -31.56
C GLN A 81 38.10 -14.02 -32.20
N MET A 82 38.86 -14.10 -33.28
CA MET A 82 39.02 -15.32 -34.05
C MET A 82 40.49 -15.72 -33.98
N ASN A 83 40.78 -16.79 -33.25
CA ASN A 83 42.15 -17.28 -33.07
C ASN A 83 42.32 -18.60 -33.81
N SER A 84 43.52 -18.81 -34.36
CA SER A 84 43.85 -20.06 -35.05
C SER A 84 42.89 -20.31 -36.23
N LEU A 85 43.01 -19.43 -37.21
CA LEU A 85 42.20 -19.55 -38.42
C LEU A 85 42.80 -20.56 -39.38
N ARG A 86 41.96 -21.44 -39.90
CA ARG A 86 42.36 -22.34 -40.96
C ARG A 86 41.67 -21.93 -42.26
N ALA A 87 41.93 -22.72 -43.30
CA ALA A 87 41.42 -22.42 -44.63
C ALA A 87 39.90 -22.37 -44.64
N GLU A 88 39.26 -23.24 -43.87
CA GLU A 88 37.81 -23.38 -43.93
C GLU A 88 37.08 -22.17 -43.35
N ASP A 89 37.76 -21.32 -42.56
CA ASP A 89 37.11 -20.15 -42.00
C ASP A 89 36.82 -19.05 -43.01
N THR A 90 37.38 -19.14 -44.21
CA THR A 90 37.22 -18.07 -45.19
C THR A 90 35.76 -17.94 -45.58
N ALA A 91 35.17 -16.79 -45.25
CA ALA A 91 33.74 -16.57 -45.48
C ALA A 91 33.46 -15.09 -45.32
N VAL A 92 32.18 -14.72 -45.42
CA VAL A 92 31.72 -13.34 -45.22
C VAL A 92 30.95 -13.32 -43.92
N TYR A 93 31.37 -12.45 -42.99
CA TYR A 93 30.93 -12.46 -41.60
C TYR A 93 30.00 -11.28 -41.27
N TYR A 94 28.77 -11.60 -40.89
CA TYR A 94 27.74 -10.64 -40.50
C TYR A 94 27.51 -10.68 -38.99
N CYS A 95 27.19 -9.53 -38.41
CA CYS A 95 26.64 -9.44 -37.06
C CYS A 95 25.18 -9.00 -37.13
N ALA A 96 24.40 -9.44 -36.15
CA ALA A 96 22.96 -9.22 -36.23
C ALA A 96 22.36 -9.28 -34.83
N SER A 97 21.15 -8.73 -34.70
CA SER A 97 20.37 -8.79 -33.47
C SER A 97 18.91 -8.62 -33.85
N ARG A 98 18.04 -8.63 -32.85
CA ARG A 98 16.60 -8.52 -33.09
C ARG A 98 16.10 -7.17 -32.57
N LEU A 99 15.64 -6.33 -33.50
CA LEU A 99 15.12 -5.01 -33.18
C LEU A 99 13.92 -5.13 -32.24
N GLY A 100 12.82 -5.68 -32.75
CA GLY A 100 11.60 -5.79 -31.96
C GLY A 100 11.81 -6.65 -30.75
N VAL A 101 10.82 -6.64 -29.87
CA VAL A 101 10.91 -7.38 -28.61
C VAL A 101 9.73 -8.35 -28.53
N ARG A 102 10.04 -9.58 -28.13
CA ARG A 102 9.14 -10.65 -27.74
C ARG A 102 10.02 -11.61 -26.95
N ALA A 103 9.48 -12.77 -26.57
CA ALA A 103 10.27 -13.68 -25.75
C ALA A 103 10.69 -14.97 -26.45
N THR A 104 10.39 -15.12 -27.74
CA THR A 104 11.14 -16.12 -28.48
C THR A 104 12.53 -15.54 -28.76
N THR A 105 13.49 -16.43 -29.04
CA THR A 105 14.87 -16.00 -29.21
C THR A 105 15.45 -16.65 -30.46
N GLY A 106 15.76 -15.84 -31.46
CA GLY A 106 16.48 -16.36 -32.61
C GLY A 106 16.42 -15.56 -33.89
N ASP A 107 15.26 -14.98 -34.18
CA ASP A 107 15.13 -14.21 -35.41
C ASP A 107 16.00 -12.95 -35.33
N LEU A 108 16.29 -12.41 -36.50
CA LEU A 108 17.18 -11.26 -36.66
C LEU A 108 16.53 -10.28 -37.62
N ASP A 109 16.67 -8.98 -37.33
CA ASP A 109 16.20 -7.94 -38.26
C ASP A 109 17.07 -6.69 -38.30
N TYR A 110 18.20 -6.66 -37.61
CA TYR A 110 19.31 -5.81 -37.98
C TYR A 110 20.41 -6.75 -38.45
N TRP A 111 20.94 -6.50 -39.63
CA TRP A 111 22.14 -7.19 -40.09
C TRP A 111 23.16 -6.14 -40.50
N GLY A 112 24.40 -6.35 -40.12
CA GLY A 112 25.46 -5.42 -40.46
C GLY A 112 25.78 -5.44 -41.94
N GLN A 113 26.81 -4.67 -42.30
CA GLN A 113 27.29 -4.65 -43.67
C GLN A 113 27.73 -6.04 -44.13
N GLY A 114 28.63 -6.65 -43.37
CA GLY A 114 29.31 -7.85 -43.81
C GLY A 114 30.76 -7.53 -44.14
N THR A 115 31.69 -8.13 -43.41
CA THR A 115 33.11 -7.94 -43.66
C THR A 115 33.70 -9.29 -44.05
N LEU A 116 34.50 -9.30 -45.10
CA LEU A 116 35.05 -10.56 -45.59
C LEU A 116 36.27 -10.93 -44.78
N VAL A 117 36.41 -12.21 -44.49
CA VAL A 117 37.59 -12.73 -43.79
C VAL A 117 38.16 -13.85 -44.64
N THR A 118 39.36 -13.64 -45.17
CA THR A 118 40.04 -14.57 -46.06
C THR A 118 41.26 -15.15 -45.38
N VAL A 119 41.37 -16.48 -45.40
CA VAL A 119 42.49 -17.19 -44.82
C VAL A 119 43.33 -17.71 -45.98
N SER A 120 44.52 -17.13 -46.15
CA SER A 120 45.44 -17.50 -47.24
C SER A 120 46.82 -16.95 -46.92
N SER A 121 47.85 -17.61 -47.47
CA SER A 121 49.22 -17.16 -47.23
C SER A 121 49.62 -16.01 -48.14
N ALA A 122 49.04 -15.97 -49.34
CA ALA A 122 49.45 -15.04 -50.40
C ALA A 122 49.58 -13.60 -49.90
N SER A 123 50.57 -12.90 -50.46
CA SER A 123 50.70 -11.47 -50.23
C SER A 123 49.57 -10.74 -50.94
N THR A 124 49.52 -9.43 -50.76
CA THR A 124 48.48 -8.59 -51.35
C THR A 124 49.01 -7.89 -52.59
N LYS A 125 48.27 -7.99 -53.70
CA LYS A 125 48.66 -7.36 -54.94
C LYS A 125 47.53 -6.46 -55.40
N GLY A 126 47.89 -5.23 -55.78
CA GLY A 126 46.93 -4.26 -56.27
C GLY A 126 46.60 -4.43 -57.73
N PRO A 127 45.41 -3.99 -58.13
CA PRO A 127 44.96 -4.20 -59.50
C PRO A 127 45.55 -3.19 -60.46
N SER A 128 45.65 -3.61 -61.71
CA SER A 128 46.00 -2.73 -62.83
C SER A 128 44.74 -2.55 -63.67
N VAL A 129 44.29 -1.30 -63.80
CA VAL A 129 43.05 -0.99 -64.48
C VAL A 129 43.39 -0.33 -65.81
N PHE A 130 42.90 -0.92 -66.89
CA PHE A 130 43.10 -0.42 -68.22
C PHE A 130 41.74 -0.09 -68.85
N PRO A 131 41.68 0.91 -69.72
CA PRO A 131 40.41 1.23 -70.36
C PRO A 131 40.15 0.36 -71.58
N LEU A 132 38.90 -0.06 -71.72
CA LEU A 132 38.44 -0.80 -72.89
C LEU A 132 37.79 0.22 -73.80
N ALA A 133 38.50 0.60 -74.85
CA ALA A 133 38.10 1.74 -75.66
C ALA A 133 36.81 1.43 -76.40
N PRO A 134 35.83 2.33 -76.37
CA PRO A 134 34.61 2.12 -77.16
C PRO A 134 34.93 2.06 -78.64
N SER A 135 34.14 1.28 -79.37
CA SER A 135 34.45 1.02 -80.76
C SER A 135 34.31 2.29 -81.59
N SER A 136 35.03 2.34 -82.71
CA SER A 136 34.97 3.49 -83.60
C SER A 136 33.59 3.66 -84.21
N LYS A 137 32.76 2.61 -84.21
CA LYS A 137 31.41 2.68 -84.72
C LYS A 137 30.47 3.20 -83.63
N SER A 138 29.24 3.53 -84.05
CA SER A 138 28.21 4.04 -83.14
C SER A 138 26.86 3.36 -83.31
N THR A 139 26.81 2.19 -83.96
CA THR A 139 25.55 1.45 -84.10
C THR A 139 25.47 0.34 -83.06
N SER A 140 24.75 -0.74 -83.40
CA SER A 140 24.58 -1.90 -82.52
C SER A 140 23.84 -1.51 -81.23
N GLY A 141 22.57 -1.13 -81.43
CA GLY A 141 21.72 -0.67 -80.34
C GLY A 141 21.39 0.80 -80.35
N GLY A 142 21.97 1.58 -81.27
CA GLY A 142 21.80 3.01 -81.29
C GLY A 142 22.85 3.80 -80.54
N THR A 143 23.64 3.15 -79.70
CA THR A 143 24.66 3.83 -78.89
C THR A 143 25.94 3.00 -78.95
N ALA A 144 26.82 3.19 -77.98
CA ALA A 144 28.08 2.46 -77.90
C ALA A 144 28.40 2.15 -76.44
N ALA A 145 29.42 1.32 -76.20
CA ALA A 145 29.76 0.89 -74.86
C ALA A 145 31.24 1.07 -74.60
N LEU A 146 31.57 1.43 -73.34
CA LEU A 146 32.95 1.53 -72.87
C LEU A 146 33.02 1.00 -71.44
N GLY A 147 34.23 0.82 -70.95
CA GLY A 147 34.40 0.27 -69.62
C GLY A 147 35.82 0.30 -69.10
N CYS A 148 36.06 -0.50 -68.06
CA CYS A 148 37.33 -0.60 -67.36
C CYS A 148 37.59 -2.05 -67.00
N LEU A 149 38.85 -2.48 -67.14
CA LEU A 149 39.25 -3.85 -66.86
C LEU A 149 40.15 -3.85 -65.62
N VAL A 150 39.62 -4.35 -64.51
CA VAL A 150 40.35 -4.44 -63.26
C VAL A 150 40.94 -5.85 -63.19
N LYS A 151 42.21 -5.98 -63.52
CA LYS A 151 42.83 -7.27 -63.72
C LYS A 151 44.02 -7.45 -62.78
N ASP A 152 44.22 -8.70 -62.33
CA ASP A 152 45.42 -9.15 -61.62
C ASP A 152 45.58 -8.43 -60.26
N TYR A 153 44.61 -8.68 -59.37
CA TYR A 153 44.67 -8.20 -58.00
C TYR A 153 44.39 -9.33 -57.03
N PHE A 154 44.77 -9.11 -55.77
CA PHE A 154 44.53 -10.08 -54.71
C PHE A 154 44.72 -9.39 -53.37
N PRO A 155 43.80 -9.64 -52.42
CA PRO A 155 42.59 -10.42 -52.67
C PRO A 155 41.33 -9.58 -52.92
N GLU A 156 40.18 -10.23 -52.93
CA GLU A 156 38.90 -9.54 -52.98
C GLU A 156 38.75 -8.73 -51.71
N PRO A 157 37.86 -7.72 -51.70
CA PRO A 157 37.07 -7.19 -52.80
C PRO A 157 37.58 -5.86 -53.32
N VAL A 158 37.12 -5.51 -54.52
CA VAL A 158 37.43 -4.24 -55.14
C VAL A 158 36.12 -3.62 -55.61
N THR A 159 35.99 -2.31 -55.40
CA THR A 159 34.80 -1.57 -55.81
C THR A 159 35.14 -0.65 -56.98
N VAL A 160 34.32 -0.70 -58.02
CA VAL A 160 34.51 0.10 -59.22
C VAL A 160 33.24 0.90 -59.44
N SER A 161 33.34 2.22 -59.35
CA SER A 161 32.25 3.13 -59.62
C SER A 161 32.59 3.99 -60.83
N TRP A 162 31.61 4.79 -61.25
CA TRP A 162 31.79 5.66 -62.41
C TRP A 162 31.36 7.07 -61.99
N ASN A 163 32.30 8.02 -62.13
CA ASN A 163 32.06 9.45 -61.83
C ASN A 163 31.75 9.68 -60.34
N SER A 164 32.48 8.99 -59.46
CA SER A 164 32.33 9.16 -58.01
C SER A 164 30.88 8.90 -57.55
N GLY A 165 30.18 8.00 -58.24
CA GLY A 165 28.82 7.66 -57.90
C GLY A 165 27.76 8.39 -58.70
N ALA A 166 28.15 9.21 -59.68
CA ALA A 166 27.18 9.98 -60.44
C ALA A 166 26.47 9.11 -61.48
N LEU A 167 27.24 8.40 -62.28
CA LEU A 167 26.71 7.58 -63.36
C LEU A 167 26.22 6.26 -62.78
N THR A 168 24.89 6.05 -62.78
CA THR A 168 24.32 4.84 -62.19
C THR A 168 23.57 3.97 -63.19
N SER A 169 22.81 4.55 -64.11
CA SER A 169 22.01 3.74 -65.03
C SER A 169 22.87 3.12 -66.12
N GLY A 170 22.55 1.88 -66.48
CA GLY A 170 23.24 1.17 -67.54
C GLY A 170 24.60 0.62 -67.18
N VAL A 171 25.10 0.85 -65.97
CA VAL A 171 26.41 0.37 -65.57
C VAL A 171 26.33 -1.12 -65.26
N HIS A 172 27.40 -1.84 -65.57
CA HIS A 172 27.48 -3.27 -65.30
C HIS A 172 28.89 -3.60 -64.83
N THR A 173 29.03 -3.95 -63.56
CA THR A 173 30.28 -4.44 -63.01
C THR A 173 30.15 -5.94 -62.77
N PHE A 174 30.96 -6.72 -63.47
CA PHE A 174 30.84 -8.16 -63.47
C PHE A 174 31.57 -8.78 -62.27
N PRO A 175 31.12 -9.95 -61.82
CA PRO A 175 31.84 -10.65 -60.75
C PRO A 175 33.24 -11.05 -61.19
N ALA A 176 34.15 -11.07 -60.22
CA ALA A 176 35.53 -11.40 -60.53
C ALA A 176 35.65 -12.85 -60.98
N VAL A 177 36.76 -13.16 -61.62
CA VAL A 177 37.07 -14.53 -62.02
C VAL A 177 38.46 -14.85 -61.50
N LEU A 178 38.57 -15.94 -60.76
CA LEU A 178 39.89 -16.38 -60.31
C LEU A 178 40.66 -16.84 -61.53
N GLN A 179 41.59 -16.02 -62.00
CA GLN A 179 42.45 -16.51 -63.06
C GLN A 179 43.23 -17.70 -62.54
N SER A 180 43.73 -18.52 -63.46
CA SER A 180 44.51 -19.67 -63.03
C SER A 180 45.67 -19.24 -62.16
N SER A 181 46.21 -18.05 -62.40
CA SER A 181 47.39 -17.58 -61.67
C SER A 181 47.11 -17.21 -60.22
N GLY A 182 45.97 -17.65 -59.67
CA GLY A 182 45.63 -17.38 -58.29
C GLY A 182 45.16 -15.96 -58.03
N LEU A 183 45.19 -15.10 -59.03
CA LEU A 183 44.76 -13.72 -58.89
C LEU A 183 43.38 -13.55 -59.53
N TYR A 184 42.68 -12.52 -59.08
CA TYR A 184 41.35 -12.21 -59.57
C TYR A 184 41.39 -11.20 -60.70
N SER A 185 40.32 -11.17 -61.48
CA SER A 185 40.15 -10.22 -62.57
C SER A 185 38.66 -10.03 -62.81
N LEU A 186 38.22 -8.77 -62.86
CA LEU A 186 36.84 -8.46 -63.17
C LEU A 186 36.79 -7.24 -64.09
N SER A 187 35.65 -7.07 -64.75
CA SER A 187 35.43 -5.98 -65.67
C SER A 187 34.26 -5.14 -65.18
N SER A 188 34.29 -3.85 -65.52
CA SER A 188 33.19 -2.94 -65.23
C SER A 188 32.97 -2.07 -66.46
N VAL A 189 31.76 -2.08 -67.00
CA VAL A 189 31.43 -1.37 -68.23
C VAL A 189 30.24 -0.46 -67.97
N VAL A 190 30.01 0.45 -68.91
CA VAL A 190 28.82 1.30 -68.89
C VAL A 190 28.43 1.66 -70.32
N THR A 191 27.16 1.47 -70.64
CA THR A 191 26.63 1.83 -71.95
C THR A 191 26.27 3.31 -71.98
N VAL A 192 26.82 4.04 -72.95
CA VAL A 192 26.66 5.49 -73.03
C VAL A 192 26.11 5.88 -74.40
N PRO A 193 25.38 6.99 -74.50
CA PRO A 193 24.87 7.43 -75.81
C PRO A 193 26.00 7.87 -76.73
N SER A 194 26.00 7.33 -77.96
CA SER A 194 27.03 7.65 -78.94
C SER A 194 27.02 9.10 -79.39
N SER A 195 26.02 9.89 -78.99
CA SER A 195 25.98 11.31 -79.31
C SER A 195 26.83 12.16 -78.37
N SER A 196 27.44 11.55 -77.36
CA SER A 196 28.33 12.26 -76.45
C SER A 196 29.49 11.35 -76.05
N LEU A 197 30.12 10.72 -77.05
CA LEU A 197 31.30 9.92 -76.79
C LEU A 197 32.49 10.80 -76.40
N GLY A 198 32.65 11.95 -77.05
CA GLY A 198 33.67 12.90 -76.71
C GLY A 198 33.20 14.06 -75.86
N THR A 199 31.92 14.07 -75.47
CA THR A 199 31.33 15.14 -74.67
C THR A 199 31.41 14.86 -73.18
N GLN A 200 31.06 13.64 -72.77
CA GLN A 200 30.98 13.28 -71.36
C GLN A 200 32.34 12.82 -70.83
N THR A 201 32.62 13.17 -69.58
CA THR A 201 33.85 12.77 -68.90
C THR A 201 33.64 11.40 -68.26
N TYR A 202 34.57 10.48 -68.49
CA TYR A 202 34.43 9.10 -68.03
C TYR A 202 35.65 8.74 -67.19
N ILE A 203 35.44 8.63 -65.87
CA ILE A 203 36.47 8.29 -64.90
C ILE A 203 35.91 7.15 -64.06
N CYS A 204 36.45 5.95 -64.23
CA CYS A 204 36.03 4.82 -63.41
C CYS A 204 36.87 4.81 -62.14
N ASN A 205 36.20 4.77 -61.00
CA ASN A 205 36.83 4.98 -59.70
C ASN A 205 36.98 3.63 -59.00
N VAL A 206 38.20 3.12 -59.01
CA VAL A 206 38.52 1.82 -58.46
C VAL A 206 39.10 2.03 -57.06
N ASN A 207 38.52 1.35 -56.08
CA ASN A 207 39.00 1.43 -54.70
C ASN A 207 39.18 0.01 -54.18
N HIS A 208 40.42 -0.35 -53.86
CA HIS A 208 40.77 -1.69 -53.39
C HIS A 208 41.63 -1.51 -52.15
N LYS A 209 40.97 -1.47 -51.00
CA LYS A 209 41.56 -1.15 -49.72
C LYS A 209 42.47 -2.25 -49.15
N PRO A 210 42.29 -3.53 -49.50
CA PRO A 210 43.26 -4.53 -49.03
C PRO A 210 44.69 -4.23 -49.43
N SER A 211 44.90 -3.36 -50.41
CA SER A 211 46.23 -3.05 -50.91
C SER A 211 46.61 -1.59 -50.74
N ASN A 212 45.74 -0.76 -50.15
CA ASN A 212 46.03 0.66 -49.97
C ASN A 212 46.08 1.35 -51.33
N THR A 213 45.19 0.92 -52.23
CA THR A 213 45.14 1.42 -53.60
C THR A 213 43.79 2.07 -53.87
N LYS A 214 43.81 3.32 -54.33
CA LYS A 214 42.61 4.04 -54.78
C LYS A 214 42.96 4.71 -56.11
N VAL A 215 42.52 4.12 -57.21
CA VAL A 215 42.94 4.53 -58.55
C VAL A 215 41.75 5.12 -59.29
N ASP A 216 41.98 6.25 -59.96
CA ASP A 216 41.03 6.87 -60.87
C ASP A 216 41.64 6.87 -62.26
N LYS A 217 41.02 6.15 -63.19
CA LYS A 217 41.49 6.05 -64.57
C LYS A 217 40.41 6.52 -65.54
N ARG A 218 40.79 7.36 -66.50
CA ARG A 218 39.85 7.88 -67.48
C ARG A 218 39.81 7.00 -68.72
N VAL A 219 38.60 6.80 -69.23
CA VAL A 219 38.36 5.98 -70.42
C VAL A 219 37.98 6.95 -71.54
N GLU A 220 38.91 7.19 -72.46
CA GLU A 220 38.57 8.03 -73.61
C GLU A 220 38.68 7.22 -74.89
N PRO A 221 37.91 7.58 -75.93
CA PRO A 221 37.98 6.83 -77.18
C PRO A 221 39.40 6.82 -77.73
N LYS A 222 39.70 5.79 -78.50
CA LYS A 222 41.07 5.60 -78.95
C LYS A 222 41.32 6.45 -80.19
N SER A 223 42.58 6.86 -80.37
CA SER A 223 42.93 7.74 -81.48
C SER A 223 42.72 7.05 -82.82
N CYS A 224 43.30 5.87 -82.99
CA CYS A 224 43.20 5.09 -84.22
C CYS A 224 43.67 5.90 -85.43
N ASP B 4 22.73 -32.40 -33.54
CA ASP B 4 22.04 -31.14 -33.78
C ASP B 4 21.02 -31.22 -34.90
N ILE B 5 20.19 -30.18 -35.00
CA ILE B 5 19.19 -30.12 -36.06
C ILE B 5 19.86 -29.72 -37.37
N GLN B 6 19.27 -30.16 -38.47
CA GLN B 6 19.63 -29.63 -39.77
C GLN B 6 18.33 -29.39 -40.52
N MET B 7 18.32 -28.34 -41.34
CA MET B 7 17.19 -27.98 -42.16
C MET B 7 17.45 -28.25 -43.62
N THR B 8 16.38 -28.54 -44.36
CA THR B 8 16.46 -28.87 -45.77
C THR B 8 15.33 -28.18 -46.51
N GLN B 9 15.66 -27.45 -47.58
CA GLN B 9 14.68 -26.79 -48.43
C GLN B 9 14.54 -27.51 -49.76
N SER B 10 13.54 -27.08 -50.52
CA SER B 10 13.34 -27.61 -51.85
C SER B 10 12.69 -26.56 -52.73
N PRO B 11 13.10 -26.53 -54.01
CA PRO B 11 14.18 -27.35 -54.55
C PRO B 11 15.54 -26.68 -54.41
N SER B 12 16.47 -27.06 -55.29
CA SER B 12 17.73 -26.32 -55.38
C SER B 12 17.50 -24.97 -56.04
N THR B 13 16.86 -24.96 -57.20
CA THR B 13 16.53 -23.75 -57.94
C THR B 13 15.15 -23.91 -58.53
N LEU B 14 14.32 -22.87 -58.41
CA LEU B 14 12.94 -22.90 -58.86
C LEU B 14 12.71 -21.83 -59.92
N SER B 15 12.15 -22.25 -61.06
CA SER B 15 11.87 -21.34 -62.17
C SER B 15 10.38 -21.01 -62.17
N ALA B 16 10.07 -19.72 -62.31
CA ALA B 16 8.69 -19.26 -62.39
C ALA B 16 8.65 -17.88 -63.01
N SER B 17 7.51 -17.56 -63.63
CA SER B 17 7.37 -16.33 -64.40
C SER B 17 6.88 -15.20 -63.50
N VAL B 18 6.71 -14.02 -64.09
CA VAL B 18 6.27 -12.85 -63.35
C VAL B 18 4.82 -13.05 -62.90
N GLY B 19 4.54 -12.65 -61.65
CA GLY B 19 3.20 -12.76 -61.10
C GLY B 19 2.81 -14.14 -60.62
N ASP B 20 3.68 -15.13 -60.75
CA ASP B 20 3.35 -16.51 -60.40
C ASP B 20 3.30 -16.69 -58.88
N ARG B 21 2.93 -17.90 -58.45
CA ARG B 21 2.85 -18.28 -57.05
C ARG B 21 3.93 -19.32 -56.77
N VAL B 22 4.96 -18.92 -56.03
CA VAL B 22 6.13 -19.75 -55.79
C VAL B 22 6.06 -20.31 -54.38
N THR B 23 6.40 -21.60 -54.22
CA THR B 23 6.31 -22.27 -52.94
C THR B 23 7.63 -22.96 -52.64
N ILE B 24 8.33 -22.48 -51.61
CA ILE B 24 9.51 -23.15 -51.07
C ILE B 24 9.11 -23.88 -49.81
N THR B 25 9.60 -25.10 -49.64
CA THR B 25 9.33 -25.89 -48.45
C THR B 25 10.61 -26.05 -47.63
N CYS B 26 10.42 -26.31 -46.34
CA CYS B 26 11.55 -26.45 -45.44
C CYS B 26 11.18 -27.50 -44.40
N ARG B 27 11.97 -28.57 -44.31
CA ARG B 27 11.65 -29.74 -43.49
C ARG B 27 12.65 -29.86 -42.35
N ALA B 28 12.15 -30.34 -41.21
CA ALA B 28 12.89 -30.36 -39.96
C ALA B 28 13.26 -31.78 -39.55
N SER B 29 14.49 -31.93 -39.04
CA SER B 29 14.97 -33.21 -38.53
C SER B 29 14.42 -33.55 -37.14
N GLN B 30 13.87 -32.56 -36.44
CA GLN B 30 13.15 -32.75 -35.19
C GLN B 30 12.03 -31.72 -35.21
N SER B 31 10.93 -32.00 -34.52
CA SER B 31 9.81 -31.06 -34.50
C SER B 31 10.20 -29.80 -33.73
N ILE B 32 10.27 -28.67 -34.42
CA ILE B 32 10.75 -27.42 -33.84
C ILE B 32 9.59 -26.50 -33.46
N SER B 33 8.41 -27.06 -33.21
CA SER B 33 7.23 -26.25 -32.90
C SER B 33 6.98 -25.20 -33.97
N SER B 34 7.09 -23.91 -33.62
CA SER B 34 6.71 -22.83 -34.53
C SER B 34 7.81 -21.81 -34.78
N TRP B 35 9.08 -22.17 -34.59
CA TRP B 35 10.17 -21.18 -34.65
C TRP B 35 11.01 -21.37 -35.90
N LEU B 36 10.51 -20.82 -37.01
CA LEU B 36 11.18 -20.88 -38.29
C LEU B 36 11.14 -19.49 -38.88
N ALA B 37 12.29 -19.00 -39.35
CA ALA B 37 12.39 -17.68 -39.93
C ALA B 37 12.79 -17.78 -41.39
N TRP B 38 12.21 -16.90 -42.20
CA TRP B 38 12.49 -16.81 -43.62
C TRP B 38 13.27 -15.52 -43.85
N TYR B 39 14.17 -15.57 -44.82
CA TYR B 39 15.06 -14.44 -45.06
C TYR B 39 15.19 -14.18 -46.55
N GLN B 40 15.30 -12.90 -46.90
CA GLN B 40 15.53 -12.46 -48.27
C GLN B 40 16.94 -11.89 -48.36
N GLN B 41 17.70 -12.32 -49.36
CA GLN B 41 19.08 -11.85 -49.54
C GLN B 41 19.34 -11.55 -51.01
N LYS B 42 19.25 -10.28 -51.39
CA LYS B 42 19.72 -9.88 -52.70
C LYS B 42 21.24 -9.98 -52.75
N PRO B 43 21.80 -10.51 -53.84
CA PRO B 43 23.23 -10.86 -53.86
C PRO B 43 24.14 -9.72 -53.43
N GLY B 44 25.18 -10.07 -52.69
CA GLY B 44 26.15 -9.13 -52.16
C GLY B 44 25.62 -8.24 -51.06
N LYS B 45 24.44 -8.53 -50.55
CA LYS B 45 23.81 -7.74 -49.50
C LYS B 45 23.56 -8.61 -48.27
N ALA B 46 22.88 -8.06 -47.33
CA ALA B 46 22.54 -8.73 -46.10
C ALA B 46 21.20 -9.44 -46.20
N PRO B 47 21.03 -10.52 -45.44
CA PRO B 47 19.73 -11.20 -45.39
C PRO B 47 18.68 -10.28 -44.79
N LYS B 48 17.47 -10.35 -45.35
CA LYS B 48 16.36 -9.49 -44.96
C LYS B 48 15.28 -10.38 -44.37
N LEU B 49 14.82 -10.04 -43.16
CA LEU B 49 13.88 -10.92 -42.47
C LEU B 49 12.48 -10.75 -43.02
N LEU B 50 11.91 -11.83 -43.52
CA LEU B 50 10.56 -11.81 -44.05
C LEU B 50 9.54 -12.23 -43.00
N ILE B 51 9.67 -13.44 -42.47
CA ILE B 51 8.70 -14.03 -41.56
C ILE B 51 9.45 -14.57 -40.34
N TYR B 52 8.83 -14.46 -39.17
CA TYR B 52 9.36 -15.08 -37.95
C TYR B 52 8.22 -15.79 -37.24
N ASP B 53 8.57 -16.71 -36.36
CA ASP B 53 7.60 -17.54 -35.63
C ASP B 53 6.59 -18.16 -36.59
N ALA B 54 7.12 -18.73 -37.67
CA ALA B 54 6.36 -19.49 -38.67
C ALA B 54 5.37 -18.67 -39.47
N SER B 55 4.56 -17.84 -38.81
CA SER B 55 3.41 -17.24 -39.49
C SER B 55 3.25 -15.76 -39.17
N SER B 56 4.29 -15.11 -38.69
CA SER B 56 4.25 -13.69 -38.39
C SER B 56 5.08 -12.90 -39.40
N LEU B 57 4.47 -11.88 -40.00
CA LEU B 57 5.12 -11.07 -41.02
C LEU B 57 5.79 -9.87 -40.36
N GLU B 58 7.09 -9.74 -40.59
CA GLU B 58 7.84 -8.61 -40.05
C GLU B 58 7.30 -7.29 -40.60
N SER B 59 7.15 -6.32 -39.72
CA SER B 59 6.51 -5.06 -40.09
C SER B 59 7.37 -4.31 -41.10
N GLY B 60 6.80 -4.01 -42.27
CA GLY B 60 7.51 -3.29 -43.31
C GLY B 60 7.88 -4.14 -44.50
N VAL B 61 7.56 -5.42 -44.48
CA VAL B 61 7.81 -6.32 -45.60
C VAL B 61 6.52 -6.47 -46.40
N PRO B 62 6.59 -6.48 -47.74
CA PRO B 62 5.37 -6.57 -48.55
C PRO B 62 4.46 -7.72 -48.14
N SER B 63 3.16 -7.44 -48.15
CA SER B 63 2.16 -8.42 -47.75
C SER B 63 1.95 -9.51 -48.79
N ARG B 64 2.67 -9.49 -49.92
CA ARG B 64 2.57 -10.60 -50.85
C ARG B 64 3.18 -11.86 -50.28
N PHE B 65 4.01 -11.73 -49.25
CA PHE B 65 4.61 -12.86 -48.57
C PHE B 65 3.70 -13.33 -47.44
N SER B 66 3.63 -14.64 -47.25
CA SER B 66 2.85 -15.25 -46.18
C SER B 66 3.55 -16.53 -45.74
N GLY B 67 3.34 -16.90 -44.48
CA GLY B 67 3.92 -18.14 -43.99
C GLY B 67 2.87 -19.13 -43.51
N SER B 68 3.27 -20.39 -43.36
CA SER B 68 2.33 -21.43 -42.95
C SER B 68 3.12 -22.60 -42.39
N GLY B 69 2.38 -23.51 -41.75
CA GLY B 69 2.92 -24.77 -41.30
C GLY B 69 3.22 -24.78 -39.81
N SER B 70 3.52 -25.98 -39.33
CA SER B 70 3.89 -26.24 -37.95
C SER B 70 4.31 -27.71 -37.84
N GLY B 71 5.23 -27.99 -36.93
CA GLY B 71 5.76 -29.33 -36.80
C GLY B 71 7.08 -29.50 -37.51
N THR B 72 7.08 -30.23 -38.62
CA THR B 72 8.28 -30.45 -39.41
C THR B 72 8.19 -29.94 -40.84
N GLU B 73 7.00 -29.63 -41.34
CA GLU B 73 6.80 -29.21 -42.72
C GLU B 73 6.36 -27.75 -42.72
N PHE B 74 7.26 -26.87 -43.15
CA PHE B 74 7.02 -25.43 -43.20
C PHE B 74 7.10 -24.92 -44.62
N THR B 75 6.38 -23.83 -44.88
CA THR B 75 6.21 -23.32 -46.23
C THR B 75 6.20 -21.80 -46.24
N LEU B 76 6.94 -21.24 -47.19
CA LEU B 76 6.94 -19.82 -47.51
C LEU B 76 6.22 -19.65 -48.83
N THR B 77 5.15 -18.86 -48.83
CA THR B 77 4.28 -18.72 -50.00
C THR B 77 4.27 -17.27 -50.46
N ILE B 78 4.50 -17.07 -51.76
CA ILE B 78 4.41 -15.76 -52.41
C ILE B 78 3.16 -15.76 -53.29
N SER B 79 2.33 -14.73 -53.16
CA SER B 79 1.06 -14.69 -53.88
C SER B 79 1.24 -14.17 -55.31
N SER B 80 1.88 -13.02 -55.46
CA SER B 80 2.14 -12.41 -56.77
C SER B 80 3.62 -12.06 -56.88
N LEU B 81 4.35 -12.77 -57.73
CA LEU B 81 5.80 -12.59 -57.82
C LEU B 81 6.13 -11.22 -58.39
N GLN B 82 7.30 -10.71 -58.03
CA GLN B 82 7.71 -9.35 -58.32
C GLN B 82 9.17 -9.32 -58.73
N PRO B 83 9.61 -8.28 -59.44
CA PRO B 83 11.05 -8.08 -59.67
C PRO B 83 11.83 -7.74 -58.41
N ASP B 84 11.15 -7.27 -57.37
CA ASP B 84 11.80 -7.00 -56.09
C ASP B 84 12.52 -8.23 -55.54
N ASP B 85 11.96 -9.43 -55.78
CA ASP B 85 12.24 -10.58 -54.93
C ASP B 85 13.24 -11.56 -55.49
N PHE B 86 13.73 -11.38 -56.71
CA PHE B 86 14.53 -12.43 -57.32
C PHE B 86 15.88 -12.44 -56.63
N ALA B 87 16.07 -13.43 -55.77
CA ALA B 87 17.22 -13.55 -54.90
C ALA B 87 17.23 -14.97 -54.31
N THR B 88 18.14 -15.21 -53.37
CA THR B 88 18.27 -16.51 -52.73
C THR B 88 17.62 -16.44 -51.36
N TYR B 89 16.86 -17.47 -51.03
CA TYR B 89 16.02 -17.49 -49.84
C TYR B 89 16.46 -18.60 -48.89
N TYR B 90 16.48 -18.29 -47.60
CA TYR B 90 16.94 -19.22 -46.59
C TYR B 90 15.89 -19.38 -45.50
N CYS B 91 15.76 -20.59 -44.97
CA CYS B 91 14.96 -20.84 -43.77
C CYS B 91 15.88 -21.07 -42.58
N GLN B 92 15.37 -20.76 -41.40
CA GLN B 92 16.14 -20.85 -40.18
C GLN B 92 15.27 -21.45 -39.08
N GLN B 93 15.81 -22.44 -38.38
CA GLN B 93 15.22 -22.92 -37.16
C GLN B 93 15.85 -22.18 -35.99
N TYR B 94 15.03 -21.81 -35.01
CA TYR B 94 15.54 -21.27 -33.76
C TYR B 94 14.68 -21.86 -32.65
N ASN B 95 14.96 -23.12 -32.33
CA ASN B 95 14.23 -23.81 -31.29
C ASN B 95 14.80 -23.54 -29.90
N THR B 96 16.10 -23.31 -29.79
CA THR B 96 16.70 -22.95 -28.51
C THR B 96 17.85 -21.99 -28.75
N TYR B 97 18.52 -21.66 -27.65
CA TYR B 97 19.75 -20.89 -27.69
C TYR B 97 20.92 -21.68 -28.30
N SER B 98 21.10 -22.95 -27.93
CA SER B 98 22.42 -23.57 -28.07
C SER B 98 22.82 -23.83 -29.51
N TRP B 99 21.85 -24.05 -30.40
CA TRP B 99 22.19 -24.63 -31.69
C TRP B 99 21.19 -24.12 -32.73
N TRP B 100 21.58 -23.07 -33.43
CA TRP B 100 20.79 -22.54 -34.55
C TRP B 100 21.39 -22.98 -35.87
N THR B 101 20.53 -23.46 -36.77
CA THR B 101 20.93 -23.95 -38.09
C THR B 101 19.97 -23.42 -39.14
N PHE B 102 20.51 -23.13 -40.31
CA PHE B 102 19.80 -22.53 -41.43
C PHE B 102 19.42 -23.59 -42.46
N GLY B 103 18.54 -23.17 -43.37
CA GLY B 103 18.38 -23.91 -44.61
C GLY B 103 19.59 -23.76 -45.52
N GLN B 104 19.67 -24.63 -46.52
CA GLN B 104 20.77 -24.56 -47.47
C GLN B 104 20.52 -23.58 -48.60
N GLY B 105 19.29 -23.11 -48.74
CA GLY B 105 18.96 -22.04 -49.67
C GLY B 105 18.22 -22.56 -50.88
N THR B 106 17.27 -21.75 -51.36
CA THR B 106 16.55 -22.02 -52.61
C THR B 106 16.71 -20.79 -53.48
N LYS B 107 17.53 -20.91 -54.54
CA LYS B 107 17.83 -19.78 -55.41
C LYS B 107 16.76 -19.72 -56.50
N VAL B 108 16.22 -18.53 -56.75
CA VAL B 108 15.04 -18.34 -57.59
C VAL B 108 15.39 -17.43 -58.77
N ASP B 109 15.00 -17.86 -59.97
CA ASP B 109 15.13 -17.08 -61.19
C ASP B 109 13.76 -16.85 -61.83
N ILE B 110 13.72 -16.46 -63.11
CA ILE B 110 12.50 -16.02 -63.76
C ILE B 110 12.29 -16.79 -65.04
N LYS B 111 11.06 -16.71 -65.55
CA LYS B 111 10.78 -16.86 -66.97
C LYS B 111 10.10 -15.57 -67.41
N ARG B 112 10.43 -15.12 -68.62
CA ARG B 112 9.97 -13.83 -69.12
C ARG B 112 10.22 -13.78 -70.62
N THR B 113 9.79 -12.68 -71.23
CA THR B 113 9.96 -12.50 -72.67
C THR B 113 11.44 -12.48 -73.04
N VAL B 114 11.79 -13.28 -74.05
CA VAL B 114 13.17 -13.36 -74.50
C VAL B 114 13.68 -11.98 -74.92
N ALA B 115 14.92 -11.68 -74.56
CA ALA B 115 15.58 -10.44 -74.92
C ALA B 115 17.02 -10.75 -75.33
N ALA B 116 17.49 -10.12 -76.42
CA ALA B 116 18.76 -10.45 -77.04
C ALA B 116 19.86 -9.48 -76.61
N PRO B 117 21.13 -9.86 -76.76
CA PRO B 117 22.23 -9.02 -76.26
C PRO B 117 22.75 -8.01 -77.27
N SER B 118 23.18 -6.87 -76.74
CA SER B 118 23.89 -5.85 -77.53
C SER B 118 25.38 -6.14 -77.45
N VAL B 119 25.95 -6.60 -78.55
CA VAL B 119 27.30 -7.15 -78.57
C VAL B 119 28.32 -6.05 -78.89
N PHE B 120 29.35 -5.95 -78.07
CA PHE B 120 30.52 -5.11 -78.30
C PHE B 120 31.79 -5.93 -78.12
N ILE B 121 32.80 -5.60 -78.91
CA ILE B 121 34.13 -6.18 -78.76
C ILE B 121 35.10 -5.04 -78.47
N PHE B 122 36.05 -5.28 -77.58
CA PHE B 122 36.96 -4.22 -77.15
C PHE B 122 38.41 -4.67 -77.35
N PRO B 123 39.23 -3.88 -78.05
CA PRO B 123 40.61 -4.27 -78.24
C PRO B 123 41.41 -4.04 -76.94
N PRO B 124 42.45 -4.82 -76.72
CA PRO B 124 43.33 -4.54 -75.57
C PRO B 124 43.94 -3.16 -75.73
N SER B 125 43.86 -2.37 -74.67
CA SER B 125 44.37 -1.02 -74.75
C SER B 125 45.89 -1.04 -74.95
N ASP B 126 46.41 0.05 -75.49
CA ASP B 126 47.85 0.17 -75.65
C ASP B 126 48.57 0.23 -74.31
N GLU B 127 47.86 0.66 -73.26
CA GLU B 127 48.42 0.65 -71.91
C GLU B 127 48.73 -0.77 -71.45
N GLN B 128 48.04 -1.77 -72.00
CA GLN B 128 48.18 -3.16 -71.59
C GLN B 128 49.20 -3.92 -72.43
N LEU B 129 49.28 -3.61 -73.72
CA LEU B 129 50.21 -4.32 -74.59
C LEU B 129 51.66 -4.06 -74.19
N LYS B 130 51.93 -2.92 -73.54
CA LYS B 130 53.28 -2.65 -73.04
C LYS B 130 53.61 -3.45 -71.78
N SER B 131 52.85 -4.47 -71.41
CA SER B 131 53.13 -5.25 -70.22
C SER B 131 53.34 -6.73 -70.49
N GLY B 132 53.17 -7.19 -71.72
CA GLY B 132 53.36 -8.60 -72.06
C GLY B 132 52.11 -9.44 -72.07
N THR B 133 50.94 -8.84 -71.88
CA THR B 133 49.68 -9.59 -71.91
C THR B 133 48.61 -8.69 -72.48
N ALA B 134 47.75 -9.27 -73.31
CA ALA B 134 46.64 -8.57 -73.94
C ALA B 134 45.34 -9.29 -73.62
N SER B 135 44.34 -8.54 -73.20
CA SER B 135 43.03 -9.09 -72.85
C SER B 135 41.97 -8.45 -73.75
N VAL B 136 41.38 -9.27 -74.62
CA VAL B 136 40.33 -8.82 -75.53
C VAL B 136 38.99 -9.14 -74.90
N VAL B 137 38.08 -8.17 -74.92
CA VAL B 137 36.83 -8.26 -74.17
C VAL B 137 35.67 -8.27 -75.14
N CYS B 138 34.78 -9.27 -74.98
CA CYS B 138 33.55 -9.42 -75.73
C CYS B 138 32.40 -9.29 -74.75
N LEU B 139 31.42 -8.44 -75.07
CA LEU B 139 30.37 -8.07 -74.12
C LEU B 139 28.99 -8.40 -74.66
N LEU B 140 28.18 -9.08 -73.85
CA LEU B 140 26.77 -9.37 -74.15
C LEU B 140 25.93 -8.66 -73.10
N ASN B 141 25.34 -7.52 -73.49
CA ASN B 141 24.67 -6.63 -72.55
C ASN B 141 23.16 -6.85 -72.64
N ASN B 142 22.54 -7.18 -71.50
CA ASN B 142 21.08 -7.25 -71.38
C ASN B 142 20.46 -8.30 -72.29
N PHE B 143 20.52 -9.57 -71.90
CA PHE B 143 19.91 -10.62 -72.69
C PHE B 143 19.19 -11.59 -71.77
N TYR B 144 18.29 -12.37 -72.36
CA TYR B 144 17.56 -13.40 -71.65
C TYR B 144 17.11 -14.45 -72.68
N PRO B 145 17.19 -15.75 -72.33
CA PRO B 145 17.58 -16.43 -71.08
C PRO B 145 19.08 -16.43 -70.78
N ARG B 146 19.44 -17.00 -69.63
CA ARG B 146 20.84 -17.09 -69.24
C ARG B 146 21.69 -17.80 -70.30
N GLU B 147 21.10 -18.77 -71.00
CA GLU B 147 21.85 -19.57 -71.97
C GLU B 147 22.29 -18.72 -73.15
N ALA B 148 23.60 -18.49 -73.26
CA ALA B 148 24.22 -17.87 -74.42
C ALA B 148 25.53 -18.57 -74.71
N LYS B 149 25.95 -18.58 -75.97
CA LYS B 149 27.16 -19.29 -76.38
C LYS B 149 28.10 -18.30 -77.04
N VAL B 150 29.37 -18.31 -76.60
CA VAL B 150 30.39 -17.41 -77.11
C VAL B 150 31.58 -18.25 -77.58
N GLN B 151 32.09 -17.93 -78.77
CA GLN B 151 33.24 -18.62 -79.34
C GLN B 151 34.15 -17.59 -79.99
N TRP B 152 35.45 -17.80 -79.87
CA TRP B 152 36.45 -16.90 -80.40
C TRP B 152 37.02 -17.42 -81.72
N LYS B 153 37.34 -16.50 -82.63
CA LYS B 153 37.97 -16.82 -83.90
C LYS B 153 39.15 -15.89 -84.11
N VAL B 154 40.34 -16.47 -84.30
CA VAL B 154 41.57 -15.73 -84.56
C VAL B 154 42.03 -16.12 -85.95
N ASP B 155 41.84 -15.21 -86.91
CA ASP B 155 42.05 -15.49 -88.34
C ASP B 155 41.09 -16.57 -88.82
N ASN B 156 39.86 -16.53 -88.32
CA ASN B 156 38.79 -17.48 -88.61
C ASN B 156 39.09 -18.88 -88.09
N ALA B 157 39.95 -19.00 -87.09
CA ALA B 157 40.29 -20.27 -86.48
C ALA B 157 39.77 -20.30 -85.04
N LEU B 158 38.93 -21.27 -84.74
CA LEU B 158 38.27 -21.33 -83.44
C LEU B 158 39.28 -21.66 -82.33
N GLN B 159 39.28 -20.83 -81.29
CA GLN B 159 40.06 -21.08 -80.08
C GLN B 159 39.26 -21.98 -79.14
N SER B 160 39.98 -22.61 -78.21
CA SER B 160 39.35 -23.50 -77.22
C SER B 160 40.22 -23.55 -75.98
N GLY B 161 39.73 -22.97 -74.88
CA GLY B 161 40.39 -23.07 -73.60
C GLY B 161 41.31 -21.92 -73.21
N ASN B 162 41.38 -20.85 -74.00
CA ASN B 162 42.20 -19.69 -73.68
C ASN B 162 41.37 -18.44 -73.36
N SER B 163 40.21 -18.62 -72.72
CA SER B 163 39.35 -17.51 -72.35
C SER B 163 38.55 -17.89 -71.11
N GLN B 164 38.04 -16.86 -70.42
CA GLN B 164 37.32 -17.05 -69.16
C GLN B 164 36.06 -16.19 -69.19
N GLU B 165 34.94 -16.78 -68.79
CA GLU B 165 33.64 -16.13 -68.83
C GLU B 165 33.18 -15.75 -67.43
N SER B 166 32.26 -14.78 -67.36
CA SER B 166 31.68 -14.32 -66.10
C SER B 166 30.28 -13.77 -66.37
N VAL B 167 29.32 -14.17 -65.53
CA VAL B 167 27.90 -13.87 -65.74
C VAL B 167 27.33 -13.20 -64.49
N THR B 168 26.82 -11.96 -64.65
CA THR B 168 26.15 -11.23 -63.57
C THR B 168 24.76 -11.81 -63.28
N GLU B 169 24.23 -11.43 -62.12
CA GLU B 169 22.92 -11.92 -61.70
C GLU B 169 21.80 -11.28 -62.52
N GLN B 170 20.63 -11.91 -62.43
CA GLN B 170 19.42 -11.37 -63.03
C GLN B 170 19.21 -9.96 -62.53
N ASP B 171 18.95 -9.04 -63.46
CA ASP B 171 18.83 -7.64 -63.06
C ASP B 171 17.58 -7.42 -62.20
N SER B 172 17.66 -6.42 -61.32
CA SER B 172 16.55 -6.15 -60.41
C SER B 172 15.41 -5.46 -61.11
N LYS B 173 15.69 -4.70 -62.17
CA LYS B 173 14.69 -3.92 -62.87
C LYS B 173 14.16 -4.69 -64.07
N ASP B 174 14.89 -4.64 -65.18
CA ASP B 174 14.45 -5.28 -66.42
C ASP B 174 14.62 -6.80 -66.40
N SER B 175 15.53 -7.32 -65.58
CA SER B 175 15.68 -8.77 -65.34
C SER B 175 16.33 -9.50 -66.51
N THR B 176 17.38 -8.91 -67.10
CA THR B 176 18.23 -9.59 -68.07
C THR B 176 19.64 -9.75 -67.52
N TYR B 177 20.39 -10.66 -68.14
CA TYR B 177 21.76 -10.92 -67.73
C TYR B 177 22.73 -10.07 -68.53
N SER B 178 23.98 -10.06 -68.09
CA SER B 178 25.09 -9.51 -68.85
C SER B 178 26.20 -10.57 -68.91
N LEU B 179 27.17 -10.36 -69.80
CA LEU B 179 28.19 -11.37 -70.03
C LEU B 179 29.47 -10.74 -70.53
N SER B 180 30.60 -11.10 -69.90
CA SER B 180 31.92 -10.57 -70.28
C SER B 180 32.89 -11.74 -70.42
N SER B 181 33.20 -12.12 -71.66
CA SER B 181 34.19 -13.15 -71.95
C SER B 181 35.45 -12.46 -72.45
N THR B 182 36.60 -12.85 -71.90
CA THR B 182 37.86 -12.19 -72.21
C THR B 182 38.87 -13.19 -72.75
N LEU B 183 39.38 -12.92 -73.94
CA LEU B 183 40.40 -13.76 -74.56
C LEU B 183 41.77 -13.22 -74.17
N THR B 184 42.53 -14.00 -73.42
CA THR B 184 43.84 -13.59 -72.95
C THR B 184 44.90 -14.23 -73.84
N LEU B 185 45.77 -13.40 -74.42
CA LEU B 185 46.87 -13.88 -75.23
C LEU B 185 48.11 -13.03 -74.94
N SER B 186 49.26 -13.60 -75.25
CA SER B 186 50.53 -12.90 -75.07
C SER B 186 50.79 -11.95 -76.23
N LYS B 187 51.69 -10.99 -75.98
CA LYS B 187 52.04 -10.01 -77.01
C LYS B 187 52.59 -10.68 -78.26
N ALA B 188 53.19 -11.87 -78.11
CA ALA B 188 53.72 -12.58 -79.27
C ALA B 188 52.62 -13.14 -80.17
N ASP B 189 51.62 -13.82 -79.59
CA ASP B 189 50.56 -14.42 -80.40
C ASP B 189 49.54 -13.41 -80.90
N TYR B 190 49.35 -12.30 -80.17
CA TYR B 190 48.38 -11.30 -80.61
C TYR B 190 48.85 -10.62 -81.88
N GLU B 191 50.12 -10.21 -81.93
CA GLU B 191 50.67 -9.54 -83.10
C GLU B 191 50.98 -10.50 -84.25
N LYS B 192 50.66 -11.79 -84.08
CA LYS B 192 50.72 -12.78 -85.15
C LYS B 192 49.45 -12.84 -85.98
N HIS B 193 48.40 -12.11 -85.59
CA HIS B 193 47.12 -12.26 -86.26
C HIS B 193 46.41 -10.91 -86.37
N LYS B 194 45.46 -10.87 -87.29
CA LYS B 194 44.75 -9.66 -87.67
C LYS B 194 43.26 -9.73 -87.35
N VAL B 195 42.59 -10.83 -87.70
CA VAL B 195 41.15 -10.90 -87.62
C VAL B 195 40.77 -11.51 -86.27
N TYR B 196 40.26 -10.67 -85.37
CA TYR B 196 39.75 -11.09 -84.06
C TYR B 196 38.25 -10.81 -84.00
N ALA B 197 37.48 -11.82 -83.58
CA ALA B 197 36.02 -11.71 -83.55
C ALA B 197 35.45 -12.75 -82.60
N CYS B 198 34.29 -12.45 -82.03
CA CYS B 198 33.57 -13.40 -81.18
C CYS B 198 32.16 -13.59 -81.73
N GLU B 199 31.81 -14.85 -81.98
CA GLU B 199 30.48 -15.20 -82.48
C GLU B 199 29.56 -15.47 -81.29
N VAL B 200 28.49 -14.70 -81.20
CA VAL B 200 27.51 -14.84 -80.13
C VAL B 200 26.27 -15.50 -80.71
N THR B 201 26.01 -16.74 -80.28
CA THR B 201 24.78 -17.44 -80.63
C THR B 201 23.85 -17.46 -79.44
N HIS B 202 22.56 -17.20 -79.69
CA HIS B 202 21.60 -17.03 -78.64
C HIS B 202 20.21 -17.38 -79.15
N GLN B 203 19.31 -17.72 -78.22
CA GLN B 203 17.93 -18.02 -78.59
C GLN B 203 17.23 -16.80 -79.19
N GLY B 204 17.56 -15.61 -78.72
CA GLY B 204 16.94 -14.40 -79.22
C GLY B 204 17.58 -13.81 -80.45
N LEU B 205 18.49 -14.54 -81.08
CA LEU B 205 19.13 -14.09 -82.31
C LEU B 205 18.63 -14.91 -83.49
N SER B 206 18.34 -14.23 -84.60
CA SER B 206 17.88 -14.93 -85.79
C SER B 206 18.97 -15.84 -86.35
N SER B 207 20.23 -15.50 -86.14
CA SER B 207 21.37 -16.26 -86.65
C SER B 207 22.61 -15.86 -85.86
N PRO B 208 23.69 -16.63 -85.94
CA PRO B 208 24.93 -16.23 -85.28
C PRO B 208 25.34 -14.81 -85.65
N VAL B 209 25.72 -14.03 -84.65
CA VAL B 209 26.12 -12.64 -84.82
C VAL B 209 27.58 -12.49 -84.41
N THR B 210 28.34 -11.76 -85.23
CA THR B 210 29.79 -11.65 -85.06
C THR B 210 30.20 -10.18 -84.99
N LYS B 211 30.92 -9.82 -83.93
CA LYS B 211 31.56 -8.52 -83.85
C LYS B 211 33.08 -8.69 -84.01
N SER B 212 33.67 -7.90 -84.89
CA SER B 212 35.06 -8.12 -85.27
C SER B 212 35.80 -6.80 -85.31
N PHE B 213 37.11 -6.89 -85.18
CA PHE B 213 37.98 -5.75 -85.36
C PHE B 213 39.31 -6.26 -85.91
N ASN B 214 40.15 -5.33 -86.35
CA ASN B 214 41.47 -5.66 -86.84
C ASN B 214 42.53 -5.13 -85.87
N ARG B 215 43.67 -5.81 -85.87
CA ARG B 215 44.73 -5.57 -84.89
C ARG B 215 45.28 -4.14 -84.98
N GLY B 216 46.04 -3.85 -86.04
CA GLY B 216 46.72 -2.58 -86.20
C GLY B 216 45.82 -1.38 -86.46
N GLU B 217 44.55 -1.60 -86.82
CA GLU B 217 43.68 -0.49 -87.20
C GLU B 217 43.20 0.32 -85.99
N CYS B 218 42.12 -0.12 -85.35
CA CYS B 218 41.57 0.63 -84.22
C CYS B 218 41.70 -0.14 -82.90
N VAL C 5 18.87 9.74 41.52
CA VAL C 5 19.40 9.82 42.86
C VAL C 5 18.42 9.38 43.95
N GLU C 6 18.96 8.78 45.01
CA GLU C 6 18.13 8.11 45.99
C GLU C 6 17.68 9.09 47.06
N SER C 7 17.01 8.53 48.07
CA SER C 7 16.71 9.18 49.34
C SER C 7 16.07 8.14 50.25
N GLY C 8 15.55 8.61 51.38
CA GLY C 8 14.66 7.84 52.23
C GLY C 8 15.30 6.77 53.06
N GLY C 9 16.63 6.66 53.05
CA GLY C 9 17.30 5.70 53.91
C GLY C 9 17.29 6.13 55.37
N GLY C 10 18.25 5.63 56.16
CA GLY C 10 18.34 6.09 57.53
C GLY C 10 18.14 4.98 58.54
N LEU C 11 17.87 5.35 59.79
CA LEU C 11 17.76 4.36 60.83
C LEU C 11 16.30 3.94 60.95
N ILE C 12 16.07 2.65 61.19
CA ILE C 12 14.73 2.13 61.43
C ILE C 12 14.82 0.95 62.39
N GLN C 13 13.83 0.88 63.30
CA GLN C 13 13.79 -0.19 64.28
C GLN C 13 13.55 -1.53 63.59
N PRO C 14 14.13 -2.61 64.10
CA PRO C 14 13.93 -3.91 63.46
C PRO C 14 12.45 -4.21 63.39
N GLY C 15 12.03 -4.78 62.27
CA GLY C 15 10.62 -5.01 62.03
C GLY C 15 9.88 -3.83 61.44
N GLY C 16 10.39 -2.63 61.59
CA GLY C 16 9.79 -1.50 60.94
C GLY C 16 9.90 -1.61 59.44
N SER C 17 9.44 -0.54 58.78
CA SER C 17 9.45 -0.44 57.33
C SER C 17 9.99 0.91 56.92
N LEU C 18 10.54 0.94 55.71
CA LEU C 18 11.20 2.10 55.16
C LEU C 18 10.96 2.08 53.66
N ARG C 19 11.00 3.24 53.03
CA ARG C 19 10.67 3.34 51.60
C ARG C 19 11.75 4.11 50.86
N LEU C 20 12.45 3.42 49.97
CA LEU C 20 13.47 4.03 49.12
C LEU C 20 12.84 4.70 47.93
N SER C 21 13.55 5.68 47.39
CA SER C 21 13.02 6.38 46.23
C SER C 21 14.18 6.86 45.38
N CYS C 22 14.15 6.52 44.10
CA CYS C 22 15.26 6.82 43.19
C CYS C 22 14.77 7.90 42.24
N ALA C 23 15.11 9.14 42.55
CA ALA C 23 14.74 10.24 41.69
C ALA C 23 15.48 10.11 40.38
N VAL C 24 14.73 10.00 39.28
CA VAL C 24 15.34 9.81 37.96
C VAL C 24 14.86 10.91 37.04
N SER C 25 15.81 11.56 36.38
CA SER C 25 15.54 12.56 35.37
C SER C 25 16.52 12.35 34.23
N GLY C 26 16.04 12.53 33.00
CA GLY C 26 16.85 12.37 31.80
C GLY C 26 16.29 11.38 30.81
N PHE C 27 15.58 10.37 31.31
CA PHE C 27 15.02 9.32 30.47
C PHE C 27 13.74 8.83 31.12
N THR C 28 12.92 8.16 30.33
CA THR C 28 11.63 7.71 30.82
C THR C 28 11.82 6.51 31.73
N VAL C 29 11.18 6.53 32.89
CA VAL C 29 11.30 5.36 33.73
C VAL C 29 10.49 4.24 33.15
N SER C 30 9.49 4.56 32.36
CA SER C 30 8.61 3.54 31.80
C SER C 30 9.16 2.91 30.54
N SER C 31 10.47 2.70 30.47
CA SER C 31 11.04 2.21 29.23
C SER C 31 12.39 1.57 29.39
N LYS C 32 12.83 1.35 30.62
CA LYS C 32 14.09 0.65 30.79
C LYS C 32 14.02 -0.18 32.06
N TYR C 33 14.76 -1.27 32.08
CA TYR C 33 14.75 -2.10 33.25
C TYR C 33 15.52 -1.43 34.35
N MET C 34 14.93 -1.37 35.52
CA MET C 34 15.60 -0.74 36.64
C MET C 34 15.69 -1.72 37.79
N THR C 35 16.74 -1.59 38.57
CA THR C 35 17.10 -2.59 39.54
C THR C 35 17.52 -1.95 40.84
N TRP C 36 17.72 -2.81 41.83
CA TRP C 36 18.22 -2.41 43.12
C TRP C 36 19.26 -3.43 43.56
N VAL C 37 20.47 -2.97 43.86
CA VAL C 37 21.54 -3.82 44.37
C VAL C 37 21.99 -3.26 45.70
N ARG C 38 22.12 -4.12 46.69
CA ARG C 38 22.49 -3.70 48.03
C ARG C 38 23.86 -4.25 48.39
N GLN C 39 24.55 -3.54 49.28
CA GLN C 39 25.88 -3.92 49.73
C GLN C 39 26.01 -3.65 51.21
N ALA C 40 26.18 -4.72 51.98
CA ALA C 40 26.37 -4.62 53.39
C ALA C 40 27.69 -3.92 53.67
N PRO C 41 27.89 -3.45 54.89
CA PRO C 41 29.20 -2.85 55.23
C PRO C 41 30.35 -3.80 54.99
N GLY C 42 31.19 -3.48 54.01
CA GLY C 42 32.36 -4.32 53.76
C GLY C 42 32.08 -5.65 53.09
N LYS C 43 30.89 -5.85 52.57
CA LYS C 43 30.59 -7.06 51.83
C LYS C 43 30.59 -6.75 50.33
N GLY C 44 30.08 -7.70 49.55
CA GLY C 44 30.00 -7.56 48.12
C GLY C 44 28.66 -7.03 47.70
N LEU C 45 28.36 -7.21 46.43
CA LEU C 45 27.10 -6.80 45.85
C LEU C 45 26.17 -7.99 45.72
N GLU C 46 24.93 -7.82 46.15
CA GLU C 46 23.91 -8.84 46.05
C GLU C 46 22.73 -8.20 45.35
N TRP C 47 22.33 -8.77 44.23
CA TRP C 47 21.17 -8.24 43.54
C TRP C 47 19.95 -8.45 44.41
N VAL C 48 19.01 -7.49 44.34
CA VAL C 48 17.85 -7.43 45.23
C VAL C 48 16.55 -7.44 44.46
N SER C 49 16.45 -6.62 43.43
CA SER C 49 15.19 -6.61 42.72
C SER C 49 15.36 -5.93 41.38
N VAL C 50 14.44 -6.22 40.48
CA VAL C 50 14.50 -5.65 39.14
C VAL C 50 13.10 -5.53 38.59
N ILE C 51 12.82 -4.43 37.90
CA ILE C 51 11.53 -4.26 37.24
C ILE C 51 11.75 -3.92 35.78
N TYR C 52 11.13 -4.70 34.91
CA TYR C 52 11.24 -4.57 33.47
C TYR C 52 10.20 -3.64 32.90
N GLY C 53 10.39 -3.29 31.63
CA GLY C 53 9.54 -2.34 30.95
C GLY C 53 8.07 -2.69 31.00
N GLY C 54 7.77 -3.97 31.11
CA GLY C 54 6.39 -4.41 31.12
C GLY C 54 5.89 -4.73 32.51
N GLY C 55 6.61 -4.27 33.53
CA GLY C 55 6.11 -4.41 34.89
C GLY C 55 6.53 -5.67 35.58
N SER C 56 7.11 -6.60 34.86
CA SER C 56 7.60 -7.81 35.47
C SER C 56 8.52 -7.39 36.60
N THR C 57 8.35 -8.01 37.75
CA THR C 57 9.15 -7.74 38.93
C THR C 57 9.71 -9.07 39.41
N TYR C 58 10.94 -9.07 39.90
CA TYR C 58 11.52 -10.30 40.41
C TYR C 58 12.39 -9.98 41.59
N TYR C 59 12.39 -10.85 42.58
CA TYR C 59 13.13 -10.61 43.81
C TYR C 59 13.98 -11.80 44.18
N ALA C 60 15.14 -11.54 44.77
CA ALA C 60 15.98 -12.62 45.25
C ALA C 60 15.36 -13.31 46.45
N ASP C 61 15.80 -14.55 46.65
CA ASP C 61 15.25 -15.43 47.66
C ASP C 61 15.21 -14.77 49.03
N SER C 62 16.31 -14.14 49.42
CA SER C 62 16.46 -13.69 50.80
C SER C 62 15.39 -12.70 51.21
N VAL C 63 14.81 -11.99 50.25
CA VAL C 63 14.00 -10.82 50.57
C VAL C 63 12.59 -10.88 50.04
N VAL C 64 12.26 -11.82 49.16
CA VAL C 64 10.96 -11.80 48.52
C VAL C 64 9.83 -11.76 49.54
N GLY C 65 8.79 -11.02 49.23
CA GLY C 65 7.68 -10.82 50.10
C GLY C 65 7.84 -9.69 51.10
N ARG C 66 9.06 -9.41 51.53
CA ARG C 66 9.29 -8.31 52.45
C ARG C 66 9.56 -7.00 51.73
N PHE C 67 10.17 -7.07 50.55
CA PHE C 67 10.45 -5.92 49.71
C PHE C 67 9.41 -5.84 48.61
N THR C 68 9.30 -4.67 48.02
CA THR C 68 8.32 -4.45 46.96
C THR C 68 8.81 -3.34 46.05
N ILE C 69 9.21 -3.69 44.88
CA ILE C 69 9.68 -2.71 43.92
C ILE C 69 8.48 -2.15 43.17
N SER C 70 8.44 -0.83 43.00
CA SER C 70 7.37 -0.24 42.22
C SER C 70 7.85 1.07 41.64
N ARG C 71 7.15 1.54 40.63
CA ARG C 71 7.45 2.79 39.96
C ARG C 71 6.17 3.50 39.57
N ASP C 72 6.21 4.82 39.46
CA ASP C 72 5.06 5.54 38.93
C ASP C 72 5.55 6.63 37.98
N ASN C 73 4.97 6.66 36.79
CA ASN C 73 5.42 7.53 35.70
C ASN C 73 5.31 9.01 36.07
N SER C 74 4.31 9.38 36.85
CA SER C 74 4.12 10.76 37.23
C SER C 74 5.37 11.30 37.86
N LYS C 75 5.66 10.83 39.07
CA LYS C 75 6.85 11.31 39.74
C LYS C 75 8.12 10.78 39.09
N ASN C 76 8.00 9.98 38.04
CA ASN C 76 9.13 9.45 37.27
C ASN C 76 10.21 8.91 38.20
N THR C 77 9.78 8.10 39.16
CA THR C 77 10.67 7.61 40.20
C THR C 77 10.21 6.25 40.68
N LEU C 78 11.12 5.29 40.64
CA LEU C 78 10.88 3.98 41.22
C LEU C 78 11.17 4.00 42.70
N TYR C 79 10.33 3.32 43.45
CA TYR C 79 10.49 3.17 44.89
C TYR C 79 10.93 1.75 45.19
N LEU C 80 11.09 1.46 46.48
CA LEU C 80 11.42 0.10 46.91
C LEU C 80 10.94 -0.03 48.36
N GLN C 81 9.71 -0.47 48.51
CA GLN C 81 9.11 -0.60 49.83
C GLN C 81 9.74 -1.78 50.57
N MET C 82 10.33 -1.51 51.72
CA MET C 82 11.04 -2.54 52.47
C MET C 82 10.32 -2.78 53.78
N ASN C 83 9.63 -3.91 53.87
CA ASN C 83 8.87 -4.21 55.07
C ASN C 83 9.52 -5.34 55.84
N SER C 84 9.36 -5.28 57.16
CA SER C 84 9.91 -6.27 58.06
C SER C 84 11.43 -6.34 57.90
N LEU C 85 12.06 -5.22 58.20
CA LEU C 85 13.51 -5.18 58.13
C LEU C 85 14.09 -5.80 59.40
N ARG C 86 15.05 -6.69 59.22
CA ARG C 86 15.80 -7.25 60.32
C ARG C 86 17.23 -6.72 60.25
N ALA C 87 18.06 -7.17 61.18
CA ALA C 87 19.41 -6.65 61.27
C ALA C 87 20.18 -6.87 59.98
N GLU C 88 20.03 -8.04 59.36
CA GLU C 88 20.84 -8.41 58.21
C GLU C 88 20.53 -7.58 56.99
N ASP C 89 19.39 -6.89 56.97
CA ASP C 89 19.07 -6.04 55.86
C ASP C 89 19.91 -4.77 55.84
N THR C 90 20.64 -4.48 56.93
CA THR C 90 21.38 -3.23 57.06
C THR C 90 22.47 -3.17 56.02
N ALA C 91 22.33 -2.27 55.08
CA ALA C 91 23.29 -2.16 53.99
C ALA C 91 23.02 -0.86 53.25
N VAL C 92 23.72 -0.67 52.15
CA VAL C 92 23.58 0.51 51.32
C VAL C 92 22.91 0.10 50.04
N TYR C 93 21.82 0.78 49.71
CA TYR C 93 20.94 0.36 48.65
C TYR C 93 21.14 1.30 47.49
N TYR C 94 21.62 0.78 46.37
CA TYR C 94 21.84 1.59 45.18
C TYR C 94 20.70 1.29 44.22
N CYS C 95 20.35 2.28 43.42
CA CYS C 95 19.47 2.03 42.29
C CYS C 95 20.27 2.14 41.00
N ALA C 96 19.79 1.46 39.97
CA ALA C 96 20.54 1.43 38.73
C ALA C 96 19.63 1.03 37.58
N SER C 97 20.09 1.33 36.38
CA SER C 97 19.42 0.94 35.15
C SER C 97 20.49 0.93 34.07
N ARG C 98 20.08 0.60 32.85
CA ARG C 98 20.99 0.60 31.72
C ARG C 98 20.59 1.69 30.75
N LEU C 99 21.42 2.73 30.65
CA LEU C 99 21.18 3.82 29.72
C LEU C 99 21.20 3.31 28.27
N GLY C 100 22.32 2.75 27.85
CA GLY C 100 22.49 2.32 26.48
C GLY C 100 21.49 1.29 26.03
N VAL C 101 21.49 1.02 24.73
CA VAL C 101 20.49 0.14 24.13
C VAL C 101 21.18 -1.09 23.56
N ARG C 102 20.62 -2.23 23.89
CA ARG C 102 20.87 -3.51 23.23
C ARG C 102 19.73 -4.39 23.69
N ALA C 103 19.77 -5.64 23.31
CA ALA C 103 18.70 -6.53 23.68
C ALA C 103 19.12 -7.58 24.71
N THR C 104 20.34 -7.54 25.18
CA THR C 104 20.71 -8.31 26.36
C THR C 104 20.16 -7.61 27.59
N THR C 105 20.14 -8.33 28.72
CA THR C 105 19.57 -7.76 29.94
C THR C 105 20.46 -8.07 31.14
N GLY C 106 21.07 -7.03 31.72
CA GLY C 106 21.83 -7.25 32.95
C GLY C 106 22.88 -6.21 33.32
N ASP C 107 23.54 -5.65 32.31
CA ASP C 107 24.53 -4.62 32.54
C ASP C 107 23.86 -3.36 33.08
N LEU C 108 24.65 -2.53 33.78
CA LEU C 108 24.18 -1.30 34.40
C LEU C 108 25.18 -0.17 34.14
N ASP C 109 24.65 1.05 33.91
CA ASP C 109 25.50 2.23 33.76
C ASP C 109 24.91 3.54 34.30
N TYR C 110 23.77 3.52 34.98
CA TYR C 110 23.40 4.57 35.91
C TYR C 110 23.47 3.91 37.28
N TRP C 111 24.19 4.52 38.20
CA TRP C 111 24.10 4.10 39.58
C TRP C 111 23.87 5.34 40.44
N GLY C 112 22.96 5.21 41.39
CA GLY C 112 22.63 6.30 42.27
C GLY C 112 23.73 6.59 43.25
N GLN C 113 23.44 7.55 44.12
CA GLN C 113 24.36 7.95 45.18
C GLN C 113 24.78 6.77 46.03
N GLY C 114 23.81 6.01 46.51
CA GLY C 114 24.02 5.01 47.52
C GLY C 114 23.41 5.58 48.78
N THR C 115 22.36 4.93 49.29
CA THR C 115 21.69 5.37 50.50
C THR C 115 21.83 4.30 51.57
N LEU C 116 22.14 4.75 52.79
CA LEU C 116 22.37 3.84 53.90
C LEU C 116 21.05 3.43 54.52
N VAL C 117 20.97 2.17 54.89
CA VAL C 117 19.83 1.62 55.59
C VAL C 117 20.35 0.98 56.85
N THR C 118 19.99 1.55 57.99
CA THR C 118 20.45 1.07 59.27
C THR C 118 19.27 0.51 60.07
N VAL C 119 19.40 -0.74 60.51
CA VAL C 119 18.38 -1.39 61.32
C VAL C 119 18.95 -1.63 62.70
N SER C 120 18.44 -0.92 63.70
CA SER C 120 18.97 -1.06 65.04
C SER C 120 18.02 -0.44 66.04
N SER C 121 18.16 -0.86 67.29
CA SER C 121 17.31 -0.37 68.35
C SER C 121 17.77 0.99 68.88
N ALA C 122 19.07 1.24 68.91
CA ALA C 122 19.64 2.45 69.53
C ALA C 122 18.98 3.72 69.01
N SER C 123 18.86 4.71 69.91
CA SER C 123 18.34 6.02 69.55
C SER C 123 19.36 6.76 68.67
N THR C 124 18.99 7.96 68.24
CA THR C 124 19.82 8.79 67.36
C THR C 124 20.53 9.88 68.17
N LYS C 125 21.85 10.00 67.98
CA LYS C 125 22.63 11.02 68.69
C LYS C 125 23.42 11.88 67.72
N GLY C 126 23.36 13.19 67.95
CA GLY C 126 24.10 14.16 67.17
C GLY C 126 25.54 14.26 67.62
N PRO C 127 26.42 14.71 66.74
CA PRO C 127 27.85 14.70 67.03
C PRO C 127 28.30 15.85 67.93
N SER C 128 29.43 15.62 68.61
CA SER C 128 30.13 16.66 69.36
C SER C 128 31.40 17.04 68.59
N VAL C 129 31.51 18.31 68.21
CA VAL C 129 32.56 18.80 67.32
C VAL C 129 33.57 19.59 68.12
N PHE C 130 34.83 19.14 68.10
CA PHE C 130 35.95 19.80 68.77
C PHE C 130 37.07 20.14 67.79
N PRO C 131 37.77 21.25 67.99
CA PRO C 131 38.91 21.58 67.12
C PRO C 131 40.21 20.92 67.56
N LEU C 132 40.98 20.44 66.59
CA LEU C 132 42.32 19.89 66.83
C LEU C 132 43.34 20.99 66.50
N ALA C 133 43.88 21.62 67.54
CA ALA C 133 44.66 22.84 67.34
C ALA C 133 45.96 22.52 66.63
N PRO C 134 46.33 23.29 65.59
CA PRO C 134 47.62 23.08 64.93
C PRO C 134 48.77 23.32 65.90
N SER C 135 49.88 22.61 65.66
CA SER C 135 50.97 22.60 66.62
C SER C 135 51.63 23.98 66.72
N SER C 136 52.21 24.24 67.91
CA SER C 136 52.88 25.50 68.15
C SER C 136 54.11 25.67 67.27
N LYS C 137 54.61 24.59 66.68
CA LYS C 137 55.77 24.61 65.82
C LYS C 137 55.38 24.95 64.38
N SER C 138 56.41 25.20 63.56
CA SER C 138 56.21 25.47 62.13
C SER C 138 57.16 24.65 61.26
N THR C 139 57.81 23.62 61.83
CA THR C 139 58.63 22.66 61.07
C THR C 139 57.84 21.35 60.96
N SER C 140 58.54 20.21 60.90
CA SER C 140 57.91 18.88 60.82
C SER C 140 57.08 18.75 59.54
N GLY C 141 57.81 18.76 58.42
CA GLY C 141 57.23 18.72 57.09
C GLY C 141 57.33 20.03 56.34
N GLY C 142 57.82 21.09 57.01
CA GLY C 142 57.87 22.43 56.47
C GLY C 142 56.65 23.27 56.79
N THR C 143 55.55 22.65 57.20
CA THR C 143 54.29 23.35 57.49
C THR C 143 53.70 22.79 58.78
N ALA C 144 52.40 22.96 58.95
CA ALA C 144 51.69 22.48 60.12
C ALA C 144 50.33 21.92 59.70
N ALA C 145 49.67 21.22 60.64
CA ALA C 145 48.41 20.55 60.37
C ALA C 145 47.38 20.88 61.44
N LEU C 146 46.12 20.97 61.02
CA LEU C 146 44.98 21.18 61.91
C LEU C 146 43.84 20.29 61.45
N GLY C 147 42.80 20.16 62.27
CA GLY C 147 41.70 19.29 61.89
C GLY C 147 40.52 19.41 62.81
N CYS C 148 39.65 18.40 62.74
CA CYS C 148 38.40 18.37 63.49
C CYS C 148 38.13 16.96 63.98
N LEU C 149 37.65 16.86 65.22
CA LEU C 149 37.32 15.59 65.88
C LEU C 149 35.80 15.53 66.03
N VAL C 150 35.16 14.71 65.21
CA VAL C 150 33.70 14.53 65.24
C VAL C 150 33.43 13.30 66.09
N LYS C 151 33.05 13.52 67.34
CA LYS C 151 32.99 12.46 68.34
C LYS C 151 31.58 12.30 68.91
N ASP C 152 31.22 11.04 69.19
CA ASP C 152 29.99 10.64 69.86
C ASP C 152 28.75 11.01 69.05
N TYR C 153 28.63 10.35 67.89
CA TYR C 153 27.43 10.45 67.07
C TYR C 153 26.98 9.05 66.70
N PHE C 154 25.72 8.96 66.30
CA PHE C 154 25.11 7.71 65.86
C PHE C 154 23.81 8.02 65.13
N PRO C 155 23.55 7.31 64.02
CA PRO C 155 24.47 6.39 63.36
C PRO C 155 25.12 7.08 62.18
N GLU C 156 25.76 6.30 61.32
CA GLU C 156 26.34 6.80 60.08
C GLU C 156 25.23 7.33 59.16
N PRO C 157 25.57 8.18 58.17
CA PRO C 157 26.87 8.77 57.86
C PRO C 157 26.92 10.23 58.27
N VAL C 158 28.12 10.78 58.35
CA VAL C 158 28.31 12.19 58.65
C VAL C 158 29.26 12.77 57.62
N THR C 159 28.97 13.97 57.13
CA THR C 159 29.78 14.64 56.13
C THR C 159 30.53 15.82 56.75
N VAL C 160 31.83 15.92 56.46
CA VAL C 160 32.70 16.96 56.99
C VAL C 160 33.37 17.65 55.81
N SER C 161 33.10 18.94 55.65
CA SER C 161 33.73 19.78 54.64
C SER C 161 34.54 20.89 55.32
N TRP C 162 35.27 21.65 54.49
CA TRP C 162 36.08 22.75 54.96
C TRP C 162 35.84 23.96 54.07
N ASN C 163 35.45 25.08 54.69
CA ASN C 163 35.27 26.36 53.99
C ASN C 163 34.18 26.26 52.92
N SER C 164 33.08 25.58 53.26
CA SER C 164 31.92 25.44 52.38
C SER C 164 32.28 24.81 51.03
N GLY C 165 33.28 23.94 51.00
CA GLY C 165 33.71 23.30 49.78
C GLY C 165 34.88 23.96 49.09
N ALA C 166 35.45 25.02 49.68
CA ALA C 166 36.59 25.70 49.08
C ALA C 166 37.88 24.93 49.30
N LEU C 167 38.15 24.57 50.55
CA LEU C 167 39.39 23.87 50.90
C LEU C 167 39.20 22.38 50.61
N THR C 168 39.81 21.90 49.54
CA THR C 168 39.68 20.51 49.10
C THR C 168 41.01 19.76 49.07
N SER C 169 42.07 20.42 48.63
CA SER C 169 43.36 19.76 48.51
C SER C 169 43.97 19.53 49.89
N GLY C 170 44.60 18.38 50.06
CA GLY C 170 45.19 18.06 51.33
C GLY C 170 44.22 17.65 52.40
N VAL C 171 42.92 17.62 52.11
CA VAL C 171 41.92 17.27 53.11
C VAL C 171 41.88 15.76 53.26
N HIS C 172 41.66 15.31 54.50
CA HIS C 172 41.56 13.88 54.81
C HIS C 172 40.46 13.67 55.85
N THR C 173 39.35 13.06 55.45
CA THR C 173 38.28 12.66 56.36
C THR C 173 38.34 11.15 56.56
N PHE C 174 38.62 10.72 57.80
CA PHE C 174 38.85 9.32 58.12
C PHE C 174 37.53 8.58 58.32
N PRO C 175 37.49 7.28 58.03
CA PRO C 175 36.30 6.49 58.34
C PRO C 175 36.08 6.40 59.83
N ALA C 176 34.81 6.31 60.22
CA ALA C 176 34.48 6.25 61.64
C ALA C 176 34.92 4.93 62.26
N VAL C 177 35.00 4.93 63.58
CA VAL C 177 35.31 3.75 64.39
C VAL C 177 34.23 3.59 65.45
N LEU C 178 33.67 2.39 65.55
CA LEU C 178 32.65 2.11 66.55
C LEU C 178 33.27 2.16 67.94
N GLN C 179 33.02 3.24 68.69
CA GLN C 179 33.50 3.30 70.06
C GLN C 179 32.86 2.21 70.90
N SER C 180 33.53 1.87 72.00
CA SER C 180 32.98 0.87 72.92
C SER C 180 31.63 1.32 73.46
N SER C 181 31.43 2.63 73.60
CA SER C 181 30.18 3.21 74.04
C SER C 181 29.13 3.21 72.94
N GLY C 182 29.34 2.41 71.88
CA GLY C 182 28.37 2.23 70.80
C GLY C 182 28.24 3.34 69.79
N LEU C 183 28.97 4.43 69.94
CA LEU C 183 28.85 5.54 69.01
C LEU C 183 29.99 5.53 68.01
N TYR C 184 29.78 6.21 66.90
CA TYR C 184 30.82 6.33 65.89
C TYR C 184 31.60 7.61 66.13
N SER C 185 32.84 7.63 65.64
CA SER C 185 33.71 8.79 65.82
C SER C 185 34.72 8.83 64.70
N LEU C 186 34.85 10.00 64.05
CA LEU C 186 35.85 10.17 63.02
C LEU C 186 36.47 11.55 63.12
N SER C 187 37.65 11.68 62.50
CA SER C 187 38.40 12.91 62.47
C SER C 187 38.61 13.36 61.02
N SER C 188 38.71 14.68 60.83
CA SER C 188 38.97 15.22 59.49
C SER C 188 40.01 16.34 59.61
N VAL C 189 41.10 16.20 58.86
CA VAL C 189 42.24 17.11 58.92
C VAL C 189 42.56 17.65 57.53
N VAL C 190 43.39 18.70 57.50
CA VAL C 190 43.94 19.26 56.28
C VAL C 190 45.31 19.86 56.59
N THR C 191 46.31 19.50 55.78
CA THR C 191 47.66 20.04 55.94
C THR C 191 47.73 21.40 55.27
N VAL C 192 48.12 22.42 56.03
CA VAL C 192 48.12 23.79 55.52
C VAL C 192 49.49 24.42 55.77
N PRO C 193 49.91 25.39 54.94
CA PRO C 193 51.21 26.03 55.17
C PRO C 193 51.19 26.85 56.45
N SER C 194 52.18 26.60 57.32
CA SER C 194 52.26 27.33 58.59
C SER C 194 52.56 28.81 58.40
N SER C 195 52.79 29.25 57.16
CA SER C 195 52.98 30.66 56.84
C SER C 195 51.68 31.44 56.76
N SER C 196 50.54 30.77 56.93
CA SER C 196 49.24 31.44 56.98
C SER C 196 48.35 30.72 57.99
N LEU C 197 48.92 30.43 59.17
CA LEU C 197 48.13 29.85 60.25
C LEU C 197 47.09 30.84 60.78
N GLY C 198 47.48 32.10 60.90
CA GLY C 198 46.60 33.18 61.30
C GLY C 198 46.05 34.03 60.18
N THR C 199 46.35 33.71 58.92
CA THR C 199 45.89 34.49 57.78
C THR C 199 44.56 33.98 57.24
N GLN C 200 44.46 32.68 57.05
CA GLN C 200 43.31 32.01 56.45
C GLN C 200 42.25 31.66 57.50
N THR C 201 40.99 31.74 57.11
CA THR C 201 39.87 31.32 57.95
C THR C 201 39.61 29.82 57.72
N TYR C 202 39.54 29.04 58.80
CA TYR C 202 39.38 27.59 58.71
C TYR C 202 38.13 27.18 59.49
N ILE C 203 37.11 26.76 58.75
CA ILE C 203 35.82 26.37 59.29
C ILE C 203 35.49 24.99 58.74
N CYS C 204 35.50 23.97 59.60
CA CYS C 204 35.09 22.63 59.19
C CYS C 204 33.58 22.52 59.43
N ASN C 205 32.86 22.07 58.40
CA ASN C 205 31.40 22.06 58.37
C ASN C 205 30.89 20.63 58.51
N VAL C 206 30.37 20.30 59.69
CA VAL C 206 29.87 18.97 60.00
C VAL C 206 28.37 18.95 59.75
N ASN C 207 27.92 18.01 58.94
CA ASN C 207 26.50 17.83 58.61
C ASN C 207 26.13 16.37 58.83
N HIS C 208 25.22 16.12 59.77
CA HIS C 208 24.78 14.78 60.14
C HIS C 208 23.25 14.78 60.16
N LYS C 209 22.65 14.44 59.02
CA LYS C 209 21.20 14.55 58.84
C LYS C 209 20.33 13.55 59.60
N PRO C 210 20.84 12.37 60.01
CA PRO C 210 20.00 11.49 60.85
C PRO C 210 19.54 12.13 62.13
N SER C 211 20.20 13.20 62.59
CA SER C 211 19.83 13.87 63.83
C SER C 211 19.50 15.34 63.65
N ASN C 212 19.54 15.87 62.42
CA ASN C 212 19.27 17.28 62.16
C ASN C 212 20.36 18.17 62.75
N THR C 213 21.61 17.74 62.63
CA THR C 213 22.74 18.49 63.19
C THR C 213 23.64 18.96 62.06
N LYS C 214 23.88 20.28 62.00
CA LYS C 214 24.82 20.87 61.06
C LYS C 214 25.64 21.88 61.86
N VAL C 215 26.86 21.51 62.23
CA VAL C 215 27.66 22.27 63.17
C VAL C 215 28.83 22.88 62.42
N ASP C 216 29.10 24.15 62.71
CA ASP C 216 30.29 24.83 62.21
C ASP C 216 31.17 25.22 63.40
N LYS C 217 32.33 24.59 63.50
CA LYS C 217 33.30 24.88 64.53
C LYS C 217 34.59 25.29 63.84
N ARG C 218 35.18 26.39 64.29
CA ARG C 218 36.34 26.97 63.65
C ARG C 218 37.62 26.49 64.34
N VAL C 219 38.62 26.14 63.53
CA VAL C 219 39.90 25.62 64.02
C VAL C 219 40.95 26.69 63.81
N GLU C 220 41.29 27.39 64.88
CA GLU C 220 42.38 28.35 64.92
C GLU C 220 43.36 27.95 66.02
N PRO C 221 44.62 28.37 65.92
CA PRO C 221 45.63 27.93 66.89
C PRO C 221 45.24 28.22 68.34
N LYS C 222 45.82 27.42 69.23
CA LYS C 222 45.49 27.43 70.64
C LYS C 222 46.24 28.53 71.39
N SER C 223 45.63 28.99 72.50
CA SER C 223 46.25 30.04 73.30
C SER C 223 47.57 29.58 73.89
N CYS C 224 47.56 28.42 74.56
CA CYS C 224 48.76 27.82 75.14
C CYS C 224 49.47 28.76 76.12
N ASP D 4 20.54 -21.27 41.55
CA ASP D 4 21.11 -20.10 40.89
C ASP D 4 22.63 -20.16 40.79
N ILE D 5 23.19 -19.26 40.00
CA ILE D 5 24.63 -19.27 39.77
C ILE D 5 25.35 -18.73 40.99
N GLN D 6 26.62 -19.08 41.10
CA GLN D 6 27.51 -18.36 42.01
C GLN D 6 28.80 -18.06 41.28
N MET D 7 29.34 -16.87 41.54
CA MET D 7 30.59 -16.41 40.97
C MET D 7 31.67 -16.39 42.04
N THR D 8 32.89 -16.69 41.62
CA THR D 8 34.04 -16.72 42.50
C THR D 8 35.21 -16.09 41.74
N GLN D 9 35.85 -15.10 42.37
CA GLN D 9 36.97 -14.37 41.80
C GLN D 9 38.26 -14.77 42.48
N SER D 10 39.37 -14.31 41.90
CA SER D 10 40.68 -14.52 42.51
C SER D 10 41.65 -13.42 42.11
N PRO D 11 42.56 -13.08 43.03
CA PRO D 11 42.48 -13.62 44.39
C PRO D 11 41.61 -12.71 45.20
N SER D 12 41.76 -12.74 46.52
CA SER D 12 41.03 -11.79 47.36
C SER D 12 41.60 -10.39 47.19
N THR D 13 42.90 -10.24 47.32
CA THR D 13 43.53 -8.92 47.19
C THR D 13 44.80 -9.05 46.37
N LEU D 14 45.00 -8.12 45.44
CA LEU D 14 46.13 -8.18 44.52
C LEU D 14 47.00 -6.95 44.70
N SER D 15 48.28 -7.18 44.97
CA SER D 15 49.26 -6.12 45.11
C SER D 15 50.09 -6.11 43.84
N ALA D 16 50.27 -4.92 43.27
CA ALA D 16 51.07 -4.78 42.06
C ALA D 16 51.49 -3.33 41.91
N SER D 17 52.57 -3.11 41.16
CA SER D 17 53.14 -1.79 41.03
C SER D 17 52.53 -1.04 39.85
N VAL D 18 52.91 0.23 39.70
CA VAL D 18 52.34 1.07 38.66
C VAL D 18 52.79 0.59 37.29
N GLY D 19 51.89 0.64 36.33
CA GLY D 19 52.22 0.22 34.98
C GLY D 19 52.22 -1.27 34.74
N ASP D 20 51.95 -2.08 35.77
CA ASP D 20 51.99 -3.52 35.59
C ASP D 20 50.76 -3.98 34.79
N ARG D 21 50.70 -5.29 34.56
CA ARG D 21 49.62 -5.94 33.83
C ARG D 21 48.85 -6.83 34.80
N VAL D 22 47.63 -6.42 35.16
CA VAL D 22 46.82 -7.06 36.19
C VAL D 22 45.69 -7.86 35.54
N THR D 23 45.50 -9.10 36.01
CA THR D 23 44.48 -10.01 35.49
C THR D 23 43.68 -10.57 36.66
N ILE D 24 42.39 -10.23 36.72
CA ILE D 24 41.47 -10.84 37.67
C ILE D 24 40.65 -11.89 36.96
N THR D 25 40.47 -13.04 37.60
CA THR D 25 39.67 -14.11 37.04
C THR D 25 38.38 -14.27 37.83
N CYS D 26 37.41 -14.86 37.16
CA CYS D 26 36.07 -15.02 37.71
C CYS D 26 35.50 -16.31 37.16
N ARG D 27 35.11 -17.24 38.04
CA ARG D 27 34.69 -18.56 37.62
C ARG D 27 33.20 -18.72 37.86
N ALA D 28 32.54 -19.43 36.95
CA ALA D 28 31.09 -19.61 36.96
C ALA D 28 30.76 -21.05 37.25
N SER D 29 29.75 -21.28 38.09
CA SER D 29 29.33 -22.63 38.37
C SER D 29 28.51 -23.24 37.24
N GLN D 30 28.06 -22.44 36.28
CA GLN D 30 27.42 -22.93 35.08
C GLN D 30 27.83 -22.03 33.95
N SER D 31 27.79 -22.56 32.74
CA SER D 31 28.22 -21.79 31.58
C SER D 31 27.31 -20.60 31.36
N ILE D 32 27.84 -19.40 31.51
CA ILE D 32 27.05 -18.18 31.41
C ILE D 32 27.19 -17.55 30.03
N SER D 33 27.51 -18.35 29.02
CA SER D 33 27.65 -17.84 27.66
C SER D 33 28.57 -16.65 27.65
N SER D 34 28.04 -15.50 27.26
CA SER D 34 28.87 -14.33 27.06
C SER D 34 28.41 -13.15 27.90
N TRP D 35 27.57 -13.43 28.88
CA TRP D 35 26.97 -12.41 29.73
C TRP D 35 27.64 -12.21 31.06
N LEU D 36 28.71 -11.44 31.06
CA LEU D 36 29.41 -11.13 32.28
C LEU D 36 29.79 -9.67 32.21
N ALA D 37 29.59 -8.97 33.30
CA ALA D 37 29.96 -7.57 33.37
C ALA D 37 31.03 -7.40 34.45
N TRP D 38 31.93 -6.45 34.20
CA TRP D 38 32.99 -6.09 35.12
C TRP D 38 32.72 -4.70 35.69
N TYR D 39 33.07 -4.50 36.94
CA TYR D 39 32.78 -3.21 37.54
C TYR D 39 33.90 -2.70 38.42
N GLN D 40 34.11 -1.38 38.38
CA GLN D 40 35.08 -0.66 39.20
C GLN D 40 34.32 0.11 40.27
N GLN D 41 34.76 -0.01 41.52
CA GLN D 41 34.10 0.66 42.62
C GLN D 41 35.17 1.36 43.47
N LYS D 42 35.35 2.66 43.21
CA LYS D 42 36.21 3.50 44.04
C LYS D 42 35.54 3.72 45.41
N PRO D 43 36.30 3.59 46.50
CA PRO D 43 35.70 3.53 47.83
C PRO D 43 34.73 4.66 48.10
N GLY D 44 33.62 4.32 48.74
CA GLY D 44 32.58 5.28 49.05
C GLY D 44 31.83 5.80 47.85
N LYS D 45 32.00 5.19 46.68
CA LYS D 45 31.31 5.67 45.49
C LYS D 45 30.42 4.57 44.93
N ALA D 46 29.87 4.84 43.85
CA ALA D 46 29.02 3.96 43.09
C ALA D 46 29.87 3.15 42.11
N PRO D 47 29.44 1.92 41.81
CA PRO D 47 30.18 1.10 40.85
C PRO D 47 30.21 1.71 39.46
N LYS D 48 31.31 1.49 38.78
CA LYS D 48 31.59 2.04 37.47
C LYS D 48 31.61 0.88 36.49
N LEU D 49 30.87 0.99 35.40
CA LEU D 49 30.78 -0.09 34.42
C LEU D 49 31.98 -0.06 33.49
N LEU D 50 32.80 -1.10 33.57
CA LEU D 50 33.99 -1.15 32.72
C LEU D 50 33.75 -1.95 31.46
N ILE D 51 33.37 -3.23 31.63
CA ILE D 51 33.18 -4.16 30.53
C ILE D 51 31.85 -4.88 30.68
N TYR D 52 31.18 -5.12 29.56
CA TYR D 52 29.93 -5.86 29.53
C TYR D 52 29.98 -6.85 28.38
N ASP D 53 29.09 -7.86 28.43
CA ASP D 53 29.08 -8.92 27.42
C ASP D 53 30.49 -9.45 27.24
N ALA D 54 31.13 -9.72 28.39
CA ALA D 54 32.44 -10.34 28.47
C ALA D 54 33.56 -9.47 27.91
N SER D 55 33.38 -8.96 26.68
CA SER D 55 34.49 -8.34 25.97
C SER D 55 34.05 -7.11 25.19
N SER D 56 33.42 -6.18 25.89
CA SER D 56 33.03 -4.90 25.30
C SER D 56 33.22 -3.81 26.34
N LEU D 57 33.96 -2.79 25.97
CA LEU D 57 34.31 -1.73 26.89
C LEU D 57 33.26 -0.64 26.78
N GLU D 58 32.68 -0.26 27.91
CA GLU D 58 31.66 0.78 27.88
C GLU D 58 32.28 2.07 27.34
N SER D 59 31.55 2.73 26.45
CA SER D 59 32.14 3.81 25.67
C SER D 59 32.58 4.95 26.57
N GLY D 60 33.88 5.26 26.53
CA GLY D 60 34.44 6.36 27.28
C GLY D 60 35.25 5.95 28.49
N VAL D 61 35.36 4.67 28.78
CA VAL D 61 36.16 4.22 29.91
C VAL D 61 37.53 3.91 29.32
N PRO D 62 38.62 4.19 30.05
CA PRO D 62 39.95 4.06 29.47
C PRO D 62 40.16 2.73 28.77
N SER D 63 40.81 2.82 27.60
CA SER D 63 41.10 1.68 26.74
C SER D 63 42.22 0.80 27.28
N ARG D 64 42.75 1.12 28.45
CA ARG D 64 43.72 0.25 29.11
C ARG D 64 43.05 -1.01 29.64
N PHE D 65 41.73 -1.01 29.77
CA PHE D 65 41.00 -2.16 30.25
C PHE D 65 40.61 -3.09 29.11
N SER D 66 40.63 -4.40 29.40
CA SER D 66 40.15 -5.37 28.43
C SER D 66 39.57 -6.55 29.19
N GLY D 67 38.60 -7.20 28.56
CA GLY D 67 37.98 -8.39 29.09
C GLY D 67 38.15 -9.52 28.09
N SER D 68 37.92 -10.74 28.57
CA SER D 68 38.08 -11.91 27.73
C SER D 68 37.27 -13.05 28.31
N GLY D 69 37.14 -14.09 27.50
CA GLY D 69 36.55 -15.34 27.95
C GLY D 69 35.12 -15.53 27.45
N SER D 70 34.62 -16.73 27.71
CA SER D 70 33.26 -17.17 27.45
C SER D 70 33.14 -18.56 28.05
N GLY D 71 31.93 -18.89 28.49
CA GLY D 71 31.72 -20.16 29.14
C GLY D 71 31.76 -20.02 30.63
N THR D 72 32.80 -20.52 31.26
CA THR D 72 32.89 -20.44 32.70
C THR D 72 34.08 -19.67 33.21
N GLU D 73 35.07 -19.39 32.37
CA GLU D 73 36.29 -18.71 32.77
C GLU D 73 36.35 -17.35 32.08
N PHE D 74 36.18 -16.30 32.86
CA PHE D 74 36.20 -14.94 32.36
C PHE D 74 37.30 -14.16 33.03
N THR D 75 37.83 -13.17 32.33
CA THR D 75 39.02 -12.50 32.82
C THR D 75 39.02 -11.03 32.48
N LEU D 76 39.36 -10.23 33.48
CA LEU D 76 39.52 -8.79 33.35
C LEU D 76 41.00 -8.45 33.39
N THR D 77 41.50 -7.85 32.30
CA THR D 77 42.91 -7.58 32.16
C THR D 77 43.14 -6.09 31.95
N ILE D 78 44.05 -5.53 32.73
CA ILE D 78 44.48 -4.16 32.54
C ILE D 78 45.88 -4.21 31.98
N SER D 79 46.13 -3.45 30.90
CA SER D 79 47.41 -3.53 30.21
C SER D 79 48.46 -2.64 30.90
N SER D 80 48.09 -1.39 31.18
CA SER D 80 48.97 -0.42 31.82
C SER D 80 48.29 0.08 33.09
N LEU D 81 48.80 -0.35 34.24
CA LEU D 81 48.16 -0.02 35.50
C LEU D 81 48.35 1.46 35.82
N GLN D 82 47.42 2.01 36.57
CA GLN D 82 47.39 3.45 36.82
C GLN D 82 46.97 3.71 38.25
N PRO D 83 47.35 4.87 38.80
CA PRO D 83 46.73 5.30 40.07
C PRO D 83 45.27 5.63 39.90
N ASP D 84 44.85 5.89 38.66
CA ASP D 84 43.45 6.11 38.30
C ASP D 84 42.57 4.96 38.80
N ASP D 85 43.12 3.76 38.86
CA ASP D 85 42.34 2.54 38.90
C ASP D 85 42.28 1.91 40.27
N PHE D 86 43.01 2.44 41.25
CA PHE D 86 43.18 1.69 42.49
C PHE D 86 41.90 1.71 43.30
N ALA D 87 41.20 0.58 43.26
CA ALA D 87 39.87 0.46 43.83
C ALA D 87 39.51 -1.03 43.89
N THR D 88 38.25 -1.31 44.21
CA THR D 88 37.76 -2.67 44.35
C THR D 88 36.98 -3.04 43.08
N TYR D 89 37.23 -4.25 42.56
CA TYR D 89 36.71 -4.70 41.27
C TYR D 89 35.78 -5.90 41.43
N TYR D 90 34.63 -5.85 40.74
CA TYR D 90 33.64 -6.90 40.82
C TYR D 90 33.25 -7.38 39.42
N CYS D 91 33.02 -8.69 39.29
CA CYS D 91 32.44 -9.28 38.09
C CYS D 91 30.99 -9.70 38.36
N GLN D 92 30.20 -9.70 37.28
CA GLN D 92 28.76 -9.95 37.36
C GLN D 92 28.34 -10.88 36.25
N GLN D 93 27.54 -11.88 36.60
CA GLN D 93 26.83 -12.70 35.63
C GLN D 93 25.45 -12.13 35.40
N TYR D 94 25.00 -12.18 34.19
CA TYR D 94 23.60 -11.88 33.94
C TYR D 94 23.17 -12.85 32.87
N ASN D 95 22.93 -14.11 33.27
CA ASN D 95 22.55 -15.05 32.22
C ASN D 95 21.09 -14.95 31.87
N THR D 96 20.23 -14.55 32.81
CA THR D 96 18.81 -14.39 32.52
C THR D 96 18.29 -13.16 33.25
N TYR D 97 17.01 -12.90 33.08
CA TYR D 97 16.40 -11.84 33.86
C TYR D 97 16.40 -12.19 35.34
N SER D 98 16.07 -13.44 35.66
CA SER D 98 15.50 -13.80 36.96
C SER D 98 16.50 -13.67 38.10
N TRP D 99 17.78 -13.81 37.82
CA TRP D 99 18.66 -14.09 38.93
C TRP D 99 20.04 -13.52 38.64
N TRP D 100 20.30 -12.35 39.17
CA TRP D 100 21.61 -11.74 39.06
C TRP D 100 22.40 -11.97 40.34
N THR D 101 23.64 -12.41 40.16
CA THR D 101 24.55 -12.71 41.26
C THR D 101 25.90 -12.16 40.87
N PHE D 102 26.62 -11.62 41.85
CA PHE D 102 27.92 -10.99 41.60
C PHE D 102 29.09 -11.85 42.05
N GLY D 103 30.27 -11.47 41.60
CA GLY D 103 31.46 -11.96 42.24
C GLY D 103 31.61 -11.36 43.62
N GLN D 104 32.47 -11.97 44.43
CA GLN D 104 32.68 -11.43 45.77
C GLN D 104 33.70 -10.31 45.78
N GLY D 105 34.40 -10.08 44.68
CA GLY D 105 35.19 -8.88 44.54
C GLY D 105 36.67 -9.12 44.73
N THR D 106 37.48 -8.38 43.98
CA THR D 106 38.93 -8.38 44.17
C THR D 106 39.41 -6.96 44.40
N LYS D 107 39.83 -6.68 45.63
CA LYS D 107 40.31 -5.36 46.03
C LYS D 107 41.80 -5.26 45.73
N VAL D 108 42.21 -4.14 45.13
CA VAL D 108 43.56 -3.97 44.60
C VAL D 108 44.24 -2.80 45.31
N ASP D 109 45.44 -3.05 45.82
CA ASP D 109 46.29 -2.01 46.39
C ASP D 109 47.57 -1.93 45.55
N ILE D 110 48.57 -1.26 46.11
CA ILE D 110 49.73 -0.85 45.31
C ILE D 110 51.04 -1.26 45.97
N LYS D 111 52.08 -1.23 45.14
CA LYS D 111 53.46 -1.06 45.56
C LYS D 111 54.02 0.17 44.86
N ARG D 112 54.91 0.88 45.54
CA ARG D 112 55.50 2.11 45.05
C ARG D 112 56.68 2.43 45.96
N THR D 113 57.39 3.50 45.64
CA THR D 113 58.51 3.92 46.47
C THR D 113 58.01 4.27 47.86
N VAL D 114 58.67 3.72 48.88
CA VAL D 114 58.28 3.99 50.25
C VAL D 114 58.35 5.49 50.54
N ALA D 115 57.33 5.99 51.24
CA ALA D 115 57.32 7.39 51.67
C ALA D 115 56.74 7.46 53.07
N ALA D 116 57.38 8.24 53.94
CA ALA D 116 57.13 8.26 55.37
C ALA D 116 56.20 9.42 55.77
N PRO D 117 55.62 9.38 56.97
CA PRO D 117 54.59 10.35 57.34
C PRO D 117 55.09 11.63 57.98
N SER D 118 54.33 12.71 57.74
CA SER D 118 54.51 13.97 58.45
C SER D 118 53.65 13.89 59.72
N VAL D 119 54.29 13.68 60.87
CA VAL D 119 53.60 13.36 62.11
C VAL D 119 53.27 14.64 62.87
N PHE D 120 52.02 14.75 63.29
CA PHE D 120 51.56 15.85 64.13
C PHE D 120 50.84 15.27 65.33
N ILE D 121 50.90 15.96 66.46
CA ILE D 121 50.14 15.60 67.64
C ILE D 121 49.20 16.75 67.98
N PHE D 122 47.99 16.41 68.42
CA PHE D 122 46.95 17.40 68.69
C PHE D 122 46.46 17.27 70.12
N PRO D 123 46.46 18.35 70.89
CA PRO D 123 45.96 18.28 72.26
C PRO D 123 44.44 18.24 72.29
N PRO D 124 43.85 17.63 73.32
CA PRO D 124 42.40 17.69 73.46
C PRO D 124 41.97 19.14 73.58
N SER D 125 40.96 19.52 72.81
CA SER D 125 40.55 20.91 72.77
C SER D 125 40.04 21.37 74.14
N ASP D 126 40.09 22.69 74.35
CA ASP D 126 39.58 23.26 75.59
C ASP D 126 38.06 23.09 75.67
N GLU D 127 37.40 23.02 74.52
CA GLU D 127 35.95 22.79 74.51
C GLU D 127 35.58 21.40 75.01
N GLN D 128 36.49 20.45 74.94
CA GLN D 128 36.18 19.04 75.22
C GLN D 128 36.45 18.62 76.66
N LEU D 129 37.48 19.17 77.31
CA LEU D 129 37.78 18.75 78.68
C LEU D 129 36.66 19.11 79.65
N LYS D 130 35.90 20.16 79.35
CA LYS D 130 34.72 20.50 80.13
C LYS D 130 33.55 19.57 79.84
N SER D 131 33.81 18.43 79.21
CA SER D 131 32.79 17.46 78.89
C SER D 131 33.00 16.14 79.62
N GLY D 132 34.08 15.99 80.36
CA GLY D 132 34.35 14.79 81.12
C GLY D 132 35.22 13.79 80.40
N THR D 133 35.66 14.10 79.19
CA THR D 133 36.54 13.20 78.45
C THR D 133 37.43 14.00 77.52
N ALA D 134 38.67 13.56 77.40
CA ALA D 134 39.65 14.18 76.52
C ALA D 134 40.18 13.12 75.58
N SER D 135 40.25 13.46 74.29
CA SER D 135 40.74 12.56 73.26
C SER D 135 41.97 13.17 72.61
N VAL D 136 43.12 12.54 72.80
CA VAL D 136 44.37 13.02 72.23
C VAL D 136 44.58 12.33 70.89
N VAL D 137 44.92 13.11 69.88
CA VAL D 137 44.94 12.66 68.49
C VAL D 137 46.37 12.68 67.97
N CYS D 138 46.79 11.57 67.38
CA CYS D 138 48.07 11.45 66.70
C CYS D 138 47.80 11.19 65.23
N LEU D 139 48.45 11.94 64.35
CA LEU D 139 48.15 11.95 62.93
C LEU D 139 49.39 11.57 62.12
N LEU D 140 49.22 10.60 61.23
CA LEU D 140 50.26 10.19 60.29
C LEU D 140 49.72 10.47 58.90
N ASN D 141 50.16 11.55 58.27
CA ASN D 141 49.59 12.04 57.03
C ASN D 141 50.46 11.62 55.84
N ASN D 142 49.86 10.89 54.90
CA ASN D 142 50.46 10.56 53.61
C ASN D 142 51.71 9.68 53.71
N PHE D 143 51.52 8.38 53.93
CA PHE D 143 52.64 7.46 54.05
C PHE D 143 52.37 6.16 53.31
N TYR D 144 53.43 5.42 53.08
CA TYR D 144 53.40 4.10 52.47
C TYR D 144 54.66 3.37 52.90
N PRO D 145 54.59 2.05 53.16
CA PRO D 145 53.45 1.14 53.02
C PRO D 145 52.40 1.31 54.10
N ARG D 146 51.30 0.57 53.91
CA ARG D 146 50.19 0.63 54.85
C ARG D 146 50.62 0.23 56.25
N GLU D 147 51.59 -0.69 56.35
CA GLU D 147 52.01 -1.19 57.64
C GLU D 147 52.62 -0.04 58.43
N ALA D 148 51.95 0.36 59.51
CA ALA D 148 52.51 1.34 60.43
C ALA D 148 52.18 0.93 61.86
N LYS D 149 53.04 1.31 62.79
CA LYS D 149 52.87 0.98 64.20
C LYS D 149 52.83 2.27 65.01
N VAL D 150 51.82 2.40 65.86
CA VAL D 150 51.63 3.58 66.68
C VAL D 150 51.48 3.15 68.13
N GLN D 151 52.18 3.85 69.04
CA GLN D 151 52.12 3.56 70.46
C GLN D 151 52.05 4.85 71.25
N TRP D 152 51.23 4.86 72.29
CA TRP D 152 51.04 6.03 73.15
C TRP D 152 51.80 5.87 74.46
N LYS D 153 52.32 6.98 74.98
CA LYS D 153 53.03 7.02 76.25
C LYS D 153 52.50 8.14 77.12
N VAL D 154 52.08 7.79 78.33
CA VAL D 154 51.59 8.74 79.32
C VAL D 154 52.56 8.69 80.49
N ASP D 155 53.42 9.71 80.61
CA ASP D 155 54.53 9.74 81.56
C ASP D 155 55.50 8.59 81.30
N ASN D 156 55.77 8.32 80.03
CA ASN D 156 56.63 7.25 79.55
C ASN D 156 56.09 5.86 79.88
N ALA D 157 54.78 5.75 80.08
CA ALA D 157 54.11 4.49 80.36
C ALA D 157 53.19 4.15 79.18
N LEU D 158 53.42 3.00 78.56
CA LEU D 158 52.69 2.59 77.37
C LEU D 158 51.23 2.28 77.69
N GLN D 159 50.30 2.89 76.94
CA GLN D 159 48.89 2.55 77.07
C GLN D 159 48.54 1.35 76.19
N SER D 160 47.44 0.69 76.53
CA SER D 160 46.99 -0.48 75.77
C SER D 160 45.49 -0.64 75.94
N GLY D 161 44.74 -0.38 74.86
CA GLY D 161 43.32 -0.62 74.84
C GLY D 161 42.45 0.58 75.17
N ASN D 162 43.05 1.74 75.41
CA ASN D 162 42.29 2.97 75.63
C ASN D 162 42.50 3.94 74.46
N SER D 163 42.67 3.39 73.26
CA SER D 163 42.91 4.16 72.06
C SER D 163 42.34 3.42 70.86
N GLN D 164 42.07 4.18 69.79
CA GLN D 164 41.42 3.63 68.60
C GLN D 164 42.09 4.14 67.34
N GLU D 165 42.33 3.23 66.40
CA GLU D 165 42.97 3.56 65.14
C GLU D 165 41.95 3.56 64.02
N SER D 166 42.28 4.28 62.96
CA SER D 166 41.49 4.35 61.73
C SER D 166 42.44 4.65 60.59
N VAL D 167 42.37 3.85 59.52
CA VAL D 167 43.29 3.98 58.39
C VAL D 167 42.45 4.17 57.14
N THR D 168 42.58 5.33 56.51
CA THR D 168 41.81 5.55 55.29
C THR D 168 42.36 4.71 54.15
N GLU D 169 41.56 4.60 53.10
CA GLU D 169 41.96 3.82 51.96
C GLU D 169 43.05 4.53 51.17
N GLN D 170 43.71 3.76 50.33
CA GLN D 170 44.78 4.26 49.50
C GLN D 170 44.35 5.49 48.72
N ASP D 171 45.22 6.50 48.71
CA ASP D 171 44.93 7.77 48.05
C ASP D 171 44.92 7.61 46.53
N SER D 172 44.13 8.43 45.87
CA SER D 172 43.97 8.31 44.42
C SER D 172 45.16 8.85 43.63
N LYS D 173 45.86 9.86 44.14
CA LYS D 173 46.95 10.50 43.39
C LYS D 173 48.30 9.90 43.76
N ASP D 174 48.86 10.37 44.87
CA ASP D 174 50.20 9.92 45.28
C ASP D 174 50.18 8.49 45.77
N SER D 175 49.02 8.03 46.23
CA SER D 175 48.82 6.64 46.61
C SER D 175 49.53 6.32 47.92
N THR D 176 49.42 7.23 48.88
CA THR D 176 49.84 6.97 50.24
C THR D 176 48.63 7.00 51.17
N TYR D 177 48.80 6.39 52.33
CA TYR D 177 47.74 6.26 53.30
C TYR D 177 47.78 7.40 54.31
N SER D 178 46.70 7.55 55.07
CA SER D 178 46.67 8.39 56.25
C SER D 178 46.15 7.55 57.41
N LEU D 179 46.31 8.03 58.63
CA LEU D 179 45.98 7.21 59.79
C LEU D 179 45.69 8.13 60.97
N SER D 180 44.61 7.83 61.69
CA SER D 180 44.22 8.65 62.84
C SER D 180 44.02 7.75 64.05
N SER D 181 44.99 7.73 64.95
CA SER D 181 44.88 7.01 66.21
C SER D 181 44.59 8.00 67.33
N THR D 182 43.58 7.69 68.14
CA THR D 182 43.08 8.61 69.15
C THR D 182 43.14 7.98 70.53
N LEU D 183 43.81 8.66 71.47
CA LEU D 183 43.90 8.18 72.84
C LEU D 183 42.74 8.79 73.63
N THR D 184 41.81 7.94 74.08
CA THR D 184 40.61 8.36 74.78
C THR D 184 40.80 8.17 76.27
N LEU D 185 40.68 9.27 77.03
CA LEU D 185 40.77 9.22 78.48
C LEU D 185 39.77 10.21 79.08
N SER D 186 39.44 9.97 80.35
CA SER D 186 38.57 10.87 81.08
C SER D 186 39.35 12.05 81.65
N LYS D 187 38.62 13.12 81.98
CA LYS D 187 39.24 14.34 82.49
C LYS D 187 40.03 14.08 83.77
N ALA D 188 39.64 13.08 84.55
CA ALA D 188 40.34 12.79 85.80
C ALA D 188 41.75 12.27 85.53
N ASP D 189 41.88 11.32 84.61
CA ASP D 189 43.17 10.72 84.32
C ASP D 189 44.07 11.63 83.49
N TYR D 190 43.50 12.57 82.75
CA TYR D 190 44.31 13.43 81.88
C TYR D 190 45.22 14.34 82.70
N GLU D 191 44.67 15.02 83.70
CA GLU D 191 45.45 15.93 84.54
C GLU D 191 46.28 15.22 85.60
N LYS D 192 46.35 13.88 85.58
CA LYS D 192 47.27 13.13 86.44
C LYS D 192 48.67 13.05 85.86
N HIS D 193 48.90 13.54 84.65
CA HIS D 193 50.16 13.30 83.96
C HIS D 193 50.50 14.52 83.12
N LYS D 194 51.77 14.59 82.71
CA LYS D 194 52.35 15.78 82.08
C LYS D 194 52.73 15.59 80.62
N VAL D 195 53.50 14.54 80.32
CA VAL D 195 54.10 14.35 79.01
C VAL D 195 53.26 13.37 78.20
N TYR D 196 52.62 13.86 77.13
CA TYR D 196 51.87 13.03 76.20
C TYR D 196 52.59 13.00 74.85
N ALA D 197 52.74 11.80 74.30
CA ALA D 197 53.49 11.63 73.07
C ALA D 197 53.10 10.31 72.41
N CYS D 198 53.26 10.25 71.09
CA CYS D 198 53.05 9.04 70.31
C CYS D 198 54.28 8.73 69.46
N GLU D 199 54.79 7.51 69.57
CA GLU D 199 55.93 7.06 68.77
C GLU D 199 55.41 6.46 67.47
N VAL D 200 55.87 7.02 66.36
CA VAL D 200 55.52 6.55 65.01
C VAL D 200 56.72 5.78 64.47
N THR D 201 56.60 4.46 64.37
CA THR D 201 57.63 3.62 63.77
C THR D 201 57.15 3.19 62.39
N HIS D 202 58.06 3.23 61.41
CA HIS D 202 57.66 3.03 60.03
C HIS D 202 58.83 2.43 59.25
N GLN D 203 58.49 1.76 58.16
CA GLN D 203 59.51 1.18 57.28
C GLN D 203 60.37 2.27 56.65
N GLY D 204 59.76 3.39 56.30
CA GLY D 204 60.48 4.50 55.67
C GLY D 204 61.10 5.49 56.62
N LEU D 205 61.13 5.20 57.92
CA LEU D 205 61.72 6.09 58.91
C LEU D 205 63.04 5.53 59.42
N SER D 206 64.03 6.42 59.58
CA SER D 206 65.33 6.00 60.08
C SER D 206 65.24 5.47 61.50
N SER D 207 64.32 6.01 62.31
CA SER D 207 64.17 5.60 63.71
C SER D 207 62.81 6.05 64.20
N PRO D 208 62.35 5.52 65.34
CA PRO D 208 61.11 6.01 65.95
C PRO D 208 61.13 7.51 66.13
N VAL D 209 60.05 8.16 65.73
CA VAL D 209 59.94 9.61 65.80
C VAL D 209 58.78 9.95 66.73
N THR D 210 59.00 10.92 67.61
CA THR D 210 58.03 11.27 68.65
C THR D 210 57.73 12.75 68.57
N LYS D 211 56.47 13.09 68.41
CA LYS D 211 55.98 14.46 68.53
C LYS D 211 55.18 14.54 69.82
N SER D 212 55.46 15.54 70.64
CA SER D 212 54.95 15.57 72.01
C SER D 212 54.43 16.97 72.35
N PHE D 213 53.60 16.99 73.39
CA PHE D 213 53.16 18.24 74.00
C PHE D 213 52.99 17.97 75.49
N ASN D 214 52.81 19.04 76.26
CA ASN D 214 52.61 18.95 77.69
C ASN D 214 51.20 19.42 78.07
N ARG D 215 50.72 18.96 79.23
CA ARG D 215 49.33 19.12 79.65
C ARG D 215 48.89 20.58 79.72
N GLY D 216 49.33 21.30 80.75
CA GLY D 216 48.90 22.66 80.94
C GLY D 216 49.41 23.61 79.87
N GLU D 217 50.41 23.18 79.11
CA GLU D 217 51.03 24.06 78.13
C GLU D 217 50.16 24.23 76.89
N CYS D 218 50.29 23.33 75.92
CA CYS D 218 49.58 23.46 74.67
C CYS D 218 48.53 22.36 74.53
N GLN E 1 -11.72 -27.71 -26.76
CA GLN E 1 -11.52 -28.33 -25.45
C GLN E 1 -10.67 -29.58 -25.55
N ASN E 2 -9.59 -29.58 -24.77
CA ASN E 2 -8.68 -30.69 -24.61
C ASN E 2 -9.01 -31.54 -23.40
N ILE E 3 -9.26 -30.89 -22.28
CA ILE E 3 -9.37 -31.54 -20.98
C ILE E 3 -10.69 -32.28 -20.85
N THR E 4 -10.63 -33.50 -20.31
CA THR E 4 -11.80 -34.34 -20.12
C THR E 4 -11.72 -35.04 -18.77
N GLU E 5 -12.83 -35.70 -18.41
CA GLU E 5 -12.91 -36.48 -17.19
C GLU E 5 -13.36 -37.93 -17.45
N GLU E 6 -12.73 -38.87 -16.74
CA GLU E 6 -13.11 -40.28 -16.70
C GLU E 6 -13.48 -40.65 -15.29
N PHE E 7 -14.51 -41.47 -15.14
CA PHE E 7 -14.98 -41.89 -13.84
C PHE E 7 -14.89 -43.40 -13.75
N TYR E 8 -14.27 -43.88 -12.69
CA TYR E 8 -14.10 -45.31 -12.50
C TYR E 8 -14.94 -45.70 -11.30
N GLN E 9 -15.92 -46.57 -11.55
CA GLN E 9 -16.79 -47.06 -10.50
C GLN E 9 -16.08 -48.14 -9.72
N SER E 10 -15.09 -48.76 -10.33
CA SER E 10 -14.32 -49.80 -9.67
C SER E 10 -13.71 -49.28 -8.38
N THR E 11 -13.12 -48.09 -8.43
CA THR E 11 -12.46 -47.44 -7.31
C THR E 11 -13.22 -46.26 -6.73
N CYS E 12 -14.31 -45.86 -7.39
CA CYS E 12 -15.08 -44.67 -7.04
C CYS E 12 -14.14 -43.48 -6.94
N SER E 13 -13.51 -43.20 -8.08
CA SER E 13 -12.64 -42.07 -8.23
C SER E 13 -12.79 -41.52 -9.64
N ALA E 14 -12.32 -40.28 -9.83
CA ALA E 14 -12.38 -39.63 -11.14
C ALA E 14 -11.06 -38.97 -11.49
N VAL E 15 -10.57 -39.26 -12.67
CA VAL E 15 -9.35 -38.65 -13.18
C VAL E 15 -9.72 -37.45 -14.05
N SER E 16 -8.80 -36.49 -14.18
CA SER E 16 -9.00 -35.34 -15.06
C SER E 16 -7.84 -35.34 -16.04
N LYS E 17 -8.08 -35.90 -17.21
CA LYS E 17 -6.99 -36.03 -18.17
C LYS E 17 -6.91 -34.80 -19.07
N GLY E 18 -5.72 -34.59 -19.64
CA GLY E 18 -5.55 -33.60 -20.68
C GLY E 18 -4.82 -32.35 -20.23
N TYR E 19 -3.80 -32.49 -19.39
CA TYR E 19 -3.00 -31.34 -18.94
C TYR E 19 -1.56 -31.46 -19.40
N LEU E 20 -1.05 -30.35 -19.91
CA LEU E 20 0.35 -30.15 -20.24
C LEU E 20 1.06 -29.42 -19.10
N SER E 21 2.32 -29.76 -18.89
CA SER E 21 2.95 -29.38 -17.64
C SER E 21 4.23 -28.59 -17.80
N ALA E 22 4.61 -27.97 -16.68
CA ALA E 22 5.92 -27.35 -16.51
C ALA E 22 6.33 -27.62 -15.06
N LEU E 23 7.38 -28.42 -14.88
CA LEU E 23 7.85 -28.82 -13.55
C LEU E 23 9.11 -28.04 -13.18
N ARG E 24 9.00 -27.18 -12.18
CA ARG E 24 10.13 -26.34 -11.77
C ARG E 24 11.26 -27.15 -11.15
N THR E 25 12.46 -27.06 -11.75
CA THR E 25 13.60 -27.84 -11.29
C THR E 25 14.79 -26.97 -10.93
N GLY E 26 14.58 -25.69 -10.62
CA GLY E 26 15.71 -24.83 -10.32
C GLY E 26 15.27 -23.39 -10.31
N TRP E 27 16.23 -22.50 -10.02
CA TRP E 27 15.93 -21.09 -9.90
C TRP E 27 16.83 -20.27 -10.80
N TYR E 28 16.29 -19.13 -11.24
CA TYR E 28 17.03 -18.18 -12.05
C TYR E 28 16.93 -16.85 -11.32
N THR E 29 18.06 -16.31 -10.89
CA THR E 29 18.07 -15.07 -10.16
C THR E 29 18.55 -13.91 -11.02
N SER E 30 18.21 -12.72 -10.57
CA SER E 30 18.54 -11.50 -11.27
C SER E 30 18.60 -10.42 -10.19
N VAL E 31 19.59 -9.54 -10.32
CA VAL E 31 19.81 -8.49 -9.35
C VAL E 31 19.36 -7.20 -10.01
N ILE E 32 18.24 -6.70 -9.56
CA ILE E 32 17.71 -5.43 -10.02
C ILE E 32 18.08 -4.36 -9.01
N THR E 33 18.68 -3.28 -9.49
CA THR E 33 18.99 -2.15 -8.64
C THR E 33 18.11 -0.98 -9.09
N ILE E 34 17.88 -0.03 -8.19
CA ILE E 34 17.15 1.19 -8.54
C ILE E 34 17.66 2.33 -7.68
N GLU E 35 17.67 3.52 -8.27
CA GLU E 35 18.22 4.71 -7.65
C GLU E 35 17.12 5.69 -7.28
N LEU E 36 17.44 6.49 -6.27
CA LEU E 36 16.53 7.49 -5.73
C LEU E 36 16.73 8.80 -6.49
N SER E 37 15.66 9.30 -7.10
CA SER E 37 15.65 10.66 -7.61
C SER E 37 15.59 11.62 -6.43
N ASN E 38 16.76 12.05 -5.96
CA ASN E 38 16.87 12.74 -4.70
C ASN E 38 16.45 14.20 -4.84
N ILE E 39 15.80 14.70 -3.80
CA ILE E 39 15.42 16.10 -3.73
C ILE E 39 16.39 16.85 -2.84
N LYS E 40 16.81 18.02 -3.32
CA LYS E 40 17.65 18.94 -2.57
C LYS E 40 16.74 19.96 -1.91
N GLU E 41 16.88 20.15 -0.60
CA GLU E 41 16.05 21.14 0.05
C GLU E 41 16.23 22.47 -0.68
N ASN E 42 15.12 23.12 -0.94
CA ASN E 42 15.12 24.42 -1.57
C ASN E 42 15.07 25.48 -0.47
N LYS E 43 16.10 26.29 -0.37
CA LYS E 43 16.26 27.23 0.72
C LYS E 43 15.69 28.58 0.31
N CYS E 44 14.78 29.05 1.17
CA CYS E 44 13.77 30.09 1.08
C CYS E 44 12.66 29.75 2.05
N ASN E 45 11.72 30.67 2.24
CA ASN E 45 10.67 30.52 3.23
C ASN E 45 9.35 30.36 2.52
N GLY E 46 8.44 29.58 3.10
CA GLY E 46 7.09 29.47 2.55
C GLY E 46 6.06 30.32 3.25
N THR E 47 4.79 29.98 2.97
CA THR E 47 3.68 30.72 3.55
C THR E 47 3.72 30.58 5.05
N ASP E 48 4.02 29.39 5.52
CA ASP E 48 4.15 29.09 6.94
C ASP E 48 5.55 28.61 7.17
N ALA E 49 6.32 29.34 7.98
CA ALA E 49 7.71 28.95 8.16
C ALA E 49 7.81 27.68 8.99
N LYS E 50 6.85 27.45 9.89
CA LYS E 50 6.85 26.25 10.71
C LYS E 50 6.57 24.94 9.91
N VAL E 51 6.61 24.95 8.58
CA VAL E 51 6.23 23.80 7.76
C VAL E 51 7.32 23.54 6.74
N LYS E 52 8.01 22.42 6.87
CA LYS E 52 9.11 22.04 5.97
C LYS E 52 8.77 20.71 5.31
N LEU E 53 7.86 20.75 4.33
CA LEU E 53 7.42 19.54 3.65
C LEU E 53 8.59 18.71 3.17
N ILE E 54 9.53 19.34 2.48
CA ILE E 54 10.61 18.62 1.85
C ILE E 54 11.47 17.91 2.87
N LYS E 55 11.71 18.55 4.01
CA LYS E 55 12.56 17.89 4.98
C LYS E 55 11.80 16.72 5.58
N GLN E 56 10.57 16.95 6.05
CA GLN E 56 9.81 15.85 6.64
C GLN E 56 9.57 14.73 5.64
N GLU E 57 9.41 15.07 4.36
CA GLU E 57 9.10 14.04 3.39
C GLU E 57 10.34 13.19 3.16
N LEU E 58 11.52 13.77 3.40
CA LEU E 58 12.73 12.98 3.30
C LEU E 58 12.88 12.17 4.58
N ASP E 59 12.66 12.79 5.74
CA ASP E 59 12.79 12.01 6.96
C ASP E 59 11.76 10.90 6.98
N LYS E 60 10.61 11.09 6.32
CA LYS E 60 9.68 9.99 6.18
C LYS E 60 10.33 8.84 5.41
N TYR E 61 11.06 9.17 4.36
CA TYR E 61 11.80 8.18 3.59
C TYR E 61 13.02 7.67 4.32
N LYS E 62 14.01 8.54 4.53
CA LYS E 62 15.19 8.18 5.30
C LYS E 62 14.85 7.21 6.42
N ASN E 63 13.87 7.57 7.25
CA ASN E 63 13.60 6.71 8.38
C ASN E 63 13.02 5.37 7.96
N ALA E 64 12.25 5.35 6.87
CA ALA E 64 11.79 4.07 6.33
C ALA E 64 12.98 3.23 5.87
N VAL E 65 13.84 3.83 5.06
CA VAL E 65 15.04 3.13 4.61
C VAL E 65 15.81 2.62 5.82
N THR E 66 15.95 3.44 6.85
CA THR E 66 16.66 3.01 8.05
C THR E 66 15.99 1.78 8.65
N GLU E 67 14.67 1.78 8.75
CA GLU E 67 14.01 0.62 9.34
C GLU E 67 14.22 -0.64 8.53
N LEU E 68 14.54 -0.53 7.24
CA LEU E 68 14.85 -1.73 6.47
C LEU E 68 16.29 -2.11 6.67
N GLN E 69 17.16 -1.14 6.86
CA GLN E 69 18.55 -1.47 7.04
C GLN E 69 18.76 -2.25 8.33
N LEU E 70 17.72 -2.39 9.14
CA LEU E 70 17.85 -3.06 10.41
C LEU E 70 17.38 -4.48 10.35
N LEU E 71 16.76 -4.87 9.24
CA LEU E 71 16.28 -6.23 9.05
C LEU E 71 17.33 -7.17 8.46
N MET E 72 18.16 -6.67 7.57
CA MET E 72 19.28 -7.47 7.11
C MET E 72 20.31 -7.65 8.22
N GLN E 73 20.87 -8.86 8.30
CA GLN E 73 21.97 -9.20 9.22
C GLN E 73 22.89 -10.27 8.63
N ALA F 1 -1.81 114.92 -3.64
CA ALA F 1 -1.21 113.78 -4.32
C ALA F 1 -1.55 113.75 -5.84
N ILE F 2 -2.47 114.64 -6.25
CA ILE F 2 -2.92 114.80 -7.64
C ILE F 2 -2.97 116.29 -7.99
N ALA F 3 -3.17 116.58 -9.28
CA ALA F 3 -3.44 117.96 -9.74
C ALA F 3 -4.27 117.92 -11.01
N SER F 4 -5.44 118.59 -10.98
CA SER F 4 -6.49 118.51 -12.01
C SER F 4 -6.48 119.67 -13.04
N GLY F 5 -7.17 119.51 -14.18
CA GLY F 5 -7.85 118.29 -14.59
C GLY F 5 -6.98 117.45 -15.50
N VAL F 6 -5.66 117.61 -15.31
CA VAL F 6 -4.61 116.84 -15.98
C VAL F 6 -4.65 115.43 -15.42
N ALA F 7 -5.58 114.60 -15.94
CA ALA F 7 -5.83 113.23 -15.50
C ALA F 7 -5.63 113.02 -14.01
N VAL F 8 -6.43 113.71 -13.20
CA VAL F 8 -6.39 113.47 -11.78
C VAL F 8 -6.81 112.03 -11.52
N SER F 9 -7.98 111.69 -12.05
CA SER F 9 -8.65 110.42 -11.84
C SER F 9 -7.94 109.26 -12.53
N LYS F 10 -7.39 109.48 -13.73
CA LYS F 10 -6.75 108.38 -14.44
C LYS F 10 -5.45 107.93 -13.78
N VAL F 11 -4.80 108.79 -13.02
CA VAL F 11 -3.58 108.34 -12.35
C VAL F 11 -4.00 107.64 -11.08
N LEU F 12 -5.11 108.08 -10.50
CA LEU F 12 -5.58 107.42 -9.31
C LEU F 12 -6.18 106.06 -9.64
N HIS F 13 -6.79 105.92 -10.81
CA HIS F 13 -7.39 104.64 -11.14
C HIS F 13 -6.31 103.58 -11.40
N LEU F 14 -5.26 103.92 -12.15
CA LEU F 14 -4.20 102.93 -12.39
C LEU F 14 -3.45 102.63 -11.11
N GLU F 15 -3.45 103.58 -10.20
CA GLU F 15 -2.88 103.38 -8.90
C GLU F 15 -3.71 102.38 -8.13
N GLY F 16 -4.96 102.23 -8.52
CA GLY F 16 -5.93 101.27 -8.01
C GLY F 16 -5.72 99.92 -8.66
N GLU F 17 -5.50 99.95 -9.97
CA GLU F 17 -5.30 98.73 -10.73
C GLU F 17 -4.16 97.93 -10.15
N VAL F 18 -3.17 98.63 -9.62
CA VAL F 18 -1.98 97.98 -9.11
C VAL F 18 -2.28 97.40 -7.76
N ASN F 19 -3.25 97.94 -7.04
CA ASN F 19 -3.59 97.31 -5.78
C ASN F 19 -4.43 96.08 -5.95
N LYS F 20 -5.19 95.94 -7.03
CA LYS F 20 -5.88 94.68 -7.18
C LYS F 20 -4.95 93.62 -7.75
N ILE F 21 -4.12 94.02 -8.71
CA ILE F 21 -3.21 93.05 -9.30
C ILE F 21 -2.23 92.58 -8.28
N LYS F 22 -2.03 93.34 -7.21
CA LYS F 22 -1.10 92.91 -6.20
C LYS F 22 -1.79 91.90 -5.29
N SER F 23 -3.05 92.14 -4.95
CA SER F 23 -3.79 91.15 -4.18
C SER F 23 -4.13 89.95 -5.04
N ALA F 24 -4.31 90.19 -6.35
CA ALA F 24 -4.63 89.10 -7.28
C ALA F 24 -3.52 88.07 -7.27
N LEU F 25 -2.27 88.52 -7.48
CA LEU F 25 -1.15 87.60 -7.52
C LEU F 25 -0.95 86.98 -6.15
N LEU F 26 -1.44 87.64 -5.11
CA LEU F 26 -1.38 87.07 -3.78
C LEU F 26 -2.31 85.88 -3.67
N SER F 27 -3.51 85.96 -4.22
CA SER F 27 -4.39 84.78 -4.19
C SER F 27 -3.84 83.71 -5.10
N THR F 28 -3.32 84.09 -6.27
CA THR F 28 -2.77 83.07 -7.15
C THR F 28 -1.70 82.28 -6.44
N ASN F 29 -0.79 82.99 -5.76
CA ASN F 29 0.21 82.34 -4.95
C ASN F 29 -0.41 81.38 -3.95
N LYS F 30 -1.48 81.78 -3.30
CA LYS F 30 -2.05 80.91 -2.27
C LYS F 30 -2.56 79.61 -2.86
N ALA F 31 -2.98 79.61 -4.13
CA ALA F 31 -3.38 78.37 -4.77
C ALA F 31 -2.19 77.47 -5.03
N VAL F 32 -1.11 78.04 -5.54
CA VAL F 32 0.08 77.26 -5.84
C VAL F 32 0.70 76.72 -4.57
N VAL F 33 0.33 77.24 -3.43
CA VAL F 33 0.83 76.62 -2.21
C VAL F 33 -0.05 75.46 -1.83
N SER F 34 -1.36 75.59 -1.99
CA SER F 34 -2.24 74.46 -1.70
C SER F 34 -2.01 73.30 -2.66
N LEU F 35 -2.06 73.57 -3.98
CA LEU F 35 -1.80 72.49 -4.91
C LEU F 35 -0.46 71.83 -4.63
N SER F 36 0.46 72.57 -4.04
CA SER F 36 1.79 72.02 -3.74
C SER F 36 1.78 71.27 -2.43
N ASN F 37 0.99 71.71 -1.47
CA ASN F 37 0.89 70.91 -0.26
C ASN F 37 0.06 69.71 -0.60
N GLY F 38 -0.83 69.85 -1.57
CA GLY F 38 -1.61 68.71 -2.01
C GLY F 38 -0.80 67.67 -2.73
N VAL F 39 -0.04 68.09 -3.75
CA VAL F 39 0.83 67.16 -4.46
C VAL F 39 1.87 66.58 -3.51
N SER F 40 2.14 67.24 -2.40
CA SER F 40 3.12 66.69 -1.48
C SER F 40 2.51 65.50 -0.78
N VAL F 41 1.26 65.63 -0.34
CA VAL F 41 0.61 64.53 0.35
C VAL F 41 0.22 63.43 -0.62
N LEU F 42 -0.06 63.76 -1.87
CA LEU F 42 -0.32 62.69 -2.84
C LEU F 42 0.95 61.90 -3.05
N THR F 43 2.07 62.61 -3.24
CA THR F 43 3.34 61.93 -3.36
C THR F 43 3.58 61.03 -2.16
N SER F 44 3.41 61.55 -0.96
CA SER F 44 3.55 60.70 0.23
C SER F 44 2.75 59.40 0.11
N LYS F 45 1.53 59.47 -0.41
CA LYS F 45 0.73 58.25 -0.51
C LYS F 45 1.22 57.33 -1.62
N VAL F 46 1.56 57.90 -2.79
CA VAL F 46 2.11 57.08 -3.87
C VAL F 46 3.38 56.37 -3.41
N LEU F 47 3.95 56.80 -2.31
CA LEU F 47 5.13 56.16 -1.77
C LEU F 47 4.69 55.03 -0.88
N ASP F 48 3.63 55.27 -0.10
CA ASP F 48 3.07 54.23 0.76
C ASP F 48 2.41 53.13 -0.07
N LEU F 49 2.09 53.39 -1.34
CA LEU F 49 1.60 52.31 -2.18
C LEU F 49 2.76 51.50 -2.72
N LYS F 50 3.90 52.15 -2.92
CA LYS F 50 5.09 51.44 -3.32
C LYS F 50 5.68 50.74 -2.12
N ASN F 51 5.48 51.27 -0.94
CA ASN F 51 6.03 50.60 0.22
C ASN F 51 5.12 49.51 0.73
N TYR F 52 3.85 49.51 0.33
CA TYR F 52 3.03 48.37 0.68
C TYR F 52 3.26 47.24 -0.30
N ILE F 53 3.33 47.57 -1.59
CA ILE F 53 3.60 46.53 -2.57
C ILE F 53 4.93 45.88 -2.27
N ASP F 54 5.92 46.68 -1.95
CA ASP F 54 7.25 46.11 -1.90
C ASP F 54 7.52 45.48 -0.54
N LYS F 55 7.16 46.11 0.56
CA LYS F 55 7.48 45.53 1.86
C LYS F 55 6.39 44.61 2.42
N GLN F 56 5.15 44.67 1.92
CA GLN F 56 4.07 43.85 2.45
C GLN F 56 3.63 42.74 1.50
N LEU F 57 3.26 43.06 0.26
CA LEU F 57 2.60 42.09 -0.59
C LEU F 57 3.58 41.29 -1.44
N LEU F 58 4.73 41.82 -1.71
CA LEU F 58 5.67 41.01 -2.45
C LEU F 58 6.33 39.97 -1.55
N PRO F 59 6.63 40.28 -0.29
CA PRO F 59 7.09 39.20 0.61
C PRO F 59 6.14 38.04 0.71
N ILE F 60 4.85 38.26 0.56
CA ILE F 60 3.91 37.15 0.72
C ILE F 60 3.73 36.42 -0.59
N VAL F 61 3.67 37.15 -1.70
CA VAL F 61 3.61 36.46 -2.98
C VAL F 61 4.86 35.62 -3.15
N ASN F 62 5.99 36.09 -2.64
CA ASN F 62 7.17 35.28 -2.85
C ASN F 62 7.19 34.14 -1.84
N LYS F 63 6.79 34.40 -0.59
CA LYS F 63 6.59 33.32 0.36
C LYS F 63 5.63 32.28 -0.22
N GLN F 64 4.66 32.74 -1.02
CA GLN F 64 3.74 31.81 -1.66
C GLN F 64 4.46 31.08 -2.77
N SER F 65 5.33 31.78 -3.49
CA SER F 65 6.03 31.15 -4.60
C SER F 65 6.98 30.07 -4.11
N CYS F 66 7.25 30.01 -2.80
CA CYS F 66 8.14 29.01 -2.20
C CYS F 66 7.35 27.82 -1.68
N SER F 67 6.22 28.04 -1.01
CA SER F 67 5.37 26.92 -0.62
C SER F 67 4.99 26.11 -1.86
N ILE F 68 4.73 26.81 -2.96
CA ILE F 68 4.26 26.13 -4.15
C ILE F 68 5.42 25.43 -4.82
N SER F 69 6.65 25.85 -4.55
CA SER F 69 7.71 25.07 -5.15
C SER F 69 7.97 23.81 -4.35
N ASN F 70 8.03 23.93 -3.02
CA ASN F 70 8.13 22.75 -2.17
C ASN F 70 7.02 21.74 -2.47
N ILE F 71 5.77 22.20 -2.53
CA ILE F 71 4.66 21.26 -2.77
C ILE F 71 4.85 20.57 -4.10
N GLU F 72 4.92 21.34 -5.18
CA GLU F 72 5.10 20.79 -6.52
C GLU F 72 6.23 19.76 -6.55
N THR F 73 7.18 19.87 -5.62
CA THR F 73 8.31 18.97 -5.57
C THR F 73 7.97 17.70 -4.79
N VAL F 74 7.30 17.83 -3.64
CA VAL F 74 6.95 16.66 -2.86
C VAL F 74 6.04 15.77 -3.67
N ILE F 75 5.20 16.37 -4.50
CA ILE F 75 4.44 15.56 -5.43
C ILE F 75 5.40 14.87 -6.38
N GLU F 76 6.22 15.66 -7.05
CA GLU F 76 7.11 15.11 -8.05
C GLU F 76 8.12 14.16 -7.45
N PHE F 77 8.24 14.10 -6.13
CA PHE F 77 9.12 13.11 -5.51
C PHE F 77 8.37 11.83 -5.31
N GLN F 78 7.13 11.93 -4.85
CA GLN F 78 6.30 10.75 -4.73
C GLN F 78 5.90 10.22 -6.08
N GLN F 79 6.28 10.92 -7.15
CA GLN F 79 5.78 10.65 -8.48
C GLN F 79 6.83 10.07 -9.39
N LYS F 80 8.08 10.51 -9.24
CA LYS F 80 9.16 10.00 -10.07
C LYS F 80 9.77 8.76 -9.43
N ASN F 81 9.88 8.77 -8.11
CA ASN F 81 10.27 7.57 -7.37
C ASN F 81 9.10 6.67 -7.04
N ASN F 82 8.07 6.65 -7.89
CA ASN F 82 6.90 5.83 -7.63
C ASN F 82 7.26 4.38 -7.53
N ARG F 83 8.10 3.92 -8.44
CA ARG F 83 8.44 2.52 -8.44
C ARG F 83 9.18 2.22 -7.15
N LEU F 84 10.19 3.04 -6.83
CA LEU F 84 10.94 2.79 -5.61
C LEU F 84 10.03 2.78 -4.40
N LEU F 85 9.20 3.80 -4.27
CA LEU F 85 8.44 3.92 -3.05
C LEU F 85 7.48 2.77 -2.85
N GLU F 86 6.89 2.23 -3.91
CA GLU F 86 6.05 1.04 -3.74
C GLU F 86 6.86 -0.15 -3.25
N ILE F 87 7.90 -0.51 -4.01
CA ILE F 87 8.78 -1.61 -3.62
C ILE F 87 9.12 -1.50 -2.14
N THR F 88 9.79 -0.41 -1.78
CA THR F 88 10.23 -0.23 -0.41
C THR F 88 9.09 -0.34 0.57
N ARG F 89 7.85 -0.15 0.12
CA ARG F 89 6.73 -0.41 1.02
C ARG F 89 6.50 -1.91 1.19
N GLU F 90 6.33 -2.64 0.08
CA GLU F 90 5.97 -4.04 0.27
C GLU F 90 7.14 -4.86 0.77
N PHE F 91 8.34 -4.29 0.82
CA PHE F 91 9.43 -4.96 1.49
C PHE F 91 9.30 -4.72 2.97
N SER F 92 8.88 -3.52 3.32
CA SER F 92 8.56 -3.21 4.69
C SER F 92 7.46 -4.09 5.21
N VAL F 93 6.57 -4.53 4.35
CA VAL F 93 5.38 -5.21 4.83
C VAL F 93 5.62 -6.71 4.89
N ASN F 94 6.54 -7.24 4.11
CA ASN F 94 6.87 -8.65 4.21
C ASN F 94 8.22 -8.87 4.90
N ALA F 95 8.82 -7.80 5.44
CA ALA F 95 10.12 -7.88 6.10
C ALA F 95 11.18 -8.50 5.20
N GLY F 96 11.18 -8.13 3.94
CA GLY F 96 12.33 -8.39 3.10
C GLY F 96 12.15 -9.51 2.11
N VAL F 97 11.07 -10.27 2.19
CA VAL F 97 10.85 -11.32 1.22
C VAL F 97 9.40 -11.30 0.81
N THR F 98 9.13 -11.01 -0.46
CA THR F 98 7.77 -10.86 -0.92
C THR F 98 7.43 -11.87 -2.01
N THR F 99 6.19 -12.33 -1.97
CA THR F 99 5.60 -13.20 -2.94
C THR F 99 4.16 -12.81 -3.14
N PRO F 100 3.74 -12.67 -4.39
CA PRO F 100 4.51 -12.91 -5.59
C PRO F 100 5.27 -11.67 -6.00
N VAL F 101 5.86 -11.77 -7.19
CA VAL F 101 6.68 -10.73 -7.78
C VAL F 101 5.77 -9.68 -8.41
N SER F 102 5.59 -8.57 -7.70
CA SER F 102 4.68 -7.52 -8.09
C SER F 102 5.12 -6.82 -9.37
N THR F 103 4.17 -6.15 -10.01
CA THR F 103 4.48 -5.37 -11.20
C THR F 103 5.24 -4.20 -10.89
N TYR F 104 5.63 -4.03 -9.65
CA TYR F 104 6.51 -2.94 -9.29
C TYR F 104 7.92 -3.45 -9.23
N MET F 105 8.07 -4.68 -8.78
CA MET F 105 9.38 -5.27 -8.63
C MET F 105 9.94 -5.64 -9.99
N LEU F 106 9.08 -6.02 -10.93
CA LEU F 106 9.48 -6.51 -12.24
C LEU F 106 8.39 -6.17 -13.23
N THR F 107 8.70 -5.22 -14.08
CA THR F 107 7.74 -4.79 -15.07
C THR F 107 7.63 -5.85 -16.14
N ASN F 108 6.72 -5.63 -17.08
CA ASN F 108 6.51 -6.62 -18.10
C ASN F 108 7.65 -6.55 -19.10
N SER F 109 8.11 -5.33 -19.39
CA SER F 109 9.30 -5.12 -20.21
C SER F 109 10.49 -5.88 -19.66
N GLU F 110 10.68 -5.84 -18.34
CA GLU F 110 11.85 -6.43 -17.68
C GLU F 110 11.74 -7.94 -17.54
N LEU F 111 10.53 -8.47 -17.45
CA LEU F 111 10.37 -9.91 -17.33
C LEU F 111 10.72 -10.57 -18.64
N LEU F 112 10.28 -9.98 -19.75
CA LEU F 112 10.63 -10.55 -21.03
C LEU F 112 12.11 -10.36 -21.32
N SER F 113 12.73 -9.33 -20.75
CA SER F 113 14.16 -9.19 -20.93
C SER F 113 14.89 -10.31 -20.20
N LEU F 114 14.34 -10.77 -19.08
CA LEU F 114 15.00 -11.82 -18.31
C LEU F 114 14.67 -13.19 -18.85
N ILE F 115 13.54 -13.32 -19.54
CA ILE F 115 13.12 -14.60 -20.05
C ILE F 115 13.97 -14.95 -21.26
N ASN F 116 14.23 -13.95 -22.09
CA ASN F 116 15.10 -14.24 -23.22
C ASN F 116 16.53 -14.50 -22.80
N ASP F 117 16.85 -14.36 -21.51
CA ASP F 117 18.20 -14.63 -21.03
C ASP F 117 18.25 -15.89 -20.21
N MET F 118 17.12 -16.57 -20.01
CA MET F 118 17.15 -17.83 -19.26
C MET F 118 17.66 -18.96 -20.17
N PRO F 119 18.57 -19.78 -19.65
CA PRO F 119 19.10 -20.88 -20.47
C PRO F 119 18.02 -21.94 -20.70
N ILE F 120 17.01 -21.63 -21.50
CA ILE F 120 15.96 -22.60 -21.74
C ILE F 120 15.53 -22.54 -23.20
N THR F 121 14.55 -23.39 -23.50
CA THR F 121 14.10 -23.58 -24.85
C THR F 121 12.98 -22.64 -25.18
N ASN F 122 12.83 -22.37 -26.47
CA ASN F 122 11.75 -21.54 -26.98
C ASN F 122 10.40 -21.98 -26.46
N ASP F 123 10.27 -23.24 -26.03
CA ASP F 123 8.97 -23.72 -25.59
C ASP F 123 8.77 -23.32 -24.15
N GLN F 124 9.85 -23.22 -23.39
CA GLN F 124 9.69 -22.68 -22.06
C GLN F 124 9.53 -21.16 -22.15
N LYS F 125 10.41 -20.52 -22.93
CA LYS F 125 10.29 -19.09 -23.16
C LYS F 125 8.90 -18.70 -23.63
N LYS F 126 8.26 -19.56 -24.40
CA LYS F 126 6.96 -19.16 -24.93
C LYS F 126 5.87 -19.52 -23.96
N LEU F 127 6.12 -20.51 -23.12
CA LEU F 127 5.10 -20.91 -22.16
C LEU F 127 5.09 -19.95 -20.98
N MET F 128 6.26 -19.40 -20.62
CA MET F 128 6.24 -18.52 -19.48
C MET F 128 5.71 -17.16 -19.90
N SER F 129 6.04 -16.77 -21.13
CA SER F 129 5.56 -15.53 -21.72
C SER F 129 4.05 -15.51 -21.82
N ASN F 130 3.43 -16.68 -21.82
CA ASN F 130 2.01 -16.78 -22.00
C ASN F 130 1.34 -17.18 -20.70
N ASN F 131 2.11 -17.25 -19.62
CA ASN F 131 1.55 -17.38 -18.28
C ASN F 131 2.37 -16.53 -17.32
N VAL F 132 2.41 -15.23 -17.54
CA VAL F 132 3.17 -14.39 -16.61
C VAL F 132 2.51 -14.34 -15.26
N GLN F 133 1.19 -14.50 -15.23
CA GLN F 133 0.48 -14.51 -13.97
C GLN F 133 0.98 -15.63 -13.09
N ILE F 134 1.09 -16.83 -13.65
CA ILE F 134 1.52 -17.98 -12.87
C ILE F 134 2.99 -17.84 -12.50
N VAL F 135 3.82 -17.38 -13.44
CA VAL F 135 5.24 -17.23 -13.16
C VAL F 135 5.46 -16.30 -12.01
N ARG F 136 4.62 -15.31 -11.86
CA ARG F 136 4.78 -14.43 -10.73
C ARG F 136 4.39 -15.16 -9.45
N GLN F 137 3.23 -15.81 -9.46
CA GLN F 137 2.75 -16.48 -8.26
C GLN F 137 3.70 -17.57 -7.80
N GLN F 138 4.64 -17.97 -8.66
CA GLN F 138 5.63 -18.99 -8.34
C GLN F 138 7.00 -18.40 -8.12
N SER F 139 7.16 -17.10 -8.27
CA SER F 139 8.44 -16.45 -8.14
C SER F 139 8.63 -15.84 -6.76
N TYR F 140 9.84 -15.37 -6.50
CA TYR F 140 10.08 -14.66 -5.25
C TYR F 140 10.78 -13.34 -5.54
N SER F 141 10.92 -12.55 -4.49
CA SER F 141 11.66 -11.29 -4.54
C SER F 141 12.28 -11.06 -3.18
N ILE F 142 13.59 -11.09 -3.12
CA ILE F 142 14.30 -10.96 -1.85
C ILE F 142 15.13 -9.70 -1.86
N MET F 143 14.91 -8.87 -0.86
CA MET F 143 15.56 -7.59 -0.74
C MET F 143 17.00 -7.81 -0.35
N SER F 144 17.94 -7.34 -1.17
CA SER F 144 19.33 -7.62 -0.85
C SER F 144 20.15 -6.56 -0.14
N ILE F 145 20.52 -5.48 -0.83
CA ILE F 145 21.36 -4.41 -0.29
C ILE F 145 20.61 -3.11 -0.40
N ILE F 146 20.17 -2.57 0.73
CA ILE F 146 19.41 -1.34 0.78
C ILE F 146 20.28 -0.21 1.32
N LYS F 147 20.61 0.73 0.45
CA LYS F 147 21.36 1.93 0.82
C LYS F 147 20.44 3.14 0.69
N GLU F 148 20.85 4.20 1.37
CA GLU F 148 20.09 5.43 1.48
C GLU F 148 19.65 5.96 0.12
N GLU F 149 20.58 6.08 -0.80
CA GLU F 149 20.31 6.66 -2.11
C GLU F 149 20.14 5.61 -3.21
N VAL F 150 20.03 4.33 -2.86
CA VAL F 150 19.81 3.30 -3.87
C VAL F 150 19.43 1.96 -3.27
N LEU F 151 18.36 1.36 -3.78
CA LEU F 151 17.87 0.08 -3.32
C LEU F 151 18.10 -0.98 -4.38
N ALA F 152 18.53 -2.18 -3.94
CA ALA F 152 18.84 -3.31 -4.82
C ALA F 152 18.25 -4.60 -4.25
N TYR F 153 17.39 -5.23 -5.03
CA TYR F 153 16.78 -6.48 -4.62
C TYR F 153 17.07 -7.55 -5.66
N VAL F 154 16.99 -8.80 -5.23
CA VAL F 154 17.20 -9.96 -6.08
C VAL F 154 15.86 -10.61 -6.38
N VAL F 155 15.47 -10.56 -7.62
CA VAL F 155 14.30 -11.29 -8.05
C VAL F 155 14.69 -12.75 -8.25
N GLN F 156 13.73 -13.66 -8.11
CA GLN F 156 14.04 -15.08 -8.18
C GLN F 156 12.91 -15.80 -8.93
N LEU F 157 13.13 -16.06 -10.24
CA LEU F 157 12.17 -16.68 -11.13
C LEU F 157 12.32 -18.20 -11.17
N PRO F 158 11.29 -18.92 -11.53
CA PRO F 158 11.39 -20.37 -11.68
C PRO F 158 11.91 -20.77 -13.05
N LEU F 159 12.65 -21.88 -13.05
CA LEU F 159 13.08 -22.56 -14.26
C LEU F 159 12.47 -23.94 -14.27
N TYR F 160 11.94 -24.35 -15.41
CA TYR F 160 11.28 -25.64 -15.50
C TYR F 160 12.19 -26.68 -16.15
N GLY F 161 12.19 -27.89 -15.58
CA GLY F 161 12.99 -28.98 -16.10
C GLY F 161 12.43 -29.65 -17.32
N VAL F 162 11.13 -29.92 -17.28
CA VAL F 162 10.45 -30.62 -18.36
C VAL F 162 9.16 -29.89 -18.63
N ILE F 163 8.67 -30.03 -19.85
CA ILE F 163 7.50 -29.30 -20.29
C ILE F 163 6.64 -30.17 -21.19
N ASP F 164 5.36 -29.80 -21.28
CA ASP F 164 4.43 -30.48 -22.16
C ASP F 164 4.25 -31.95 -21.81
N THR F 165 4.56 -32.31 -20.56
CA THR F 165 4.19 -33.61 -20.04
C THR F 165 2.67 -33.74 -19.89
N PRO F 166 2.14 -34.97 -19.99
CA PRO F 166 0.71 -35.17 -19.70
C PRO F 166 0.53 -35.31 -18.19
N CYS F 167 -0.44 -34.57 -17.67
CA CYS F 167 -0.71 -34.54 -16.25
C CYS F 167 -2.16 -34.96 -15.99
N TRP F 168 -2.47 -35.21 -14.73
CA TRP F 168 -3.83 -35.53 -14.34
C TRP F 168 -4.04 -35.28 -12.85
N LYS F 169 -5.30 -35.19 -12.46
CA LYS F 169 -5.67 -34.87 -11.08
C LYS F 169 -6.74 -35.87 -10.64
N LEU F 170 -6.52 -36.45 -9.47
CA LEU F 170 -7.33 -37.54 -8.94
C LEU F 170 -8.16 -37.09 -7.74
N HIS F 171 -9.47 -37.21 -7.85
CA HIS F 171 -10.39 -37.11 -6.73
C HIS F 171 -10.92 -38.51 -6.41
N THR F 172 -11.17 -38.77 -5.14
CA THR F 172 -11.63 -40.10 -4.74
C THR F 172 -12.74 -39.98 -3.72
N SER F 173 -13.55 -41.04 -3.63
CA SER F 173 -14.74 -41.01 -2.81
C SER F 173 -14.94 -42.37 -2.16
N PRO F 174 -15.65 -42.41 -1.03
CA PRO F 174 -15.87 -43.67 -0.35
C PRO F 174 -16.56 -44.69 -1.24
N LEU F 175 -16.15 -45.94 -1.06
CA LEU F 175 -16.61 -47.07 -1.85
C LEU F 175 -17.02 -48.15 -0.85
N CYS F 176 -18.24 -48.64 -0.94
CA CYS F 176 -18.81 -49.57 0.03
C CYS F 176 -19.56 -50.78 -0.57
N CYS F 187 -15.79 -50.37 3.69
CA CYS F 187 -15.86 -49.13 2.91
C CYS F 187 -14.42 -48.72 2.57
N LEU F 188 -14.14 -48.51 1.29
CA LEU F 188 -12.85 -48.05 0.80
C LEU F 188 -12.84 -46.55 0.53
N THR F 189 -11.66 -45.95 0.66
CA THR F 189 -11.45 -44.57 0.22
C THR F 189 -10.00 -44.40 -0.24
N ARG F 190 -9.79 -44.24 -1.54
CA ARG F 190 -8.45 -44.00 -2.06
C ARG F 190 -7.84 -42.77 -1.39
N THR F 191 -6.54 -42.85 -1.07
CA THR F 191 -5.87 -41.74 -0.39
C THR F 191 -4.66 -41.19 -1.13
N ASP F 192 -4.44 -41.62 -2.36
CA ASP F 192 -3.41 -40.98 -3.18
C ASP F 192 -3.99 -39.82 -3.99
N ARG F 193 -4.71 -38.92 -3.32
CA ARG F 193 -5.32 -37.80 -4.02
C ARG F 193 -4.32 -36.71 -4.33
N GLY F 194 -4.42 -36.19 -5.54
CA GLY F 194 -3.62 -35.05 -5.93
C GLY F 194 -3.27 -35.08 -7.41
N TRP F 195 -2.28 -34.27 -7.76
CA TRP F 195 -1.81 -34.12 -9.12
C TRP F 195 -0.75 -35.15 -9.46
N TYR F 196 -0.92 -35.80 -10.62
CA TYR F 196 0.10 -36.67 -11.17
C TYR F 196 0.59 -36.09 -12.47
N CYS F 197 1.89 -36.20 -12.68
CA CYS F 197 2.52 -35.77 -13.92
C CYS F 197 3.56 -36.82 -14.31
N ASP F 198 3.87 -36.87 -15.59
CA ASP F 198 4.86 -37.80 -16.10
C ASP F 198 6.25 -37.18 -16.12
N ASN F 199 7.13 -37.64 -15.24
CA ASN F 199 8.54 -37.33 -15.37
C ASN F 199 9.18 -38.28 -16.40
N ALA F 200 10.47 -38.10 -16.64
CA ALA F 200 11.16 -38.97 -17.60
C ALA F 200 11.03 -40.42 -17.16
N GLY F 201 10.20 -41.18 -17.84
CA GLY F 201 10.08 -42.59 -17.53
C GLY F 201 9.15 -42.87 -16.40
N SER F 202 9.25 -42.11 -15.32
CA SER F 202 8.48 -42.43 -14.15
C SER F 202 7.26 -41.50 -14.07
N VAL F 203 6.69 -41.36 -12.88
CA VAL F 203 5.51 -40.52 -12.65
C VAL F 203 5.72 -39.69 -11.40
N SER F 204 5.67 -38.36 -11.54
CA SER F 204 5.74 -37.49 -10.38
C SER F 204 4.36 -37.21 -9.81
N PHE F 205 4.26 -37.24 -8.49
CA PHE F 205 3.01 -37.09 -7.77
C PHE F 205 3.14 -35.94 -6.77
N PHE F 206 2.43 -34.84 -7.01
CA PHE F 206 2.45 -33.67 -6.13
C PHE F 206 1.22 -33.67 -5.25
N PRO F 207 1.33 -34.01 -3.96
CA PRO F 207 0.13 -34.24 -3.15
C PRO F 207 -0.54 -33.00 -2.56
N GLN F 208 0.19 -31.90 -2.31
CA GLN F 208 -0.44 -30.70 -1.79
C GLN F 208 -0.98 -29.79 -2.89
N ALA F 209 -2.21 -29.31 -2.71
CA ALA F 209 -2.82 -28.49 -3.73
C ALA F 209 -2.12 -27.15 -3.89
N GLU F 210 -1.19 -26.82 -3.00
CA GLU F 210 -0.55 -25.51 -3.05
C GLU F 210 0.52 -25.48 -4.12
N THR F 211 1.22 -26.57 -4.28
CA THR F 211 2.44 -26.54 -5.06
C THR F 211 2.17 -26.65 -6.54
N CYS F 212 0.90 -26.76 -6.93
CA CYS F 212 0.56 -26.91 -8.34
C CYS F 212 -0.38 -25.79 -8.75
N LYS F 213 0.02 -25.01 -9.75
CA LYS F 213 -0.80 -23.94 -10.29
C LYS F 213 -1.40 -24.43 -11.61
N VAL F 214 -2.68 -24.18 -11.80
CA VAL F 214 -3.35 -24.55 -13.04
C VAL F 214 -3.84 -23.33 -13.78
N GLN F 215 -3.52 -23.25 -15.06
CA GLN F 215 -4.09 -22.22 -15.91
C GLN F 215 -4.56 -22.88 -17.19
N SER F 216 -5.80 -22.61 -17.58
CA SER F 216 -6.30 -23.13 -18.86
C SER F 216 -6.23 -24.65 -18.89
N ASN F 217 -5.25 -25.14 -19.64
CA ASN F 217 -4.98 -26.56 -19.80
C ASN F 217 -3.52 -26.87 -19.49
N ARG F 218 -2.90 -26.03 -18.67
CA ARG F 218 -1.45 -26.00 -18.55
C ARG F 218 -1.11 -25.91 -17.06
N VAL F 219 -0.47 -26.95 -16.52
CA VAL F 219 -0.13 -27.01 -15.11
C VAL F 219 1.32 -26.64 -14.86
N PHE F 220 1.56 -25.90 -13.79
CA PHE F 220 2.90 -25.55 -13.32
C PHE F 220 3.05 -26.07 -11.90
N CYS F 221 3.88 -27.08 -11.72
CA CYS F 221 4.06 -27.68 -10.40
C CYS F 221 5.48 -27.46 -9.88
N ASP F 222 5.59 -27.39 -8.56
CA ASP F 222 6.89 -27.28 -7.90
C ASP F 222 7.34 -28.68 -7.52
N THR F 223 8.54 -29.06 -7.96
CA THR F 223 9.08 -30.40 -7.77
C THR F 223 9.79 -30.56 -6.44
N MET F 224 9.73 -29.55 -5.58
CA MET F 224 10.51 -29.53 -4.35
C MET F 224 10.18 -30.68 -3.43
N ASN F 225 8.93 -31.11 -3.41
CA ASN F 225 8.50 -32.17 -2.50
C ASN F 225 7.75 -33.27 -3.23
N SER F 226 7.95 -33.41 -4.54
CA SER F 226 7.17 -34.40 -5.24
C SER F 226 7.67 -35.82 -5.01
N LEU F 227 6.74 -36.75 -5.10
CA LEU F 227 7.01 -38.16 -5.05
C LEU F 227 7.18 -38.69 -6.45
N THR F 228 8.01 -39.71 -6.60
CA THR F 228 8.25 -40.35 -7.89
C THR F 228 7.70 -41.77 -7.92
N LEU F 229 6.67 -42.00 -8.71
CA LEU F 229 6.02 -43.30 -8.76
C LEU F 229 6.20 -43.99 -10.10
N PRO F 230 6.03 -45.31 -10.14
CA PRO F 230 6.01 -46.03 -11.43
C PRO F 230 4.76 -45.71 -12.24
N SER F 231 4.85 -45.93 -13.55
CA SER F 231 3.65 -45.68 -14.37
C SER F 231 2.52 -46.63 -14.05
N GLU F 232 2.74 -47.55 -13.12
CA GLU F 232 1.79 -48.59 -12.77
C GLU F 232 0.84 -48.14 -11.69
N VAL F 233 0.98 -46.91 -11.21
CA VAL F 233 0.00 -46.41 -10.30
C VAL F 233 -1.26 -46.11 -11.08
N ASN F 234 -1.15 -45.94 -12.39
CA ASN F 234 -2.31 -45.70 -13.23
C ASN F 234 -3.27 -46.88 -13.24
N LEU F 235 -2.80 -48.05 -12.82
CA LEU F 235 -3.62 -49.24 -12.79
C LEU F 235 -4.32 -49.35 -11.47
N CYS F 236 -4.22 -48.31 -10.65
CA CYS F 236 -4.86 -48.43 -9.36
C CYS F 236 -6.27 -47.88 -9.49
N ASN F 237 -6.44 -46.91 -10.39
CA ASN F 237 -7.75 -46.33 -10.67
C ASN F 237 -8.75 -47.36 -11.19
N VAL F 238 -8.26 -48.38 -11.90
CA VAL F 238 -9.12 -49.38 -12.51
C VAL F 238 -9.38 -50.56 -11.58
N ASP F 239 -8.40 -50.91 -10.75
CA ASP F 239 -8.50 -52.04 -9.86
C ASP F 239 -7.74 -51.70 -8.58
N ILE F 240 -8.42 -51.79 -7.45
CA ILE F 240 -7.77 -51.36 -6.21
C ILE F 240 -6.77 -52.40 -5.73
N PHE F 241 -6.96 -53.66 -6.08
CA PHE F 241 -6.05 -54.68 -5.63
C PHE F 241 -5.14 -55.17 -6.74
N ASN F 242 -4.90 -54.32 -7.73
CA ASN F 242 -3.90 -54.53 -8.75
C ASN F 242 -2.65 -55.15 -8.14
N PRO F 243 -2.24 -56.33 -8.58
CA PRO F 243 -1.08 -56.99 -7.98
C PRO F 243 0.25 -56.41 -8.38
N LYS F 244 0.28 -55.42 -9.26
CA LYS F 244 1.54 -54.84 -9.69
C LYS F 244 1.82 -53.52 -9.01
N TYR F 245 0.99 -53.13 -8.04
CA TYR F 245 1.24 -51.94 -7.24
C TYR F 245 0.30 -51.95 -6.06
N ASP F 246 0.83 -51.60 -4.89
CA ASP F 246 0.09 -51.57 -3.63
C ASP F 246 -0.52 -50.19 -3.46
N CYS F 247 -1.79 -50.06 -3.84
CA CYS F 247 -2.44 -48.75 -3.81
C CYS F 247 -2.62 -48.42 -2.33
N LYS F 248 -2.13 -47.26 -1.90
CA LYS F 248 -2.37 -46.90 -0.52
C LYS F 248 -3.82 -46.52 -0.33
N ILE F 249 -4.48 -47.23 0.57
CA ILE F 249 -5.90 -47.11 0.79
C ILE F 249 -6.24 -46.91 2.26
N MET F 250 -7.43 -46.33 2.47
CA MET F 250 -7.98 -46.03 3.78
C MET F 250 -9.30 -46.78 3.92
N THR F 251 -9.40 -47.67 4.88
CA THR F 251 -10.50 -48.60 4.97
C THR F 251 -11.36 -48.25 6.16
N SER F 252 -12.46 -48.98 6.30
CA SER F 252 -13.43 -48.63 7.32
C SER F 252 -14.57 -49.62 7.41
N LYS F 253 -14.91 -49.99 8.65
CA LYS F 253 -15.91 -51.01 8.91
C LYS F 253 -17.32 -50.45 9.06
N THR F 254 -17.64 -49.30 8.47
CA THR F 254 -18.99 -48.80 8.65
C THR F 254 -19.41 -48.02 7.40
N ASP F 255 -20.73 -47.89 7.23
CA ASP F 255 -21.27 -47.25 6.04
C ASP F 255 -20.97 -45.76 6.13
N VAL F 256 -20.49 -45.18 5.04
CA VAL F 256 -20.20 -43.76 5.02
C VAL F 256 -20.80 -43.15 3.77
N SER F 257 -21.13 -41.87 3.82
CA SER F 257 -21.70 -41.24 2.65
C SER F 257 -21.17 -39.81 2.53
N SER F 258 -20.86 -39.38 1.31
CA SER F 258 -20.29 -38.04 1.09
C SER F 258 -20.32 -37.75 -0.40
N SER F 259 -19.81 -36.57 -0.77
CA SER F 259 -19.57 -36.17 -2.14
C SER F 259 -18.25 -35.44 -2.26
N VAL F 260 -17.71 -35.44 -3.47
CA VAL F 260 -16.44 -34.80 -3.75
C VAL F 260 -16.54 -34.16 -5.12
N ILE F 261 -16.39 -32.85 -5.15
CA ILE F 261 -16.63 -32.06 -6.35
C ILE F 261 -15.36 -31.98 -7.17
N THR F 262 -15.40 -32.55 -8.36
CA THR F 262 -14.20 -32.59 -9.18
C THR F 262 -14.12 -31.37 -10.07
N SER F 263 -13.11 -31.39 -10.94
CA SER F 263 -12.88 -30.29 -11.86
C SER F 263 -14.08 -30.08 -12.76
N LEU F 264 -14.69 -31.17 -13.24
CA LEU F 264 -15.76 -31.05 -14.23
C LEU F 264 -17.00 -31.84 -13.82
N GLY F 265 -17.38 -31.74 -12.56
CA GLY F 265 -18.50 -32.49 -12.05
C GLY F 265 -18.29 -32.84 -10.59
N ALA F 266 -18.98 -33.90 -10.19
CA ALA F 266 -18.88 -34.37 -8.81
C ALA F 266 -19.12 -35.86 -8.74
N ILE F 267 -18.80 -36.40 -7.58
CA ILE F 267 -18.95 -37.80 -7.27
C ILE F 267 -19.89 -37.88 -6.08
N VAL F 268 -20.92 -38.71 -6.19
CA VAL F 268 -21.90 -38.91 -5.13
C VAL F 268 -21.75 -40.33 -4.59
N SER F 269 -21.19 -40.44 -3.38
CA SER F 269 -21.16 -41.70 -2.66
C SER F 269 -22.46 -41.83 -1.86
N CYS F 270 -23.46 -42.50 -2.42
CA CYS F 270 -24.75 -42.70 -1.75
C CYS F 270 -24.82 -44.12 -1.20
N TYR F 271 -24.72 -44.25 0.11
CA TYR F 271 -24.72 -45.56 0.75
C TYR F 271 -25.51 -45.47 2.04
N GLY F 272 -26.20 -46.56 2.38
CA GLY F 272 -26.90 -46.56 3.64
C GLY F 272 -28.27 -45.90 3.59
N LYS F 273 -28.71 -45.49 4.77
CA LYS F 273 -30.02 -44.90 4.97
C LYS F 273 -30.04 -43.43 4.55
N THR F 274 -28.93 -42.92 4.03
CA THR F 274 -28.84 -41.53 3.60
C THR F 274 -29.66 -41.29 2.34
N LYS F 275 -29.93 -40.02 2.08
CA LYS F 275 -30.84 -39.64 1.00
C LYS F 275 -30.17 -38.61 0.12
N CYS F 276 -29.66 -39.04 -1.04
CA CYS F 276 -28.94 -38.15 -1.92
C CYS F 276 -29.74 -37.91 -3.19
N THR F 277 -29.52 -36.76 -3.80
CA THR F 277 -30.23 -36.32 -4.98
C THR F 277 -29.36 -35.35 -5.75
N ALA F 278 -29.77 -35.04 -6.97
CA ALA F 278 -29.07 -34.06 -7.80
C ALA F 278 -30.06 -33.09 -8.42
N SER F 279 -29.96 -31.83 -8.02
CA SER F 279 -30.84 -30.80 -8.54
C SER F 279 -30.18 -30.10 -9.72
N ASN F 280 -31.01 -29.49 -10.56
CA ASN F 280 -30.54 -28.58 -11.58
C ASN F 280 -31.19 -27.24 -11.26
N LYS F 281 -30.47 -26.16 -11.56
CA LYS F 281 -30.94 -24.85 -11.18
C LYS F 281 -32.32 -24.54 -11.79
N ASN F 282 -32.51 -24.86 -13.07
CA ASN F 282 -33.79 -24.62 -13.74
C ASN F 282 -34.80 -25.73 -13.47
N ARG F 283 -34.37 -26.98 -13.54
CA ARG F 283 -35.27 -28.11 -13.56
C ARG F 283 -35.51 -28.73 -12.18
N GLY F 284 -34.82 -28.27 -11.15
CA GLY F 284 -34.95 -28.90 -9.84
C GLY F 284 -34.31 -30.29 -9.85
N ILE F 285 -34.81 -31.16 -8.97
CA ILE F 285 -34.29 -32.54 -8.87
C ILE F 285 -34.42 -33.24 -10.22
N ILE F 286 -33.31 -33.72 -10.77
CA ILE F 286 -33.38 -34.44 -12.04
C ILE F 286 -32.87 -35.86 -11.92
N LYS F 287 -32.50 -36.30 -10.71
CA LYS F 287 -32.06 -37.67 -10.50
C LYS F 287 -31.96 -37.97 -9.02
N THR F 288 -32.57 -39.06 -8.57
CA THR F 288 -32.29 -39.54 -7.22
C THR F 288 -31.25 -40.64 -7.32
N PHE F 289 -30.52 -40.84 -6.23
CA PHE F 289 -29.40 -41.77 -6.24
C PHE F 289 -29.67 -43.00 -5.39
N SER F 290 -29.58 -44.16 -6.02
CA SER F 290 -29.63 -45.41 -5.29
C SER F 290 -28.24 -45.67 -4.70
N ASN F 291 -28.16 -46.65 -3.83
CA ASN F 291 -26.89 -46.97 -3.18
C ASN F 291 -25.83 -47.41 -4.19
N GLY F 292 -24.84 -46.56 -4.38
CA GLY F 292 -23.73 -46.81 -5.28
C GLY F 292 -22.93 -45.55 -5.49
N CYS F 293 -21.91 -45.66 -6.35
CA CYS F 293 -21.03 -44.54 -6.68
C CYS F 293 -21.37 -44.05 -8.06
N ASP F 294 -21.93 -42.85 -8.13
CA ASP F 294 -22.34 -42.26 -9.38
C ASP F 294 -21.51 -41.00 -9.60
N TYR F 295 -21.42 -40.62 -10.86
CA TYR F 295 -20.69 -39.44 -11.27
C TYR F 295 -21.62 -38.58 -12.10
N VAL F 296 -21.64 -37.30 -11.79
CA VAL F 296 -22.61 -36.39 -12.35
C VAL F 296 -21.87 -35.29 -13.10
N SER F 297 -22.39 -34.93 -14.28
CA SER F 297 -21.72 -33.95 -15.10
C SER F 297 -22.12 -32.54 -14.67
N ASN F 298 -21.16 -31.61 -14.79
CA ASN F 298 -21.46 -30.23 -14.45
C ASN F 298 -22.22 -29.51 -15.54
N LYS F 299 -22.57 -30.21 -16.62
CA LYS F 299 -23.44 -29.62 -17.62
C LYS F 299 -24.89 -29.70 -17.17
N GLY F 300 -25.36 -30.90 -16.89
CA GLY F 300 -26.76 -31.09 -16.54
C GLY F 300 -27.11 -30.69 -15.12
N VAL F 301 -26.21 -30.93 -14.17
CA VAL F 301 -26.52 -30.75 -12.76
C VAL F 301 -25.67 -29.63 -12.20
N ASP F 302 -26.31 -28.76 -11.42
CA ASP F 302 -25.65 -27.64 -10.74
C ASP F 302 -25.62 -27.82 -9.24
N THR F 303 -26.33 -28.79 -8.70
CA THR F 303 -26.36 -28.97 -7.25
C THR F 303 -26.46 -30.45 -6.93
N VAL F 304 -25.85 -30.85 -5.82
CA VAL F 304 -26.04 -32.20 -5.31
C VAL F 304 -26.22 -32.15 -3.80
N SER F 305 -27.38 -32.58 -3.32
CA SER F 305 -27.61 -32.65 -1.88
C SER F 305 -27.32 -34.06 -1.39
N VAL F 306 -26.66 -34.16 -0.25
CA VAL F 306 -26.40 -35.44 0.38
C VAL F 306 -26.85 -35.37 1.82
N GLY F 307 -28.07 -35.80 2.08
CA GLY F 307 -28.62 -35.60 3.40
C GLY F 307 -28.96 -34.17 3.73
N ASN F 308 -28.37 -33.68 4.80
CA ASN F 308 -28.65 -32.34 5.25
C ASN F 308 -27.60 -31.36 4.81
N THR F 309 -26.63 -31.78 4.00
CA THR F 309 -25.59 -30.88 3.52
C THR F 309 -25.72 -30.71 2.02
N LEU F 310 -25.61 -29.47 1.55
CA LEU F 310 -25.84 -29.11 0.16
C LEU F 310 -24.50 -28.84 -0.49
N TYR F 311 -24.15 -29.62 -1.50
CA TYR F 311 -22.95 -29.35 -2.27
C TYR F 311 -23.28 -28.55 -3.53
N TYR F 312 -22.36 -27.67 -3.94
CA TYR F 312 -22.56 -26.83 -5.12
C TYR F 312 -21.58 -27.30 -6.18
N VAL F 313 -22.12 -27.97 -7.19
CA VAL F 313 -21.28 -28.49 -8.25
C VAL F 313 -20.77 -27.41 -9.16
N ASN F 314 -21.56 -26.38 -9.34
CA ASN F 314 -21.19 -25.26 -10.17
C ASN F 314 -21.30 -23.94 -9.41
N LYS F 315 -20.37 -23.04 -9.72
CA LYS F 315 -20.33 -21.71 -9.13
C LYS F 315 -21.62 -20.95 -9.38
N GLN F 316 -22.08 -20.17 -8.40
CA GLN F 316 -23.37 -19.47 -8.49
C GLN F 316 -23.17 -18.03 -8.95
N GLU F 317 -23.68 -17.72 -10.14
CA GLU F 317 -23.56 -16.35 -10.67
C GLU F 317 -24.33 -15.39 -9.76
N GLY F 318 -23.76 -14.21 -9.55
CA GLY F 318 -24.30 -13.26 -8.61
C GLY F 318 -24.62 -11.87 -9.14
N LYS F 319 -25.15 -11.05 -8.22
CA LYS F 319 -25.40 -9.64 -8.46
C LYS F 319 -24.15 -8.95 -9.00
N SER F 320 -24.36 -8.01 -9.91
CA SER F 320 -23.28 -7.23 -10.49
C SER F 320 -23.29 -5.85 -9.85
N LEU F 321 -22.12 -5.39 -9.37
CA LEU F 321 -22.03 -4.13 -8.65
C LEU F 321 -21.28 -3.11 -9.51
N TYR F 322 -21.61 -1.83 -9.32
CA TYR F 322 -20.97 -0.80 -10.12
C TYR F 322 -20.68 0.39 -9.23
N VAL F 323 -19.48 0.96 -9.34
CA VAL F 323 -19.13 2.17 -8.59
C VAL F 323 -18.79 3.28 -9.57
N LYS F 324 -19.68 4.25 -9.73
CA LYS F 324 -19.51 5.26 -10.77
C LYS F 324 -18.76 6.50 -10.29
N GLY F 325 -17.94 7.06 -11.17
CA GLY F 325 -17.13 8.24 -10.90
C GLY F 325 -17.30 9.26 -12.02
N GLU F 326 -17.49 10.53 -11.68
CA GLU F 326 -17.66 11.59 -12.68
C GLU F 326 -16.41 12.47 -12.78
N PRO F 327 -16.04 12.92 -13.98
CA PRO F 327 -14.79 13.69 -14.13
C PRO F 327 -14.76 14.92 -13.24
N ILE F 328 -13.60 15.14 -12.62
CA ILE F 328 -13.36 16.28 -11.72
C ILE F 328 -12.78 17.44 -12.54
N ILE F 329 -13.40 18.60 -12.39
CA ILE F 329 -13.10 19.79 -13.21
C ILE F 329 -12.25 20.79 -12.44
N ASN F 330 -11.10 21.12 -13.01
CA ASN F 330 -10.20 22.08 -12.39
C ASN F 330 -10.64 23.45 -12.90
N PHE F 331 -10.71 24.42 -12.01
CA PHE F 331 -11.13 25.75 -12.37
C PHE F 331 -10.20 26.80 -11.81
N TYR F 332 -9.92 27.84 -12.60
CA TYR F 332 -9.19 28.96 -12.04
C TYR F 332 -9.80 30.21 -12.65
N ASP F 333 -9.27 31.36 -12.26
CA ASP F 333 -9.86 32.64 -12.61
C ASP F 333 -8.77 33.61 -13.04
N PRO F 334 -8.65 33.93 -14.32
CA PRO F 334 -7.54 34.80 -14.74
C PRO F 334 -7.84 36.24 -14.40
N LEU F 335 -6.78 36.97 -14.00
CA LEU F 335 -6.85 38.36 -13.53
C LEU F 335 -6.31 39.32 -14.57
N VAL F 336 -7.21 40.11 -15.16
CA VAL F 336 -6.90 41.03 -16.25
C VAL F 336 -7.04 42.46 -15.76
N PHE F 337 -6.00 43.24 -16.03
CA PHE F 337 -5.93 44.61 -15.58
C PHE F 337 -6.27 45.54 -16.72
N PRO F 338 -7.20 46.46 -16.48
CA PRO F 338 -7.61 47.42 -17.50
C PRO F 338 -6.49 48.44 -17.71
N SER F 339 -5.48 48.08 -18.49
CA SER F 339 -4.36 48.98 -18.71
C SER F 339 -4.69 50.03 -19.77
N ASP F 340 -5.50 49.69 -20.75
CA ASP F 340 -5.77 50.64 -21.82
C ASP F 340 -6.53 51.84 -21.29
N GLU F 341 -7.54 51.62 -20.45
CA GLU F 341 -8.27 52.73 -19.86
C GLU F 341 -7.35 53.53 -18.95
N PHE F 342 -6.33 52.87 -18.42
CA PHE F 342 -5.40 53.49 -17.49
C PHE F 342 -4.33 54.24 -18.23
N ASP F 343 -3.89 53.72 -19.36
CA ASP F 343 -2.84 54.39 -20.10
C ASP F 343 -3.37 55.59 -20.88
N ALA F 344 -4.66 55.83 -20.85
CA ALA F 344 -5.20 56.99 -21.54
C ALA F 344 -5.40 58.12 -20.57
N SER F 345 -5.97 57.79 -19.42
CA SER F 345 -6.15 58.77 -18.37
C SER F 345 -4.82 59.17 -17.78
N ILE F 346 -3.76 58.47 -18.15
CA ILE F 346 -2.43 58.91 -17.78
C ILE F 346 -1.90 59.79 -18.86
N SER F 347 -2.14 59.39 -20.09
CA SER F 347 -1.67 60.18 -21.21
C SER F 347 -2.35 61.53 -21.20
N GLN F 348 -3.48 61.62 -20.50
CA GLN F 348 -4.20 62.87 -20.44
C GLN F 348 -3.71 63.70 -19.27
N VAL F 349 -3.16 63.06 -18.23
CA VAL F 349 -2.52 63.83 -17.18
C VAL F 349 -1.30 64.51 -17.76
N ASN F 350 -0.67 63.88 -18.73
CA ASN F 350 0.52 64.48 -19.27
C ASN F 350 0.15 65.55 -20.28
N GLU F 351 -1.05 65.45 -20.86
CA GLU F 351 -1.47 66.50 -21.78
C GLU F 351 -1.90 67.75 -21.02
N LYS F 352 -2.23 67.61 -19.75
CA LYS F 352 -2.61 68.80 -19.01
C LYS F 352 -1.36 69.54 -18.57
N ILE F 353 -0.28 68.81 -18.29
CA ILE F 353 0.95 69.48 -17.91
C ILE F 353 1.58 70.11 -19.13
N ASN F 354 1.49 69.45 -20.26
CA ASN F 354 2.00 70.02 -21.50
C ASN F 354 1.27 71.31 -21.81
N GLN F 355 -0.03 71.37 -21.52
CA GLN F 355 -0.76 72.57 -21.90
C GLN F 355 -0.72 73.58 -20.78
N SER F 356 -0.28 73.16 -19.59
CA SER F 356 -0.10 74.10 -18.50
C SER F 356 1.20 74.83 -18.69
N LEU F 357 2.19 74.14 -19.22
CA LEU F 357 3.45 74.80 -19.45
C LEU F 357 3.33 75.77 -20.59
N ALA F 358 2.40 75.52 -21.52
CA ALA F 358 2.23 76.48 -22.58
C ALA F 358 1.59 77.72 -22.05
N PHE F 359 0.91 77.60 -20.92
CA PHE F 359 0.29 78.77 -20.33
C PHE F 359 1.36 79.58 -19.60
N ILE F 360 2.41 78.92 -19.09
CA ILE F 360 3.48 79.70 -18.51
C ILE F 360 4.26 80.36 -19.60
N ARG F 361 4.39 79.69 -20.72
CA ARG F 361 5.15 80.31 -21.80
C ARG F 361 4.41 81.49 -22.43
N LYS F 362 3.07 81.49 -22.42
CA LYS F 362 2.40 82.70 -22.90
C LYS F 362 2.53 83.80 -21.87
N SER F 363 2.50 83.43 -20.60
CA SER F 363 2.58 84.45 -19.56
C SER F 363 3.93 85.14 -19.65
N ASP F 364 4.99 84.39 -19.86
CA ASP F 364 6.31 85.01 -19.85
C ASP F 364 6.60 85.67 -21.19
N GLU F 365 5.87 85.28 -22.23
CA GLU F 365 5.91 85.93 -23.53
C GLU F 365 5.27 87.31 -23.44
N LEU F 366 4.68 87.61 -22.29
CA LEU F 366 3.99 88.84 -21.99
C LEU F 366 4.80 89.77 -21.10
N LEU F 367 6.06 89.44 -20.82
CA LEU F 367 6.78 90.35 -19.94
C LEU F 367 8.11 90.83 -20.49
N GLY F 368 8.23 92.13 -20.78
CA GLY F 368 7.19 93.15 -20.61
C GLY F 368 7.55 94.54 -21.13
N GLN G 1 32.99 -23.28 8.20
CA GLN G 1 31.77 -24.00 7.83
C GLN G 1 31.32 -25.05 8.86
N ASN G 2 30.07 -24.90 9.28
CA ASN G 2 29.37 -25.82 10.18
C ASN G 2 28.55 -26.80 9.37
N ILE G 3 27.82 -26.30 8.41
CA ILE G 3 26.84 -27.13 7.76
C ILE G 3 27.53 -28.09 6.82
N THR G 4 27.12 -29.36 6.87
CA THR G 4 27.71 -30.36 6.02
C THR G 4 26.62 -31.29 5.52
N GLU G 5 26.98 -32.16 4.60
CA GLU G 5 26.06 -33.15 4.12
C GLU G 5 26.68 -34.53 4.26
N GLU G 6 25.88 -35.51 4.67
CA GLU G 6 26.30 -36.92 4.68
C GLU G 6 25.37 -37.63 3.71
N PHE G 7 25.92 -38.54 2.94
CA PHE G 7 25.14 -39.24 1.96
C PHE G 7 25.20 -40.72 2.26
N TYR G 8 24.06 -41.34 2.34
CA TYR G 8 23.97 -42.75 2.64
C TYR G 8 23.45 -43.50 1.43
N GLN G 9 24.26 -44.40 0.89
CA GLN G 9 23.76 -45.17 -0.24
C GLN G 9 22.88 -46.27 0.27
N SER G 10 23.06 -46.63 1.55
CA SER G 10 22.27 -47.66 2.17
C SER G 10 20.79 -47.36 2.07
N THR G 11 20.43 -46.12 2.36
CA THR G 11 19.05 -45.67 2.35
C THR G 11 18.71 -44.73 1.20
N CYS G 12 19.71 -44.30 0.46
CA CYS G 12 19.54 -43.31 -0.58
C CYS G 12 18.80 -42.10 -0.03
N SER G 13 19.44 -41.49 0.97
CA SER G 13 18.96 -40.27 1.59
C SER G 13 20.17 -39.41 1.95
N ALA G 14 19.90 -38.13 2.20
CA ALA G 14 20.95 -37.19 2.56
C ALA G 14 20.57 -36.34 3.76
N VAL G 15 21.43 -36.31 4.71
CA VAL G 15 21.25 -35.50 5.90
C VAL G 15 21.96 -34.16 5.71
N SER G 16 21.49 -33.12 6.41
CA SER G 16 22.17 -31.84 6.43
C SER G 16 22.40 -31.53 7.89
N LYS G 17 23.58 -31.85 8.40
CA LYS G 17 23.80 -31.68 9.83
C LYS G 17 24.35 -30.29 10.09
N GLY G 18 24.18 -29.83 11.32
CA GLY G 18 24.89 -28.62 11.68
C GLY G 18 24.06 -27.36 11.77
N TYR G 19 22.85 -27.49 12.27
CA TYR G 19 21.95 -26.38 12.49
C TYR G 19 21.65 -26.25 13.97
N LEU G 20 21.69 -25.03 14.45
CA LEU G 20 21.24 -24.67 15.80
C LEU G 20 19.80 -24.14 15.75
N SER G 21 19.05 -24.41 16.80
CA SER G 21 17.61 -24.30 16.69
C SER G 21 16.89 -23.37 17.67
N ALA G 22 15.66 -23.06 17.29
CA ALA G 22 14.68 -22.37 18.13
C ALA G 22 13.28 -22.92 17.89
N LEU G 23 12.71 -23.56 18.90
CA LEU G 23 11.39 -24.20 18.86
C LEU G 23 10.32 -23.35 19.55
N ARG G 24 9.38 -22.80 18.77
CA ARG G 24 8.35 -21.94 19.35
C ARG G 24 7.39 -22.70 20.24
N THR G 25 7.32 -22.33 21.52
CA THR G 25 6.45 -23.04 22.45
C THR G 25 5.46 -22.12 23.13
N GLY G 26 5.15 -20.98 22.53
CA GLY G 26 4.25 -20.03 23.15
C GLY G 26 4.31 -18.70 22.42
N TRP G 27 3.50 -17.77 22.92
CA TRP G 27 3.37 -16.47 22.29
C TRP G 27 3.62 -15.37 23.30
N TYR G 28 4.11 -14.23 22.80
CA TYR G 28 4.30 -13.08 23.66
C TYR G 28 3.52 -11.96 22.98
N THR G 29 2.54 -11.43 23.68
CA THR G 29 1.69 -10.39 23.15
C THR G 29 2.05 -9.04 23.73
N SER G 30 1.64 -8.02 23.01
CA SER G 30 1.91 -6.65 23.37
C SER G 30 0.80 -5.83 22.75
N VAL G 31 0.33 -4.83 23.48
CA VAL G 31 -0.77 -4.00 23.00
C VAL G 31 -0.17 -2.67 22.60
N ILE G 32 -0.11 -2.43 21.29
CA ILE G 32 0.38 -1.18 20.74
C ILE G 32 -0.78 -0.29 20.42
N THR G 33 -0.72 0.95 20.90
CA THR G 33 -1.72 1.93 20.58
C THR G 33 -1.09 3.04 19.75
N ILE G 34 -1.89 3.77 18.99
CA ILE G 34 -1.38 4.93 18.27
C ILE G 34 -2.49 5.95 18.15
N GLU G 35 -2.11 7.22 18.17
CA GLU G 35 -3.07 8.30 18.17
C GLU G 35 -3.01 9.04 16.84
N LEU G 36 -4.12 9.65 16.51
CA LEU G 36 -4.25 10.39 15.27
C LEU G 36 -3.84 11.83 15.49
N SER G 37 -2.83 12.29 14.76
CA SER G 37 -2.53 13.71 14.69
C SER G 37 -3.60 14.41 13.88
N ASN G 38 -4.62 14.90 14.55
CA ASN G 38 -5.82 15.38 13.88
C ASN G 38 -5.64 16.77 13.30
N ILE G 39 -6.23 16.98 12.14
CA ILE G 39 -6.25 18.29 11.49
C ILE G 39 -7.60 18.95 11.74
N LYS G 40 -7.58 20.23 12.06
CA LYS G 40 -8.81 21.00 12.19
C LYS G 40 -9.03 21.72 10.88
N GLU G 41 -10.22 21.55 10.30
CA GLU G 41 -10.54 22.21 9.04
C GLU G 41 -10.32 23.69 9.19
N ASN G 42 -9.69 24.27 8.18
CA ASN G 42 -9.45 25.71 8.14
C ASN G 42 -10.55 26.39 7.36
N LYS G 43 -11.30 27.22 8.06
CA LYS G 43 -12.49 27.85 7.52
C LYS G 43 -12.09 29.22 7.00
N CYS G 44 -12.41 29.44 5.73
CA CYS G 44 -12.00 30.45 4.78
C CYS G 44 -12.08 29.85 3.38
N ASN G 45 -11.90 30.64 2.31
CA ASN G 45 -12.09 30.12 0.96
C ASN G 45 -10.78 30.06 0.19
N GLY G 46 -10.65 29.04 -0.65
CA GLY G 46 -9.51 28.91 -1.53
C GLY G 46 -9.78 29.38 -2.93
N THR G 47 -8.91 28.97 -3.85
CA THR G 47 -9.07 29.40 -5.22
C THR G 47 -10.37 28.89 -5.80
N ASP G 48 -10.73 27.67 -5.49
CA ASP G 48 -12.00 27.11 -5.95
C ASP G 48 -12.77 26.73 -4.71
N ALA G 49 -13.93 27.35 -4.50
CA ALA G 49 -14.68 27.07 -3.29
C ALA G 49 -15.29 25.68 -3.32
N LYS G 50 -15.58 25.16 -4.53
CA LYS G 50 -16.15 23.82 -4.67
C LYS G 50 -15.18 22.70 -4.31
N VAL G 51 -14.04 22.95 -3.66
CA VAL G 51 -13.03 21.93 -3.42
C VAL G 51 -12.67 22.02 -1.95
N LYS G 52 -12.97 20.98 -1.20
CA LYS G 52 -12.70 21.01 0.24
C LYS G 52 -11.74 19.89 0.57
N LEU G 53 -10.47 20.10 0.21
CA LEU G 53 -9.44 19.08 0.41
C LEU G 53 -9.43 18.59 1.84
N ILE G 54 -9.43 19.51 2.79
CA ILE G 54 -9.27 19.10 4.17
C ILE G 54 -10.43 18.22 4.58
N LYS G 55 -11.63 18.56 4.10
CA LYS G 55 -12.79 17.77 4.48
C LYS G 55 -12.75 16.42 3.78
N GLN G 56 -12.55 16.41 2.46
CA GLN G 56 -12.52 15.14 1.75
C GLN G 56 -11.44 14.22 2.29
N GLU G 57 -10.31 14.79 2.70
CA GLU G 57 -9.19 13.97 3.17
C GLU G 57 -9.51 13.35 4.52
N LEU G 58 -10.41 13.95 5.28
CA LEU G 58 -10.82 13.32 6.54
C LEU G 58 -11.84 12.24 6.25
N ASP G 59 -12.81 12.53 5.39
CA ASP G 59 -13.80 11.54 5.05
C ASP G 59 -13.16 10.34 4.35
N LYS G 60 -12.04 10.55 3.66
CA LYS G 60 -11.29 9.41 3.12
C LYS G 60 -10.83 8.51 4.24
N TYR G 61 -10.34 9.11 5.31
CA TYR G 61 -9.92 8.37 6.49
C TYR G 61 -11.10 7.83 7.27
N LYS G 62 -11.90 8.73 7.85
CA LYS G 62 -13.09 8.36 8.57
C LYS G 62 -13.74 7.12 7.97
N ASN G 63 -13.95 7.16 6.66
CA ASN G 63 -14.66 6.03 6.07
C ASN G 63 -13.84 4.75 6.11
N ALA G 64 -12.51 4.85 6.00
CA ALA G 64 -11.67 3.66 6.18
C ALA G 64 -11.79 3.10 7.59
N VAL G 65 -11.64 3.97 8.60
CA VAL G 65 -11.79 3.54 9.99
C VAL G 65 -13.14 2.88 10.19
N THR G 66 -14.19 3.47 9.63
CA THR G 66 -15.52 2.88 9.78
C THR G 66 -15.56 1.48 9.19
N GLU G 67 -15.00 1.31 8.00
CA GLU G 67 -15.04 0.01 7.36
C GLU G 67 -14.31 -1.04 8.15
N LEU G 68 -13.38 -0.62 9.00
CA LEU G 68 -12.70 -1.56 9.87
C LEU G 68 -13.49 -1.82 11.13
N GLN G 69 -14.23 -0.81 11.60
CA GLN G 69 -15.00 -0.97 12.81
C GLN G 69 -16.09 -2.00 12.64
N LEU G 70 -16.28 -2.48 11.41
CA LEU G 70 -17.32 -3.42 11.04
C LEU G 70 -16.75 -4.81 10.96
N LEU G 71 -15.43 -4.92 11.08
CA LEU G 71 -14.79 -6.22 11.05
C LEU G 71 -14.70 -6.86 12.41
N MET G 72 -14.47 -6.08 13.47
CA MET G 72 -14.57 -6.66 14.79
C MET G 72 -16.02 -7.00 15.12
N GLN G 73 -16.22 -8.16 15.75
CA GLN G 73 -17.53 -8.61 16.23
C GLN G 73 -17.42 -9.42 17.53
N VAL H 5 -47.16 1.73 -5.28
CA VAL H 5 -48.59 1.64 -5.50
C VAL H 5 -48.89 0.90 -6.81
N GLU H 6 -49.99 0.13 -6.82
CA GLU H 6 -50.26 -0.80 -7.91
C GLU H 6 -51.13 -0.13 -8.99
N SER H 7 -51.54 -0.92 -9.98
CA SER H 7 -52.57 -0.59 -10.95
C SER H 7 -52.85 -1.87 -11.75
N GLY H 8 -53.66 -1.75 -12.81
CA GLY H 8 -53.77 -2.82 -13.78
C GLY H 8 -54.51 -4.05 -13.33
N GLY H 9 -55.09 -4.07 -12.14
CA GLY H 9 -55.90 -5.20 -11.71
C GLY H 9 -57.25 -5.21 -12.41
N GLY H 10 -58.22 -5.87 -11.82
CA GLY H 10 -59.57 -5.84 -12.33
C GLY H 10 -60.06 -7.21 -12.74
N LEU H 11 -61.16 -7.20 -13.48
CA LEU H 11 -61.84 -8.42 -13.88
C LEU H 11 -61.33 -8.89 -15.23
N ILE H 12 -61.16 -10.21 -15.35
CA ILE H 12 -60.82 -10.85 -16.62
C ILE H 12 -61.42 -12.26 -16.59
N GLN H 13 -61.90 -12.70 -17.74
CA GLN H 13 -62.54 -14.01 -17.82
C GLN H 13 -61.52 -15.11 -17.52
N PRO H 14 -61.97 -16.26 -17.00
CA PRO H 14 -61.03 -17.36 -16.72
C PRO H 14 -60.29 -17.78 -17.98
N GLY H 15 -59.01 -18.10 -17.81
CA GLY H 15 -58.13 -18.39 -18.92
C GLY H 15 -57.49 -17.17 -19.55
N GLY H 16 -58.10 -15.99 -19.38
CA GLY H 16 -57.50 -14.75 -19.83
C GLY H 16 -56.22 -14.41 -19.09
N SER H 17 -55.70 -13.20 -19.34
CA SER H 17 -54.46 -12.75 -18.73
C SER H 17 -54.63 -11.34 -18.17
N LEU H 18 -53.79 -11.00 -17.19
CA LEU H 18 -53.82 -9.71 -16.53
C LEU H 18 -52.39 -9.32 -16.19
N ARG H 19 -52.15 -8.02 -16.08
CA ARG H 19 -50.81 -7.47 -15.85
C ARG H 19 -50.86 -6.49 -14.70
N LEU H 20 -50.24 -6.86 -13.57
CA LEU H 20 -50.08 -5.96 -12.44
C LEU H 20 -48.81 -5.11 -12.63
N SER H 21 -48.80 -3.96 -11.95
CA SER H 21 -47.66 -3.05 -12.01
C SER H 21 -47.55 -2.33 -10.67
N CYS H 22 -46.36 -2.39 -10.05
CA CYS H 22 -46.13 -1.86 -8.70
C CYS H 22 -45.24 -0.62 -8.77
N ALA H 23 -45.88 0.55 -8.77
CA ALA H 23 -45.16 1.82 -8.73
C ALA H 23 -44.53 2.02 -7.36
N VAL H 24 -43.20 2.19 -7.34
CA VAL H 24 -42.43 2.33 -6.10
C VAL H 24 -41.69 3.66 -6.16
N SER H 25 -41.80 4.45 -5.09
CA SER H 25 -41.15 5.75 -4.99
C SER H 25 -40.45 5.89 -3.65
N GLY H 26 -39.22 6.41 -3.69
CA GLY H 26 -38.40 6.59 -2.51
C GLY H 26 -37.06 5.86 -2.60
N PHE H 27 -37.01 4.75 -3.34
CA PHE H 27 -35.81 3.94 -3.40
C PHE H 27 -35.72 3.23 -4.74
N THR H 28 -34.52 2.78 -5.07
CA THR H 28 -34.24 2.04 -6.29
C THR H 28 -34.66 0.58 -6.14
N VAL H 29 -35.31 0.05 -7.18
CA VAL H 29 -35.74 -1.35 -7.17
C VAL H 29 -34.56 -2.29 -7.41
N SER H 30 -33.49 -1.80 -8.05
CA SER H 30 -32.32 -2.61 -8.42
C SER H 30 -31.30 -2.79 -7.28
N SER H 31 -31.76 -2.93 -6.04
CA SER H 31 -30.84 -3.05 -4.91
C SER H 31 -31.55 -3.65 -3.71
N LYS H 32 -32.80 -4.09 -3.88
CA LYS H 32 -33.55 -4.72 -2.82
C LYS H 32 -34.48 -5.78 -3.39
N TYR H 33 -34.79 -6.79 -2.58
CA TYR H 33 -35.72 -7.84 -2.99
C TYR H 33 -37.16 -7.35 -2.91
N MET H 34 -37.96 -7.70 -3.92
CA MET H 34 -39.34 -7.27 -4.04
C MET H 34 -40.26 -8.49 -4.02
N THR H 35 -41.47 -8.34 -3.47
CA THR H 35 -42.33 -9.48 -3.18
C THR H 35 -43.77 -9.18 -3.59
N TRP H 36 -44.59 -10.25 -3.63
CA TRP H 36 -46.01 -10.18 -3.97
C TRP H 36 -46.80 -11.03 -3.00
N VAL H 37 -47.78 -10.44 -2.32
CA VAL H 37 -48.66 -11.14 -1.39
C VAL H 37 -50.10 -10.97 -1.87
N ARG H 38 -50.84 -12.08 -1.93
CA ARG H 38 -52.25 -12.06 -2.33
C ARG H 38 -53.11 -12.48 -1.14
N GLN H 39 -54.34 -11.97 -1.11
CA GLN H 39 -55.23 -12.20 0.03
C GLN H 39 -56.65 -12.47 -0.47
N ALA H 40 -57.12 -13.71 -0.27
CA ALA H 40 -58.45 -14.13 -0.66
C ALA H 40 -59.52 -13.48 0.22
N PRO H 41 -60.79 -13.48 -0.22
CA PRO H 41 -61.88 -12.97 0.62
C PRO H 41 -62.00 -13.70 1.96
N GLY H 42 -61.69 -13.01 3.06
CA GLY H 42 -61.84 -13.59 4.38
C GLY H 42 -60.85 -14.66 4.74
N LYS H 43 -59.77 -14.79 3.97
CA LYS H 43 -58.71 -15.75 4.27
C LYS H 43 -57.52 -14.98 4.84
N GLY H 44 -56.37 -15.64 4.92
CA GLY H 44 -55.16 -15.05 5.43
C GLY H 44 -54.30 -14.43 4.36
N LEU H 45 -53.03 -14.25 4.69
CA LEU H 45 -52.04 -13.70 3.76
C LEU H 45 -51.27 -14.84 3.13
N GLU H 46 -51.09 -14.79 1.81
CA GLU H 46 -50.40 -15.83 1.08
C GLU H 46 -49.31 -15.21 0.23
N TRP H 47 -48.06 -15.61 0.47
CA TRP H 47 -46.93 -15.18 -0.34
C TRP H 47 -47.06 -15.79 -1.74
N VAL H 48 -46.63 -15.05 -2.76
CA VAL H 48 -46.85 -15.40 -4.17
C VAL H 48 -45.54 -15.53 -4.93
N SER H 49 -44.72 -14.49 -4.94
CA SER H 49 -43.51 -14.48 -5.77
C SER H 49 -42.55 -13.42 -5.26
N VAL H 50 -41.28 -13.61 -5.58
CA VAL H 50 -40.21 -12.74 -5.09
C VAL H 50 -39.09 -12.67 -6.11
N ILE H 51 -38.51 -11.47 -6.26
CA ILE H 51 -37.33 -11.24 -7.07
C ILE H 51 -36.29 -10.54 -6.19
N TYR H 52 -35.11 -11.13 -6.09
CA TYR H 52 -34.03 -10.58 -5.30
C TYR H 52 -33.22 -9.60 -6.15
N GLY H 53 -32.33 -8.86 -5.47
CA GLY H 53 -31.53 -7.86 -6.17
C GLY H 53 -30.73 -8.42 -7.33
N GLY H 54 -30.37 -9.71 -7.29
CA GLY H 54 -29.53 -10.29 -8.33
C GLY H 54 -30.25 -11.16 -9.34
N GLY H 55 -31.58 -11.04 -9.41
CA GLY H 55 -32.36 -11.69 -10.44
C GLY H 55 -32.92 -13.05 -10.09
N SER H 56 -32.52 -13.66 -8.98
CA SER H 56 -33.11 -14.91 -8.55
C SER H 56 -34.61 -14.73 -8.33
N THR H 57 -35.41 -15.62 -8.93
CA THR H 57 -36.86 -15.56 -8.82
C THR H 57 -37.40 -16.88 -8.32
N TYR H 58 -38.43 -16.80 -7.48
CA TYR H 58 -39.07 -17.97 -6.91
C TYR H 58 -40.57 -17.74 -6.80
N TYR H 59 -41.35 -18.77 -7.10
CA TYR H 59 -42.81 -18.71 -7.10
C TYR H 59 -43.34 -19.84 -6.23
N ALA H 60 -44.40 -19.56 -5.48
CA ALA H 60 -45.01 -20.58 -4.64
C ALA H 60 -45.59 -21.68 -5.52
N ASP H 61 -45.80 -22.84 -4.90
CA ASP H 61 -46.31 -24.02 -5.62
C ASP H 61 -47.58 -23.70 -6.40
N SER H 62 -48.51 -22.96 -5.78
CA SER H 62 -49.85 -22.78 -6.35
C SER H 62 -49.81 -22.13 -7.72
N VAL H 63 -48.78 -21.30 -7.99
CA VAL H 63 -48.78 -20.45 -9.17
C VAL H 63 -47.57 -20.67 -10.06
N VAL H 64 -46.57 -21.45 -9.62
CA VAL H 64 -45.34 -21.61 -10.39
C VAL H 64 -45.64 -22.06 -11.81
N GLY H 65 -44.91 -21.52 -12.77
CA GLY H 65 -45.09 -21.81 -14.16
C GLY H 65 -46.17 -20.98 -14.85
N ARG H 66 -47.21 -20.61 -14.13
CA ARG H 66 -48.28 -19.79 -14.68
C ARG H 66 -48.06 -18.29 -14.45
N PHE H 67 -47.40 -17.91 -13.35
CA PHE H 67 -47.05 -16.52 -13.11
C PHE H 67 -45.61 -16.26 -13.54
N THR H 68 -45.28 -14.97 -13.69
CA THR H 68 -43.95 -14.57 -14.13
C THR H 68 -43.64 -13.23 -13.50
N ILE H 69 -42.73 -13.22 -12.52
CA ILE H 69 -42.31 -11.99 -11.86
C ILE H 69 -41.14 -11.42 -12.64
N SER H 70 -41.16 -10.10 -12.85
CA SER H 70 -40.09 -9.42 -13.56
C SER H 70 -40.03 -7.98 -13.08
N ARG H 71 -38.91 -7.32 -13.42
CA ARG H 71 -38.74 -5.91 -13.10
C ARG H 71 -37.99 -5.25 -14.24
N ASP H 72 -38.18 -3.94 -14.36
CA ASP H 72 -37.48 -3.13 -15.35
C ASP H 72 -36.87 -1.94 -14.63
N ASN H 73 -35.55 -1.78 -14.77
CA ASN H 73 -34.84 -0.71 -14.07
C ASN H 73 -35.33 0.67 -14.50
N SER H 74 -35.75 0.80 -15.76
CA SER H 74 -36.22 2.07 -16.32
C SER H 74 -37.39 2.65 -15.55
N LYS H 75 -38.58 2.05 -15.70
CA LYS H 75 -39.78 2.56 -15.06
C LYS H 75 -39.81 2.35 -13.56
N ASN H 76 -38.79 1.73 -12.99
CA ASN H 76 -38.67 1.51 -11.54
C ASN H 76 -39.95 0.91 -10.97
N THR H 77 -40.40 -0.17 -11.60
CA THR H 77 -41.66 -0.79 -11.23
C THR H 77 -41.53 -2.29 -11.49
N LEU H 78 -41.77 -3.08 -10.46
CA LEU H 78 -41.84 -4.53 -10.60
C LEU H 78 -43.25 -4.94 -11.02
N TYR H 79 -43.34 -5.90 -11.94
CA TYR H 79 -44.62 -6.38 -12.46
C TYR H 79 -44.93 -7.77 -11.91
N LEU H 80 -46.05 -8.32 -12.38
CA LEU H 80 -46.43 -9.70 -12.04
C LEU H 80 -47.39 -10.19 -13.13
N GLN H 81 -46.83 -10.83 -14.16
CA GLN H 81 -47.64 -11.34 -15.24
C GLN H 81 -48.38 -12.60 -14.78
N MET H 82 -49.71 -12.58 -14.91
CA MET H 82 -50.57 -13.66 -14.42
C MET H 82 -51.27 -14.27 -15.64
N ASN H 83 -50.83 -15.47 -16.05
CA ASN H 83 -51.39 -16.17 -17.19
C ASN H 83 -52.19 -17.39 -16.74
N SER H 84 -53.26 -17.69 -17.48
CA SER H 84 -54.13 -18.82 -17.19
C SER H 84 -54.72 -18.72 -15.78
N LEU H 85 -55.50 -17.65 -15.58
CA LEU H 85 -56.16 -17.45 -14.30
C LEU H 85 -57.42 -18.30 -14.20
N ARG H 86 -57.55 -19.00 -13.08
CA ARG H 86 -58.75 -19.77 -12.77
C ARG H 86 -59.49 -19.09 -11.63
N ALA H 87 -60.59 -19.73 -11.20
CA ALA H 87 -61.43 -19.13 -10.15
C ALA H 87 -60.65 -18.91 -8.87
N GLU H 88 -59.76 -19.83 -8.51
CA GLU H 88 -59.09 -19.76 -7.21
C GLU H 88 -58.08 -18.63 -7.13
N ASP H 89 -57.61 -18.09 -8.26
CA ASP H 89 -56.66 -16.99 -8.23
C ASP H 89 -57.28 -15.65 -7.84
N THR H 90 -58.60 -15.56 -7.81
CA THR H 90 -59.26 -14.29 -7.52
C THR H 90 -58.95 -13.84 -6.08
N ALA H 91 -58.27 -12.72 -5.95
CA ALA H 91 -57.86 -12.20 -4.63
C ALA H 91 -57.39 -10.76 -4.84
N VAL H 92 -56.84 -10.18 -3.77
CA VAL H 92 -56.29 -8.83 -3.80
C VAL H 92 -54.77 -8.95 -3.66
N TYR H 93 -54.04 -8.38 -4.60
CA TYR H 93 -52.60 -8.60 -4.73
C TYR H 93 -51.85 -7.37 -4.24
N TYR H 94 -51.03 -7.56 -3.21
CA TYR H 94 -50.22 -6.51 -2.62
C TYR H 94 -48.79 -6.73 -3.08
N CYS H 95 -48.05 -5.64 -3.30
CA CYS H 95 -46.61 -5.72 -3.48
C CYS H 95 -45.92 -5.09 -2.28
N ALA H 96 -44.71 -5.53 -2.01
CA ALA H 96 -44.00 -5.09 -0.81
C ALA H 96 -42.50 -5.29 -0.99
N SER H 97 -41.74 -4.59 -0.15
CA SER H 97 -40.29 -4.68 -0.10
C SER H 97 -39.85 -4.21 1.28
N ARG H 98 -38.53 -4.19 1.52
CA ARG H 98 -38.02 -3.70 2.79
C ARG H 98 -37.18 -2.45 2.53
N LEU H 99 -37.68 -1.31 3.02
CA LEU H 99 -36.97 -0.05 2.91
C LEU H 99 -35.64 -0.13 3.67
N GLY H 100 -35.71 -0.36 4.98
CA GLY H 100 -34.52 -0.38 5.82
C GLY H 100 -33.52 -1.44 5.40
N VAL H 101 -32.35 -1.39 6.03
CA VAL H 101 -31.21 -2.21 5.67
C VAL H 101 -30.84 -3.14 6.81
N ARG H 102 -30.68 -4.42 6.48
CA ARG H 102 -30.04 -5.44 7.32
C ARG H 102 -29.70 -6.61 6.38
N ALA H 103 -29.24 -7.71 6.94
CA ALA H 103 -28.84 -8.86 6.14
C ALA H 103 -29.71 -10.11 6.32
N THR H 104 -30.76 -10.06 7.14
CA THR H 104 -31.79 -11.09 7.13
C THR H 104 -32.73 -10.87 5.95
N THR H 105 -33.52 -11.90 5.61
CA THR H 105 -34.38 -11.85 4.44
C THR H 105 -35.79 -12.32 4.77
N GLY H 106 -36.76 -11.40 4.74
CA GLY H 106 -38.14 -11.79 4.85
C GLY H 106 -39.15 -10.74 5.27
N ASP H 107 -38.77 -9.89 6.23
CA ASP H 107 -39.70 -8.89 6.73
C ASP H 107 -40.01 -7.84 5.66
N LEU H 108 -41.13 -7.16 5.85
CA LEU H 108 -41.62 -6.15 4.93
C LEU H 108 -42.11 -4.95 5.74
N ASP H 109 -41.86 -3.73 5.25
CA ASP H 109 -42.40 -2.53 5.88
C ASP H 109 -42.78 -1.42 4.89
N TYR H 110 -42.65 -1.64 3.59
CA TYR H 110 -43.38 -0.88 2.58
C TYR H 110 -44.33 -1.84 1.87
N TRP H 111 -45.63 -1.54 1.89
CA TRP H 111 -46.63 -2.29 1.15
C TRP H 111 -47.44 -1.34 0.28
N GLY H 112 -47.78 -1.78 -0.92
CA GLY H 112 -48.57 -0.95 -1.80
C GLY H 112 -50.01 -0.82 -1.31
N GLN H 113 -50.80 -0.07 -2.09
CA GLN H 113 -52.21 0.12 -1.75
C GLN H 113 -52.96 -1.20 -1.73
N GLY H 114 -52.83 -1.99 -2.80
CA GLY H 114 -53.65 -3.19 -2.97
C GLY H 114 -54.64 -3.10 -4.11
N THR H 115 -54.48 -3.99 -5.10
CA THR H 115 -55.33 -4.02 -6.28
C THR H 115 -56.08 -5.34 -6.36
N LEU H 116 -57.37 -5.24 -6.67
CA LEU H 116 -58.24 -6.42 -6.78
C LEU H 116 -58.14 -7.03 -8.16
N VAL H 117 -58.13 -8.36 -8.20
CA VAL H 117 -58.16 -9.12 -9.45
C VAL H 117 -59.30 -10.12 -9.33
N THR H 118 -60.32 -9.96 -10.17
CA THR H 118 -61.51 -10.81 -10.14
C THR H 118 -61.55 -11.66 -11.41
N VAL H 119 -61.69 -12.97 -11.24
CA VAL H 119 -61.80 -13.91 -12.36
C VAL H 119 -63.21 -14.47 -12.35
N SER H 120 -64.02 -14.09 -13.36
CA SER H 120 -65.40 -14.55 -13.45
C SER H 120 -65.91 -14.30 -14.86
N SER H 121 -66.93 -15.08 -15.25
CA SER H 121 -67.51 -14.92 -16.58
C SER H 121 -68.46 -13.73 -16.64
N ALA H 122 -69.14 -13.43 -15.53
CA ALA H 122 -70.17 -12.40 -15.50
C ALA H 122 -69.70 -11.09 -16.14
N SER H 123 -70.63 -10.43 -16.82
CA SER H 123 -70.38 -9.13 -17.44
C SER H 123 -70.23 -8.04 -16.38
N THR H 124 -69.93 -6.83 -16.85
CA THR H 124 -69.74 -5.66 -16.00
C THR H 124 -70.97 -4.76 -16.07
N LYS H 125 -71.50 -4.38 -14.90
CA LYS H 125 -72.65 -3.49 -14.81
C LYS H 125 -72.33 -2.31 -13.89
N GLY H 126 -72.70 -1.12 -14.34
CA GLY H 126 -72.50 0.09 -13.57
C GLY H 126 -73.58 0.27 -12.52
N PRO H 127 -73.26 1.01 -11.45
CA PRO H 127 -74.20 1.13 -10.33
C PRO H 127 -75.31 2.13 -10.59
N SER H 128 -76.42 1.91 -9.90
CA SER H 128 -77.54 2.86 -9.86
C SER H 128 -77.54 3.50 -8.48
N VAL H 129 -77.37 4.82 -8.44
CA VAL H 129 -77.19 5.56 -7.19
C VAL H 129 -78.46 6.36 -6.93
N PHE H 130 -79.08 6.11 -5.77
CA PHE H 130 -80.29 6.79 -5.36
C PHE H 130 -80.07 7.51 -4.03
N PRO H 131 -80.70 8.67 -3.83
CA PRO H 131 -80.53 9.39 -2.57
C PRO H 131 -81.46 8.88 -1.48
N LEU H 132 -80.95 8.80 -0.26
CA LEU H 132 -81.73 8.42 0.92
C LEU H 132 -82.13 9.69 1.66
N ALA H 133 -83.37 10.13 1.46
CA ALA H 133 -83.83 11.41 1.98
C ALA H 133 -83.94 11.37 3.49
N PRO H 134 -83.45 12.38 4.21
CA PRO H 134 -83.61 12.38 5.68
C PRO H 134 -85.08 12.41 6.08
N SER H 135 -85.37 11.79 7.22
CA SER H 135 -86.73 11.57 7.67
C SER H 135 -87.41 12.90 8.02
N SER H 136 -88.73 12.89 7.99
CA SER H 136 -89.51 14.09 8.30
C SER H 136 -89.31 14.54 9.73
N LYS H 137 -88.80 13.67 10.60
CA LYS H 137 -88.54 14.02 11.99
C LYS H 137 -87.14 14.66 12.11
N SER H 138 -86.87 15.22 13.29
CA SER H 138 -85.57 15.83 13.58
C SER H 138 -85.01 15.39 14.92
N THR H 139 -85.55 14.31 15.50
CA THR H 139 -85.04 13.75 16.75
C THR H 139 -84.18 12.54 16.43
N SER H 140 -84.15 11.56 17.33
CA SER H 140 -83.44 10.28 17.17
C SER H 140 -81.93 10.51 17.08
N GLY H 141 -81.37 10.91 18.23
CA GLY H 141 -79.95 11.18 18.36
C GLY H 141 -79.60 12.64 18.48
N GLY H 142 -80.57 13.54 18.38
CA GLY H 142 -80.31 14.96 18.38
C GLY H 142 -80.09 15.54 16.99
N THR H 143 -79.87 14.69 16.00
CA THR H 143 -79.58 15.13 14.64
C THR H 143 -80.44 14.30 13.69
N ALA H 144 -80.03 14.21 12.43
CA ALA H 144 -80.73 13.42 11.44
C ALA H 144 -79.71 12.74 10.52
N ALA H 145 -80.17 11.81 9.71
CA ALA H 145 -79.28 11.05 8.85
C ALA H 145 -79.80 11.04 7.43
N LEU H 146 -78.87 11.05 6.47
CA LEU H 146 -79.16 10.89 5.06
C LEU H 146 -78.05 10.03 4.47
N GLY H 147 -78.26 9.54 3.24
CA GLY H 147 -77.27 8.67 2.65
C GLY H 147 -77.51 8.35 1.20
N CYS H 148 -76.82 7.30 0.74
CA CYS H 148 -76.83 6.89 -0.66
C CYS H 148 -76.80 5.37 -0.75
N LEU H 149 -77.54 4.81 -1.71
CA LEU H 149 -77.61 3.38 -1.95
C LEU H 149 -76.95 3.05 -3.29
N VAL H 150 -75.78 2.40 -3.24
CA VAL H 150 -75.06 1.99 -4.43
C VAL H 150 -75.47 0.55 -4.72
N LYS H 151 -76.40 0.38 -5.67
CA LYS H 151 -77.09 -0.88 -5.90
C LYS H 151 -76.90 -1.37 -7.33
N ASP H 152 -76.84 -2.69 -7.49
CA ASP H 152 -76.85 -3.37 -8.79
C ASP H 152 -75.61 -3.07 -9.63
N TYR H 153 -74.44 -3.47 -9.13
CA TYR H 153 -73.20 -3.38 -9.88
C TYR H 153 -72.42 -4.69 -9.80
N PHE H 154 -71.46 -4.84 -10.72
CA PHE H 154 -70.54 -5.98 -10.78
C PHE H 154 -69.38 -5.69 -11.71
N PRO H 155 -68.15 -6.05 -11.29
CA PRO H 155 -67.85 -6.58 -9.95
C PRO H 155 -67.33 -5.50 -9.00
N GLU H 156 -66.78 -5.92 -7.86
CA GLU H 156 -66.14 -5.01 -6.92
C GLU H 156 -64.89 -4.38 -7.54
N PRO H 157 -64.39 -3.26 -6.97
CA PRO H 157 -64.90 -2.47 -5.84
C PRO H 157 -65.57 -1.15 -6.25
N VAL H 158 -66.31 -0.55 -5.32
CA VAL H 158 -66.88 0.79 -5.51
C VAL H 158 -66.50 1.62 -4.29
N THR H 159 -66.06 2.85 -4.54
CA THR H 159 -65.64 3.77 -3.50
C THR H 159 -66.67 4.90 -3.36
N VAL H 160 -67.06 5.19 -2.13
CA VAL H 160 -68.05 6.24 -1.86
C VAL H 160 -67.47 7.20 -0.81
N SER H 161 -67.28 8.45 -1.21
CA SER H 161 -66.88 9.55 -0.34
C SER H 161 -68.01 10.57 -0.30
N TRP H 162 -67.82 11.62 0.51
CA TRP H 162 -68.84 12.65 0.69
C TRP H 162 -68.22 14.02 0.49
N ASN H 163 -68.81 14.79 -0.44
CA ASN H 163 -68.40 16.17 -0.70
C ASN H 163 -66.95 16.23 -1.21
N SER H 164 -66.62 15.30 -2.12
CA SER H 164 -65.28 15.18 -2.70
C SER H 164 -64.22 14.95 -1.63
N GLY H 165 -64.62 14.30 -0.53
CA GLY H 165 -63.73 14.03 0.58
C GLY H 165 -63.79 15.02 1.73
N ALA H 166 -64.67 16.03 1.67
CA ALA H 166 -64.72 17.04 2.70
C ALA H 166 -65.46 16.56 3.95
N LEU H 167 -66.67 16.03 3.78
CA LEU H 167 -67.46 15.57 4.92
C LEU H 167 -67.00 14.16 5.31
N THR H 168 -66.32 14.05 6.46
CA THR H 168 -65.75 12.80 6.94
C THR H 168 -66.33 12.32 8.26
N SER H 169 -66.65 13.24 9.18
CA SER H 169 -67.11 12.82 10.50
C SER H 169 -68.53 12.28 10.43
N GLY H 170 -68.79 11.21 11.18
CA GLY H 170 -70.09 10.56 11.21
C GLY H 170 -70.40 9.68 10.02
N VAL H 171 -69.50 9.60 9.04
CA VAL H 171 -69.74 8.84 7.81
C VAL H 171 -69.52 7.35 8.07
N HIS H 172 -70.33 6.51 7.41
CA HIS H 172 -70.21 5.07 7.50
C HIS H 172 -70.52 4.47 6.12
N THR H 173 -69.50 3.95 5.45
CA THR H 173 -69.66 3.26 4.18
C THR H 173 -69.58 1.75 4.42
N PHE H 174 -70.66 1.06 4.16
CA PHE H 174 -70.85 -0.34 4.50
C PHE H 174 -70.26 -1.25 3.42
N PRO H 175 -69.76 -2.42 3.83
CA PRO H 175 -69.35 -3.41 2.82
C PRO H 175 -70.55 -3.94 2.06
N ALA H 176 -70.32 -4.25 0.78
CA ALA H 176 -71.39 -4.71 -0.08
C ALA H 176 -71.87 -6.12 0.30
N VAL H 177 -73.06 -6.46 -0.20
CA VAL H 177 -73.62 -7.80 -0.05
C VAL H 177 -74.07 -8.25 -1.44
N LEU H 178 -73.64 -9.45 -1.83
CA LEU H 178 -73.97 -10.02 -3.14
C LEU H 178 -75.46 -10.35 -3.19
N GLN H 179 -76.23 -9.51 -3.90
CA GLN H 179 -77.65 -9.76 -4.09
C GLN H 179 -77.88 -11.05 -4.87
N SER H 180 -79.12 -11.57 -4.77
CA SER H 180 -79.48 -12.82 -5.46
C SER H 180 -79.30 -12.71 -6.98
N SER H 181 -79.50 -11.54 -7.55
CA SER H 181 -79.38 -11.35 -8.99
C SER H 181 -77.92 -11.34 -9.44
N GLY H 182 -77.00 -11.81 -8.59
CA GLY H 182 -75.60 -11.86 -8.94
C GLY H 182 -74.87 -10.54 -8.89
N LEU H 183 -75.54 -9.44 -8.57
CA LEU H 183 -74.93 -8.13 -8.48
C LEU H 183 -74.70 -7.75 -7.02
N TYR H 184 -73.78 -6.80 -6.82
CA TYR H 184 -73.43 -6.33 -5.50
C TYR H 184 -74.24 -5.09 -5.13
N SER H 185 -74.35 -4.83 -3.82
CA SER H 185 -75.10 -3.67 -3.34
C SER H 185 -74.58 -3.24 -1.97
N LEU H 186 -74.29 -1.95 -1.83
CA LEU H 186 -73.89 -1.37 -0.55
C LEU H 186 -74.55 -0.02 -0.37
N SER H 187 -74.58 0.43 0.89
CA SER H 187 -75.18 1.71 1.26
C SER H 187 -74.12 2.59 1.90
N SER H 188 -74.30 3.91 1.78
CA SER H 188 -73.40 4.88 2.40
C SER H 188 -74.23 6.00 3.00
N VAL H 189 -74.04 6.24 4.30
CA VAL H 189 -74.84 7.20 5.06
C VAL H 189 -73.89 8.18 5.74
N VAL H 190 -74.47 9.27 6.25
CA VAL H 190 -73.73 10.23 7.07
C VAL H 190 -74.70 10.87 8.06
N THR H 191 -74.32 10.87 9.35
CA THR H 191 -75.14 11.53 10.36
C THR H 191 -74.80 13.02 10.36
N VAL H 192 -75.81 13.86 10.14
CA VAL H 192 -75.62 15.29 9.99
C VAL H 192 -76.58 15.99 10.95
N PRO H 193 -76.27 17.20 11.43
CA PRO H 193 -77.19 17.88 12.35
C PRO H 193 -78.50 18.23 11.66
N SER H 194 -79.61 17.83 12.29
CA SER H 194 -80.93 18.09 11.72
C SER H 194 -81.25 19.58 11.65
N SER H 195 -80.40 20.43 12.21
CA SER H 195 -80.52 21.87 12.06
C SER H 195 -79.95 22.35 10.74
N SER H 196 -79.38 21.45 9.93
CA SER H 196 -78.88 21.78 8.60
C SER H 196 -79.12 20.60 7.64
N LEU H 197 -80.34 20.07 7.63
CA LEU H 197 -80.69 19.05 6.64
C LEU H 197 -80.79 19.64 5.24
N GLY H 198 -81.40 20.81 5.12
CA GLY H 198 -81.45 21.55 3.88
C GLY H 198 -80.48 22.71 3.79
N THR H 199 -79.66 22.93 4.81
CA THR H 199 -78.71 24.04 4.83
C THR H 199 -77.36 23.65 4.26
N GLN H 200 -76.83 22.52 4.69
CA GLN H 200 -75.52 22.06 4.26
C GLN H 200 -75.65 21.25 2.98
N THR H 201 -74.66 21.37 2.11
CA THR H 201 -74.64 20.64 0.85
C THR H 201 -74.04 19.24 1.05
N TYR H 202 -74.77 18.21 0.62
CA TYR H 202 -74.39 16.82 0.82
C TYR H 202 -74.39 16.13 -0.53
N ILE H 203 -73.20 15.78 -1.03
CA ILE H 203 -73.02 15.17 -2.34
C ILE H 203 -72.21 13.90 -2.15
N CYS H 204 -72.84 12.73 -2.35
CA CYS H 204 -72.14 11.46 -2.26
C CYS H 204 -71.55 11.09 -3.62
N ASN H 205 -70.26 10.78 -3.64
CA ASN H 205 -69.50 10.56 -4.88
C ASN H 205 -69.24 9.06 -5.03
N VAL H 206 -69.96 8.42 -5.95
CA VAL H 206 -69.84 6.99 -6.19
C VAL H 206 -68.88 6.79 -7.35
N ASN H 207 -67.83 6.00 -7.12
CA ASN H 207 -66.81 5.74 -8.14
C ASN H 207 -66.59 4.24 -8.25
N HIS H 208 -66.91 3.68 -9.43
CA HIS H 208 -66.79 2.25 -9.71
C HIS H 208 -66.08 2.09 -11.05
N LYS H 209 -64.74 1.98 -11.00
CA LYS H 209 -63.90 2.02 -12.20
C LYS H 209 -63.94 0.79 -13.10
N PRO H 210 -64.31 -0.41 -12.63
CA PRO H 210 -64.44 -1.54 -13.58
C PRO H 210 -65.42 -1.30 -14.73
N SER H 211 -66.32 -0.33 -14.63
CA SER H 211 -67.28 -0.06 -15.69
C SER H 211 -67.20 1.36 -16.25
N ASN H 212 -66.32 2.22 -15.71
CA ASN H 212 -66.10 3.58 -16.21
C ASN H 212 -67.31 4.50 -15.98
N THR H 213 -67.95 4.37 -14.82
CA THR H 213 -69.11 5.18 -14.45
C THR H 213 -68.79 5.99 -13.20
N LYS H 214 -69.02 7.30 -13.25
CA LYS H 214 -68.82 8.18 -12.10
C LYS H 214 -70.05 9.07 -11.93
N VAL H 215 -70.87 8.77 -10.92
CA VAL H 215 -72.19 9.38 -10.74
C VAL H 215 -72.17 10.26 -9.49
N ASP H 216 -72.73 11.47 -9.62
CA ASP H 216 -72.94 12.39 -8.49
C ASP H 216 -74.43 12.61 -8.29
N LYS H 217 -74.96 12.17 -7.15
CA LYS H 217 -76.36 12.37 -6.78
C LYS H 217 -76.43 13.11 -5.45
N ARG H 218 -77.23 14.18 -5.40
CA ARG H 218 -77.34 15.01 -4.20
C ARG H 218 -78.49 14.55 -3.32
N VAL H 219 -78.26 14.54 -2.02
CA VAL H 219 -79.22 14.07 -1.03
C VAL H 219 -79.76 15.28 -0.26
N GLU H 220 -80.98 15.69 -0.58
CA GLU H 220 -81.72 16.73 0.11
C GLU H 220 -83.02 16.16 0.65
N PRO H 221 -83.60 16.77 1.70
CA PRO H 221 -84.86 16.25 2.26
C PRO H 221 -85.96 16.15 1.20
N LYS H 222 -86.90 15.25 1.46
CA LYS H 222 -87.91 14.89 0.47
C LYS H 222 -89.07 15.90 0.44
N SER H 223 -89.70 16.01 -0.73
CA SER H 223 -90.76 17.01 -0.93
C SER H 223 -91.95 16.73 -0.04
N CYS H 224 -92.45 15.50 -0.04
CA CYS H 224 -93.59 15.10 0.78
C CYS H 224 -94.83 15.96 0.49
N ALA I 1 -8.46 112.80 -22.49
CA ALA I 1 -7.83 111.58 -21.99
C ALA I 1 -6.32 111.77 -21.92
N ILE I 2 -5.86 112.90 -22.48
CA ILE I 2 -4.44 113.27 -22.50
C ILE I 2 -4.30 114.73 -22.03
N ALA I 3 -3.13 115.05 -21.46
CA ALA I 3 -2.78 116.42 -21.09
C ALA I 3 -1.27 116.54 -20.88
N SER I 4 -0.66 117.47 -21.60
CA SER I 4 0.76 117.67 -21.57
C SER I 4 1.01 118.82 -20.62
N GLY I 5 2.25 119.08 -20.20
CA GLY I 5 3.41 118.23 -20.48
C GLY I 5 3.67 117.37 -19.29
N VAL I 6 2.60 117.03 -18.58
CA VAL I 6 2.68 116.18 -17.39
C VAL I 6 2.98 114.74 -17.80
N ALA I 7 4.26 114.46 -18.08
CA ALA I 7 4.71 113.14 -18.50
C ALA I 7 3.67 112.41 -19.33
N VAL I 8 3.34 112.89 -20.53
CA VAL I 8 2.32 112.25 -21.36
C VAL I 8 2.73 110.84 -21.75
N SER I 9 3.89 110.71 -22.39
CA SER I 9 4.29 109.41 -22.91
C SER I 9 4.56 108.45 -21.77
N LYS I 10 5.17 108.94 -20.68
CA LYS I 10 5.49 108.07 -19.56
C LYS I 10 4.25 107.66 -18.79
N VAL I 11 3.17 108.41 -18.87
CA VAL I 11 1.95 108.00 -18.18
C VAL I 11 1.20 107.02 -19.04
N LEU I 12 1.31 107.17 -20.35
CA LEU I 12 0.65 106.25 -21.25
C LEU I 12 1.37 104.91 -21.21
N HIS I 13 2.66 104.94 -20.96
CA HIS I 13 3.45 103.73 -20.90
C HIS I 13 3.05 102.90 -19.69
N LEU I 14 2.85 103.50 -18.53
CA LEU I 14 2.46 102.65 -17.41
C LEU I 14 1.07 102.09 -17.61
N GLU I 15 0.22 102.76 -18.38
CA GLU I 15 -1.06 102.10 -18.65
C GLU I 15 -0.85 100.86 -19.52
N GLY I 16 0.25 100.78 -20.26
CA GLY I 16 0.50 99.57 -21.01
C GLY I 16 1.08 98.49 -20.13
N GLU I 17 2.05 98.85 -19.28
CA GLU I 17 2.65 97.86 -18.38
C GLU I 17 1.59 97.22 -17.50
N VAL I 18 0.58 97.97 -17.11
CA VAL I 18 -0.40 97.40 -16.19
C VAL I 18 -1.36 96.51 -16.96
N ASN I 19 -1.58 96.81 -18.23
CA ASN I 19 -2.42 95.95 -19.04
C ASN I 19 -1.67 94.72 -19.50
N LYS I 20 -0.35 94.79 -19.57
CA LYS I 20 0.40 93.59 -19.92
C LYS I 20 0.56 92.72 -18.68
N ILE I 21 0.82 93.33 -17.52
CA ILE I 21 0.93 92.53 -16.31
C ILE I 21 -0.41 91.94 -15.99
N LYS I 22 -1.48 92.53 -16.52
CA LYS I 22 -2.83 92.04 -16.26
C LYS I 22 -3.14 90.85 -17.15
N SER I 23 -2.72 90.90 -18.41
CA SER I 23 -2.92 89.74 -19.25
C SER I 23 -1.96 88.62 -18.86
N ALA I 24 -0.78 88.97 -18.36
CA ALA I 24 0.20 87.98 -17.94
C ALA I 24 -0.34 87.11 -16.82
N LEU I 25 -0.82 87.73 -15.75
CA LEU I 25 -1.30 86.95 -14.63
C LEU I 25 -2.55 86.17 -14.98
N LEU I 26 -3.28 86.59 -16.02
CA LEU I 26 -4.42 85.79 -16.44
C LEU I 26 -3.98 84.48 -17.07
N SER I 27 -2.94 84.50 -17.89
CA SER I 27 -2.47 83.24 -18.45
C SER I 27 -1.83 82.38 -17.38
N THR I 28 -1.07 82.98 -16.48
CA THR I 28 -0.46 82.19 -15.42
C THR I 28 -1.53 81.45 -14.64
N ASN I 29 -2.61 82.16 -14.30
CA ASN I 29 -3.75 81.52 -13.65
C ASN I 29 -4.25 80.32 -14.43
N LYS I 30 -4.39 80.45 -15.76
CA LYS I 30 -4.95 79.32 -16.50
C LYS I 30 -4.03 78.12 -16.43
N ALA I 31 -2.73 78.35 -16.24
CA ALA I 31 -1.82 77.23 -16.05
C ALA I 31 -2.06 76.57 -14.71
N VAL I 32 -2.20 77.35 -13.65
CA VAL I 32 -2.41 76.73 -12.35
C VAL I 32 -3.73 75.99 -12.33
N VAL I 33 -4.60 76.28 -13.29
CA VAL I 33 -5.84 75.55 -13.42
C VAL I 33 -5.66 74.27 -14.21
N SER I 34 -4.88 74.30 -15.28
CA SER I 34 -4.64 73.07 -16.03
C SER I 34 -3.87 72.08 -15.19
N LEU I 35 -2.74 72.52 -14.63
CA LEU I 35 -1.98 71.65 -13.74
C LEU I 35 -2.87 71.14 -12.63
N SER I 36 -3.94 71.87 -12.32
CA SER I 36 -4.81 71.44 -11.23
C SER I 36 -5.83 70.43 -11.72
N ASN I 37 -6.27 70.55 -12.96
CA ASN I 37 -7.13 69.50 -13.49
C ASN I 37 -6.29 68.28 -13.79
N GLY I 38 -5.03 68.49 -14.09
CA GLY I 38 -4.15 67.35 -14.32
C GLY I 38 -3.91 66.60 -13.03
N VAL I 39 -3.51 67.31 -11.98
CA VAL I 39 -3.32 66.64 -10.71
C VAL I 39 -4.62 66.03 -10.24
N SER I 40 -5.74 66.51 -10.74
CA SER I 40 -6.99 65.91 -10.29
C SER I 40 -7.15 64.54 -10.89
N VAL I 41 -6.88 64.40 -12.18
CA VAL I 41 -7.06 63.11 -12.81
C VAL I 41 -5.96 62.15 -12.38
N LEU I 42 -4.76 62.65 -12.08
CA LEU I 42 -3.75 61.74 -11.56
C LEU I 42 -4.14 61.23 -10.20
N THR I 43 -4.59 62.13 -9.33
CA THR I 43 -5.06 61.68 -8.04
C THR I 43 -6.16 60.65 -8.18
N SER I 44 -7.17 60.95 -8.99
CA SER I 44 -8.23 59.99 -9.27
C SER I 44 -7.66 58.61 -9.64
N LYS I 45 -6.62 58.59 -10.49
CA LYS I 45 -6.08 57.30 -10.91
C LYS I 45 -5.26 56.63 -9.82
N VAL I 46 -4.45 57.38 -9.08
CA VAL I 46 -3.70 56.81 -7.95
C VAL I 46 -4.65 56.18 -6.97
N LEU I 47 -5.93 56.50 -7.08
CA LEU I 47 -6.92 55.89 -6.21
C LEU I 47 -7.40 54.59 -6.82
N ASP I 48 -7.59 54.59 -8.13
CA ASP I 48 -8.02 53.38 -8.80
C ASP I 48 -6.92 52.35 -8.77
N LEU I 49 -5.69 52.75 -8.48
CA LEU I 49 -4.62 51.78 -8.30
C LEU I 49 -4.64 51.20 -6.90
N LYS I 50 -5.14 51.95 -5.92
CA LYS I 50 -5.29 51.37 -4.60
C LYS I 50 -6.52 50.49 -4.52
N ASN I 51 -7.54 50.74 -5.35
CA ASN I 51 -8.76 49.92 -5.32
C ASN I 51 -8.64 48.65 -6.15
N TYR I 52 -7.67 48.57 -7.03
CA TYR I 52 -7.46 47.30 -7.71
C TYR I 52 -6.66 46.40 -6.80
N ILE I 53 -5.63 46.95 -6.17
CA ILE I 53 -4.86 46.15 -5.24
C ILE I 53 -5.75 45.66 -4.12
N ASP I 54 -6.60 46.52 -3.57
CA ASP I 54 -7.29 46.15 -2.33
C ASP I 54 -8.58 45.39 -2.61
N LYS I 55 -9.38 45.83 -3.59
CA LYS I 55 -10.66 45.16 -3.83
C LYS I 55 -10.58 44.01 -4.83
N GLN I 56 -9.55 43.95 -5.66
CA GLN I 56 -9.43 42.90 -6.68
C GLN I 56 -8.35 41.88 -6.34
N LEU I 57 -7.11 42.32 -6.12
CA LEU I 57 -5.94 41.46 -6.04
C LEU I 57 -5.63 40.94 -4.65
N LEU I 58 -6.05 41.63 -3.61
CA LEU I 58 -5.82 41.06 -2.30
C LEU I 58 -6.81 39.94 -1.98
N PRO I 59 -8.06 40.02 -2.43
CA PRO I 59 -8.94 38.84 -2.29
C PRO I 59 -8.38 37.59 -2.92
N ILE I 60 -7.57 37.71 -3.98
CA ILE I 60 -7.09 36.51 -4.63
C ILE I 60 -5.83 36.02 -3.96
N VAL I 61 -4.95 36.94 -3.55
CA VAL I 61 -3.76 36.53 -2.82
C VAL I 61 -4.16 35.84 -1.52
N ASN I 62 -5.27 36.26 -0.92
CA ASN I 62 -5.66 35.66 0.35
C ASN I 62 -6.35 34.32 0.09
N LYS I 63 -7.17 34.23 -0.97
CA LYS I 63 -7.70 32.93 -1.39
C LYS I 63 -6.57 31.93 -1.64
N GLN I 64 -5.44 32.41 -2.15
CA GLN I 64 -4.30 31.54 -2.39
C GLN I 64 -3.62 31.17 -1.07
N SER I 65 -3.50 32.11 -0.15
CA SER I 65 -2.82 31.82 1.10
C SER I 65 -3.60 30.81 1.94
N CYS I 66 -4.85 30.55 1.58
CA CYS I 66 -5.79 29.63 2.20
C CYS I 66 -5.72 28.30 1.49
N SER I 67 -5.69 28.31 0.15
CA SER I 67 -5.49 27.09 -0.61
C SER I 67 -4.19 26.40 -0.18
N ILE I 68 -3.14 27.19 0.04
CA ILE I 68 -1.85 26.63 0.36
C ILE I 68 -1.80 26.16 1.78
N SER I 69 -2.67 26.66 2.64
CA SER I 69 -2.65 26.11 3.97
C SER I 69 -3.39 24.79 3.96
N ASN I 70 -4.56 24.74 3.31
CA ASN I 70 -5.24 23.46 3.12
C ASN I 70 -4.29 22.43 2.51
N ILE I 71 -3.61 22.78 1.43
CA ILE I 71 -2.74 21.80 0.80
C ILE I 71 -1.67 21.37 1.78
N GLU I 72 -0.85 22.32 2.24
CA GLU I 72 0.20 22.01 3.18
C GLU I 72 -0.28 21.16 4.35
N THR I 73 -1.56 21.25 4.69
CA THR I 73 -2.06 20.49 5.83
C THR I 73 -2.40 19.07 5.40
N VAL I 74 -3.07 18.92 4.27
CA VAL I 74 -3.44 17.59 3.81
C VAL I 74 -2.18 16.78 3.59
N ILE I 75 -1.13 17.43 3.10
CA ILE I 75 0.19 16.80 3.00
C ILE I 75 0.71 16.46 4.37
N GLU I 76 0.78 17.46 5.25
CA GLU I 76 1.34 17.24 6.57
C GLU I 76 0.52 16.24 7.37
N PHE I 77 -0.65 15.88 6.88
CA PHE I 77 -1.45 14.84 7.52
C PHE I 77 -1.06 13.45 7.05
N GLN I 78 -0.81 13.30 5.76
CA GLN I 78 -0.34 12.03 5.25
C GLN I 78 1.05 11.74 5.73
N GLN I 79 1.66 12.67 6.44
CA GLN I 79 3.07 12.66 6.79
C GLN I 79 3.31 12.44 8.26
N LYS I 80 2.47 12.98 9.15
CA LYS I 80 2.72 12.74 10.56
C LYS I 80 2.07 11.44 10.96
N ASN I 81 0.88 11.19 10.44
CA ASN I 81 0.25 9.89 10.59
C ASN I 81 0.66 8.92 9.52
N ASN I 82 1.89 9.04 9.00
CA ASN I 82 2.34 8.15 7.94
C ASN I 82 2.30 6.71 8.43
N ARG I 83 2.76 6.49 9.67
CA ARG I 83 2.78 5.15 10.23
C ARG I 83 1.37 4.63 10.38
N LEU I 84 0.48 5.43 10.97
CA LEU I 84 -0.89 4.99 11.16
C LEU I 84 -1.49 4.57 9.84
N LEU I 85 -1.36 5.42 8.82
CA LEU I 85 -2.05 5.17 7.57
C LEU I 85 -1.59 3.87 6.94
N GLU I 86 -0.32 3.48 7.11
CA GLU I 86 0.09 2.17 6.64
C GLU I 86 -0.66 1.10 7.40
N ILE I 87 -0.55 1.12 8.72
CA ILE I 87 -1.28 0.16 9.54
C ILE I 87 -2.71 0.06 9.06
N THR I 88 -3.46 1.17 9.16
CA THR I 88 -4.85 1.10 8.75
C THR I 88 -5.02 0.63 7.31
N ARG I 89 -3.99 0.75 6.48
CA ARG I 89 -4.10 0.16 5.14
C ARG I 89 -3.95 -1.34 5.22
N GLU I 90 -2.86 -1.82 5.84
CA GLU I 90 -2.65 -3.25 5.79
C GLU I 90 -3.62 -4.00 6.68
N PHE I 91 -4.39 -3.32 7.51
CA PHE I 91 -5.44 -4.10 8.15
C PHE I 91 -6.60 -4.25 7.20
N SER I 92 -6.88 -3.22 6.42
CA SER I 92 -7.90 -3.32 5.39
C SER I 92 -7.58 -4.42 4.39
N VAL I 93 -6.31 -4.70 4.16
CA VAL I 93 -5.99 -5.59 3.07
C VAL I 93 -5.95 -7.03 3.54
N ASN I 94 -5.67 -7.25 4.83
CA ASN I 94 -5.70 -8.59 5.41
C ASN I 94 -6.90 -8.86 6.29
N ALA I 95 -7.86 -7.95 6.31
CA ALA I 95 -9.06 -8.08 7.13
C ALA I 95 -8.74 -8.30 8.61
N GLY I 96 -7.75 -7.60 9.12
CA GLY I 96 -7.63 -7.50 10.55
C GLY I 96 -6.55 -8.34 11.15
N VAL I 97 -5.92 -9.22 10.39
CA VAL I 97 -4.84 -10.03 10.93
C VAL I 97 -3.74 -10.08 9.91
N THR I 98 -2.58 -9.53 10.22
CA THR I 98 -1.54 -9.51 9.22
C THR I 98 -0.31 -10.26 9.69
N THR I 99 0.32 -10.92 8.73
CA THR I 99 1.59 -11.61 8.88
C THR I 99 2.39 -11.41 7.59
N PRO I 100 3.66 -11.02 7.71
CA PRO I 100 4.35 -10.84 8.98
C PRO I 100 4.16 -9.46 9.58
N VAL I 101 4.88 -9.21 10.67
CA VAL I 101 4.79 -7.95 11.40
C VAL I 101 5.64 -6.92 10.67
N SER I 102 4.98 -6.08 9.89
CA SER I 102 5.67 -5.12 9.04
C SER I 102 6.45 -4.09 9.85
N THR I 103 7.40 -3.44 9.17
CA THR I 103 8.13 -2.37 9.87
C THR I 103 7.30 -1.21 10.12
N TYR I 104 6.02 -1.28 9.81
CA TYR I 104 5.14 -0.19 10.18
C TYR I 104 4.42 -0.51 11.47
N MET I 105 4.09 -1.77 11.66
CA MET I 105 3.35 -2.20 12.84
C MET I 105 4.26 -2.19 14.05
N LEU I 106 5.55 -2.48 13.85
CA LEU I 106 6.50 -2.59 14.95
C LEU I 106 7.88 -2.23 14.44
N THR I 107 8.39 -1.07 14.86
CA THR I 107 9.70 -0.65 14.43
C THR I 107 10.77 -1.47 15.15
N ASN I 108 12.02 -1.23 14.76
CA ASN I 108 13.11 -2.01 15.35
C ASN I 108 13.40 -1.50 16.75
N SER I 109 13.29 -0.19 16.94
CA SER I 109 13.39 0.40 18.26
C SER I 109 12.41 -0.28 19.21
N GLU I 110 11.19 -0.51 18.73
CA GLU I 110 10.16 -1.05 19.61
C GLU I 110 10.36 -2.54 19.83
N LEU I 111 10.98 -3.23 18.88
CA LEU I 111 11.21 -4.66 19.01
C LEU I 111 12.24 -4.95 20.08
N LEU I 112 13.30 -4.16 20.13
CA LEU I 112 14.26 -4.37 21.19
C LEU I 112 13.69 -3.95 22.52
N SER I 113 12.75 -3.01 22.53
CA SER I 113 12.11 -2.66 23.79
C SER I 113 11.27 -3.82 24.27
N LEU I 114 10.68 -4.55 23.33
CA LEU I 114 9.83 -5.65 23.72
C LEU I 114 10.64 -6.88 23.99
N ILE I 115 11.82 -6.97 23.38
CA ILE I 115 12.63 -8.16 23.49
C ILE I 115 13.27 -8.23 24.86
N ASN I 116 13.72 -7.10 25.37
CA ASN I 116 14.30 -7.07 26.71
C ASN I 116 13.28 -7.31 27.79
N ASP I 117 12.03 -7.43 27.43
CA ASP I 117 11.00 -7.69 28.41
C ASP I 117 10.48 -9.10 28.33
N MET I 118 10.90 -9.90 27.35
CA MET I 118 10.43 -11.29 27.32
C MET I 118 11.07 -12.11 28.45
N PRO I 119 10.27 -12.88 29.20
CA PRO I 119 10.82 -13.70 30.30
C PRO I 119 11.67 -14.81 29.70
N ILE I 120 12.81 -14.47 29.12
CA ILE I 120 13.63 -15.51 28.53
C ILE I 120 15.09 -15.26 28.87
N THR I 121 15.92 -16.13 28.36
CA THR I 121 17.31 -16.09 28.74
C THR I 121 18.05 -15.20 27.77
N ASN I 122 19.16 -14.66 28.27
CA ASN I 122 20.00 -13.81 27.45
C ASN I 122 20.33 -14.47 26.11
N ASP I 123 20.26 -15.80 26.02
CA ASP I 123 20.66 -16.46 24.80
C ASP I 123 19.52 -16.44 23.81
N GLN I 124 18.30 -16.46 24.29
CA GLN I 124 17.21 -16.28 23.35
C GLN I 124 17.15 -14.81 22.93
N LYS I 125 17.22 -13.91 23.91
CA LYS I 125 17.22 -12.49 23.62
C LYS I 125 18.26 -12.12 22.58
N LYS I 126 19.37 -12.82 22.53
CA LYS I 126 20.40 -12.41 21.60
C LYS I 126 20.15 -13.04 20.25
N LEU I 127 19.43 -14.16 20.24
CA LEU I 127 19.14 -14.86 19.01
C LEU I 127 18.04 -14.16 18.26
N MET I 128 17.13 -13.55 18.97
CA MET I 128 16.06 -12.89 18.26
C MET I 128 16.58 -11.59 17.73
N SER I 129 17.50 -10.98 18.46
CA SER I 129 18.11 -9.76 17.97
C SER I 129 18.85 -9.96 16.68
N ASN I 130 19.27 -11.17 16.37
CA ASN I 130 20.06 -11.43 15.18
C ASN I 130 19.33 -12.15 14.08
N ASN I 131 18.04 -12.40 14.22
CA ASN I 131 17.26 -12.86 13.12
C ASN I 131 15.93 -12.13 13.25
N VAL I 132 15.99 -10.80 13.18
CA VAL I 132 14.75 -10.07 13.27
C VAL I 132 13.93 -10.32 12.05
N GLN I 133 14.57 -10.64 10.93
CA GLN I 133 13.81 -10.94 9.73
C GLN I 133 12.92 -12.15 9.99
N ILE I 134 13.47 -13.21 10.57
CA ILE I 134 12.67 -14.40 10.82
C ILE I 134 11.63 -14.14 11.91
N VAL I 135 12.00 -13.44 12.98
CA VAL I 135 11.03 -13.17 14.04
C VAL I 135 9.83 -12.43 13.49
N ARG I 136 10.02 -11.61 12.49
CA ARG I 136 8.88 -10.94 11.88
C ARG I 136 8.05 -11.96 11.12
N GLN I 137 8.71 -12.76 10.29
CA GLN I 137 8.01 -13.73 9.47
C GLN I 137 7.26 -14.72 10.32
N GLN I 138 7.56 -14.79 11.60
CA GLN I 138 6.87 -15.69 12.49
C GLN I 138 5.89 -14.97 13.40
N SER I 139 5.80 -13.64 13.35
CA SER I 139 4.89 -12.97 14.27
C SER I 139 3.56 -12.64 13.61
N TYR I 140 2.62 -12.17 14.42
CA TYR I 140 1.36 -11.74 13.87
C TYR I 140 1.00 -10.35 14.36
N SER I 141 -0.08 -9.83 13.79
CA SER I 141 -0.62 -8.55 14.21
C SER I 141 -2.13 -8.59 14.02
N ILE I 142 -2.86 -8.52 15.15
CA ILE I 142 -4.30 -8.60 15.18
C ILE I 142 -4.84 -7.30 15.72
N MET I 143 -5.69 -6.63 14.96
CA MET I 143 -6.22 -5.34 15.37
C MET I 143 -7.27 -5.58 16.46
N SER I 144 -7.08 -4.99 17.65
CA SER I 144 -8.00 -5.24 18.75
C SER I 144 -9.06 -4.15 18.87
N ILE I 145 -8.72 -2.94 19.30
CA ILE I 145 -9.70 -1.88 19.50
C ILE I 145 -9.36 -0.72 18.59
N ILE I 146 -10.16 -0.54 17.56
CA ILE I 146 -10.00 0.52 16.57
C ILE I 146 -11.08 1.58 16.77
N LYS I 147 -10.68 2.76 17.24
CA LYS I 147 -11.57 3.90 17.38
C LYS I 147 -11.20 4.98 16.38
N GLU I 148 -12.18 5.84 16.17
CA GLU I 148 -12.16 6.91 15.19
C GLU I 148 -10.91 7.77 15.28
N GLU I 149 -10.60 8.25 16.47
CA GLU I 149 -9.50 9.14 16.76
C GLU I 149 -8.28 8.45 17.38
N VAL I 150 -8.26 7.11 17.42
CA VAL I 150 -7.11 6.39 17.97
C VAL I 150 -7.21 4.90 17.63
N LEU I 151 -6.15 4.34 17.08
CA LEU I 151 -6.13 2.94 16.70
C LEU I 151 -5.20 2.11 17.59
N ALA I 152 -5.67 0.91 17.94
CA ALA I 152 -4.96 -0.01 18.82
C ALA I 152 -4.99 -1.44 18.30
N TYR I 153 -3.81 -2.02 18.07
CA TYR I 153 -3.65 -3.39 17.61
C TYR I 153 -2.76 -4.18 18.56
N VAL I 154 -2.93 -5.50 18.51
CA VAL I 154 -2.15 -6.43 19.32
C VAL I 154 -1.13 -7.14 18.45
N VAL I 155 0.12 -6.85 18.71
CA VAL I 155 1.25 -7.54 18.11
C VAL I 155 1.44 -8.87 18.82
N GLN I 156 2.02 -9.83 18.13
CA GLN I 156 2.14 -11.17 18.68
C GLN I 156 3.49 -11.79 18.31
N LEU I 157 4.41 -11.72 19.22
CA LEU I 157 5.74 -12.25 18.93
C LEU I 157 5.82 -13.71 19.36
N PRO I 158 6.72 -14.49 18.75
CA PRO I 158 6.91 -15.87 19.18
C PRO I 158 7.87 -16.00 20.35
N LEU I 159 7.63 -17.00 21.17
CA LEU I 159 8.54 -17.37 22.24
C LEU I 159 9.09 -18.77 22.01
N TYR I 160 10.41 -18.93 22.22
CA TYR I 160 10.99 -20.23 21.98
C TYR I 160 11.17 -20.98 23.28
N GLY I 161 10.82 -22.26 23.24
CA GLY I 161 10.94 -23.10 24.40
C GLY I 161 12.35 -23.54 24.61
N VAL I 162 12.98 -23.94 23.51
CA VAL I 162 14.33 -24.44 23.61
C VAL I 162 15.17 -23.85 22.49
N ILE I 163 16.46 -23.75 22.75
CA ILE I 163 17.39 -23.10 21.84
C ILE I 163 18.74 -23.79 21.82
N ASP I 164 19.45 -23.55 20.71
CA ASP I 164 20.79 -24.02 20.48
C ASP I 164 20.85 -25.54 20.46
N THR I 165 19.72 -26.17 20.22
CA THR I 165 19.69 -27.57 19.90
C THR I 165 20.29 -27.84 18.53
N PRO I 166 20.86 -29.04 18.32
CA PRO I 166 21.32 -29.46 16.98
C PRO I 166 20.19 -29.99 16.15
N CYS I 167 20.09 -29.51 14.91
CA CYS I 167 19.02 -29.86 13.97
C CYS I 167 19.63 -30.48 12.71
N TRP I 168 18.77 -31.08 11.89
CA TRP I 168 19.17 -31.67 10.61
C TRP I 168 17.99 -31.85 9.67
N LYS I 169 18.30 -32.01 8.39
CA LYS I 169 17.26 -32.11 7.37
C LYS I 169 17.53 -33.28 6.42
N LEU I 170 16.49 -34.07 6.20
CA LEU I 170 16.53 -35.31 5.44
C LEU I 170 15.82 -35.19 4.12
N HIS I 171 16.54 -35.40 3.03
CA HIS I 171 15.98 -35.61 1.70
C HIS I 171 16.14 -37.06 1.35
N THR I 172 15.22 -37.59 0.57
CA THR I 172 15.28 -39.00 0.25
C THR I 172 14.96 -39.22 -1.21
N SER I 173 15.46 -40.33 -1.74
CA SER I 173 15.32 -40.63 -3.16
C SER I 173 15.13 -42.12 -3.36
N PRO I 174 14.53 -42.49 -4.49
CA PRO I 174 14.28 -43.91 -4.76
C PRO I 174 15.53 -44.78 -4.74
N LEU I 175 15.33 -46.00 -4.26
CA LEU I 175 16.35 -47.03 -4.08
C LEU I 175 15.83 -48.31 -4.69
N CYS I 176 16.58 -48.89 -5.63
CA CYS I 176 16.13 -50.06 -6.40
C CYS I 176 17.23 -51.13 -6.52
N CYS I 187 11.60 -51.19 -5.11
CA CYS I 187 12.17 -49.85 -5.17
C CYS I 187 11.75 -49.24 -3.83
N LEU I 188 12.71 -48.73 -3.07
CA LEU I 188 12.44 -48.06 -1.81
C LEU I 188 12.39 -46.55 -1.94
N THR I 189 11.59 -45.92 -1.09
CA THR I 189 11.66 -44.47 -0.98
C THR I 189 11.30 -44.07 0.45
N ARG I 190 12.29 -43.61 1.22
CA ARG I 190 12.00 -43.13 2.57
C ARG I 190 10.98 -42.00 2.51
N THR I 191 10.03 -41.97 3.44
CA THR I 191 9.04 -40.91 3.38
C THR I 191 8.94 -40.05 4.63
N ASP I 192 9.86 -40.22 5.57
CA ASP I 192 9.94 -39.32 6.71
C ASP I 192 10.84 -38.13 6.41
N ARG I 193 10.54 -37.46 5.30
CA ARG I 193 11.32 -36.32 4.84
C ARG I 193 11.02 -35.08 5.63
N GLY I 194 12.06 -34.36 6.01
CA GLY I 194 11.87 -33.05 6.64
C GLY I 194 12.95 -32.75 7.66
N TRP I 195 12.65 -31.74 8.48
CA TRP I 195 13.56 -31.23 9.51
C TRP I 195 13.41 -31.99 10.81
N TYR I 196 14.53 -32.39 11.38
CA TYR I 196 14.56 -32.99 12.71
C TYR I 196 15.30 -32.07 13.66
N CYS I 197 14.81 -31.98 14.89
CA CYS I 197 15.47 -31.19 15.92
C CYS I 197 15.44 -31.98 17.22
N ASP I 198 16.36 -31.70 18.12
CA ASP I 198 16.40 -32.39 19.41
C ASP I 198 15.62 -31.67 20.49
N ASN I 199 14.50 -32.25 20.89
CA ASN I 199 13.87 -31.78 22.12
C ASN I 199 14.57 -32.41 23.30
N ALA I 200 14.11 -32.06 24.50
CA ALA I 200 14.73 -32.63 25.69
C ALA I 200 14.65 -34.14 25.67
N GLY I 201 15.78 -34.78 25.42
CA GLY I 201 15.84 -36.23 25.43
C GLY I 201 15.40 -36.76 24.12
N SER I 202 14.31 -36.26 23.58
CA SER I 202 13.76 -36.85 22.39
C SER I 202 14.12 -36.05 21.14
N VAL I 203 13.36 -36.24 20.07
CA VAL I 203 13.56 -35.60 18.78
C VAL I 203 12.26 -35.09 18.20
N SER I 204 12.17 -33.80 17.92
CA SER I 204 11.00 -33.22 17.25
C SER I 204 11.18 -33.25 15.74
N PHE I 205 10.11 -33.60 15.03
CA PHE I 205 10.15 -33.78 13.59
C PHE I 205 9.13 -32.90 12.92
N PHE I 206 9.60 -31.89 12.20
CA PHE I 206 8.67 -31.01 11.52
C PHE I 206 8.54 -31.35 10.05
N PRO I 207 7.47 -32.00 9.65
CA PRO I 207 7.39 -32.53 8.29
C PRO I 207 6.91 -31.55 7.23
N GLN I 208 6.16 -30.51 7.58
CA GLN I 208 5.74 -29.53 6.58
C GLN I 208 6.78 -28.44 6.41
N ALA I 209 7.09 -28.13 5.16
CA ALA I 209 8.13 -27.15 4.84
C ALA I 209 7.71 -25.75 5.25
N GLU I 210 6.47 -25.56 5.68
CA GLU I 210 6.01 -24.20 5.96
C GLU I 210 6.52 -23.75 7.32
N THR I 211 6.56 -24.66 8.28
CA THR I 211 6.74 -24.29 9.68
C THR I 211 8.18 -24.09 10.09
N CYS I 212 9.15 -24.25 9.21
CA CYS I 212 10.51 -24.11 9.66
C CYS I 212 11.21 -23.06 8.82
N LYS I 213 11.72 -21.99 9.44
CA LYS I 213 12.49 -20.99 8.71
C LYS I 213 13.97 -21.18 9.01
N VAL I 214 14.79 -21.13 7.97
CA VAL I 214 16.23 -21.25 8.11
C VAL I 214 16.94 -19.99 7.66
N GLN I 215 17.86 -19.50 8.48
CA GLN I 215 18.75 -18.43 8.07
C GLN I 215 20.16 -18.81 8.46
N SER I 216 21.08 -18.71 7.51
CA SER I 216 22.46 -18.97 7.83
C SER I 216 22.63 -20.38 8.36
N ASN I 217 22.84 -20.50 9.67
CA ASN I 217 23.01 -21.80 10.29
C ASN I 217 22.04 -21.99 11.44
N ARG I 218 20.91 -21.30 11.38
CA ARG I 218 20.07 -21.14 12.55
C ARG I 218 18.64 -21.38 12.10
N VAL I 219 18.01 -22.44 12.63
CA VAL I 219 16.65 -22.82 12.27
C VAL I 219 15.63 -22.36 13.30
N PHE I 220 14.49 -21.88 12.82
CA PHE I 220 13.38 -21.49 13.68
C PHE I 220 12.15 -22.29 13.31
N CYS I 221 11.70 -23.17 14.19
CA CYS I 221 10.54 -23.99 13.87
C CYS I 221 9.33 -23.72 14.79
N ASP I 222 8.14 -23.90 14.22
CA ASP I 222 6.86 -23.81 14.92
C ASP I 222 6.45 -25.25 15.33
N THR I 223 6.20 -25.47 16.62
CA THR I 223 5.91 -26.80 17.19
C THR I 223 4.45 -27.20 17.11
N MET I 224 3.62 -26.44 16.41
CA MET I 224 2.19 -26.68 16.48
C MET I 224 1.81 -28.07 16.00
N ASN I 225 2.54 -28.63 15.03
CA ASN I 225 2.17 -29.94 14.49
C ASN I 225 3.35 -30.91 14.49
N SER I 226 4.34 -30.70 15.34
CA SER I 226 5.49 -31.57 15.31
C SER I 226 5.23 -32.90 16.00
N LEU I 227 5.92 -33.93 15.52
CA LEU I 227 5.95 -35.28 16.09
C LEU I 227 7.15 -35.45 17.02
N THR I 228 6.99 -36.26 18.04
CA THR I 228 8.08 -36.52 18.98
C THR I 228 8.55 -37.97 18.85
N LEU I 229 9.78 -38.17 18.37
CA LEU I 229 10.33 -39.49 18.09
C LEU I 229 11.48 -39.84 19.02
N PRO I 230 11.76 -41.13 19.17
CA PRO I 230 12.96 -41.54 19.92
C PRO I 230 14.20 -41.17 19.15
N SER I 231 15.33 -41.09 19.86
CA SER I 231 16.57 -40.78 19.16
C SER I 231 17.00 -41.89 18.21
N GLU I 232 16.26 -42.97 18.13
CA GLU I 232 16.70 -44.07 17.32
C GLU I 232 16.25 -43.95 15.90
N VAL I 233 15.51 -42.90 15.56
CA VAL I 233 15.17 -42.71 14.17
C VAL I 233 16.40 -42.26 13.43
N ASN I 234 17.39 -41.76 14.15
CA ASN I 234 18.64 -41.38 13.52
C ASN I 234 19.36 -42.59 12.94
N LEU I 235 18.98 -43.79 13.38
CA LEU I 235 19.63 -44.99 12.91
C LEU I 235 18.94 -45.51 11.68
N CYS I 236 18.00 -44.75 11.16
CA CYS I 236 17.27 -45.18 9.99
C CYS I 236 17.96 -44.67 8.75
N ASN I 237 18.66 -43.55 8.85
CA ASN I 237 19.40 -43.03 7.71
C ASN I 237 20.46 -44.04 7.25
N VAL I 238 20.99 -44.83 8.16
CA VAL I 238 22.08 -45.75 7.89
C VAL I 238 21.60 -47.14 7.51
N ASP I 239 20.45 -47.57 8.05
CA ASP I 239 19.91 -48.91 7.84
C ASP I 239 18.39 -48.92 7.78
N ILE I 240 17.85 -49.45 6.70
CA ILE I 240 16.43 -49.41 6.49
C ILE I 240 15.76 -50.40 7.40
N PHE I 241 16.49 -51.43 7.84
CA PHE I 241 15.96 -52.48 8.69
C PHE I 241 16.41 -52.32 10.13
N ASN I 242 16.67 -51.09 10.55
CA ASN I 242 16.88 -50.74 11.95
C ASN I 242 15.96 -51.46 12.91
N PRO I 243 16.49 -52.26 13.83
CA PRO I 243 15.60 -52.98 14.74
C PRO I 243 15.01 -52.12 15.83
N LYS I 244 15.42 -50.86 15.95
CA LYS I 244 14.85 -50.04 17.02
C LYS I 244 13.82 -49.03 16.52
N TYR I 245 13.47 -49.05 15.24
CA TYR I 245 12.41 -48.19 14.73
C TYR I 245 12.05 -48.62 13.33
N ASP I 246 10.75 -48.62 13.05
CA ASP I 246 10.18 -49.03 11.76
C ASP I 246 10.18 -47.81 10.87
N CYS I 247 11.20 -47.69 10.02
CA CYS I 247 11.36 -46.51 9.19
C CYS I 247 10.21 -46.54 8.21
N LYS I 248 9.41 -45.49 8.15
CA LYS I 248 8.36 -45.48 7.16
C LYS I 248 8.93 -45.22 5.77
N ILE I 249 8.67 -46.18 4.88
CA ILE I 249 9.20 -46.24 3.53
C ILE I 249 8.07 -46.44 2.53
N MET I 250 8.35 -46.07 1.29
CA MET I 250 7.39 -46.15 0.19
C MET I 250 7.97 -47.09 -0.86
N THR I 251 7.27 -48.17 -1.13
CA THR I 251 7.82 -49.26 -1.90
C THR I 251 7.15 -49.34 -3.27
N SER I 252 7.65 -50.25 -4.10
CA SER I 252 7.20 -50.33 -5.47
C SER I 252 7.82 -51.48 -6.23
N LYS I 253 6.98 -52.19 -6.97
CA LYS I 253 7.43 -53.38 -7.66
C LYS I 253 7.93 -53.06 -9.06
N THR I 254 8.38 -51.84 -9.31
CA THR I 254 8.81 -51.55 -10.66
C THR I 254 9.94 -50.54 -10.63
N ASP I 255 10.72 -50.52 -11.71
CA ASP I 255 11.90 -49.65 -11.75
C ASP I 255 11.44 -48.20 -11.87
N VAL I 256 12.05 -47.33 -11.08
CA VAL I 256 11.72 -45.90 -11.09
C VAL I 256 12.99 -45.09 -11.16
N SER I 257 12.91 -43.90 -11.74
CA SER I 257 14.08 -43.07 -11.85
C SER I 257 13.71 -41.59 -11.64
N SER I 258 14.56 -40.85 -10.90
CA SER I 258 14.29 -39.45 -10.56
C SER I 258 15.55 -38.82 -9.97
N SER I 259 15.43 -37.54 -9.61
CA SER I 259 16.43 -36.80 -8.85
C SER I 259 15.80 -35.89 -7.81
N VAL I 260 16.58 -35.58 -6.78
CA VAL I 260 16.13 -34.74 -5.67
C VAL I 260 17.29 -33.86 -5.26
N ILE I 261 17.10 -32.55 -5.37
CA ILE I 261 18.16 -31.57 -5.17
C ILE I 261 18.23 -31.16 -3.71
N THR I 262 19.33 -31.46 -3.07
CA THR I 262 19.47 -31.20 -1.65
C THR I 262 20.01 -29.82 -1.36
N SER I 263 20.27 -29.58 -0.08
CA SER I 263 20.77 -28.30 0.38
C SER I 263 22.11 -27.97 -0.26
N LEU I 264 22.98 -28.96 -0.37
CA LEU I 264 24.34 -28.77 -0.83
C LEU I 264 24.68 -29.75 -1.93
N GLY I 265 23.78 -29.92 -2.87
CA GLY I 265 24.02 -30.88 -3.91
C GLY I 265 22.72 -31.49 -4.40
N ALA I 266 22.85 -32.69 -4.94
CA ALA I 266 21.69 -33.40 -5.45
C ALA I 266 21.89 -34.90 -5.33
N ILE I 267 20.78 -35.61 -5.50
CA ILE I 267 20.75 -37.06 -5.44
C ILE I 267 20.23 -37.56 -6.78
N VAL I 268 20.94 -38.50 -7.39
CA VAL I 268 20.56 -39.08 -8.66
C VAL I 268 20.18 -40.55 -8.48
N SER I 269 18.89 -40.83 -8.57
CA SER I 269 18.38 -42.20 -8.64
C SER I 269 18.39 -42.63 -10.11
N CYS I 270 19.45 -43.30 -10.57
CA CYS I 270 19.50 -43.75 -11.96
C CYS I 270 19.22 -45.24 -12.03
N TYR I 271 18.05 -45.62 -12.52
CA TYR I 271 17.69 -47.01 -12.57
C TYR I 271 16.95 -47.34 -13.86
N GLY I 272 17.14 -48.56 -14.36
CA GLY I 272 16.42 -48.96 -15.54
C GLY I 272 17.11 -48.48 -16.81
N LYS I 273 16.31 -48.40 -17.88
CA LYS I 273 16.84 -48.03 -19.19
C LYS I 273 17.03 -46.53 -19.33
N THR I 274 16.78 -45.75 -18.27
CA THR I 274 16.91 -44.30 -18.30
C THR I 274 18.38 -43.88 -18.40
N LYS I 275 18.58 -42.61 -18.78
CA LYS I 275 19.93 -42.11 -19.09
C LYS I 275 20.18 -40.83 -18.29
N CYS I 276 20.93 -40.93 -17.20
CA CYS I 276 21.16 -39.77 -16.36
C CYS I 276 22.64 -39.35 -16.42
N THR I 277 22.88 -38.06 -16.19
CA THR I 277 24.21 -37.47 -16.28
C THR I 277 24.26 -36.23 -15.41
N ALA I 278 25.46 -35.72 -15.20
CA ALA I 278 25.63 -34.49 -14.45
C ALA I 278 26.56 -33.55 -15.21
N SER I 279 26.03 -32.42 -15.65
CA SER I 279 26.83 -31.43 -16.38
C SER I 279 27.38 -30.37 -15.42
N ASN I 280 28.45 -29.72 -15.85
CA ASN I 280 28.95 -28.53 -15.18
C ASN I 280 28.92 -27.35 -16.14
N LYS I 281 28.67 -26.16 -15.59
CA LYS I 281 28.50 -24.99 -16.43
C LYS I 281 29.74 -24.76 -17.30
N ASN I 282 30.94 -24.88 -16.72
CA ASN I 282 32.17 -24.68 -17.48
C ASN I 282 32.59 -25.92 -18.26
N ARG I 283 32.52 -27.09 -17.62
CA ARG I 283 33.11 -28.29 -18.20
C ARG I 283 32.11 -29.14 -18.97
N GLY I 284 30.83 -28.78 -18.92
CA GLY I 284 29.80 -29.61 -19.54
C GLY I 284 29.62 -30.92 -18.77
N ILE I 285 29.15 -31.95 -19.46
CA ILE I 285 28.96 -33.25 -18.82
C ILE I 285 30.26 -33.75 -18.21
N ILE I 286 30.28 -34.00 -16.90
CA ILE I 286 31.49 -34.52 -16.27
C ILE I 286 31.26 -35.87 -15.61
N LYS I 287 30.08 -36.46 -15.73
CA LYS I 287 29.86 -37.77 -15.16
C LYS I 287 28.55 -38.35 -15.65
N THR I 288 28.60 -39.57 -16.16
CA THR I 288 27.39 -40.33 -16.43
C THR I 288 27.19 -41.28 -15.25
N PHE I 289 25.95 -41.70 -15.05
CA PHE I 289 25.57 -42.47 -13.88
C PHE I 289 25.22 -43.90 -14.20
N SER I 290 25.91 -44.82 -13.55
CA SER I 290 25.51 -46.21 -13.67
C SER I 290 24.32 -46.43 -12.73
N ASN I 291 23.67 -47.57 -12.87
CA ASN I 291 22.51 -47.86 -12.04
C ASN I 291 22.85 -47.91 -10.55
N GLY I 292 22.36 -46.90 -9.82
CA GLY I 292 22.57 -46.78 -8.38
C GLY I 292 22.16 -45.40 -7.90
N CYS I 293 22.39 -45.18 -6.60
CA CYS I 293 22.08 -43.89 -5.96
C CYS I 293 23.41 -43.20 -5.74
N ASP I 294 23.62 -42.13 -6.49
CA ASP I 294 24.84 -41.36 -6.42
C ASP I 294 24.50 -39.98 -5.90
N TYR I 295 25.51 -39.33 -5.34
CA TYR I 295 25.36 -37.99 -4.81
C TYR I 295 26.40 -37.06 -5.40
N VAL I 296 25.95 -35.90 -5.83
CA VAL I 296 26.76 -34.96 -6.58
C VAL I 296 26.82 -33.67 -5.79
N SER I 297 28.02 -33.09 -5.71
CA SER I 297 28.19 -31.87 -4.92
C SER I 297 27.82 -30.66 -5.74
N ASN I 298 27.25 -29.66 -5.06
CA ASN I 298 26.89 -28.42 -5.74
C ASN I 298 28.10 -27.55 -5.95
N LYS I 299 29.28 -28.03 -5.56
CA LYS I 299 30.52 -27.32 -5.85
C LYS I 299 30.94 -27.61 -7.28
N GLY I 300 31.11 -28.88 -7.62
CA GLY I 300 31.58 -29.27 -8.92
C GLY I 300 30.57 -29.21 -10.04
N VAL I 301 29.32 -29.53 -9.73
CA VAL I 301 28.28 -29.72 -10.74
C VAL I 301 27.21 -28.65 -10.62
N ASP I 302 26.81 -28.13 -11.77
CA ASP I 302 25.76 -27.13 -11.83
C ASP I 302 24.48 -27.63 -12.48
N THR I 303 24.51 -28.80 -13.10
CA THR I 303 23.30 -29.29 -13.76
C THR I 303 23.26 -30.80 -13.62
N VAL I 304 22.05 -31.35 -13.53
CA VAL I 304 21.91 -32.80 -13.60
C VAL I 304 20.73 -33.13 -14.50
N SER I 305 20.97 -33.80 -15.61
CA SER I 305 19.91 -34.24 -16.50
C SER I 305 19.52 -35.68 -16.20
N VAL I 306 18.23 -35.96 -16.18
CA VAL I 306 17.74 -37.33 -16.02
C VAL I 306 16.75 -37.58 -17.15
N GLY I 307 17.24 -38.15 -18.24
CA GLY I 307 16.37 -38.27 -19.37
C GLY I 307 16.03 -36.99 -20.10
N ASN I 308 14.72 -36.74 -20.17
CA ASN I 308 14.19 -35.58 -20.85
C ASN I 308 13.83 -34.45 -19.89
N THR I 309 14.10 -34.60 -18.60
CA THR I 309 13.80 -33.54 -17.64
C THR I 309 15.12 -33.03 -17.07
N LEU I 310 15.27 -31.71 -16.99
CA LEU I 310 16.53 -31.10 -16.60
C LEU I 310 16.43 -30.52 -15.19
N TYR I 311 17.24 -31.02 -14.27
CA TYR I 311 17.34 -30.45 -12.93
C TYR I 311 18.51 -29.46 -12.84
N TYR I 312 18.34 -28.41 -12.01
CA TYR I 312 19.37 -27.37 -11.82
C TYR I 312 19.95 -27.47 -10.43
N VAL I 313 21.18 -27.94 -10.34
CA VAL I 313 21.81 -28.12 -9.05
C VAL I 313 22.23 -26.82 -8.41
N ASN I 314 22.56 -25.82 -9.20
CA ASN I 314 22.95 -24.51 -8.70
C ASN I 314 22.10 -23.41 -9.31
N LYS I 315 21.82 -22.39 -8.51
CA LYS I 315 21.05 -21.25 -8.95
C LYS I 315 21.71 -20.59 -10.15
N GLN I 316 20.92 -20.13 -11.12
CA GLN I 316 21.43 -19.59 -12.38
C GLN I 316 21.49 -18.07 -12.31
N GLU I 317 22.69 -17.53 -12.34
CA GLU I 317 22.86 -16.08 -12.33
C GLU I 317 22.27 -15.45 -13.58
N GLY I 318 21.63 -14.28 -13.42
CA GLY I 318 20.94 -13.65 -14.51
C GLY I 318 21.42 -12.24 -14.76
N LYS I 319 20.86 -11.63 -15.80
CA LYS I 319 21.13 -10.23 -16.11
C LYS I 319 20.91 -9.36 -14.89
N SER I 320 21.74 -8.33 -14.76
CA SER I 320 21.62 -7.39 -13.67
C SER I 320 20.96 -6.12 -14.20
N LEU I 321 19.92 -5.66 -13.51
CA LEU I 321 19.15 -4.52 -13.97
C LEU I 321 19.35 -3.32 -13.06
N TYR I 322 19.24 -2.13 -13.63
CA TYR I 322 19.40 -0.90 -12.88
C TYR I 322 18.35 0.06 -13.39
N VAL I 323 17.69 0.75 -12.47
CA VAL I 323 16.70 1.77 -12.79
C VAL I 323 17.21 3.07 -12.19
N LYS I 324 17.70 3.97 -13.04
CA LYS I 324 18.40 5.17 -12.59
C LYS I 324 17.45 6.34 -12.37
N GLY I 325 17.75 7.14 -11.38
CA GLY I 325 16.92 8.28 -11.03
C GLY I 325 17.76 9.53 -10.92
N GLU I 326 17.26 10.63 -11.50
CA GLU I 326 18.00 11.87 -11.47
C GLU I 326 17.41 12.86 -10.50
N PRO I 327 18.24 13.63 -9.81
CA PRO I 327 17.70 14.55 -8.81
C PRO I 327 16.69 15.51 -9.43
N ILE I 328 15.59 15.71 -8.74
CA ILE I 328 14.52 16.61 -9.19
C ILE I 328 14.78 17.98 -8.60
N ILE I 329 14.78 19.00 -9.45
CA ILE I 329 15.15 20.35 -9.06
C ILE I 329 13.94 21.23 -8.89
N ASN I 330 13.80 21.79 -7.69
CA ASN I 330 12.68 22.67 -7.40
C ASN I 330 13.12 24.08 -7.78
N PHE I 331 12.24 24.80 -8.45
CA PHE I 331 12.56 26.15 -8.88
C PHE I 331 11.46 27.15 -8.57
N TYR I 332 11.89 28.35 -8.16
CA TYR I 332 10.92 29.41 -8.05
C TYR I 332 11.64 30.65 -8.53
N ASP I 333 10.94 31.74 -8.51
CA ASP I 333 11.48 32.95 -9.10
C ASP I 333 11.17 34.09 -8.15
N PRO I 334 12.15 34.61 -7.42
CA PRO I 334 11.81 35.66 -6.47
C PRO I 334 11.62 36.95 -7.23
N LEU I 335 10.63 37.72 -6.81
CA LEU I 335 10.25 38.94 -7.50
C LEU I 335 10.74 40.10 -6.66
N VAL I 336 11.71 40.81 -7.18
CA VAL I 336 12.35 41.91 -6.49
C VAL I 336 11.99 43.17 -7.25
N PHE I 337 11.62 44.16 -6.53
CA PHE I 337 11.12 45.44 -6.96
C PHE I 337 12.22 46.50 -6.83
N PRO I 338 12.35 47.45 -7.88
CA PRO I 338 13.37 48.52 -7.89
C PRO I 338 13.02 49.70 -7.00
N SER I 339 13.14 49.49 -5.68
CA SER I 339 12.67 50.52 -4.76
C SER I 339 13.61 51.69 -4.73
N ASP I 340 14.90 51.45 -4.90
CA ASP I 340 15.85 52.55 -4.80
C ASP I 340 15.66 53.52 -5.95
N GLU I 341 15.46 53.02 -7.17
CA GLU I 341 15.22 53.94 -8.29
C GLU I 341 13.91 54.67 -8.06
N PHE I 342 13.01 54.04 -7.30
CA PHE I 342 11.72 54.65 -7.09
C PHE I 342 11.80 55.63 -5.92
N ASP I 343 12.60 55.33 -4.90
CA ASP I 343 12.70 56.24 -3.78
C ASP I 343 13.55 57.44 -4.09
N ALA I 344 14.13 57.49 -5.28
CA ALA I 344 14.93 58.62 -5.72
C ALA I 344 14.10 59.53 -6.58
N SER I 345 13.35 58.94 -7.50
CA SER I 345 12.47 59.76 -8.28
C SER I 345 11.32 60.27 -7.43
N ILE I 346 11.20 59.76 -6.20
CA ILE I 346 10.27 60.31 -5.23
C ILE I 346 10.96 61.38 -4.44
N SER I 347 12.18 61.08 -4.05
CA SER I 347 12.91 62.07 -3.31
C SER I 347 13.12 63.29 -4.19
N GLN I 348 13.05 63.10 -5.51
CA GLN I 348 13.27 64.21 -6.43
C GLN I 348 11.96 64.93 -6.75
N VAL I 349 10.82 64.25 -6.66
CA VAL I 349 9.54 64.94 -6.77
C VAL I 349 9.40 65.89 -5.61
N ASN I 350 9.97 65.55 -4.48
CA ASN I 350 9.79 66.41 -3.35
C ASN I 350 10.72 67.60 -3.42
N GLU I 351 11.83 67.49 -4.16
CA GLU I 351 12.68 68.64 -4.34
C GLU I 351 12.06 69.62 -5.31
N LYS I 352 11.12 69.16 -6.11
CA LYS I 352 10.47 70.05 -7.05
C LYS I 352 9.40 70.83 -6.31
N ILE I 353 8.78 70.19 -5.33
CA ILE I 353 7.80 70.89 -4.52
C ILE I 353 8.54 71.80 -3.57
N ASN I 354 9.68 71.34 -3.07
CA ASN I 354 10.51 72.17 -2.21
C ASN I 354 10.94 73.43 -2.95
N GLN I 355 11.24 73.29 -4.24
CA GLN I 355 11.74 74.48 -4.92
C GLN I 355 10.60 75.28 -5.53
N SER I 356 9.39 74.71 -5.64
CA SER I 356 8.27 75.53 -6.10
C SER I 356 7.74 76.32 -4.92
N LEU I 357 7.78 75.73 -3.74
CA LEU I 357 7.30 76.48 -2.61
C LEU I 357 8.28 77.57 -2.27
N ALA I 358 9.55 77.38 -2.58
CA ALA I 358 10.50 78.44 -2.33
C ALA I 358 10.31 79.57 -3.33
N PHE I 359 9.70 79.29 -4.46
CA PHE I 359 9.48 80.33 -5.45
C PHE I 359 8.30 81.23 -5.09
N ILE I 360 7.30 80.69 -4.39
CA ILE I 360 6.19 81.50 -3.92
C ILE I 360 6.61 82.39 -2.77
N ARG I 361 7.50 81.94 -1.92
CA ARG I 361 7.89 82.86 -0.85
C ARG I 361 8.72 84.00 -1.42
N LYS I 362 9.41 83.78 -2.54
CA LYS I 362 10.09 84.92 -3.16
C LYS I 362 9.05 85.84 -3.80
N SER I 363 7.99 85.27 -4.37
CA SER I 363 6.96 86.08 -5.01
C SER I 363 6.32 86.93 -3.93
N ASP I 364 6.05 86.32 -2.79
CA ASP I 364 5.35 87.01 -1.73
C ASP I 364 6.29 87.91 -0.95
N GLU I 365 7.60 87.67 -1.05
CA GLU I 365 8.56 88.58 -0.47
C GLU I 365 8.63 89.90 -1.25
N LEU I 366 7.97 89.97 -2.39
CA LEU I 366 7.95 91.14 -3.23
C LEU I 366 6.62 91.88 -3.12
N LEU I 367 5.76 91.43 -2.22
CA LEU I 367 4.44 92.01 -2.05
C LEU I 367 4.02 92.41 -0.62
N GLY I 368 4.73 93.33 0.02
CA GLY I 368 5.88 94.01 -0.56
C GLY I 368 6.54 94.94 0.42
N GLN J 1 -19.89 -20.37 28.90
CA GLN J 1 -18.88 -21.11 28.16
C GLN J 1 -19.45 -22.36 27.50
N ASN J 2 -19.25 -22.45 26.20
CA ASN J 2 -19.64 -23.60 25.40
C ASN J 2 -18.49 -24.57 25.19
N ILE J 3 -17.34 -24.06 24.83
CA ILE J 3 -16.24 -24.88 24.37
C ILE J 3 -15.60 -25.56 25.56
N THR J 4 -15.31 -26.85 25.41
CA THR J 4 -14.69 -27.61 26.49
C THR J 4 -13.64 -28.54 25.92
N GLU J 5 -12.90 -29.14 26.84
CA GLU J 5 -11.90 -30.12 26.48
C GLU J 5 -12.15 -31.41 27.25
N GLU J 6 -11.96 -32.53 26.57
CA GLU J 6 -11.99 -33.83 27.21
C GLU J 6 -10.62 -34.45 27.04
N PHE J 7 -10.15 -35.12 28.07
CA PHE J 7 -8.84 -35.74 28.07
C PHE J 7 -8.93 -37.23 28.32
N TYR J 8 -8.33 -38.02 27.46
CA TYR J 8 -8.37 -39.47 27.61
C TYR J 8 -6.98 -40.04 27.88
N GLN J 9 -6.80 -40.66 29.04
CA GLN J 9 -5.48 -41.24 29.27
C GLN J 9 -5.32 -42.52 28.51
N SER J 10 -6.43 -43.15 28.14
CA SER J 10 -6.32 -44.37 27.37
C SER J 10 -5.50 -44.08 26.14
N THR J 11 -5.79 -42.99 25.46
CA THR J 11 -5.07 -42.65 24.25
C THR J 11 -4.12 -41.50 24.47
N CYS J 12 -4.17 -40.87 25.64
CA CYS J 12 -3.36 -39.69 25.92
C CYS J 12 -3.56 -38.70 24.79
N SER J 13 -4.80 -38.26 24.65
CA SER J 13 -5.20 -37.25 23.70
C SER J 13 -6.29 -36.38 24.33
N ALA J 14 -6.54 -35.24 23.72
CA ALA J 14 -7.54 -34.33 24.21
C ALA J 14 -8.45 -33.87 23.09
N VAL J 15 -9.76 -34.00 23.31
CA VAL J 15 -10.74 -33.54 22.34
C VAL J 15 -11.17 -32.13 22.76
N SER J 16 -11.64 -31.35 21.79
CA SER J 16 -12.18 -30.04 22.10
C SER J 16 -13.60 -29.98 21.57
N LYS J 17 -14.57 -30.25 22.45
CA LYS J 17 -15.97 -30.31 22.03
C LYS J 17 -16.62 -28.92 22.17
N GLY J 18 -17.69 -28.72 21.40
CA GLY J 18 -18.52 -27.55 21.59
C GLY J 18 -18.34 -26.53 20.52
N TYR J 19 -18.16 -26.98 19.29
CA TYR J 19 -18.03 -26.11 18.12
C TYR J 19 -19.16 -26.34 17.14
N LEU J 20 -19.71 -25.26 16.65
CA LEU J 20 -20.67 -25.21 15.55
C LEU J 20 -19.93 -24.89 14.26
N SER J 21 -20.38 -25.43 13.13
CA SER J 21 -19.55 -25.47 11.95
C SER J 21 -20.16 -24.80 10.72
N ALA J 22 -19.26 -24.53 9.77
CA ALA J 22 -19.63 -24.11 8.41
C ALA J 22 -18.64 -24.74 7.43
N LEU J 23 -19.11 -25.65 6.59
CA LEU J 23 -18.25 -26.38 5.66
C LEU J 23 -18.42 -25.81 4.25
N ARG J 24 -17.39 -25.16 3.74
CA ARG J 24 -17.51 -24.54 2.42
C ARG J 24 -17.65 -25.57 1.31
N THR J 25 -18.76 -25.51 0.58
CA THR J 25 -19.02 -26.50 -0.45
C THR J 25 -19.25 -25.89 -1.81
N GLY J 26 -18.74 -24.69 -2.06
CA GLY J 26 -18.97 -24.07 -3.34
C GLY J 26 -18.60 -22.62 -3.29
N TRP J 27 -18.76 -21.96 -4.43
CA TRP J 27 -18.35 -20.59 -4.53
C TRP J 27 -19.49 -19.73 -5.04
N TYR J 28 -19.50 -18.47 -4.63
CA TYR J 28 -20.48 -17.51 -5.11
C TYR J 28 -19.71 -16.31 -5.66
N THR J 29 -19.89 -16.02 -6.94
CA THR J 29 -19.20 -14.95 -7.62
C THR J 29 -20.07 -13.73 -7.84
N SER J 30 -19.39 -12.61 -8.06
CA SER J 30 -19.96 -11.30 -8.27
C SER J 30 -18.97 -10.50 -9.10
N VAL J 31 -19.49 -9.73 -10.03
CA VAL J 31 -18.66 -8.94 -10.92
C VAL J 31 -18.80 -7.52 -10.43
N ILE J 32 -17.76 -7.02 -9.81
CA ILE J 32 -17.74 -5.65 -9.34
C ILE J 32 -17.01 -4.79 -10.36
N THR J 33 -17.66 -3.71 -10.77
CA THR J 33 -17.03 -2.78 -11.67
C THR J 33 -16.80 -1.45 -10.94
N ILE J 34 -15.84 -0.66 -11.41
CA ILE J 34 -15.60 0.68 -10.89
C ILE J 34 -15.05 1.53 -12.02
N GLU J 35 -15.40 2.81 -12.00
CA GLU J 35 -15.05 3.75 -13.04
C GLU J 35 -14.03 4.77 -12.57
N LEU J 36 -13.29 5.31 -13.53
CA LEU J 36 -12.26 6.28 -13.27
C LEU J 36 -12.86 7.68 -13.33
N SER J 37 -12.78 8.41 -12.21
CA SER J 37 -13.06 9.84 -12.27
C SER J 37 -11.90 10.54 -12.95
N ASN J 38 -11.97 10.70 -14.26
CA ASN J 38 -10.81 11.13 -15.04
C ASN J 38 -10.62 12.63 -14.92
N ILE J 39 -9.37 13.06 -14.87
CA ILE J 39 -9.01 14.48 -14.84
C ILE J 39 -8.57 14.95 -16.22
N LYS J 40 -9.06 16.12 -16.60
CA LYS J 40 -8.70 16.77 -17.83
C LYS J 40 -7.58 17.77 -17.56
N GLU J 41 -6.49 17.67 -18.32
CA GLU J 41 -5.40 18.62 -18.13
C GLU J 41 -5.94 20.03 -18.24
N ASN J 42 -5.51 20.87 -17.32
CA ASN J 42 -5.86 22.28 -17.29
C ASN J 42 -4.77 23.05 -18.02
N LYS J 43 -5.14 23.70 -19.13
CA LYS J 43 -4.17 24.33 -20.01
C LYS J 43 -4.00 25.81 -19.65
N CYS J 44 -2.74 26.16 -19.39
CA CYS J 44 -2.19 27.34 -18.73
C CYS J 44 -0.85 26.97 -18.10
N ASN J 45 -0.13 27.95 -17.57
CA ASN J 45 1.21 27.74 -17.03
C ASN J 45 1.22 27.91 -15.52
N GLY J 46 2.07 27.16 -14.83
CA GLY J 46 2.26 27.32 -13.40
C GLY J 46 3.51 28.11 -13.06
N THR J 47 3.92 28.01 -11.79
CA THR J 47 5.08 28.75 -11.34
C THR J 47 6.30 28.28 -12.11
N ASP J 48 6.39 26.97 -12.31
CA ASP J 48 7.48 26.35 -13.05
C ASP J 48 6.88 25.62 -14.24
N ALA J 49 7.25 26.05 -15.45
CA ALA J 49 6.66 25.49 -16.65
C ALA J 49 7.16 24.09 -16.91
N LYS J 50 8.37 23.79 -16.50
CA LYS J 50 8.97 22.49 -16.65
C LYS J 50 8.29 21.43 -15.78
N VAL J 51 7.13 21.70 -15.20
CA VAL J 51 6.51 20.79 -14.24
C VAL J 51 5.07 20.61 -14.67
N LYS J 52 4.69 19.41 -15.07
CA LYS J 52 3.33 19.15 -15.51
C LYS J 52 2.70 18.09 -14.63
N LEU J 53 2.31 18.47 -13.41
CA LEU J 53 1.74 17.52 -12.45
C LEU J 53 0.61 16.71 -13.07
N ILE J 54 -0.33 17.38 -13.73
CA ILE J 54 -1.50 16.67 -14.23
C ILE J 54 -1.11 15.63 -15.25
N LYS J 55 -0.12 15.93 -16.09
CA LYS J 55 0.30 14.98 -17.10
C LYS J 55 1.02 13.80 -16.45
N GLN J 56 2.03 14.08 -15.61
CA GLN J 56 2.77 13.00 -14.98
C GLN J 56 1.87 12.12 -14.14
N GLU J 57 0.87 12.71 -13.50
CA GLU J 57 0.02 11.90 -12.62
C GLU J 57 -0.87 10.99 -13.44
N LEU J 58 -1.14 11.34 -14.69
CA LEU J 58 -1.91 10.44 -15.54
C LEU J 58 -1.02 9.34 -16.07
N ASP J 59 0.19 9.69 -16.54
CA ASP J 59 1.08 8.66 -17.05
C ASP J 59 1.48 7.68 -15.94
N LYS J 60 1.51 8.12 -14.68
CA LYS J 60 1.71 7.20 -13.57
C LYS J 60 0.61 6.16 -13.52
N TYR J 61 -0.63 6.59 -13.72
CA TYR J 61 -1.78 5.69 -13.76
C TYR J 61 -1.79 4.87 -15.05
N LYS J 62 -2.00 5.52 -16.20
CA LYS J 62 -1.96 4.85 -17.51
C LYS J 62 -0.92 3.74 -17.48
N ASN J 63 0.31 4.06 -17.08
CA ASN J 63 1.37 3.07 -17.12
C ASN J 63 1.14 1.95 -16.11
N ALA J 64 0.53 2.26 -14.96
CA ALA J 64 0.13 1.22 -14.01
C ALA J 64 -0.91 0.30 -14.63
N VAL J 65 -1.96 0.89 -15.21
CA VAL J 65 -3.00 0.13 -15.89
C VAL J 65 -2.41 -0.77 -16.96
N THR J 66 -1.46 -0.22 -17.72
CA THR J 66 -0.82 -1.01 -18.76
C THR J 66 -0.15 -2.24 -18.18
N GLU J 67 0.60 -2.07 -17.10
CA GLU J 67 1.31 -3.21 -16.53
C GLU J 67 0.37 -4.29 -16.03
N LEU J 68 -0.87 -3.93 -15.73
CA LEU J 68 -1.85 -4.95 -15.37
C LEU J 68 -2.52 -5.54 -16.59
N GLN J 69 -2.68 -4.73 -17.65
CA GLN J 69 -3.32 -5.19 -18.87
C GLN J 69 -2.48 -6.25 -19.57
N LEU J 70 -1.26 -6.49 -19.09
CA LEU J 70 -0.34 -7.43 -19.67
C LEU J 70 -0.34 -8.71 -18.90
N LEU J 71 -1.04 -8.72 -17.78
CA LEU J 71 -1.15 -9.91 -16.96
C LEU J 71 -2.32 -10.76 -17.41
N MET J 72 -3.41 -10.16 -17.88
CA MET J 72 -4.46 -10.94 -18.51
C MET J 72 -3.97 -11.50 -19.84
N GLN J 73 -4.37 -12.74 -20.11
CA GLN J 73 -4.00 -13.43 -21.34
C GLN J 73 -5.15 -14.34 -21.79
N ALA K 1 11.29 115.75 -19.96
CA ALA K 1 10.60 114.50 -19.69
C ALA K 1 9.69 114.65 -18.48
N ILE K 2 9.82 115.76 -17.78
CA ILE K 2 8.96 116.04 -16.65
C ILE K 2 8.42 117.47 -16.75
N ALA K 3 7.31 117.70 -16.07
CA ALA K 3 6.74 119.01 -15.84
C ALA K 3 5.77 118.86 -14.67
N SER K 4 5.94 119.69 -13.65
CA SER K 4 5.21 119.56 -12.39
C SER K 4 3.99 120.51 -12.40
N GLY K 5 3.06 120.42 -11.43
CA GLY K 5 2.98 119.42 -10.37
C GLY K 5 1.95 118.29 -10.28
N VAL K 6 1.43 117.75 -11.41
CA VAL K 6 0.49 116.62 -11.40
C VAL K 6 1.23 115.31 -11.08
N ALA K 7 1.48 115.05 -9.79
CA ALA K 7 2.29 113.95 -9.25
C ALA K 7 3.61 113.64 -9.95
N VAL K 8 4.69 114.28 -9.50
CA VAL K 8 6.05 113.99 -9.98
C VAL K 8 6.55 112.65 -9.46
N SER K 9 6.64 112.56 -8.14
CA SER K 9 7.22 111.46 -7.37
C SER K 9 6.34 110.23 -7.33
N LYS K 10 5.02 110.42 -7.25
CA LYS K 10 4.05 109.34 -7.16
C LYS K 10 3.94 108.55 -8.45
N VAL K 11 4.34 109.12 -9.59
CA VAL K 11 4.25 108.33 -10.80
C VAL K 11 5.45 107.41 -10.85
N LEU K 12 6.58 107.84 -10.31
CA LEU K 12 7.73 106.96 -10.28
C LEU K 12 7.52 105.84 -9.28
N HIS K 13 6.78 106.09 -8.21
CA HIS K 13 6.59 105.04 -7.23
C HIS K 13 5.76 103.91 -7.82
N LEU K 14 4.69 104.22 -8.54
CA LEU K 14 3.94 103.10 -9.13
C LEU K 14 4.73 102.41 -10.21
N GLU K 15 5.65 103.12 -10.85
CA GLU K 15 6.52 102.47 -11.81
C GLU K 15 7.45 101.47 -11.12
N GLY K 16 7.66 101.63 -9.81
CA GLY K 16 8.45 100.73 -9.00
C GLY K 16 7.59 99.53 -8.65
N GLU K 17 6.34 99.75 -8.24
CA GLU K 17 5.47 98.62 -7.94
C GLU K 17 5.37 97.71 -9.13
N VAL K 18 5.47 98.27 -10.33
CA VAL K 18 5.28 97.41 -11.48
C VAL K 18 6.52 96.57 -11.70
N ASN K 19 7.69 97.03 -11.30
CA ASN K 19 8.85 96.16 -11.41
C ASN K 19 8.92 95.18 -10.28
N LYS K 20 8.30 95.46 -9.15
CA LYS K 20 8.34 94.37 -8.19
C LYS K 20 7.26 93.37 -8.57
N ILE K 21 6.09 93.87 -8.96
CA ILE K 21 5.01 92.97 -9.35
C ILE K 21 5.36 92.25 -10.64
N LYS K 22 6.28 92.77 -11.43
CA LYS K 22 6.60 92.08 -12.67
C LYS K 22 7.57 90.96 -12.36
N SER K 23 8.53 91.21 -11.46
CA SER K 23 9.44 90.17 -11.00
C SER K 23 8.73 89.19 -10.07
N ALA K 24 7.72 89.66 -9.35
CA ALA K 24 6.98 88.78 -8.46
C ALA K 24 6.36 87.65 -9.25
N LEU K 25 5.64 87.98 -10.31
CA LEU K 25 4.95 86.99 -11.12
C LEU K 25 5.93 86.07 -11.83
N LEU K 26 7.17 86.51 -12.04
CA LEU K 26 8.14 85.61 -12.63
C LEU K 26 8.52 84.50 -11.68
N SER K 27 8.67 84.81 -10.40
CA SER K 27 8.96 83.72 -9.48
C SER K 27 7.75 82.83 -9.38
N THR K 28 6.55 83.42 -9.35
CA THR K 28 5.36 82.59 -9.30
C THR K 28 5.32 81.64 -10.49
N ASN K 29 5.58 82.16 -11.70
CA ASN K 29 5.67 81.28 -12.86
C ASN K 29 6.66 80.15 -12.66
N LYS K 30 7.85 80.47 -12.15
CA LYS K 30 8.87 79.43 -12.01
C LYS K 30 8.45 78.35 -11.00
N ALA K 31 7.62 78.70 -10.02
CA ALA K 31 7.11 77.69 -9.12
C ALA K 31 6.16 76.77 -9.85
N VAL K 32 5.28 77.36 -10.65
CA VAL K 32 4.35 76.55 -11.38
C VAL K 32 5.09 75.70 -12.40
N VAL K 33 6.34 76.01 -12.69
CA VAL K 33 7.08 75.12 -13.57
C VAL K 33 7.69 73.99 -12.80
N SER K 34 8.21 74.26 -11.61
CA SER K 34 8.75 73.16 -10.81
C SER K 34 7.63 72.23 -10.40
N LEU K 35 6.58 72.78 -9.83
CA LEU K 35 5.46 71.93 -9.50
C LEU K 35 5.01 71.19 -10.75
N SER K 36 5.31 71.71 -11.94
CA SER K 36 4.88 71.02 -13.14
C SER K 36 5.86 69.93 -13.54
N ASN K 37 7.16 70.12 -13.31
CA ASN K 37 8.08 69.01 -13.57
C ASN K 37 7.96 67.96 -12.51
N GLY K 38 7.57 68.36 -11.30
CA GLY K 38 7.37 67.37 -10.26
C GLY K 38 6.18 66.49 -10.56
N VAL K 39 5.03 67.09 -10.84
CA VAL K 39 3.86 66.31 -11.23
C VAL K 39 4.13 65.54 -12.50
N SER K 40 5.10 65.96 -13.32
CA SER K 40 5.36 65.19 -14.54
C SER K 40 6.08 63.90 -14.19
N VAL K 41 7.06 64.02 -13.30
CA VAL K 41 7.87 62.88 -12.88
C VAL K 41 7.09 61.97 -11.93
N LEU K 42 6.17 62.53 -11.13
CA LEU K 42 5.33 61.68 -10.28
C LEU K 42 4.38 60.86 -11.14
N THR K 43 3.76 61.49 -12.12
CA THR K 43 2.93 60.77 -13.06
C THR K 43 3.71 59.63 -13.68
N SER K 44 4.90 59.91 -14.21
CA SER K 44 5.78 58.87 -14.74
C SER K 44 5.93 57.70 -13.78
N LYS K 45 6.10 57.98 -12.48
CA LYS K 45 6.29 56.91 -11.50
C LYS K 45 4.99 56.18 -11.24
N VAL K 46 3.88 56.91 -11.13
CA VAL K 46 2.59 56.27 -10.97
C VAL K 46 2.29 55.33 -12.13
N LEU K 47 3.02 55.47 -13.24
CA LEU K 47 2.83 54.58 -14.38
C LEU K 47 3.67 53.34 -14.25
N ASP K 48 4.89 53.51 -13.76
CA ASP K 48 5.73 52.36 -13.57
C ASP K 48 5.18 51.50 -12.44
N LEU K 49 4.30 52.05 -11.60
CA LEU K 49 3.69 51.20 -10.60
C LEU K 49 2.54 50.42 -11.21
N LYS K 50 1.87 50.99 -12.21
CA LYS K 50 0.84 50.24 -12.92
C LYS K 50 1.49 49.26 -13.88
N ASN K 51 2.68 49.56 -14.35
CA ASN K 51 3.29 48.63 -15.28
C ASN K 51 4.03 47.52 -14.55
N TYR K 52 4.31 47.70 -13.26
CA TYR K 52 4.87 46.61 -12.49
C TYR K 52 3.78 45.65 -12.07
N ILE K 53 2.67 46.18 -11.60
CA ILE K 53 1.57 45.31 -11.21
C ILE K 53 1.11 44.48 -12.41
N ASP K 54 0.99 45.09 -13.57
CA ASP K 54 0.32 44.38 -14.66
C ASP K 54 1.27 43.49 -15.43
N LYS K 55 2.48 43.95 -15.75
CA LYS K 55 3.34 43.10 -16.55
C LYS K 55 4.23 42.20 -15.70
N GLN K 56 4.44 42.51 -14.42
CA GLN K 56 5.32 41.72 -13.57
C GLN K 56 4.58 40.90 -12.52
N LEU K 57 3.79 41.54 -11.68
CA LEU K 57 3.31 40.81 -10.51
C LEU K 57 1.99 40.10 -10.73
N LEU K 58 1.18 40.54 -11.66
CA LEU K 58 -0.05 39.82 -11.94
C LEU K 58 0.19 38.55 -12.77
N PRO K 59 1.14 38.56 -13.71
CA PRO K 59 1.52 37.30 -14.36
C PRO K 59 1.97 36.25 -13.38
N ILE K 60 2.53 36.66 -12.25
CA ILE K 60 3.04 35.68 -11.31
C ILE K 60 1.93 35.22 -10.42
N VAL K 61 1.07 36.14 -10.03
CA VAL K 61 -0.09 35.73 -9.25
C VAL K 61 -0.95 34.79 -10.10
N ASN K 62 -0.98 35.00 -11.41
CA ASN K 62 -1.83 34.14 -12.22
C ASN K 62 -1.16 32.80 -12.48
N LYS K 63 0.17 32.79 -12.74
CA LYS K 63 0.87 31.51 -12.79
C LYS K 63 0.66 30.72 -11.51
N GLN K 64 0.53 31.41 -10.38
CA GLN K 64 0.29 30.74 -9.12
C GLN K 64 -1.13 30.24 -9.10
N SER K 65 -2.04 31.03 -9.66
CA SER K 65 -3.44 30.63 -9.65
C SER K 65 -3.63 29.38 -10.50
N CYS K 66 -2.64 29.03 -11.32
CA CYS K 66 -2.64 27.84 -12.16
C CYS K 66 -1.92 26.68 -11.50
N SER K 67 -0.77 26.94 -10.88
CA SER K 67 -0.09 25.89 -10.12
C SER K 67 -1.03 25.34 -9.09
N ILE K 68 -1.81 26.22 -8.46
CA ILE K 68 -2.66 25.80 -7.38
C ILE K 68 -3.88 25.06 -7.90
N SER K 69 -4.23 25.26 -9.17
CA SER K 69 -5.34 24.47 -9.70
C SER K 69 -4.85 23.08 -10.08
N ASN K 70 -3.70 22.98 -10.76
CA ASN K 70 -3.11 21.67 -10.99
C ASN K 70 -2.96 20.88 -9.70
N ILE K 71 -2.38 21.48 -8.67
CA ILE K 71 -2.17 20.75 -7.43
C ILE K 71 -3.49 20.27 -6.89
N GLU K 72 -4.40 21.20 -6.62
CA GLU K 72 -5.73 20.88 -6.11
C GLU K 72 -6.38 19.75 -6.89
N THR K 73 -6.00 19.56 -8.16
CA THR K 73 -6.62 18.53 -8.96
C THR K 73 -5.93 17.19 -8.74
N VAL K 74 -4.61 17.20 -8.74
CA VAL K 74 -3.87 15.96 -8.54
C VAL K 74 -4.17 15.40 -7.18
N ILE K 75 -4.39 16.26 -6.20
CA ILE K 75 -4.83 15.80 -4.91
C ILE K 75 -6.20 15.14 -5.03
N GLU K 76 -7.18 15.88 -5.57
CA GLU K 76 -8.55 15.38 -5.64
C GLU K 76 -8.69 14.14 -6.51
N PHE K 77 -7.65 13.76 -7.24
CA PHE K 77 -7.69 12.52 -8.00
C PHE K 77 -7.30 11.35 -7.14
N GLN K 78 -6.27 11.53 -6.30
CA GLN K 78 -5.89 10.51 -5.35
C GLN K 78 -6.94 10.37 -4.28
N GLN K 79 -7.95 11.22 -4.31
CA GLN K 79 -8.91 11.37 -3.24
C GLN K 79 -10.27 10.85 -3.65
N LYS K 80 -10.65 11.04 -4.90
CA LYS K 80 -11.95 10.57 -5.37
C LYS K 80 -11.82 9.14 -5.86
N ASN K 81 -10.70 8.83 -6.52
CA ASN K 81 -10.37 7.46 -6.87
C ASN K 81 -9.63 6.73 -5.77
N ASN K 82 -9.90 7.06 -4.50
CA ASN K 82 -9.19 6.40 -3.41
C ASN K 82 -9.45 4.91 -3.43
N ARG K 83 -10.71 4.53 -3.67
CA ARG K 83 -11.04 3.11 -3.68
C ARG K 83 -10.36 2.42 -4.85
N LEU K 84 -10.47 3.00 -6.05
CA LEU K 84 -9.88 2.39 -7.22
C LEU K 84 -8.39 2.16 -7.04
N LEU K 85 -7.67 3.18 -6.64
CA LEU K 85 -6.21 3.07 -6.63
C LEU K 85 -5.72 2.02 -5.66
N GLU K 86 -6.39 1.82 -4.53
CA GLU K 86 -5.98 0.73 -3.65
C GLU K 86 -6.15 -0.60 -4.35
N ILE K 87 -7.38 -0.88 -4.78
CA ILE K 87 -7.63 -2.12 -5.51
C ILE K 87 -6.53 -2.33 -6.53
N THR K 88 -6.41 -1.43 -7.50
CA THR K 88 -5.39 -1.64 -8.51
C THR K 88 -4.01 -1.77 -7.90
N ARG K 89 -3.78 -1.29 -6.69
CA ARG K 89 -2.47 -1.56 -6.10
C ARG K 89 -2.38 -3.00 -5.66
N GLU K 90 -3.32 -3.47 -4.84
CA GLU K 90 -3.11 -4.83 -4.34
C GLU K 90 -3.34 -5.87 -5.43
N PHE K 91 -3.84 -5.46 -6.60
CA PHE K 91 -3.83 -6.37 -7.73
C PHE K 91 -2.46 -6.34 -8.36
N SER K 92 -1.85 -5.16 -8.36
CA SER K 92 -0.47 -5.06 -8.80
C SER K 92 0.46 -5.91 -7.94
N VAL K 93 0.14 -6.10 -6.66
CA VAL K 93 1.08 -6.74 -5.76
C VAL K 93 0.91 -8.25 -5.69
N ASN K 94 -0.28 -8.77 -5.99
CA ASN K 94 -0.52 -10.21 -6.06
C ASN K 94 -0.66 -10.71 -7.48
N ALA K 95 -0.42 -9.86 -8.47
CA ALA K 95 -0.54 -10.21 -9.88
C ALA K 95 -1.93 -10.74 -10.23
N GLY K 96 -2.96 -10.13 -9.68
CA GLY K 96 -4.30 -10.34 -10.18
C GLY K 96 -5.15 -11.20 -9.31
N VAL K 97 -4.58 -11.84 -8.30
CA VAL K 97 -5.41 -12.64 -7.42
C VAL K 97 -5.00 -12.40 -5.98
N THR K 98 -5.89 -11.84 -5.19
CA THR K 98 -5.63 -11.48 -3.82
C THR K 98 -6.53 -12.19 -2.85
N THR K 99 -5.97 -12.54 -1.71
CA THR K 99 -6.70 -13.09 -0.61
C THR K 99 -6.04 -12.49 0.61
N PRO K 100 -6.84 -11.98 1.52
CA PRO K 100 -8.30 -12.00 1.43
C PRO K 100 -8.88 -10.82 0.65
N VAL K 101 -10.21 -10.75 0.70
CA VAL K 101 -11.01 -9.74 0.03
C VAL K 101 -10.98 -8.47 0.88
N SER K 102 -10.15 -7.51 0.47
CA SER K 102 -9.94 -6.30 1.25
C SER K 102 -11.19 -5.43 1.38
N THR K 103 -11.16 -4.57 2.38
CA THR K 103 -12.23 -3.60 2.56
C THR K 103 -12.20 -2.56 1.52
N TYR K 104 -11.31 -2.71 0.55
CA TYR K 104 -11.31 -1.82 -0.60
C TYR K 104 -12.03 -2.49 -1.73
N MET K 105 -11.86 -3.79 -1.83
CA MET K 105 -12.43 -4.60 -2.87
C MET K 105 -13.92 -4.79 -2.62
N LEU K 106 -14.30 -4.87 -1.35
CA LEU K 106 -15.68 -5.15 -0.94
C LEU K 106 -15.97 -4.52 0.41
N THR K 107 -16.78 -3.46 0.39
CA THR K 107 -17.11 -2.80 1.63
C THR K 107 -18.08 -3.66 2.41
N ASN K 108 -18.42 -3.22 3.62
CA ASN K 108 -19.30 -4.05 4.43
C ASN K 108 -20.74 -3.93 3.95
N SER K 109 -21.14 -2.72 3.54
CA SER K 109 -22.45 -2.53 2.92
C SER K 109 -22.62 -3.46 1.73
N GLU K 110 -21.58 -3.57 0.90
CA GLU K 110 -21.69 -4.34 -0.33
C GLU K 110 -21.63 -5.83 -0.04
N LEU K 111 -20.93 -6.21 1.02
CA LEU K 111 -20.85 -7.61 1.37
C LEU K 111 -22.20 -8.07 1.87
N LEU K 112 -22.84 -7.22 2.66
CA LEU K 112 -24.18 -7.53 3.12
C LEU K 112 -25.13 -7.39 1.96
N SER K 113 -24.77 -6.56 0.97
CA SER K 113 -25.59 -6.46 -0.24
C SER K 113 -25.52 -7.77 -1.01
N LEU K 114 -24.38 -8.45 -0.96
CA LEU K 114 -24.24 -9.68 -1.70
C LEU K 114 -24.77 -10.86 -0.89
N ILE K 115 -24.80 -10.72 0.42
CA ILE K 115 -25.22 -11.80 1.29
C ILE K 115 -26.73 -11.98 1.19
N ASN K 116 -27.48 -10.88 1.14
CA ASN K 116 -28.93 -11.02 0.99
C ASN K 116 -29.33 -11.56 -0.36
N ASP K 117 -28.37 -11.77 -1.25
CA ASP K 117 -28.63 -12.32 -2.56
C ASP K 117 -28.11 -13.73 -2.72
N MET K 118 -27.46 -14.31 -1.73
CA MET K 118 -26.97 -15.68 -1.85
C MET K 118 -28.09 -16.73 -1.65
N PRO K 119 -28.10 -17.78 -2.48
CA PRO K 119 -29.14 -18.81 -2.35
C PRO K 119 -28.90 -19.71 -1.14
N ILE K 120 -29.09 -19.18 0.07
CA ILE K 120 -28.89 -19.97 1.27
C ILE K 120 -29.99 -19.64 2.26
N THR K 121 -29.91 -20.28 3.41
CA THR K 121 -30.95 -20.18 4.40
C THR K 121 -30.69 -19.02 5.33
N ASN K 122 -31.76 -18.50 5.93
CA ASN K 122 -31.66 -17.43 6.91
C ASN K 122 -30.65 -17.77 7.99
N ASP K 123 -30.34 -19.05 8.18
CA ASP K 123 -29.43 -19.42 9.25
C ASP K 123 -28.01 -19.28 8.76
N GLN K 124 -27.79 -19.48 7.47
CA GLN K 124 -26.49 -19.20 6.87
C GLN K 124 -26.27 -17.71 6.68
N LYS K 125 -27.26 -17.03 6.11
CA LYS K 125 -27.18 -15.58 5.95
C LYS K 125 -26.83 -14.89 7.24
N LYS K 126 -27.24 -15.43 8.37
CA LYS K 126 -27.02 -14.75 9.64
C LYS K 126 -25.66 -15.07 10.22
N LEU K 127 -25.10 -16.20 9.83
CA LEU K 127 -23.78 -16.57 10.35
C LEU K 127 -22.70 -15.80 9.62
N MET K 128 -22.93 -15.48 8.34
CA MET K 128 -21.88 -14.79 7.63
C MET K 128 -21.89 -13.32 8.01
N SER K 129 -23.07 -12.77 8.28
CA SER K 129 -23.14 -11.39 8.74
C SER K 129 -22.41 -11.20 10.05
N ASN K 130 -22.21 -12.25 10.83
CA ASN K 130 -21.58 -12.09 12.13
C ASN K 130 -20.16 -12.64 12.17
N ASN K 131 -19.62 -13.10 11.05
CA ASN K 131 -18.21 -13.41 10.98
C ASN K 131 -17.70 -12.96 9.62
N VAL K 132 -17.80 -11.65 9.38
CA VAL K 132 -17.30 -11.13 8.13
C VAL K 132 -15.80 -11.22 8.11
N GLN K 133 -15.17 -11.20 9.28
CA GLN K 133 -13.72 -11.34 9.30
C GLN K 133 -13.30 -12.65 8.67
N ILE K 134 -13.94 -13.74 9.07
CA ILE K 134 -13.57 -15.05 8.55
C ILE K 134 -13.98 -15.18 7.09
N VAL K 135 -15.18 -14.70 6.74
CA VAL K 135 -15.64 -14.81 5.35
C VAL K 135 -14.70 -14.11 4.41
N ARG K 136 -14.07 -13.03 4.84
CA ARG K 136 -13.11 -12.38 3.96
C ARG K 136 -11.89 -13.25 3.83
N GLN K 137 -11.38 -13.73 4.95
CA GLN K 137 -10.18 -14.54 4.90
C GLN K 137 -10.40 -15.79 4.07
N GLN K 138 -11.65 -16.12 3.78
CA GLN K 138 -11.96 -17.29 2.97
C GLN K 138 -12.39 -16.94 1.56
N SER K 139 -12.48 -15.65 1.22
CA SER K 139 -12.95 -15.27 -0.10
C SER K 139 -11.77 -14.97 -1.00
N TYR K 140 -12.06 -14.76 -2.29
CA TYR K 140 -11.00 -14.36 -3.18
C TYR K 140 -11.43 -13.13 -3.97
N SER K 141 -10.47 -12.59 -4.73
CA SER K 141 -10.75 -11.46 -5.62
C SER K 141 -9.82 -11.59 -6.81
N ILE K 142 -10.38 -11.80 -7.98
CA ILE K 142 -9.62 -12.05 -9.19
C ILE K 142 -9.88 -10.94 -10.19
N MET K 143 -8.79 -10.32 -10.64
CA MET K 143 -8.89 -9.19 -11.52
C MET K 143 -9.32 -9.68 -12.89
N SER K 144 -10.46 -9.18 -13.37
CA SER K 144 -11.00 -9.66 -14.63
C SER K 144 -10.73 -8.82 -15.88
N ILE K 145 -11.37 -7.66 -16.00
CA ILE K 145 -11.25 -6.80 -17.18
C ILE K 145 -10.72 -5.44 -16.76
N ILE K 146 -9.47 -5.16 -17.09
CA ILE K 146 -8.88 -3.88 -16.72
C ILE K 146 -8.72 -2.97 -17.93
N LYS K 147 -9.54 -1.92 -18.00
CA LYS K 147 -9.41 -0.88 -19.01
C LYS K 147 -9.01 0.41 -18.30
N GLU K 148 -8.43 1.34 -19.05
CA GLU K 148 -7.94 2.58 -18.45
C GLU K 148 -9.02 3.29 -17.63
N GLU K 149 -10.21 3.47 -18.19
CA GLU K 149 -11.25 4.25 -17.55
C GLU K 149 -12.28 3.40 -16.82
N VAL K 150 -12.02 2.10 -16.65
CA VAL K 150 -12.93 1.26 -15.89
C VAL K 150 -12.29 -0.08 -15.59
N LEU K 151 -12.30 -0.45 -14.32
CA LEU K 151 -11.74 -1.70 -13.85
C LEU K 151 -12.86 -2.62 -13.38
N ALA K 152 -12.73 -3.90 -13.69
CA ALA K 152 -13.77 -4.87 -13.33
C ALA K 152 -13.08 -6.10 -12.77
N TYR K 153 -13.40 -6.44 -11.52
CA TYR K 153 -12.85 -7.61 -10.87
C TYR K 153 -13.99 -8.51 -10.41
N VAL K 154 -13.68 -9.78 -10.24
CA VAL K 154 -14.64 -10.78 -9.79
C VAL K 154 -14.40 -11.18 -8.35
N VAL K 155 -15.32 -10.84 -7.49
CA VAL K 155 -15.26 -11.35 -6.13
C VAL K 155 -15.78 -12.77 -6.11
N GLN K 156 -15.33 -13.58 -5.14
CA GLN K 156 -15.68 -15.00 -5.08
C GLN K 156 -15.87 -15.36 -3.60
N LEU K 157 -17.11 -15.40 -3.15
CA LEU K 157 -17.41 -15.66 -1.75
C LEU K 157 -17.61 -17.14 -1.50
N PRO K 158 -17.42 -17.58 -0.26
CA PRO K 158 -17.68 -18.98 0.06
C PRO K 158 -19.15 -19.21 0.34
N LEU K 159 -19.60 -20.40 -0.03
CA LEU K 159 -20.93 -20.88 0.29
C LEU K 159 -20.81 -22.10 1.17
N TYR K 160 -21.60 -22.16 2.24
CA TYR K 160 -21.48 -23.28 3.15
C TYR K 160 -22.58 -24.31 2.88
N GLY K 161 -22.19 -25.58 2.91
CA GLY K 161 -23.07 -26.70 2.68
C GLY K 161 -23.90 -27.04 3.89
N VAL K 162 -23.25 -27.07 5.04
CA VAL K 162 -23.92 -27.44 6.27
C VAL K 162 -23.51 -26.46 7.35
N ILE K 163 -24.36 -26.30 8.35
CA ILE K 163 -24.14 -25.33 9.38
C ILE K 163 -24.62 -25.89 10.72
N ASP K 164 -24.06 -25.33 11.80
CA ASP K 164 -24.46 -25.68 13.14
C ASP K 164 -24.25 -27.15 13.48
N THR K 165 -23.37 -27.79 12.73
CA THR K 165 -22.90 -29.10 13.08
C THR K 165 -22.04 -29.06 14.35
N PRO K 166 -21.99 -30.14 15.12
CA PRO K 166 -21.06 -30.20 16.25
C PRO K 166 -19.70 -30.60 15.71
N CYS K 167 -18.68 -29.87 16.12
CA CYS K 167 -17.31 -30.10 15.66
C CYS K 167 -16.41 -30.40 16.85
N TRP K 168 -15.21 -30.86 16.54
CA TRP K 168 -14.24 -31.09 17.59
C TRP K 168 -12.83 -31.13 17.01
N LYS K 169 -11.84 -30.97 17.91
CA LYS K 169 -10.45 -30.88 17.52
C LYS K 169 -9.58 -31.77 18.40
N LEU K 170 -8.69 -32.56 17.76
CA LEU K 170 -7.88 -33.58 18.41
C LEU K 170 -6.39 -33.24 18.46
N HIS K 171 -5.85 -33.13 19.68
CA HIS K 171 -4.42 -33.12 19.95
C HIS K 171 -4.04 -34.44 20.61
N THR K 172 -2.82 -34.92 20.32
CA THR K 172 -2.38 -36.21 20.86
C THR K 172 -0.94 -36.19 21.33
N SER K 173 -0.64 -37.10 22.24
CA SER K 173 0.70 -37.10 22.80
C SER K 173 1.15 -38.52 23.04
N PRO K 174 2.46 -38.74 23.05
CA PRO K 174 3.01 -40.06 23.27
C PRO K 174 2.59 -40.70 24.58
N LEU K 175 2.43 -42.02 24.50
CA LEU K 175 1.96 -42.89 25.57
C LEU K 175 2.95 -44.04 25.67
N CYS K 176 3.52 -44.25 26.83
CA CYS K 176 4.57 -45.25 27.01
C CYS K 176 4.40 -46.13 28.27
N CYS K 187 5.64 -47.31 22.80
CA CYS K 187 5.19 -45.93 22.93
C CYS K 187 4.13 -45.67 21.85
N LEU K 188 2.94 -45.20 22.22
CA LEU K 188 1.89 -44.86 21.26
C LEU K 188 1.79 -43.38 20.95
N THR K 189 1.38 -43.06 19.73
CA THR K 189 1.02 -41.68 19.43
C THR K 189 -0.06 -41.66 18.36
N ARG K 190 -1.27 -41.29 18.73
CA ARG K 190 -2.37 -41.15 17.77
C ARG K 190 -1.96 -40.16 16.70
N THR K 191 -2.33 -40.44 15.45
CA THR K 191 -1.95 -39.56 14.35
C THR K 191 -3.14 -39.05 13.57
N ASP K 192 -4.36 -39.27 14.02
CA ASP K 192 -5.51 -38.61 13.39
C ASP K 192 -5.79 -37.26 14.06
N ARG K 193 -4.77 -36.42 14.19
CA ARG K 193 -4.92 -35.11 14.84
C ARG K 193 -5.54 -34.09 13.91
N GLY K 194 -6.48 -33.32 14.43
CA GLY K 194 -7.01 -32.24 13.62
C GLY K 194 -8.47 -32.00 13.96
N TRP K 195 -9.13 -31.30 13.05
CA TRP K 195 -10.53 -30.94 13.23
C TRP K 195 -11.46 -32.03 12.71
N TYR K 196 -12.43 -32.42 13.55
CA TYR K 196 -13.51 -33.29 13.14
C TYR K 196 -14.83 -32.54 13.23
N CYS K 197 -15.68 -32.77 12.24
CA CYS K 197 -17.01 -32.19 12.19
C CYS K 197 -17.98 -33.27 11.73
N ASP K 198 -19.26 -33.11 12.06
CA ASP K 198 -20.27 -34.06 11.64
C ASP K 198 -20.90 -33.65 10.32
N ASN K 199 -20.59 -34.39 9.26
CA ASN K 199 -21.35 -34.24 8.03
C ASN K 199 -22.64 -35.04 8.12
N ALA K 200 -23.42 -35.00 7.04
CA ALA K 200 -24.68 -35.75 7.06
C ALA K 200 -24.41 -37.22 7.30
N GLY K 201 -24.73 -37.67 8.51
CA GLY K 201 -24.61 -39.07 8.89
C GLY K 201 -23.23 -39.40 9.33
N SER K 202 -22.25 -38.96 8.56
CA SER K 202 -20.87 -39.33 8.75
C SER K 202 -20.13 -38.22 9.49
N VAL K 203 -18.79 -38.22 9.38
CA VAL K 203 -17.91 -37.25 10.02
C VAL K 203 -16.86 -36.78 9.02
N SER K 204 -16.79 -35.47 8.76
CA SER K 204 -15.74 -34.96 7.91
C SER K 204 -14.53 -34.61 8.78
N PHE K 205 -13.34 -34.96 8.29
CA PHE K 205 -12.09 -34.81 9.03
C PHE K 205 -11.07 -33.99 8.24
N PHE K 206 -10.75 -32.76 8.74
CA PHE K 206 -9.79 -31.82 8.15
C PHE K 206 -8.43 -31.87 8.84
N PRO K 207 -7.43 -32.50 8.24
CA PRO K 207 -6.17 -32.78 8.95
C PRO K 207 -5.15 -31.67 9.00
N GLN K 208 -5.15 -30.76 8.03
CA GLN K 208 -4.20 -29.66 8.05
C GLN K 208 -4.74 -28.48 8.85
N ALA K 209 -3.90 -27.93 9.73
CA ALA K 209 -4.39 -26.85 10.57
C ALA K 209 -4.69 -25.57 9.78
N GLU K 210 -4.34 -25.50 8.50
CA GLU K 210 -4.53 -24.24 7.78
C GLU K 210 -5.95 -24.03 7.28
N THR K 211 -6.60 -25.10 6.85
CA THR K 211 -7.82 -24.91 6.10
C THR K 211 -9.03 -24.70 6.99
N CYS K 212 -8.84 -24.67 8.31
CA CYS K 212 -9.95 -24.50 9.24
C CYS K 212 -9.71 -23.27 10.09
N LYS K 213 -10.63 -22.31 10.03
CA LYS K 213 -10.64 -21.08 10.81
C LYS K 213 -11.63 -21.14 11.96
N VAL K 214 -11.19 -20.70 13.13
CA VAL K 214 -12.00 -20.64 14.33
C VAL K 214 -12.20 -19.21 14.78
N GLN K 215 -13.44 -18.87 15.06
CA GLN K 215 -13.73 -17.60 15.70
C GLN K 215 -14.68 -17.92 16.85
N SER K 216 -14.33 -17.42 18.03
CA SER K 216 -15.22 -17.59 19.16
C SER K 216 -15.43 -19.09 19.39
N ASN K 217 -16.62 -19.58 19.02
CA ASN K 217 -16.98 -20.98 19.16
C ASN K 217 -17.47 -21.58 17.86
N ARG K 218 -17.05 -21.03 16.73
CA ARG K 218 -17.69 -21.28 15.45
C ARG K 218 -16.58 -21.56 14.45
N VAL K 219 -16.53 -22.78 13.92
CA VAL K 219 -15.48 -23.19 13.00
C VAL K 219 -15.95 -23.13 11.57
N PHE K 220 -15.07 -22.65 10.69
CA PHE K 220 -15.31 -22.61 9.25
C PHE K 220 -14.26 -23.42 8.52
N CYS K 221 -14.64 -24.54 7.94
CA CYS K 221 -13.68 -25.40 7.28
C CYS K 221 -13.93 -25.50 5.79
N ASP K 222 -12.84 -25.70 5.05
CA ASP K 222 -12.89 -25.92 3.61
C ASP K 222 -12.87 -27.43 3.37
N THR K 223 -13.88 -27.93 2.63
CA THR K 223 -14.07 -29.36 2.36
C THR K 223 -13.30 -29.86 1.16
N MET K 224 -12.45 -29.02 0.56
CA MET K 224 -11.83 -29.37 -0.70
C MET K 224 -10.99 -30.64 -0.58
N ASN K 225 -10.35 -30.87 0.56
CA ASN K 225 -9.49 -32.04 0.72
C ASN K 225 -9.84 -32.82 1.97
N SER K 226 -11.05 -32.68 2.49
CA SER K 226 -11.40 -33.36 3.71
C SER K 226 -11.69 -34.83 3.51
N LEU K 227 -11.44 -35.61 4.56
CA LEU K 227 -11.78 -37.02 4.60
C LEU K 227 -13.13 -37.25 5.26
N THR K 228 -13.82 -38.30 4.82
CA THR K 228 -15.13 -38.65 5.37
C THR K 228 -15.04 -39.97 6.14
N LEU K 229 -15.20 -39.92 7.47
CA LEU K 229 -15.06 -41.09 8.33
C LEU K 229 -16.39 -41.48 8.97
N PRO K 230 -16.53 -42.73 9.41
CA PRO K 230 -17.72 -43.10 10.19
C PRO K 230 -17.72 -42.46 11.56
N SER K 231 -18.92 -42.37 12.14
CA SER K 231 -18.98 -41.82 13.49
C SER K 231 -18.32 -42.69 14.51
N GLU K 232 -17.78 -43.84 14.12
CA GLU K 232 -17.22 -44.76 15.08
C GLU K 232 -15.77 -44.45 15.34
N VAL K 233 -15.21 -43.45 14.69
CA VAL K 233 -13.86 -43.07 15.03
C VAL K 233 -13.84 -42.39 16.38
N ASN K 234 -14.98 -41.88 16.86
CA ASN K 234 -15.03 -41.25 18.17
C ASN K 234 -14.72 -42.25 19.26
N LEU K 235 -14.81 -43.52 18.95
CA LEU K 235 -14.57 -44.56 19.92
C LEU K 235 -13.12 -44.91 19.97
N CYS K 236 -12.28 -44.15 19.27
CA CYS K 236 -10.88 -44.48 19.27
C CYS K 236 -10.20 -43.76 20.42
N ASN K 237 -10.72 -42.59 20.79
CA ASN K 237 -10.20 -41.83 21.91
C ASN K 237 -10.25 -42.62 23.19
N VAL K 238 -11.22 -43.51 23.31
CA VAL K 238 -11.40 -44.21 24.56
C VAL K 238 -10.59 -45.49 24.62
N ASP K 239 -10.42 -46.15 23.48
CA ASP K 239 -9.73 -47.44 23.38
C ASP K 239 -8.99 -47.48 22.06
N ILE K 240 -7.71 -47.78 22.13
CA ILE K 240 -6.85 -47.75 20.95
C ILE K 240 -7.20 -48.92 20.08
N PHE K 241 -7.80 -49.95 20.65
CA PHE K 241 -8.13 -51.16 19.93
C PHE K 241 -9.60 -51.22 19.62
N ASN K 242 -10.24 -50.06 19.53
CA ASN K 242 -11.60 -50.09 19.04
C ASN K 242 -11.77 -51.06 17.90
N PRO K 243 -12.61 -52.08 18.10
CA PRO K 243 -12.79 -53.09 17.07
C PRO K 243 -13.65 -52.62 15.94
N LYS K 244 -14.22 -51.44 16.03
CA LYS K 244 -15.08 -50.96 14.98
C LYS K 244 -14.37 -49.96 14.08
N TYR K 245 -13.08 -49.76 14.30
CA TYR K 245 -12.31 -48.89 13.44
C TYR K 245 -10.83 -49.09 13.74
N ASP K 246 -10.02 -49.11 12.68
CA ASP K 246 -8.58 -49.32 12.79
C ASP K 246 -7.92 -47.97 13.02
N CYS K 247 -7.66 -47.62 14.29
CA CYS K 247 -7.13 -46.31 14.62
C CYS K 247 -5.71 -46.27 14.10
N LYS K 248 -5.39 -45.29 13.26
CA LYS K 248 -4.01 -45.15 12.82
C LYS K 248 -3.16 -44.58 13.96
N ILE K 249 -2.12 -45.33 14.33
CA ILE K 249 -1.26 -45.03 15.47
C ILE K 249 0.18 -45.03 15.02
N MET K 250 1.00 -44.34 15.79
CA MET K 250 2.43 -44.20 15.51
C MET K 250 3.22 -44.80 16.67
N THR K 251 4.02 -45.79 16.38
CA THR K 251 4.64 -46.60 17.40
C THR K 251 6.12 -46.33 17.44
N SER K 252 6.78 -46.95 18.42
CA SER K 252 8.19 -46.71 18.69
C SER K 252 8.69 -47.58 19.82
N LYS K 253 9.86 -48.17 19.64
CA LYS K 253 10.34 -49.10 20.63
C LYS K 253 11.18 -48.44 21.72
N THR K 254 11.02 -47.14 21.97
CA THR K 254 11.85 -46.52 23.01
C THR K 254 11.07 -45.39 23.67
N ASP K 255 11.49 -45.03 24.88
CA ASP K 255 10.78 -44.03 25.67
C ASP K 255 10.91 -42.65 25.07
N VAL K 256 9.79 -41.93 25.02
CA VAL K 256 9.78 -40.58 24.47
C VAL K 256 9.05 -39.66 25.42
N SER K 257 9.41 -38.38 25.39
CA SER K 257 8.76 -37.44 26.28
C SER K 257 8.56 -36.10 25.59
N SER K 258 7.40 -35.47 25.81
CA SER K 258 7.07 -34.21 25.15
C SER K 258 5.81 -33.60 25.77
N SER K 259 5.42 -32.43 25.25
CA SER K 259 4.14 -31.77 25.53
C SER K 259 3.55 -31.18 24.27
N VAL K 260 2.24 -31.01 24.34
CA VAL K 260 1.45 -30.52 23.22
C VAL K 260 0.38 -29.62 23.79
N ILE K 261 0.41 -28.36 23.36
CA ILE K 261 -0.41 -27.31 23.92
C ILE K 261 -1.75 -27.27 23.19
N THR K 262 -2.82 -27.56 23.90
CA THR K 262 -4.14 -27.65 23.31
C THR K 262 -4.85 -26.30 23.38
N SER K 263 -6.12 -26.31 22.97
CA SER K 263 -6.92 -25.07 22.97
C SER K 263 -7.06 -24.54 24.39
N LEU K 264 -7.28 -25.42 25.36
CA LEU K 264 -7.59 -25.00 26.73
C LEU K 264 -6.71 -25.65 27.77
N GLY K 265 -5.45 -25.74 27.49
CA GLY K 265 -4.56 -26.40 28.42
C GLY K 265 -3.43 -27.07 27.68
N ALA K 266 -2.88 -28.08 28.33
CA ALA K 266 -1.80 -28.79 27.71
C ALA K 266 -1.78 -30.23 28.19
N ILE K 267 -0.99 -31.03 27.48
CA ILE K 267 -0.80 -32.44 27.75
C ILE K 267 0.68 -32.65 28.01
N VAL K 268 1.00 -33.31 29.11
CA VAL K 268 2.38 -33.60 29.49
C VAL K 268 2.64 -35.11 29.43
N SER K 269 3.42 -35.55 28.43
CA SER K 269 3.94 -36.92 28.36
C SER K 269 5.26 -37.00 29.11
N CYS K 270 5.22 -37.37 30.40
CA CYS K 270 6.44 -37.49 31.21
C CYS K 270 6.80 -38.94 31.37
N TYR K 271 7.88 -39.35 30.72
CA TYR K 271 8.27 -40.74 30.76
C TYR K 271 9.79 -40.87 30.87
N GLY K 272 10.23 -41.90 31.58
CA GLY K 272 11.65 -42.13 31.68
C GLY K 272 12.30 -41.29 32.76
N LYS K 273 13.61 -41.10 32.61
CA LYS K 273 14.35 -40.37 33.61
C LYS K 273 14.22 -38.86 33.45
N THR K 274 13.40 -38.38 32.51
CA THR K 274 13.26 -36.95 32.32
C THR K 274 12.50 -36.35 33.50
N LYS K 275 12.60 -35.03 33.63
CA LYS K 275 12.06 -34.33 34.80
C LYS K 275 11.17 -33.19 34.30
N CYS K 276 9.86 -33.41 34.35
CA CYS K 276 8.90 -32.44 33.84
C CYS K 276 8.12 -31.85 34.99
N THR K 277 7.65 -30.62 34.81
CA THR K 277 6.94 -29.88 35.86
C THR K 277 5.99 -28.87 35.23
N ALA K 278 5.12 -28.31 36.07
CA ALA K 278 4.20 -27.26 35.65
C ALA K 278 4.21 -26.12 36.64
N SER K 279 4.68 -24.96 36.20
CA SER K 279 4.74 -23.78 37.04
C SER K 279 3.50 -22.93 36.87
N ASN K 280 3.23 -22.12 37.89
CA ASN K 280 2.24 -21.06 37.82
C ASN K 280 2.95 -19.74 38.06
N LYS K 281 2.43 -18.69 37.41
CA LYS K 281 3.08 -17.38 37.46
C LYS K 281 3.25 -16.89 38.90
N ASN K 282 2.22 -17.05 39.73
CA ASN K 282 2.32 -16.58 41.10
C ASN K 282 3.06 -17.57 41.99
N ARG K 283 2.73 -18.84 41.87
CA ARG K 283 3.18 -19.83 42.83
C ARG K 283 4.44 -20.55 42.38
N GLY K 284 4.92 -20.31 41.16
CA GLY K 284 6.07 -21.08 40.71
C GLY K 284 5.71 -22.53 40.46
N ILE K 285 6.69 -23.41 40.59
CA ILE K 285 6.44 -24.83 40.39
C ILE K 285 5.33 -25.27 41.32
N ILE K 286 4.23 -25.79 40.76
CA ILE K 286 3.11 -26.27 41.56
C ILE K 286 2.79 -27.73 41.37
N LYS K 287 3.58 -28.47 40.60
CA LYS K 287 3.31 -29.89 40.46
C LYS K 287 4.47 -30.55 39.77
N THR K 288 4.99 -31.61 40.34
CA THR K 288 5.93 -32.41 39.57
C THR K 288 5.17 -33.58 38.97
N PHE K 289 5.70 -34.11 37.89
CA PHE K 289 5.03 -35.14 37.12
C PHE K 289 5.76 -36.47 37.24
N SER K 290 5.02 -37.47 37.69
CA SER K 290 5.51 -38.82 37.69
C SER K 290 5.36 -39.38 36.27
N ASN K 291 5.96 -40.54 36.03
CA ASN K 291 5.90 -41.13 34.71
C ASN K 291 4.46 -41.45 34.31
N GLY K 292 3.93 -40.70 33.35
CA GLY K 292 2.58 -40.94 32.90
C GLY K 292 2.09 -39.81 32.02
N CYS K 293 0.81 -39.90 31.64
CA CYS K 293 0.16 -38.90 30.80
C CYS K 293 -0.74 -38.07 31.65
N ASP K 294 -0.33 -36.83 31.82
CA ASP K 294 -1.12 -35.94 32.64
C ASP K 294 -1.64 -34.83 31.75
N TYR K 295 -2.73 -34.22 32.19
CA TYR K 295 -3.33 -33.13 31.46
C TYR K 295 -3.50 -31.96 32.39
N VAL K 296 -3.10 -30.81 31.92
CA VAL K 296 -3.03 -29.63 32.74
C VAL K 296 -3.94 -28.57 32.16
N SER K 297 -4.68 -27.88 33.03
CA SER K 297 -5.65 -26.89 32.60
C SER K 297 -4.98 -25.54 32.40
N ASN K 298 -5.48 -24.79 31.43
CA ASN K 298 -4.88 -23.48 31.21
C ASN K 298 -5.36 -22.45 32.23
N LYS K 299 -6.18 -22.85 33.17
CA LYS K 299 -6.56 -21.97 34.26
C LYS K 299 -5.47 -21.93 35.33
N GLY K 300 -5.11 -23.10 35.86
CA GLY K 300 -4.16 -23.18 36.95
C GLY K 300 -2.70 -22.99 36.58
N VAL K 301 -2.31 -23.47 35.40
CA VAL K 301 -0.92 -23.51 34.99
C VAL K 301 -0.67 -22.61 33.79
N ASP K 302 0.43 -21.86 33.85
CA ASP K 302 0.82 -20.98 32.75
C ASP K 302 2.08 -21.48 32.08
N THR K 303 2.76 -22.44 32.68
CA THR K 303 4.00 -22.96 32.13
C THR K 303 4.09 -24.44 32.46
N VAL K 304 4.70 -25.18 31.55
CA VAL K 304 5.03 -26.57 31.79
C VAL K 304 6.42 -26.81 31.29
N SER K 305 7.30 -27.18 32.18
CA SER K 305 8.65 -27.48 31.77
C SER K 305 8.73 -28.98 31.59
N VAL K 306 9.38 -29.40 30.50
CA VAL K 306 9.62 -30.81 30.22
C VAL K 306 11.11 -30.93 29.97
N GLY K 307 11.84 -31.26 31.02
CA GLY K 307 13.26 -31.25 30.83
C GLY K 307 13.92 -29.92 30.67
N ASN K 308 14.59 -29.83 29.53
CA ASN K 308 15.34 -28.63 29.23
C ASN K 308 14.60 -27.73 28.26
N THR K 309 13.36 -28.07 27.89
CA THR K 309 12.54 -27.27 26.99
C THR K 309 11.33 -26.78 27.76
N LEU K 310 11.01 -25.51 27.61
CA LEU K 310 9.95 -24.89 28.39
C LEU K 310 8.74 -24.66 27.49
N TYR K 311 7.61 -25.26 27.80
CA TYR K 311 6.38 -24.98 27.05
C TYR K 311 5.56 -23.90 27.76
N TYR K 312 4.85 -23.08 26.98
CA TYR K 312 4.05 -21.99 27.56
C TYR K 312 2.59 -22.31 27.39
N VAL K 313 1.92 -22.65 28.49
CA VAL K 313 0.51 -23.01 28.40
C VAL K 313 -0.37 -21.81 28.16
N ASN K 314 0.02 -20.64 28.66
CA ASN K 314 -0.74 -19.43 28.44
C ASN K 314 0.13 -18.33 27.84
N LYS K 315 -0.45 -17.55 26.94
CA LYS K 315 0.25 -16.46 26.30
C LYS K 315 0.75 -15.49 27.36
N GLN K 316 1.93 -14.92 27.14
CA GLN K 316 2.59 -14.05 28.12
C GLN K 316 2.33 -12.58 27.81
N GLU K 317 1.59 -11.91 28.71
CA GLU K 317 1.32 -10.49 28.54
C GLU K 317 2.61 -9.69 28.60
N GLY K 318 2.70 -8.67 27.75
CA GLY K 318 3.91 -7.90 27.59
C GLY K 318 3.70 -6.42 27.80
N LYS K 319 4.81 -5.70 27.68
CA LYS K 319 4.79 -4.25 27.71
C LYS K 319 3.75 -3.71 26.75
N SER K 320 3.11 -2.63 27.14
CA SER K 320 2.10 -1.95 26.34
C SER K 320 2.77 -0.76 25.71
N LEU K 321 2.59 -0.59 24.42
CA LEU K 321 3.29 0.49 23.74
C LEU K 321 2.28 1.54 23.32
N TYR K 322 2.74 2.79 23.26
CA TYR K 322 1.88 3.91 22.90
C TYR K 322 2.65 4.86 22.01
N VAL K 323 2.00 5.30 20.95
CA VAL K 323 2.55 6.28 20.03
C VAL K 323 1.68 7.53 20.04
N LYS K 324 2.17 8.60 20.65
CA LYS K 324 1.34 9.77 20.86
C LYS K 324 1.45 10.73 19.69
N GLY K 325 0.32 11.33 19.34
CA GLY K 325 0.22 12.28 18.25
C GLY K 325 -0.51 13.55 18.64
N GLU K 326 0.03 14.70 18.28
CA GLU K 326 -0.61 15.96 18.60
C GLU K 326 -1.24 16.63 17.37
N PRO K 327 -2.41 17.26 17.51
CA PRO K 327 -3.08 17.86 16.36
C PRO K 327 -2.20 18.89 15.67
N ILE K 328 -2.20 18.87 14.34
CA ILE K 328 -1.41 19.80 13.55
C ILE K 328 -2.24 21.03 13.22
N ILE K 329 -1.67 22.20 13.50
CA ILE K 329 -2.39 23.45 13.39
C ILE K 329 -2.00 24.15 12.11
N ASN K 330 -2.99 24.41 11.28
CA ASN K 330 -2.74 25.08 10.02
C ASN K 330 -2.86 26.54 10.36
N PHE K 331 -1.94 27.33 9.86
CA PHE K 331 -1.93 28.76 10.11
C PHE K 331 -1.75 29.53 8.82
N TYR K 332 -2.46 30.64 8.70
CA TYR K 332 -2.16 31.50 7.57
C TYR K 332 -2.26 32.94 8.07
N ASP K 333 -1.99 33.84 7.17
CA ASP K 333 -1.90 35.23 7.55
C ASP K 333 -2.62 36.07 6.51
N PRO K 334 -3.78 36.61 6.82
CA PRO K 334 -4.51 37.37 5.82
C PRO K 334 -3.82 38.71 5.69
N LEU K 335 -3.77 39.20 4.46
CA LEU K 335 -3.05 40.44 4.17
C LEU K 335 -4.12 41.49 3.97
N VAL K 336 -4.20 42.40 4.91
CA VAL K 336 -5.20 43.45 4.99
C VAL K 336 -4.57 44.81 4.78
N PHE K 337 -5.23 45.58 3.93
CA PHE K 337 -4.80 46.91 3.54
C PHE K 337 -5.59 47.95 4.28
N PRO K 338 -4.89 49.00 4.69
CA PRO K 338 -5.52 50.12 5.42
C PRO K 338 -6.05 51.12 4.42
N SER K 339 -7.27 50.88 3.95
CA SER K 339 -7.87 51.77 2.96
C SER K 339 -8.43 53.03 3.60
N ASP K 340 -8.89 52.92 4.83
CA ASP K 340 -9.54 54.06 5.44
C ASP K 340 -8.55 55.19 5.65
N GLU K 341 -7.34 54.90 6.15
CA GLU K 341 -6.40 56.01 6.27
C GLU K 341 -6.02 56.52 4.91
N PHE K 342 -6.10 55.66 3.90
CA PHE K 342 -5.72 56.03 2.55
C PHE K 342 -6.84 56.71 1.81
N ASP K 343 -8.08 56.31 2.07
CA ASP K 343 -9.18 56.94 1.36
C ASP K 343 -9.48 58.33 1.90
N ALA K 344 -8.77 58.74 2.93
CA ALA K 344 -8.90 60.05 3.55
C ALA K 344 -7.83 60.97 3.02
N SER K 345 -6.63 60.45 2.95
CA SER K 345 -5.59 61.25 2.38
C SER K 345 -5.80 61.44 0.88
N ILE K 346 -6.77 60.77 0.27
CA ILE K 346 -7.07 61.09 -1.11
C ILE K 346 -8.14 62.15 -1.17
N SER K 347 -9.15 62.02 -0.34
CA SER K 347 -10.18 63.03 -0.33
C SER K 347 -9.53 64.33 0.12
N GLN K 348 -8.38 64.21 0.79
CA GLN K 348 -7.70 65.39 1.28
C GLN K 348 -6.77 65.95 0.24
N VAL K 349 -6.22 65.13 -0.65
CA VAL K 349 -5.50 65.72 -1.76
C VAL K 349 -6.49 66.45 -2.62
N ASN K 350 -7.70 65.97 -2.66
CA ASN K 350 -8.69 66.57 -3.53
C ASN K 350 -9.22 67.84 -2.88
N GLU K 351 -9.11 67.94 -1.55
CA GLU K 351 -9.52 69.18 -0.92
C GLU K 351 -8.51 70.27 -1.20
N LYS K 352 -7.30 69.89 -1.55
CA LYS K 352 -6.34 70.92 -1.82
C LYS K 352 -6.56 71.43 -3.22
N ILE K 353 -6.99 70.56 -4.12
CA ILE K 353 -7.27 71.03 -5.46
C ILE K 353 -8.60 71.79 -5.46
N ASN K 354 -9.57 71.31 -4.68
CA ASN K 354 -10.85 72.00 -4.59
C ASN K 354 -10.62 73.41 -4.04
N GLN K 355 -9.70 73.56 -3.09
CA GLN K 355 -9.53 74.88 -2.49
C GLN K 355 -8.49 75.69 -3.22
N SER K 356 -7.69 75.05 -4.07
CA SER K 356 -6.76 75.84 -4.85
C SER K 356 -7.48 76.46 -6.03
N LEU K 357 -8.45 75.77 -6.60
CA LEU K 357 -9.14 76.39 -7.72
C LEU K 357 -9.98 77.57 -7.27
N ALA K 358 -10.42 77.56 -6.01
CA ALA K 358 -11.17 78.70 -5.54
C ALA K 358 -10.24 79.90 -5.40
N PHE K 359 -8.94 79.66 -5.27
CA PHE K 359 -8.02 80.78 -5.16
C PHE K 359 -7.75 81.41 -6.52
N ILE K 360 -7.78 80.61 -7.58
CA ILE K 360 -7.65 81.17 -8.93
C ILE K 360 -8.92 81.88 -9.30
N ARG K 361 -10.03 81.35 -8.86
CA ARG K 361 -11.27 82.01 -9.19
C ARG K 361 -11.37 83.32 -8.44
N LYS K 362 -10.73 83.43 -7.26
CA LYS K 362 -10.70 84.74 -6.62
C LYS K 362 -9.75 85.66 -7.37
N SER K 363 -8.66 85.13 -7.87
CA SER K 363 -7.70 85.97 -8.55
C SER K 363 -8.32 86.57 -9.82
N ASP K 364 -9.04 85.77 -10.59
CA ASP K 364 -9.53 86.31 -11.86
C ASP K 364 -10.77 87.16 -11.68
N GLU K 365 -11.46 86.98 -10.57
CA GLU K 365 -12.57 87.83 -10.20
C GLU K 365 -12.07 89.21 -9.83
N LEU K 366 -10.76 89.36 -9.76
CA LEU K 366 -10.12 90.61 -9.42
C LEU K 366 -9.57 91.24 -10.67
N LEU K 367 -9.87 90.66 -11.82
CA LEU K 367 -9.36 91.22 -13.02
C LEU K 367 -10.41 91.46 -14.11
N GLY K 368 -11.44 92.27 -13.84
CA GLY K 368 -11.69 93.01 -12.60
C GLY K 368 -12.98 93.80 -12.51
N ASP L 4 -43.10 -27.73 3.41
CA ASP L 4 -42.86 -26.36 3.84
C ASP L 4 -43.45 -26.11 5.23
N ILE L 5 -43.07 -24.98 5.83
CA ILE L 5 -43.54 -24.65 7.18
C ILE L 5 -45.00 -24.17 7.10
N GLN L 6 -45.71 -24.34 8.20
CA GLN L 6 -47.03 -23.75 8.38
C GLN L 6 -47.07 -23.10 9.76
N MET L 7 -47.74 -21.95 9.86
CA MET L 7 -47.90 -21.25 11.10
C MET L 7 -49.35 -21.35 11.56
N THR L 8 -49.56 -21.43 12.88
CA THR L 8 -50.90 -21.55 13.44
C THR L 8 -50.99 -20.69 14.69
N GLN L 9 -52.02 -19.83 14.74
CA GLN L 9 -52.25 -18.94 15.86
C GLN L 9 -53.46 -19.38 16.68
N SER L 10 -53.65 -18.71 17.82
CA SER L 10 -54.81 -18.92 18.68
C SER L 10 -55.15 -17.64 19.44
N PRO L 11 -56.45 -17.37 19.64
CA PRO L 11 -57.55 -18.16 19.08
C PRO L 11 -57.94 -17.65 17.68
N SER L 12 -59.17 -17.94 17.26
CA SER L 12 -59.67 -17.37 16.01
C SER L 12 -59.90 -15.88 16.15
N THR L 13 -60.62 -15.47 17.20
CA THR L 13 -60.87 -14.06 17.47
C THR L 13 -60.73 -13.81 18.96
N LEU L 14 -60.02 -12.75 19.31
CA LEU L 14 -59.73 -12.45 20.71
C LEU L 14 -60.33 -11.10 21.07
N SER L 15 -61.13 -11.08 22.13
CA SER L 15 -61.81 -9.87 22.60
C SER L 15 -61.14 -9.33 23.86
N ALA L 16 -60.92 -8.02 23.90
CA ALA L 16 -60.32 -7.36 25.05
C ALA L 16 -60.67 -5.87 25.02
N SER L 17 -60.68 -5.27 26.20
CA SER L 17 -61.07 -3.87 26.37
C SER L 17 -59.86 -2.95 26.23
N VAL L 18 -60.10 -1.64 26.34
CA VAL L 18 -59.01 -0.68 26.22
C VAL L 18 -58.09 -0.80 27.44
N GLY L 19 -56.79 -0.68 27.21
CA GLY L 19 -55.80 -0.77 28.27
C GLY L 19 -55.43 -2.17 28.72
N ASP L 20 -56.03 -3.20 28.14
CA ASP L 20 -55.80 -4.58 28.56
C ASP L 20 -54.42 -5.08 28.10
N ARG L 21 -54.10 -6.30 28.51
CA ARG L 21 -52.87 -6.99 28.13
C ARG L 21 -53.26 -8.20 27.28
N VAL L 22 -52.96 -8.13 25.98
CA VAL L 22 -53.37 -9.13 25.01
C VAL L 22 -52.15 -9.97 24.62
N THR L 23 -52.32 -11.30 24.55
CA THR L 23 -51.24 -12.20 24.19
C THR L 23 -51.74 -13.11 23.07
N ILE L 24 -51.18 -12.92 21.86
CA ILE L 24 -51.43 -13.80 20.72
C ILE L 24 -50.24 -14.74 20.58
N THR L 25 -50.52 -15.99 20.30
CA THR L 25 -49.47 -16.97 20.10
C THR L 25 -49.42 -17.38 18.62
N CYS L 26 -48.25 -17.85 18.19
CA CYS L 26 -48.01 -18.28 16.81
C CYS L 26 -46.99 -19.42 16.87
N ARG L 27 -47.36 -20.60 16.37
CA ARG L 27 -46.54 -21.79 16.53
C ARG L 27 -46.01 -22.24 15.17
N ALA L 28 -44.81 -22.80 15.20
CA ALA L 28 -44.09 -23.20 13.99
C ALA L 28 -43.98 -24.71 13.91
N SER L 29 -44.17 -25.27 12.71
CA SER L 29 -44.00 -26.70 12.49
C SER L 29 -42.54 -27.11 12.41
N GLN L 30 -41.61 -26.15 12.32
CA GLN L 30 -40.17 -26.37 12.40
C GLN L 30 -39.55 -25.20 13.14
N SER L 31 -38.43 -25.46 13.81
CA SER L 31 -37.74 -24.41 14.53
C SER L 31 -37.17 -23.41 13.52
N ILE L 32 -37.72 -22.20 13.51
CA ILE L 32 -37.37 -21.18 12.53
C ILE L 32 -36.36 -20.21 13.13
N SER L 33 -35.60 -20.67 14.13
CA SER L 33 -34.64 -19.83 14.84
C SER L 33 -35.32 -18.58 15.39
N SER L 34 -34.96 -17.41 14.87
CA SER L 34 -35.48 -16.16 15.40
C SER L 34 -36.20 -15.31 14.37
N TRP L 35 -36.72 -15.88 13.29
CA TRP L 35 -37.29 -15.09 12.19
C TRP L 35 -38.81 -15.21 12.14
N LEU L 36 -39.48 -14.39 12.95
CA LEU L 36 -40.93 -14.32 12.93
C LEU L 36 -41.29 -12.84 12.96
N ALA L 37 -42.17 -12.43 12.04
CA ALA L 37 -42.58 -11.04 11.92
C ALA L 37 -44.06 -10.90 12.22
N TRP L 38 -44.42 -9.80 12.86
CA TRP L 38 -45.81 -9.49 13.18
C TRP L 38 -46.29 -8.35 12.31
N TYR L 39 -47.57 -8.41 11.91
CA TYR L 39 -48.12 -7.42 11.00
C TYR L 39 -49.50 -6.98 11.46
N GLN L 40 -49.78 -5.69 11.27
CA GLN L 40 -51.07 -5.09 11.57
C GLN L 40 -51.78 -4.75 10.27
N GLN L 41 -53.05 -5.14 10.16
CA GLN L 41 -53.86 -4.87 8.97
C GLN L 41 -55.20 -4.32 9.42
N LYS L 42 -55.33 -2.99 9.46
CA LYS L 42 -56.63 -2.38 9.66
C LYS L 42 -57.48 -2.63 8.42
N PRO L 43 -58.75 -2.99 8.59
CA PRO L 43 -59.53 -3.48 7.45
C PRO L 43 -59.48 -2.52 6.26
N GLY L 44 -59.36 -3.11 5.06
CA GLY L 44 -59.26 -2.33 3.85
C GLY L 44 -57.96 -1.59 3.64
N LYS L 45 -56.93 -1.89 4.42
CA LYS L 45 -55.63 -1.22 4.34
C LYS L 45 -54.54 -2.24 3.99
N ALA L 46 -53.27 -1.74 3.98
CA ALA L 46 -52.05 -2.50 3.77
C ALA L 46 -51.48 -2.98 5.10
N PRO L 47 -50.79 -4.12 5.10
CA PRO L 47 -50.20 -4.61 6.35
C PRO L 47 -49.15 -3.66 6.91
N LYS L 48 -49.14 -3.54 8.23
CA LYS L 48 -48.28 -2.63 8.97
C LYS L 48 -47.29 -3.46 9.77
N LEU L 49 -46.00 -3.18 9.60
CA LEU L 49 -44.97 -3.98 10.26
C LEU L 49 -44.78 -3.49 11.70
N LEU L 50 -45.01 -4.39 12.66
CA LEU L 50 -44.79 -4.11 14.08
C LEU L 50 -43.44 -4.63 14.56
N ILE L 51 -43.22 -5.94 14.42
CA ILE L 51 -42.03 -6.60 14.94
C ILE L 51 -41.40 -7.42 13.82
N TYR L 52 -40.07 -7.47 13.80
CA TYR L 52 -39.30 -8.29 12.88
C TYR L 52 -38.22 -9.01 13.67
N ASP L 53 -37.71 -10.11 13.09
CA ASP L 53 -36.66 -10.92 13.73
C ASP L 53 -37.01 -11.24 15.19
N ALA L 54 -38.24 -11.71 15.39
CA ALA L 54 -38.72 -12.16 16.70
C ALA L 54 -38.83 -11.05 17.74
N SER L 55 -37.80 -10.20 17.86
CA SER L 55 -37.71 -9.33 19.02
C SER L 55 -37.41 -7.87 18.72
N SER L 56 -36.68 -7.59 17.65
CA SER L 56 -36.38 -6.20 17.31
C SER L 56 -37.64 -5.50 16.81
N LEU L 57 -37.96 -4.36 17.43
CA LEU L 57 -39.15 -3.57 17.11
C LEU L 57 -38.80 -2.51 16.07
N GLU L 58 -39.58 -2.46 14.99
CA GLU L 58 -39.33 -1.49 13.93
C GLU L 58 -39.39 -0.06 14.45
N SER L 59 -38.41 0.76 14.07
CA SER L 59 -38.25 2.09 14.64
C SER L 59 -39.39 3.00 14.18
N GLY L 60 -40.15 3.55 15.14
CA GLY L 60 -41.26 4.44 14.85
C GLY L 60 -42.63 3.86 15.08
N VAL L 61 -42.73 2.59 15.47
CA VAL L 61 -44.00 1.95 15.79
C VAL L 61 -44.15 2.04 17.31
N PRO L 62 -45.35 2.28 17.83
CA PRO L 62 -45.51 2.45 19.28
C PRO L 62 -44.86 1.32 20.07
N SER L 63 -44.19 1.69 21.17
CA SER L 63 -43.47 0.74 22.02
C SER L 63 -44.38 -0.11 22.89
N ARG L 64 -45.71 0.02 22.76
CA ARG L 64 -46.63 -0.85 23.48
C ARG L 64 -46.64 -2.28 22.95
N PHE L 65 -46.14 -2.51 21.73
CA PHE L 65 -46.05 -3.86 21.18
C PHE L 65 -44.75 -4.53 21.60
N SER L 66 -44.82 -5.83 21.89
CA SER L 66 -43.62 -6.58 22.23
C SER L 66 -43.76 -8.01 21.75
N GLY L 67 -42.61 -8.61 21.42
CA GLY L 67 -42.55 -10.00 21.05
C GLY L 67 -41.55 -10.73 21.95
N SER L 68 -41.61 -12.06 21.90
CA SER L 68 -40.70 -12.88 22.68
C SER L 68 -40.63 -14.26 22.05
N GLY L 69 -39.64 -15.02 22.46
CA GLY L 69 -39.53 -16.41 22.06
C GLY L 69 -38.53 -16.60 20.94
N SER L 70 -38.29 -17.87 20.64
CA SER L 70 -37.43 -18.33 19.56
C SER L 70 -37.59 -19.83 19.43
N GLY L 71 -37.47 -20.33 18.20
CA GLY L 71 -37.69 -21.74 17.96
C GLY L 71 -39.07 -22.07 17.41
N THR L 72 -39.91 -22.67 18.23
CA THR L 72 -41.26 -23.05 17.81
C THR L 72 -42.36 -22.36 18.61
N GLU L 73 -42.06 -21.74 19.75
CA GLU L 73 -43.06 -21.10 20.59
C GLU L 73 -42.80 -19.59 20.62
N PHE L 74 -43.66 -18.83 19.93
CA PHE L 74 -43.55 -17.38 19.84
C PHE L 74 -44.82 -16.73 20.38
N THR L 75 -44.67 -15.51 20.90
CA THR L 75 -45.78 -14.82 21.56
C THR L 75 -45.71 -13.33 21.28
N LEU L 76 -46.84 -12.73 20.96
CA LEU L 76 -46.99 -11.29 20.78
C LEU L 76 -47.82 -10.75 21.95
N THR L 77 -47.23 -9.85 22.73
CA THR L 77 -47.87 -9.31 23.93
C THR L 77 -47.99 -7.80 23.83
N ILE L 78 -49.19 -7.27 24.08
CA ILE L 78 -49.44 -5.84 24.14
C ILE L 78 -49.65 -5.45 25.60
N SER L 79 -48.94 -4.40 26.05
CA SER L 79 -48.95 -4.06 27.47
C SER L 79 -50.17 -3.21 27.84
N SER L 80 -50.38 -2.10 27.13
CA SER L 80 -51.52 -1.21 27.39
C SER L 80 -52.26 -1.00 26.08
N LEU L 81 -53.45 -1.60 25.96
CA LEU L 81 -54.20 -1.58 24.72
C LEU L 81 -54.76 -0.18 24.46
N GLN L 82 -55.01 0.10 23.18
CA GLN L 82 -55.42 1.40 22.71
C GLN L 82 -56.51 1.22 21.67
N PRO L 83 -57.33 2.24 21.43
CA PRO L 83 -58.23 2.20 20.25
C PRO L 83 -57.46 2.26 18.94
N ASP L 84 -56.20 2.68 18.99
CA ASP L 84 -55.33 2.68 17.80
C ASP L 84 -55.23 1.30 17.16
N ASP L 85 -55.28 0.22 17.95
CA ASP L 85 -54.73 -1.07 17.56
C ASP L 85 -55.77 -2.09 17.10
N PHE L 86 -57.06 -1.77 17.18
CA PHE L 86 -58.09 -2.79 16.98
C PHE L 86 -58.17 -3.14 15.51
N ALA L 87 -57.62 -4.29 15.15
CA ALA L 87 -57.46 -4.71 13.77
C ALA L 87 -57.09 -6.19 13.77
N THR L 88 -56.68 -6.71 12.61
CA THR L 88 -56.28 -8.10 12.44
C THR L 88 -54.76 -8.21 12.42
N TYR L 89 -54.24 -9.21 13.13
CA TYR L 89 -52.81 -9.38 13.34
C TYR L 89 -52.33 -10.65 12.65
N TYR L 90 -51.17 -10.56 11.99
CA TYR L 90 -50.62 -11.68 11.25
C TYR L 90 -49.19 -11.95 11.70
N CYS L 91 -48.83 -13.23 11.79
CA CYS L 91 -47.44 -13.61 11.99
C CYS L 91 -46.89 -14.24 10.71
N GLN L 92 -45.58 -14.10 10.52
CA GLN L 92 -44.90 -14.54 9.30
C GLN L 92 -43.59 -15.22 9.68
N GLN L 93 -43.36 -16.41 9.13
CA GLN L 93 -42.05 -17.05 9.20
C GLN L 93 -41.26 -16.73 7.94
N TYR L 94 -39.96 -16.47 8.12
CA TYR L 94 -39.04 -16.33 7.01
C TYR L 94 -37.74 -17.01 7.45
N ASN L 95 -37.79 -18.35 7.44
CA ASN L 95 -36.66 -19.18 7.84
C ASN L 95 -35.66 -19.39 6.71
N THR L 96 -36.09 -19.27 5.45
CA THR L 96 -35.19 -19.35 4.29
C THR L 96 -35.63 -18.32 3.27
N TYR L 97 -34.88 -18.24 2.16
CA TYR L 97 -35.25 -17.36 1.06
C TYR L 97 -36.49 -17.86 0.31
N SER L 98 -36.53 -19.16 -0.02
CA SER L 98 -37.38 -19.70 -1.08
C SER L 98 -38.85 -19.77 -0.72
N TRP L 99 -39.19 -19.85 0.56
CA TRP L 99 -40.51 -20.33 0.99
C TRP L 99 -40.95 -19.54 2.23
N TRP L 100 -41.72 -18.47 1.99
CA TRP L 100 -42.33 -17.70 3.06
C TRP L 100 -43.79 -18.12 3.22
N THR L 101 -44.22 -18.31 4.47
CA THR L 101 -45.60 -18.71 4.75
C THR L 101 -46.11 -17.87 5.92
N PHE L 102 -47.38 -17.47 5.85
CA PHE L 102 -47.99 -16.58 6.82
C PHE L 102 -48.83 -17.36 7.82
N GLY L 103 -49.16 -16.69 8.92
CA GLY L 103 -50.22 -17.17 9.78
C GLY L 103 -51.59 -16.96 9.14
N GLN L 104 -52.59 -17.63 9.71
CA GLN L 104 -53.94 -17.51 9.20
C GLN L 104 -54.68 -16.31 9.77
N GLY L 105 -54.14 -15.68 10.80
CA GLY L 105 -54.69 -14.43 11.28
C GLY L 105 -55.44 -14.59 12.59
N THR L 106 -55.36 -13.56 13.42
CA THR L 106 -56.13 -13.44 14.67
C THR L 106 -56.88 -12.12 14.62
N LYS L 107 -58.19 -12.19 14.46
CA LYS L 107 -59.03 -11.00 14.35
C LYS L 107 -59.48 -10.54 15.73
N VAL L 108 -59.37 -9.24 16.00
CA VAL L 108 -59.53 -8.69 17.35
C VAL L 108 -60.68 -7.69 17.38
N ASP L 109 -61.57 -7.84 18.35
CA ASP L 109 -62.63 -6.87 18.64
C ASP L 109 -62.45 -6.32 20.06
N ILE L 110 -63.49 -5.63 20.57
CA ILE L 110 -63.38 -4.84 21.78
C ILE L 110 -64.49 -5.19 22.76
N LYS L 111 -64.30 -4.74 24.00
CA LYS L 111 -65.35 -4.48 24.97
C LYS L 111 -65.27 -3.00 25.39
N ARG L 112 -66.42 -2.39 25.63
CA ARG L 112 -66.47 -0.97 25.95
C ARG L 112 -67.84 -0.64 26.54
N THR L 113 -68.01 0.62 26.93
CA THR L 113 -69.30 1.08 27.46
C THR L 113 -70.39 0.97 26.39
N VAL L 114 -71.50 0.35 26.77
CA VAL L 114 -72.58 0.12 25.82
C VAL L 114 -73.09 1.43 25.24
N ALA L 115 -73.36 1.43 23.94
CA ALA L 115 -73.91 2.57 23.22
C ALA L 115 -74.97 2.06 22.26
N ALA L 116 -76.09 2.75 22.21
CA ALA L 116 -77.29 2.29 21.51
C ALA L 116 -77.35 2.88 20.11
N PRO L 117 -78.14 2.29 19.21
CA PRO L 117 -78.13 2.77 17.83
C PRO L 117 -79.10 3.91 17.60
N SER L 118 -78.70 4.81 16.71
CA SER L 118 -79.55 5.90 16.23
C SER L 118 -80.32 5.39 15.02
N VAL L 119 -81.62 5.19 15.19
CA VAL L 119 -82.43 4.50 14.18
C VAL L 119 -82.97 5.54 13.21
N PHE L 120 -82.72 5.34 11.92
CA PHE L 120 -83.29 6.17 10.87
C PHE L 120 -83.89 5.26 9.81
N ILE L 121 -84.97 5.73 9.20
CA ILE L 121 -85.59 5.06 8.06
C ILE L 121 -85.59 6.04 6.89
N PHE L 122 -85.36 5.51 5.69
CA PHE L 122 -85.23 6.32 4.48
C PHE L 122 -86.25 5.85 3.45
N PRO L 123 -87.07 6.74 2.91
CA PRO L 123 -88.02 6.32 1.88
C PRO L 123 -87.30 6.10 0.56
N PRO L 124 -87.80 5.20 -0.28
CA PRO L 124 -87.20 5.04 -1.62
C PRO L 124 -87.34 6.33 -2.42
N SER L 125 -86.25 6.74 -3.05
CA SER L 125 -86.21 7.99 -3.79
C SER L 125 -87.17 7.94 -4.98
N ASP L 126 -87.58 9.13 -5.42
CA ASP L 126 -88.46 9.23 -6.57
C ASP L 126 -87.76 8.79 -7.86
N GLU L 127 -86.44 8.92 -7.90
CA GLU L 127 -85.65 8.48 -9.06
C GLU L 127 -85.70 6.97 -9.26
N GLN L 128 -85.94 6.20 -8.19
CA GLN L 128 -85.86 4.75 -8.25
C GLN L 128 -87.22 4.08 -8.51
N LEU L 129 -88.31 4.64 -7.98
CA LEU L 129 -89.62 4.00 -8.15
C LEU L 129 -90.03 3.94 -9.62
N LYS L 130 -89.51 4.84 -10.45
CA LYS L 130 -89.77 4.80 -11.88
C LYS L 130 -89.01 3.68 -12.62
N SER L 131 -88.46 2.68 -11.92
CA SER L 131 -87.72 1.60 -12.56
C SER L 131 -88.32 0.21 -12.33
N GLY L 132 -89.37 0.09 -11.52
CA GLY L 132 -89.99 -1.19 -11.25
C GLY L 132 -89.53 -1.88 -9.98
N THR L 133 -88.70 -1.24 -9.17
CA THR L 133 -88.24 -1.79 -7.90
C THR L 133 -87.99 -0.64 -6.93
N ALA L 134 -88.36 -0.85 -5.66
CA ALA L 134 -88.20 0.14 -4.61
C ALA L 134 -87.37 -0.45 -3.47
N SER L 135 -86.38 0.31 -3.00
CA SER L 135 -85.50 -0.14 -1.93
C SER L 135 -85.60 0.82 -0.74
N VAL L 136 -86.15 0.32 0.37
CA VAL L 136 -86.27 1.09 1.61
C VAL L 136 -85.10 0.73 2.52
N VAL L 137 -84.45 1.75 3.07
CA VAL L 137 -83.19 1.58 3.81
C VAL L 137 -83.40 2.00 5.26
N CYS L 138 -82.98 1.14 6.18
CA CYS L 138 -83.00 1.39 7.62
C CYS L 138 -81.58 1.44 8.15
N LEU L 139 -81.27 2.44 8.97
CA LEU L 139 -79.89 2.71 9.37
C LEU L 139 -79.75 2.64 10.89
N LEU L 140 -78.73 1.91 11.35
CA LEU L 140 -78.35 1.84 12.76
C LEU L 140 -76.93 2.41 12.87
N ASN L 141 -76.81 3.66 13.33
CA ASN L 141 -75.56 4.40 13.30
C ASN L 141 -74.89 4.41 14.67
N ASN L 142 -73.66 3.89 14.73
CA ASN L 142 -72.80 4.01 15.91
C ASN L 142 -73.39 3.34 17.15
N PHE L 143 -73.29 2.02 17.23
CA PHE L 143 -73.80 1.28 18.38
C PHE L 143 -72.80 0.20 18.79
N TYR L 144 -72.99 -0.29 20.02
CA TYR L 144 -72.21 -1.41 20.55
C TYR L 144 -73.04 -2.08 21.65
N PRO L 145 -73.01 -3.42 21.73
CA PRO L 145 -72.20 -4.38 20.97
C PRO L 145 -72.61 -4.59 19.50
N ARG L 146 -71.80 -5.39 18.80
CA ARG L 146 -72.03 -5.66 17.38
C ARG L 146 -73.41 -6.24 17.13
N GLU L 147 -73.91 -7.07 18.04
CA GLU L 147 -75.20 -7.72 17.85
C GLU L 147 -76.31 -6.68 17.88
N ALA L 148 -76.99 -6.51 16.76
CA ALA L 148 -78.19 -5.70 16.66
C ALA L 148 -79.20 -6.46 15.81
N LYS L 149 -80.48 -6.20 16.04
CA LYS L 149 -81.56 -6.92 15.38
C LYS L 149 -82.42 -5.94 14.61
N VAL L 150 -82.66 -6.23 13.34
CA VAL L 150 -83.46 -5.39 12.46
C VAL L 150 -84.56 -6.24 11.86
N GLN L 151 -85.78 -5.73 11.89
CA GLN L 151 -86.92 -6.40 11.30
C GLN L 151 -87.80 -5.36 10.62
N TRP L 152 -88.31 -5.70 9.44
CA TRP L 152 -89.15 -4.81 8.65
C TRP L 152 -90.62 -5.16 8.83
N LYS L 153 -91.45 -4.13 8.76
CA LYS L 153 -92.90 -4.26 8.87
C LYS L 153 -93.54 -3.50 7.71
N VAL L 154 -94.33 -4.21 6.91
CA VAL L 154 -95.06 -3.62 5.78
C VAL L 154 -96.53 -3.76 6.11
N ASP L 155 -97.16 -2.65 6.50
CA ASP L 155 -98.52 -2.67 7.06
C ASP L 155 -98.53 -3.49 8.34
N ASN L 156 -97.46 -3.38 9.12
CA ASN L 156 -97.27 -4.09 10.38
C ASN L 156 -97.14 -5.61 10.19
N ALA L 157 -96.69 -6.04 9.01
CA ALA L 157 -96.48 -7.44 8.70
C ALA L 157 -94.99 -7.69 8.53
N LEU L 158 -94.45 -8.64 9.30
CA LEU L 158 -93.01 -8.87 9.34
C LEU L 158 -92.50 -9.44 8.02
N GLN L 159 -91.48 -8.79 7.47
CA GLN L 159 -90.77 -9.30 6.30
C GLN L 159 -89.69 -10.28 6.75
N SER L 160 -89.28 -11.16 5.83
CA SER L 160 -88.23 -12.13 6.12
C SER L 160 -87.62 -12.65 4.82
N GLY L 161 -86.36 -12.29 4.56
CA GLY L 161 -85.63 -12.84 3.44
C GLY L 161 -85.61 -12.03 2.16
N ASN L 162 -86.23 -10.85 2.15
CA ASN L 162 -86.14 -9.94 1.01
C ASN L 162 -85.32 -8.71 1.37
N SER L 163 -84.34 -8.89 2.25
CA SER L 163 -83.48 -7.81 2.70
C SER L 163 -82.12 -8.40 3.05
N GLN L 164 -81.11 -7.53 3.05
CA GLN L 164 -79.73 -7.95 3.27
C GLN L 164 -79.06 -6.95 4.19
N GLU L 165 -78.32 -7.45 5.17
CA GLU L 165 -77.66 -6.59 6.14
C GLU L 165 -76.17 -6.49 5.84
N SER L 166 -75.57 -5.41 6.34
CA SER L 166 -74.14 -5.15 6.20
C SER L 166 -73.70 -4.36 7.41
N VAL L 167 -72.60 -4.79 8.03
CA VAL L 167 -72.12 -4.22 9.28
C VAL L 167 -70.67 -3.78 9.05
N THR L 168 -70.42 -2.49 9.24
CA THR L 168 -69.06 -1.99 9.09
C THR L 168 -68.19 -2.52 10.22
N GLU L 169 -66.89 -2.43 10.01
CA GLU L 169 -65.95 -2.90 11.01
C GLU L 169 -65.95 -1.94 12.19
N GLN L 170 -65.40 -2.40 13.31
CA GLN L 170 -65.27 -1.57 14.50
C GLN L 170 -64.54 -0.28 14.16
N ASP L 171 -65.11 0.85 14.59
CA ASP L 171 -64.58 2.16 14.24
C ASP L 171 -63.24 2.43 14.93
N SER L 172 -62.43 3.28 14.30
CA SER L 172 -61.08 3.54 14.78
C SER L 172 -61.07 4.42 16.03
N LYS L 173 -62.00 5.37 16.14
CA LYS L 173 -62.01 6.30 17.26
C LYS L 173 -62.97 5.85 18.36
N ASP L 174 -64.27 6.11 18.17
CA ASP L 174 -65.24 5.79 19.23
C ASP L 174 -65.47 4.30 19.36
N SER L 175 -65.20 3.52 18.30
CA SER L 175 -65.21 2.06 18.34
C SER L 175 -66.62 1.50 18.41
N THR L 176 -67.54 2.06 17.61
CA THR L 176 -68.87 1.50 17.44
C THR L 176 -69.09 0.99 16.01
N TYR L 177 -70.08 0.12 15.87
CA TYR L 177 -70.46 -0.45 14.58
C TYR L 177 -71.59 0.37 13.97
N SER L 178 -71.84 0.11 12.69
CA SER L 178 -73.03 0.62 12.01
C SER L 178 -73.75 -0.54 11.32
N LEU L 179 -74.98 -0.27 10.88
CA LEU L 179 -75.82 -1.33 10.30
C LEU L 179 -76.79 -0.68 9.32
N SER L 180 -76.82 -1.20 8.09
CA SER L 180 -77.68 -0.68 7.02
C SER L 180 -78.37 -1.86 6.34
N SER L 181 -79.67 -2.02 6.60
CA SER L 181 -80.49 -3.03 5.95
C SER L 181 -81.37 -2.39 4.88
N THR L 182 -81.43 -3.03 3.71
CA THR L 182 -82.13 -2.50 2.55
C THR L 182 -83.23 -3.47 2.14
N LEU L 183 -84.48 -2.99 2.12
CA LEU L 183 -85.65 -3.79 1.76
C LEU L 183 -85.93 -3.64 0.27
N THR L 184 -85.80 -4.74 -0.48
CA THR L 184 -86.00 -4.75 -1.93
C THR L 184 -87.38 -5.32 -2.26
N LEU L 185 -88.19 -4.54 -2.97
CA LEU L 185 -89.50 -4.96 -3.45
C LEU L 185 -89.70 -4.40 -4.85
N SER L 186 -90.60 -5.02 -5.61
CA SER L 186 -90.91 -4.51 -6.93
C SER L 186 -91.90 -3.35 -6.82
N LYS L 187 -91.94 -2.50 -7.86
CA LYS L 187 -92.83 -1.35 -7.84
C LYS L 187 -94.29 -1.76 -7.65
N ALA L 188 -94.64 -2.97 -8.09
CA ALA L 188 -96.00 -3.46 -7.91
C ALA L 188 -96.28 -3.72 -6.44
N ASP L 189 -95.32 -4.32 -5.73
CA ASP L 189 -95.50 -4.66 -4.33
C ASP L 189 -95.39 -3.45 -3.40
N TYR L 190 -94.63 -2.43 -3.80
CA TYR L 190 -94.40 -1.29 -2.91
C TYR L 190 -95.65 -0.44 -2.73
N GLU L 191 -96.30 -0.08 -3.84
CA GLU L 191 -97.48 0.78 -3.81
C GLU L 191 -98.76 0.06 -3.41
N LYS L 192 -98.68 -1.20 -3.01
CA LYS L 192 -99.84 -1.92 -2.48
C LYS L 192 -100.05 -1.69 -0.98
N HIS L 193 -99.13 -0.98 -0.31
CA HIS L 193 -99.19 -0.88 1.14
C HIS L 193 -98.69 0.50 1.58
N LYS L 194 -99.00 0.85 2.83
CA LYS L 194 -98.80 2.19 3.35
C LYS L 194 -97.75 2.28 4.45
N VAL L 195 -97.81 1.43 5.46
CA VAL L 195 -97.00 1.59 6.68
C VAL L 195 -95.72 0.77 6.54
N TYR L 196 -94.58 1.46 6.40
CA TYR L 196 -93.26 0.86 6.39
C TYR L 196 -92.49 1.32 7.63
N ALA L 197 -91.86 0.38 8.32
CA ALA L 197 -91.15 0.68 9.55
C ALA L 197 -90.15 -0.42 9.85
N CYS L 198 -89.08 -0.06 10.56
CA CYS L 198 -88.08 -1.03 11.01
C CYS L 198 -87.94 -0.91 12.52
N GLU L 199 -88.14 -2.03 13.22
CA GLU L 199 -88.04 -2.08 14.67
C GLU L 199 -86.63 -2.50 15.08
N VAL L 200 -85.94 -1.63 15.83
CA VAL L 200 -84.59 -1.90 16.30
C VAL L 200 -84.64 -2.17 17.80
N THR L 201 -84.34 -3.40 18.19
CA THR L 201 -84.17 -3.77 19.59
C THR L 201 -82.68 -3.91 19.87
N HIS L 202 -82.24 -3.39 21.01
CA HIS L 202 -80.81 -3.31 21.27
C HIS L 202 -80.58 -3.35 22.78
N GLN L 203 -79.37 -3.73 23.17
CA GLN L 203 -79.03 -3.80 24.59
C GLN L 203 -79.08 -2.44 25.24
N GLY L 204 -78.72 -1.39 24.52
CA GLY L 204 -78.71 -0.03 25.04
C GLY L 204 -79.99 0.75 24.89
N LEU L 205 -81.09 0.11 24.50
CA LEU L 205 -82.37 0.78 24.34
C LEU L 205 -83.32 0.36 25.46
N SER L 206 -84.06 1.32 26.00
CA SER L 206 -85.00 1.02 27.07
C SER L 206 -86.11 0.07 26.62
N SER L 207 -86.48 0.13 25.34
CA SER L 207 -87.54 -0.70 24.79
C SER L 207 -87.41 -0.69 23.28
N PRO L 208 -88.06 -1.63 22.58
CA PRO L 208 -88.03 -1.60 21.11
C PRO L 208 -88.38 -0.24 20.54
N VAL L 209 -87.60 0.21 19.56
CA VAL L 209 -87.74 1.52 18.93
C VAL L 209 -88.12 1.33 17.47
N THR L 210 -89.11 2.11 17.02
CA THR L 210 -89.67 1.97 15.67
C THR L 210 -89.63 3.32 14.96
N LYS L 211 -89.02 3.33 13.77
CA LYS L 211 -89.06 4.49 12.88
C LYS L 211 -89.95 4.17 11.69
N SER L 212 -90.89 5.07 11.37
CA SER L 212 -91.90 4.78 10.38
C SER L 212 -92.11 5.98 9.46
N PHE L 213 -92.65 5.70 8.27
CA PHE L 213 -93.06 6.72 7.32
C PHE L 213 -94.25 6.19 6.52
N ASN L 214 -94.89 7.07 5.76
CA ASN L 214 -95.98 6.70 4.88
C ASN L 214 -95.55 6.87 3.42
N ARG L 215 -96.13 6.05 2.54
CA ARG L 215 -95.70 5.99 1.15
C ARG L 215 -95.98 7.30 0.41
N GLY L 216 -97.25 7.56 0.10
CA GLY L 216 -97.59 8.73 -0.69
C GLY L 216 -97.37 10.04 0.03
N GLU L 217 -97.23 10.01 1.35
CA GLU L 217 -97.06 11.24 2.10
C GLU L 217 -95.62 11.73 1.93
N CYS L 218 -94.70 11.16 2.71
CA CYS L 218 -93.31 11.59 2.69
C CYS L 218 -92.42 10.51 2.08
#